data_4UOR
#
_entry.id   4UOR
#
_cell.length_a   119.246
_cell.length_b   119.625
_cell.length_c   472.658
_cell.angle_alpha   90.00
_cell.angle_beta   90.00
_cell.angle_gamma   90.00
#
_symmetry.space_group_name_H-M   'P 21 21 21'
#
loop_
_entity.id
_entity.type
_entity.pdbx_description
1 polymer 'LIPOTEICHOIC ACID SYNTHASE'
2 non-polymer 'MAGNESIUM ION'
3 non-polymer '(2R)-2,3-dihydroxypropyl phosphate'
4 water water
#
_entity_poly.entity_id   1
_entity_poly.type   'polypeptide(L)'
_entity_poly.pdbx_seq_one_letter_code
;MSYYHHHHHHDYDIPTTENLYFQGAMGSGIQDSSDVTEVLNYTKSKYAAPNPEYFGKAKGKNVIYIHLESFQQFLVNYKL
NGEEVTPFINSFFKDQNTLSFTNFFHQTGQGK(TPO)ADSEMLLENSLYGLPQGSAFTTKGQNTYESASAILGQQGYTSA
VFHGNYKSFWNRDEIYKQFGYDNFFDASYYDMNEADVSNYGLKDKPFFKESEEYLSSLQQPFYTKFITLTNHFPYPIDEK
DASIAPATTGDSSVDTYFQTARYLDESVKSFVDYLKKSGLYDNSVIIMYGDHYGISDNHEEAMTKILGKDYNTFENAQAQ
RVPLMIHVPGVQGGVQEQYGGQVDLLPTLLHLLGVDNKEYLQFGTDLLSKDHKQLVPFRNGDYITPTYSMIGGNMYNQQT
GEPIATETKEMKETKEKVAKELELSDSVLQGDLLRFYAPDGFKKVDPSKYNYNKKKSTDSSDK
;
_entity_poly.pdbx_strand_id   A,B,C,D,E,F,G,H,I,J,K
#
loop_
_chem_comp.id
_chem_comp.type
_chem_comp.name
_chem_comp.formula
GP9 non-polymer '(2R)-2,3-dihydroxypropyl phosphate' 'C3 H7 O6 P -2'
MG non-polymer 'MAGNESIUM ION' 'Mg 2'
#
# COMPACT_ATOMS: atom_id res chain seq x y z
N SER A 33 -12.44 -6.83 -53.80
CA SER A 33 -11.10 -7.30 -53.51
C SER A 33 -10.68 -7.01 -52.06
N SER A 34 -10.21 -5.79 -51.79
CA SER A 34 -10.00 -5.36 -50.41
C SER A 34 -11.31 -4.83 -49.85
N ASP A 35 -12.30 -4.70 -50.73
CA ASP A 35 -13.65 -4.36 -50.28
C ASP A 35 -14.32 -5.63 -49.83
N VAL A 36 -14.10 -6.69 -50.58
CA VAL A 36 -14.59 -8.01 -50.22
C VAL A 36 -14.01 -8.45 -48.87
N THR A 37 -12.72 -8.15 -48.68
CA THR A 37 -11.99 -8.51 -47.47
C THR A 37 -12.56 -7.81 -46.24
N GLU A 38 -12.83 -6.51 -46.36
CA GLU A 38 -13.38 -5.76 -45.24
C GLU A 38 -14.76 -6.31 -44.85
N VAL A 39 -15.61 -6.61 -45.82
CA VAL A 39 -16.93 -7.16 -45.55
C VAL A 39 -16.88 -8.53 -44.87
N LEU A 40 -16.07 -9.44 -45.41
CA LEU A 40 -15.98 -10.78 -44.84
C LEU A 40 -15.37 -10.76 -43.44
N ASN A 41 -14.38 -9.89 -43.20
CA ASN A 41 -13.81 -9.74 -41.85
C ASN A 41 -14.85 -9.27 -40.83
N TYR A 42 -15.71 -8.36 -41.27
CA TYR A 42 -16.82 -7.85 -40.48
C TYR A 42 -17.82 -9.00 -40.19
N THR A 43 -18.30 -9.65 -41.26
CA THR A 43 -19.36 -10.66 -41.13
C THR A 43 -18.90 -11.89 -40.34
N LYS A 44 -17.65 -12.31 -40.53
CA LYS A 44 -17.11 -13.45 -39.80
C LYS A 44 -16.91 -13.13 -38.30
N SER A 45 -16.54 -11.90 -37.97
CA SER A 45 -16.41 -11.47 -36.59
C SER A 45 -17.77 -11.38 -35.88
N LYS A 46 -18.83 -11.14 -36.65
CA LYS A 46 -20.20 -11.06 -36.13
C LYS A 46 -20.86 -12.42 -35.96
N TYR A 47 -20.46 -13.38 -36.79
CA TYR A 47 -21.07 -14.71 -36.86
C TYR A 47 -21.35 -15.35 -35.49
N ALA A 48 -22.58 -15.84 -35.33
CA ALA A 48 -23.02 -16.54 -34.12
C ALA A 48 -23.14 -18.02 -34.42
N ALA A 49 -22.44 -18.84 -33.63
CA ALA A 49 -22.39 -20.28 -33.87
C ALA A 49 -23.74 -20.95 -33.59
N PRO A 50 -24.02 -22.08 -34.27
CA PRO A 50 -25.32 -22.74 -34.07
C PRO A 50 -25.55 -23.16 -32.62
N ASN A 51 -26.82 -23.23 -32.26
CA ASN A 51 -27.23 -23.82 -31.00
C ASN A 51 -27.36 -25.33 -31.15
N PRO A 52 -26.62 -26.11 -30.34
CA PRO A 52 -26.67 -27.58 -30.43
C PRO A 52 -28.06 -28.19 -30.24
N GLU A 53 -28.96 -27.50 -29.52
CA GLU A 53 -30.34 -27.98 -29.36
C GLU A 53 -31.17 -27.89 -30.66
N TYR A 54 -30.76 -27.02 -31.58
CA TYR A 54 -31.56 -26.77 -32.77
C TYR A 54 -30.84 -27.01 -34.09
N PHE A 55 -29.51 -27.06 -34.08
CA PHE A 55 -28.75 -27.21 -35.32
C PHE A 55 -29.06 -28.53 -36.05
N GLY A 56 -29.48 -28.41 -37.31
CA GLY A 56 -29.74 -29.58 -38.13
C GLY A 56 -31.01 -30.34 -37.77
N LYS A 57 -31.81 -29.79 -36.87
CA LYS A 57 -33.01 -30.46 -36.40
C LYS A 57 -34.07 -30.57 -37.50
N ALA A 58 -33.86 -29.86 -38.60
CA ALA A 58 -34.75 -29.94 -39.77
C ALA A 58 -33.97 -30.28 -41.04
N LYS A 59 -32.84 -30.95 -40.88
CA LYS A 59 -32.01 -31.30 -42.02
C LYS A 59 -32.80 -32.12 -43.04
N GLY A 60 -32.72 -31.70 -44.30
CA GLY A 60 -33.39 -32.44 -45.37
C GLY A 60 -34.85 -32.10 -45.60
N LYS A 61 -35.43 -31.30 -44.70
CA LYS A 61 -36.83 -30.94 -44.82
C LYS A 61 -37.09 -29.86 -45.87
N ASN A 62 -38.32 -29.86 -46.39
CA ASN A 62 -38.78 -28.78 -47.25
C ASN A 62 -38.86 -27.46 -46.52
N VAL A 63 -38.86 -26.36 -47.28
CA VAL A 63 -39.10 -25.05 -46.71
C VAL A 63 -40.28 -24.39 -47.41
N ILE A 64 -41.27 -23.99 -46.61
CA ILE A 64 -42.41 -23.28 -47.13
C ILE A 64 -42.56 -21.94 -46.43
N TYR A 65 -42.21 -20.86 -47.12
CA TYR A 65 -42.40 -19.52 -46.61
C TYR A 65 -43.81 -19.03 -46.91
N ILE A 66 -44.52 -18.59 -45.87
CA ILE A 66 -45.82 -17.93 -46.07
C ILE A 66 -45.67 -16.45 -45.78
N HIS A 67 -45.67 -15.66 -46.84
CA HIS A 67 -45.43 -14.22 -46.79
C HIS A 67 -46.73 -13.48 -46.44
N LEU A 68 -46.84 -12.99 -45.21
CA LEU A 68 -48.03 -12.26 -44.77
C LEU A 68 -47.90 -10.78 -45.12
N GLU A 69 -48.56 -10.38 -46.22
CA GLU A 69 -48.43 -9.03 -46.75
C GLU A 69 -48.92 -7.98 -45.77
N SER A 70 -48.05 -7.01 -45.49
CA SER A 70 -48.34 -5.82 -44.64
C SER A 70 -48.94 -6.17 -43.28
N PHE A 71 -48.54 -7.31 -42.72
CA PHE A 71 -49.12 -7.86 -41.51
C PHE A 71 -48.24 -7.50 -40.31
N GLN A 72 -48.77 -6.72 -39.36
CA GLN A 72 -48.00 -6.33 -38.18
C GLN A 72 -48.26 -7.27 -37.00
N GLN A 73 -47.27 -7.39 -36.11
CA GLN A 73 -47.34 -8.31 -34.97
C GLN A 73 -48.48 -7.97 -34.00
N PHE A 74 -48.92 -6.71 -33.95
CA PHE A 74 -49.98 -6.33 -32.99
C PHE A 74 -51.31 -7.02 -33.31
N LEU A 75 -51.46 -7.52 -34.54
CA LEU A 75 -52.65 -8.28 -34.96
C LEU A 75 -52.76 -9.64 -34.27
N VAL A 76 -51.62 -10.21 -33.91
CA VAL A 76 -51.59 -11.53 -33.26
C VAL A 76 -52.24 -11.42 -31.90
N ASN A 77 -53.27 -12.24 -31.70
CA ASN A 77 -54.10 -12.26 -30.49
C ASN A 77 -54.92 -10.99 -30.30
N TYR A 78 -54.99 -10.16 -31.34
CA TYR A 78 -55.80 -8.95 -31.29
C TYR A 78 -57.28 -9.28 -31.43
N LYS A 79 -58.08 -8.63 -30.59
CA LYS A 79 -59.53 -8.80 -30.61
C LYS A 79 -60.25 -7.52 -30.99
N LEU A 80 -61.07 -7.59 -32.03
CA LEU A 80 -61.85 -6.45 -32.47
C LEU A 80 -63.30 -6.66 -32.09
N ASN A 81 -63.79 -5.84 -31.17
CA ASN A 81 -65.14 -6.01 -30.65
C ASN A 81 -65.35 -7.40 -30.06
N GLY A 82 -64.42 -7.86 -29.24
CA GLY A 82 -64.54 -9.14 -28.57
C GLY A 82 -64.13 -10.32 -29.43
N GLU A 83 -63.81 -10.08 -30.70
CA GLU A 83 -63.58 -11.14 -31.69
C GLU A 83 -62.13 -11.18 -32.22
N GLU A 84 -61.49 -12.34 -32.19
CA GLU A 84 -60.15 -12.52 -32.74
C GLU A 84 -60.18 -12.17 -34.23
N VAL A 85 -59.32 -11.25 -34.65
CA VAL A 85 -59.26 -10.83 -36.06
C VAL A 85 -58.61 -11.92 -36.92
N THR A 86 -57.55 -12.52 -36.40
CA THR A 86 -56.81 -13.54 -37.15
C THR A 86 -56.64 -14.85 -36.36
N PRO A 87 -57.75 -15.56 -36.15
CA PRO A 87 -57.76 -16.72 -35.25
C PRO A 87 -56.86 -17.87 -35.70
N PHE A 88 -56.74 -18.16 -36.99
CA PHE A 88 -55.90 -19.29 -37.37
C PHE A 88 -54.44 -19.00 -37.10
N ILE A 89 -54.00 -17.82 -37.49
CA ILE A 89 -52.62 -17.39 -37.26
C ILE A 89 -52.29 -17.35 -35.76
N ASN A 90 -53.26 -16.96 -34.94
CA ASN A 90 -53.11 -17.03 -33.49
C ASN A 90 -52.87 -18.46 -33.01
N SER A 91 -53.57 -19.41 -33.62
CA SER A 91 -53.44 -20.81 -33.26
C SER A 91 -52.08 -21.31 -33.72
N PHE A 92 -51.63 -20.85 -34.88
CA PHE A 92 -50.30 -21.23 -35.36
C PHE A 92 -49.22 -20.71 -34.43
N PHE A 93 -49.41 -19.48 -33.97
CA PHE A 93 -48.54 -18.80 -33.02
C PHE A 93 -48.27 -19.65 -31.77
N LYS A 94 -49.32 -20.28 -31.27
CA LYS A 94 -49.26 -21.01 -30.01
C LYS A 94 -49.01 -22.52 -30.22
N ASP A 95 -48.94 -22.96 -31.47
CA ASP A 95 -48.76 -24.38 -31.74
C ASP A 95 -47.52 -24.89 -31.04
N GLN A 96 -47.60 -26.13 -30.58
CA GLN A 96 -46.56 -26.73 -29.75
C GLN A 96 -45.20 -26.80 -30.44
N ASN A 97 -45.22 -26.92 -31.76
CA ASN A 97 -43.99 -27.03 -32.54
C ASN A 97 -43.58 -25.71 -33.20
N THR A 98 -44.15 -24.60 -32.76
CA THR A 98 -43.86 -23.31 -33.37
C THR A 98 -42.97 -22.43 -32.50
N LEU A 99 -41.86 -21.98 -33.09
CA LEU A 99 -41.01 -20.96 -32.49
C LEU A 99 -41.53 -19.58 -32.88
N SER A 100 -42.03 -18.85 -31.90
CA SER A 100 -42.78 -17.65 -32.18
C SER A 100 -42.12 -16.41 -31.60
N PHE A 101 -41.81 -15.44 -32.46
CA PHE A 101 -41.02 -14.28 -32.05
C PHE A 101 -41.91 -13.06 -31.84
N THR A 102 -41.79 -12.44 -30.66
CA THR A 102 -42.61 -11.30 -30.29
C THR A 102 -41.86 -9.97 -30.42
N ASN A 103 -40.54 -10.04 -30.60
CA ASN A 103 -39.72 -8.85 -30.75
C ASN A 103 -38.89 -8.91 -32.04
N PHE A 104 -39.58 -9.26 -33.13
CA PHE A 104 -38.97 -9.37 -34.46
C PHE A 104 -39.43 -8.21 -35.37
N PHE A 105 -38.48 -7.50 -35.96
CA PHE A 105 -38.77 -6.27 -36.71
C PHE A 105 -38.48 -6.37 -38.20
N HIS A 106 -39.30 -5.69 -39.01
CA HIS A 106 -38.98 -5.53 -40.41
C HIS A 106 -37.87 -4.47 -40.53
N GLN A 107 -37.04 -4.58 -41.56
CA GLN A 107 -35.93 -3.64 -41.70
C GLN A 107 -35.91 -3.07 -43.11
N THR A 108 -37.10 -2.91 -43.67
CA THR A 108 -37.23 -2.46 -45.05
C THR A 108 -37.21 -0.93 -45.21
N GLY A 109 -36.98 -0.49 -46.46
CA GLY A 109 -37.00 0.91 -46.82
C GLY A 109 -37.96 1.19 -47.97
N GLN A 110 -37.49 1.94 -48.96
CA GLN A 110 -38.35 2.37 -50.08
C GLN A 110 -38.66 1.21 -51.01
N GLY A 111 -37.91 0.13 -50.89
CA GLY A 111 -38.17 -1.05 -51.71
C GLY A 111 -39.32 -1.88 -51.18
N LYS A 112 -39.77 -1.56 -49.96
CA LYS A 112 -40.93 -2.20 -49.35
C LYS A 112 -40.90 -3.75 -49.39
N TPO A 113 -41.84 -4.35 -50.12
CA TPO A 113 -41.91 -5.80 -50.29
CB TPO A 113 -43.12 -6.18 -51.12
CG2 TPO A 113 -43.24 -7.71 -51.23
OG1 TPO A 113 -44.29 -5.64 -50.50
P TPO A 113 -45.02 -4.50 -51.40
O1P TPO A 113 -45.78 -5.14 -52.50
O2P TPO A 113 -46.02 -3.68 -50.46
O3P TPO A 113 -43.91 -3.48 -51.98
C TPO A 113 -40.63 -6.40 -50.90
O TPO A 113 -40.15 -7.44 -50.46
N ALA A 114 -40.10 -5.72 -51.92
CA ALA A 114 -38.84 -6.12 -52.54
C ALA A 114 -37.65 -6.07 -51.56
N ASP A 115 -37.69 -5.15 -50.59
CA ASP A 115 -36.64 -5.08 -49.56
C ASP A 115 -36.65 -6.27 -48.60
N SER A 116 -37.84 -6.70 -48.19
CA SER A 116 -37.96 -7.85 -47.32
C SER A 116 -37.45 -9.10 -48.05
N GLU A 117 -37.66 -9.15 -49.37
CA GLU A 117 -37.16 -10.27 -50.17
C GLU A 117 -35.64 -10.27 -50.25
N MET A 118 -35.04 -9.09 -50.44
CA MET A 118 -33.60 -8.94 -50.42
C MET A 118 -33.02 -9.44 -49.09
N LEU A 119 -33.67 -9.05 -48.00
CA LEU A 119 -33.28 -9.45 -46.64
C LEU A 119 -33.41 -10.96 -46.45
N LEU A 120 -34.55 -11.53 -46.84
CA LEU A 120 -34.77 -12.97 -46.66
C LEU A 120 -33.89 -13.87 -47.52
N GLU A 121 -33.66 -13.50 -48.78
CA GLU A 121 -32.94 -14.38 -49.69
C GLU A 121 -31.43 -14.27 -49.57
N ASN A 122 -30.92 -13.12 -49.10
CA ASN A 122 -29.48 -12.85 -49.13
C ASN A 122 -28.83 -12.42 -47.81
N SER A 123 -29.65 -12.06 -46.83
CA SER A 123 -29.15 -11.43 -45.62
C SER A 123 -28.38 -10.17 -45.99
N LEU A 124 -28.92 -9.45 -46.97
CA LEU A 124 -28.44 -8.14 -47.36
C LEU A 124 -29.60 -7.15 -47.23
N TYR A 125 -29.30 -5.91 -46.82
CA TYR A 125 -30.33 -4.88 -46.77
C TYR A 125 -30.70 -4.37 -48.16
N GLY A 126 -31.88 -3.76 -48.25
CA GLY A 126 -32.19 -2.98 -49.42
C GLY A 126 -31.28 -1.76 -49.41
N LEU A 127 -31.45 -0.87 -50.39
CA LEU A 127 -30.65 0.35 -50.52
C LEU A 127 -31.23 1.47 -49.64
N PRO A 128 -30.40 2.49 -49.32
CA PRO A 128 -30.90 3.58 -48.47
C PRO A 128 -31.96 4.43 -49.18
N GLN A 129 -31.91 4.46 -50.51
CA GLN A 129 -33.04 5.01 -51.27
C GLN A 129 -33.32 4.17 -52.51
N GLY A 130 -34.55 4.27 -53.01
CA GLY A 130 -34.97 3.47 -54.16
C GLY A 130 -35.06 1.99 -53.87
N SER A 131 -35.16 1.20 -54.94
CA SER A 131 -35.34 -0.23 -54.80
C SER A 131 -34.17 -1.01 -55.36
N ALA A 132 -33.57 -1.85 -54.51
CA ALA A 132 -32.47 -2.71 -54.94
C ALA A 132 -32.89 -3.68 -56.04
N PHE A 133 -34.11 -4.20 -55.95
CA PHE A 133 -34.64 -5.11 -56.97
C PHE A 133 -34.70 -4.44 -58.34
N THR A 134 -35.05 -3.16 -58.34
CA THR A 134 -35.16 -2.39 -59.58
C THR A 134 -33.80 -2.10 -60.22
N THR A 135 -32.82 -1.75 -59.39
CA THR A 135 -31.56 -1.24 -59.93
C THR A 135 -30.38 -2.22 -59.81
N LYS A 136 -30.51 -3.27 -59.00
CA LYS A 136 -29.42 -4.24 -58.85
C LYS A 136 -29.82 -5.63 -59.33
N GLY A 137 -30.72 -5.68 -60.30
CA GLY A 137 -31.25 -6.94 -60.83
C GLY A 137 -30.25 -7.78 -61.60
N GLN A 138 -29.12 -7.19 -61.96
CA GLN A 138 -28.12 -7.95 -62.70
C GLN A 138 -26.86 -8.16 -61.86
N ASN A 139 -26.94 -7.87 -60.57
CA ASN A 139 -25.87 -8.21 -59.65
C ASN A 139 -25.75 -9.72 -59.50
N THR A 140 -24.56 -10.15 -59.07
CA THR A 140 -24.31 -11.52 -58.69
C THR A 140 -24.78 -11.72 -57.25
N TYR A 141 -25.52 -12.80 -57.02
CA TYR A 141 -25.99 -13.13 -55.68
C TYR A 141 -25.62 -14.56 -55.29
N GLU A 142 -25.53 -14.81 -53.98
CA GLU A 142 -25.33 -16.16 -53.46
C GLU A 142 -26.46 -16.42 -52.47
N SER A 143 -27.66 -16.54 -53.02
N SER A 143 -27.66 -16.59 -53.03
CA SER A 143 -28.90 -16.55 -52.25
CA SER A 143 -28.90 -16.57 -52.26
C SER A 143 -29.31 -17.92 -51.73
C SER A 143 -29.28 -17.92 -51.69
N ALA A 144 -30.36 -17.93 -50.91
CA ALA A 144 -30.90 -19.14 -50.31
C ALA A 144 -31.21 -20.25 -51.33
N SER A 145 -31.83 -19.88 -52.44
N SER A 145 -31.81 -19.87 -52.45
CA SER A 145 -32.16 -20.85 -53.49
CA SER A 145 -32.17 -20.84 -53.49
C SER A 145 -30.90 -21.48 -54.04
C SER A 145 -30.93 -21.44 -54.14
N ALA A 146 -29.85 -20.68 -54.17
CA ALA A 146 -28.58 -21.16 -54.68
C ALA A 146 -27.82 -22.01 -53.64
N ILE A 147 -27.82 -21.55 -52.39
CA ILE A 147 -27.16 -22.28 -51.30
C ILE A 147 -27.81 -23.63 -51.10
N LEU A 148 -29.15 -23.66 -51.11
CA LEU A 148 -29.86 -24.92 -50.96
C LEU A 148 -29.84 -25.74 -52.24
N GLY A 149 -29.77 -25.07 -53.39
CA GLY A 149 -29.50 -25.74 -54.65
C GLY A 149 -28.26 -26.63 -54.60
N GLN A 150 -27.24 -26.19 -53.88
CA GLN A 150 -25.98 -26.94 -53.74
C GLN A 150 -26.23 -28.31 -53.15
N GLN A 151 -27.34 -28.45 -52.44
CA GLN A 151 -27.66 -29.72 -51.82
C GLN A 151 -28.84 -30.41 -52.45
N GLY A 152 -29.22 -29.97 -53.65
CA GLY A 152 -30.25 -30.64 -54.41
C GLY A 152 -31.67 -30.18 -54.16
N TYR A 153 -31.83 -29.03 -53.51
CA TYR A 153 -33.16 -28.44 -53.32
C TYR A 153 -33.65 -27.81 -54.60
N THR A 154 -34.91 -28.07 -54.92
CA THR A 154 -35.64 -27.38 -55.98
C THR A 154 -36.24 -26.11 -55.37
N SER A 155 -36.28 -25.02 -56.12
CA SER A 155 -36.77 -23.76 -55.56
C SER A 155 -37.89 -23.14 -56.42
N ALA A 156 -38.82 -22.44 -55.77
CA ALA A 156 -39.92 -21.82 -56.49
C ALA A 156 -40.54 -20.66 -55.73
N VAL A 157 -40.92 -19.61 -56.45
CA VAL A 157 -41.75 -18.55 -55.90
C VAL A 157 -43.16 -18.63 -56.48
N PHE A 158 -44.17 -18.42 -55.63
CA PHE A 158 -45.57 -18.39 -56.03
C PHE A 158 -46.12 -16.98 -55.75
N HIS A 159 -46.75 -16.38 -56.74
CA HIS A 159 -47.27 -15.02 -56.61
C HIS A 159 -48.40 -14.74 -57.60
N GLY A 160 -49.50 -14.18 -57.11
CA GLY A 160 -50.67 -13.95 -57.94
C GLY A 160 -50.64 -12.65 -58.75
N ASN A 161 -49.44 -12.20 -59.10
CA ASN A 161 -49.24 -11.02 -59.95
C ASN A 161 -48.13 -11.27 -60.97
N TYR A 162 -48.03 -10.40 -61.97
CA TYR A 162 -47.14 -10.69 -63.10
C TYR A 162 -45.65 -10.50 -62.77
N LYS A 163 -44.83 -11.35 -63.36
CA LYS A 163 -43.43 -11.46 -62.98
C LYS A 163 -42.61 -10.22 -63.28
N SER A 164 -43.15 -9.28 -64.07
CA SER A 164 -42.46 -8.04 -64.38
C SER A 164 -42.41 -7.08 -63.18
N PHE A 165 -43.35 -7.21 -62.25
CA PHE A 165 -43.45 -6.27 -61.13
C PHE A 165 -42.30 -6.41 -60.17
N TRP A 166 -41.81 -5.26 -59.70
CA TRP A 166 -40.61 -5.19 -58.89
C TRP A 166 -39.40 -5.87 -59.53
N ASN A 167 -39.41 -6.01 -60.86
CA ASN A 167 -38.28 -6.57 -61.58
C ASN A 167 -37.92 -7.99 -61.12
N ARG A 168 -38.90 -8.74 -60.60
CA ARG A 168 -38.66 -10.08 -60.06
C ARG A 168 -38.18 -11.07 -61.12
N ASP A 169 -38.76 -10.97 -62.31
CA ASP A 169 -38.41 -11.85 -63.43
C ASP A 169 -36.91 -11.87 -63.68
N GLU A 170 -36.29 -10.69 -63.59
CA GLU A 170 -34.86 -10.56 -63.81
C GLU A 170 -34.01 -11.04 -62.62
N ILE A 171 -34.29 -10.52 -61.44
CA ILE A 171 -33.39 -10.77 -60.31
C ILE A 171 -33.51 -12.21 -59.75
N TYR A 172 -34.67 -12.85 -59.91
CA TYR A 172 -34.83 -14.23 -59.45
C TYR A 172 -33.85 -15.19 -60.14
N LYS A 173 -33.47 -14.87 -61.37
CA LYS A 173 -32.56 -15.73 -62.11
C LYS A 173 -31.16 -15.64 -61.51
N GLN A 174 -30.80 -14.47 -61.00
CA GLN A 174 -29.52 -14.27 -60.30
C GLN A 174 -29.54 -14.98 -58.95
N PHE A 175 -30.72 -15.02 -58.33
CA PHE A 175 -30.92 -15.77 -57.09
C PHE A 175 -30.80 -17.28 -57.30
N GLY A 176 -31.17 -17.74 -58.49
CA GLY A 176 -31.14 -19.16 -58.80
C GLY A 176 -32.43 -19.88 -58.46
N TYR A 177 -33.55 -19.15 -58.52
CA TYR A 177 -34.86 -19.76 -58.34
C TYR A 177 -35.20 -20.59 -59.56
N ASP A 178 -35.43 -21.87 -59.36
CA ASP A 178 -35.73 -22.77 -60.48
C ASP A 178 -37.04 -22.38 -61.13
N ASN A 179 -38.01 -21.94 -60.32
CA ASN A 179 -39.35 -21.64 -60.81
C ASN A 179 -39.92 -20.33 -60.30
N PHE A 180 -40.69 -19.65 -61.15
CA PHE A 180 -41.51 -18.52 -60.73
C PHE A 180 -42.94 -18.67 -61.29
N PHE A 181 -43.83 -19.20 -60.46
CA PHE A 181 -45.23 -19.34 -60.81
C PHE A 181 -45.94 -18.00 -60.54
N ASP A 182 -45.90 -17.12 -61.54
CA ASP A 182 -46.56 -15.81 -61.46
C ASP A 182 -47.97 -15.90 -62.03
N ALA A 183 -48.58 -14.75 -62.27
CA ALA A 183 -49.97 -14.65 -62.69
C ALA A 183 -50.29 -15.41 -63.99
N SER A 184 -49.27 -15.66 -64.82
CA SER A 184 -49.51 -16.40 -66.06
C SER A 184 -49.95 -17.82 -65.79
N TYR A 185 -49.66 -18.32 -64.60
CA TYR A 185 -50.01 -19.69 -64.22
C TYR A 185 -51.35 -19.79 -63.51
N TYR A 186 -52.06 -18.67 -63.38
CA TYR A 186 -53.30 -18.65 -62.63
C TYR A 186 -54.47 -18.18 -63.47
N ASP A 187 -55.67 -18.44 -62.99
CA ASP A 187 -56.90 -18.00 -63.65
C ASP A 187 -57.27 -16.59 -63.20
N MET A 188 -56.91 -15.61 -64.02
CA MET A 188 -57.09 -14.20 -63.67
C MET A 188 -58.44 -13.66 -64.13
N ASN A 189 -59.52 -14.38 -63.80
CA ASN A 189 -60.84 -13.90 -64.16
C ASN A 189 -61.14 -12.71 -63.27
N GLU A 190 -62.10 -11.88 -63.68
CA GLU A 190 -62.23 -10.58 -63.02
C GLU A 190 -62.94 -10.66 -61.65
N ALA A 191 -63.61 -11.79 -61.41
CA ALA A 191 -64.27 -12.01 -60.13
C ALA A 191 -63.25 -12.36 -59.06
N ASP A 192 -62.12 -12.92 -59.49
CA ASP A 192 -61.09 -13.42 -58.58
C ASP A 192 -59.91 -12.47 -58.44
N VAL A 193 -59.96 -11.34 -59.13
CA VAL A 193 -58.79 -10.47 -59.21
C VAL A 193 -59.11 -9.13 -58.54
N SER A 194 -58.18 -8.67 -57.72
CA SER A 194 -58.26 -7.37 -57.07
C SER A 194 -57.38 -6.36 -57.80
N ASN A 195 -57.04 -5.27 -57.11
CA ASN A 195 -56.25 -4.23 -57.77
C ASN A 195 -54.78 -4.49 -57.70
N TYR A 196 -54.37 -5.52 -56.97
CA TYR A 196 -52.98 -5.93 -57.05
C TYR A 196 -52.80 -7.26 -57.74
N GLY A 197 -53.90 -7.91 -58.10
CA GLY A 197 -53.82 -9.18 -58.79
C GLY A 197 -54.75 -10.18 -58.15
N LEU A 198 -54.36 -11.45 -58.23
CA LEU A 198 -55.21 -12.54 -57.77
C LEU A 198 -55.43 -12.50 -56.25
N LYS A 199 -56.67 -12.70 -55.81
CA LYS A 199 -56.97 -12.73 -54.40
C LYS A 199 -56.36 -13.97 -53.74
N ASP A 200 -56.11 -13.88 -52.44
CA ASP A 200 -55.34 -14.89 -51.72
C ASP A 200 -56.00 -16.26 -51.72
N LYS A 201 -57.32 -16.30 -51.61
CA LYS A 201 -58.00 -17.59 -51.52
C LYS A 201 -57.94 -18.40 -52.84
N PRO A 202 -58.32 -17.81 -54.00
CA PRO A 202 -58.06 -18.58 -55.21
C PRO A 202 -56.56 -18.79 -55.50
N PHE A 203 -55.72 -17.83 -55.10
CA PHE A 203 -54.28 -17.99 -55.26
C PHE A 203 -53.76 -19.26 -54.56
N PHE A 204 -54.08 -19.40 -53.28
CA PHE A 204 -53.62 -20.57 -52.52
C PHE A 204 -54.25 -21.86 -53.04
N LYS A 205 -55.48 -21.78 -53.54
CA LYS A 205 -56.17 -22.99 -53.97
C LYS A 205 -55.61 -23.48 -55.33
N GLU A 206 -55.26 -22.55 -56.21
CA GLU A 206 -54.71 -22.90 -57.52
C GLU A 206 -53.22 -23.22 -57.48
N SER A 207 -52.59 -22.92 -56.35
CA SER A 207 -51.16 -23.20 -56.16
C SER A 207 -50.88 -24.67 -55.83
N GLU A 208 -51.92 -25.38 -55.41
CA GLU A 208 -51.78 -26.73 -54.88
C GLU A 208 -51.30 -27.70 -55.95
N GLU A 209 -51.89 -27.59 -57.14
CA GLU A 209 -51.49 -28.39 -58.27
C GLU A 209 -49.99 -28.27 -58.54
N TYR A 210 -49.46 -27.05 -58.45
CA TYR A 210 -48.07 -26.79 -58.77
C TYR A 210 -47.14 -27.27 -57.67
N LEU A 211 -47.53 -27.04 -56.43
CA LEU A 211 -46.71 -27.41 -55.29
C LEU A 211 -46.57 -28.93 -55.15
N SER A 212 -47.65 -29.63 -55.48
CA SER A 212 -47.69 -31.08 -55.34
C SER A 212 -46.82 -31.82 -56.37
N SER A 213 -46.49 -31.15 -57.46
CA SER A 213 -45.66 -31.77 -58.49
C SER A 213 -44.24 -31.20 -58.50
N LEU A 214 -43.90 -30.47 -57.44
CA LEU A 214 -42.56 -29.94 -57.28
C LEU A 214 -41.66 -30.97 -56.59
N GLN A 215 -40.49 -31.22 -57.16
CA GLN A 215 -39.58 -32.23 -56.61
C GLN A 215 -39.10 -31.88 -55.19
N GLN A 216 -39.18 -32.83 -54.28
CA GLN A 216 -38.74 -32.64 -52.91
C GLN A 216 -37.31 -33.20 -52.76
N PRO A 217 -36.50 -32.59 -51.86
CA PRO A 217 -36.85 -31.45 -51.02
C PRO A 217 -36.93 -30.16 -51.84
N PHE A 218 -37.87 -29.28 -51.50
CA PHE A 218 -37.92 -28.01 -52.20
C PHE A 218 -37.83 -26.83 -51.23
N TYR A 219 -37.53 -25.67 -51.80
CA TYR A 219 -37.43 -24.40 -51.09
C TYR A 219 -38.41 -23.43 -51.75
N THR A 220 -39.49 -23.09 -51.05
CA THR A 220 -40.57 -22.31 -51.69
C THR A 220 -41.00 -21.08 -50.89
N LYS A 221 -41.51 -20.07 -51.62
CA LYS A 221 -42.09 -18.88 -51.00
C LYS A 221 -43.41 -18.49 -51.66
N PHE A 222 -44.44 -18.31 -50.83
CA PHE A 222 -45.75 -17.91 -51.30
C PHE A 222 -46.01 -16.47 -50.91
N ILE A 223 -45.94 -15.58 -51.90
CA ILE A 223 -46.13 -14.15 -51.66
C ILE A 223 -47.58 -13.72 -51.84
N THR A 224 -48.28 -13.51 -50.74
CA THR A 224 -49.67 -13.07 -50.79
C THR A 224 -49.78 -11.58 -51.16
N LEU A 225 -50.98 -11.10 -51.45
CA LEU A 225 -51.12 -9.73 -51.93
C LEU A 225 -52.43 -9.00 -51.61
N THR A 226 -53.45 -9.70 -51.12
CA THR A 226 -54.74 -9.06 -50.83
C THR A 226 -54.59 -7.99 -49.74
N ASN A 227 -53.71 -8.24 -48.77
CA ASN A 227 -53.56 -7.27 -47.68
C ASN A 227 -52.58 -6.14 -48.03
N HIS A 228 -52.87 -5.40 -49.10
CA HIS A 228 -52.15 -4.16 -49.47
C HIS A 228 -52.99 -2.91 -49.13
N PHE A 229 -52.33 -1.84 -48.72
CA PHE A 229 -52.95 -0.51 -48.55
C PHE A 229 -53.67 -0.11 -49.84
N PRO A 230 -54.86 0.52 -49.74
CA PRO A 230 -55.61 0.94 -48.54
C PRO A 230 -56.61 -0.09 -48.04
N TYR A 231 -56.38 -1.37 -48.34
CA TYR A 231 -57.15 -2.50 -47.82
C TYR A 231 -58.63 -2.53 -48.20
N PRO A 232 -58.94 -2.50 -49.52
CA PRO A 232 -60.32 -2.63 -49.96
C PRO A 232 -60.77 -4.09 -49.93
N ILE A 233 -62.05 -4.34 -49.63
CA ILE A 233 -62.58 -5.70 -49.68
C ILE A 233 -64.08 -5.63 -49.96
N ASP A 234 -64.57 -6.54 -50.81
CA ASP A 234 -66.01 -6.63 -51.06
C ASP A 234 -66.71 -7.14 -49.80
N GLU A 235 -67.90 -6.61 -49.55
CA GLU A 235 -68.72 -6.99 -48.40
C GLU A 235 -68.90 -8.49 -48.31
N LYS A 236 -69.02 -9.13 -49.47
CA LYS A 236 -69.35 -10.55 -49.49
C LYS A 236 -68.11 -11.40 -49.23
N ASP A 237 -66.94 -10.80 -49.38
CA ASP A 237 -65.70 -11.52 -49.05
C ASP A 237 -65.34 -11.29 -47.59
N ALA A 238 -65.98 -10.30 -46.95
CA ALA A 238 -65.62 -9.94 -45.59
C ALA A 238 -66.45 -10.69 -44.56
N SER A 239 -65.77 -11.39 -43.65
CA SER A 239 -66.43 -12.13 -42.59
C SER A 239 -66.39 -11.35 -41.26
N ILE A 240 -65.70 -10.22 -41.24
CA ILE A 240 -65.68 -9.36 -40.05
C ILE A 240 -66.00 -7.92 -40.46
N ALA A 241 -66.58 -7.17 -39.54
CA ALA A 241 -66.94 -5.76 -39.75
C ALA A 241 -65.70 -4.87 -39.62
N PRO A 242 -65.70 -3.69 -40.26
CA PRO A 242 -64.52 -2.82 -40.11
C PRO A 242 -64.39 -2.32 -38.67
N ALA A 243 -63.20 -1.87 -38.28
CA ALA A 243 -63.06 -1.17 -37.00
C ALA A 243 -63.83 0.15 -37.08
N THR A 244 -63.95 0.86 -35.97
CA THR A 244 -64.80 2.06 -35.97
C THR A 244 -64.05 3.32 -35.52
N THR A 245 -62.80 3.48 -35.97
CA THR A 245 -61.99 4.64 -35.59
C THR A 245 -62.31 5.92 -36.41
N GLY A 246 -62.94 5.76 -37.58
CA GLY A 246 -63.20 6.88 -38.48
C GLY A 246 -62.11 7.12 -39.52
N ASP A 247 -61.04 6.34 -39.42
CA ASP A 247 -59.93 6.34 -40.36
C ASP A 247 -60.08 5.13 -41.29
N SER A 248 -60.45 5.38 -42.55
CA SER A 248 -60.94 4.31 -43.44
C SER A 248 -59.94 3.17 -43.65
N SER A 249 -58.68 3.49 -43.93
CA SER A 249 -57.67 2.47 -44.22
C SER A 249 -57.28 1.68 -42.95
N VAL A 250 -57.35 2.29 -41.77
CA VAL A 250 -57.14 1.51 -40.54
C VAL A 250 -58.33 0.58 -40.31
N ASP A 251 -59.55 1.06 -40.56
CA ASP A 251 -60.76 0.30 -40.23
C ASP A 251 -60.99 -0.94 -41.10
N THR A 252 -60.64 -0.86 -42.38
CA THR A 252 -60.83 -2.02 -43.25
C THR A 252 -59.58 -2.91 -43.28
N TYR A 253 -58.47 -2.43 -42.70
CA TYR A 253 -57.25 -3.22 -42.53
C TYR A 253 -57.53 -4.55 -41.83
N PHE A 254 -58.39 -4.51 -40.83
CA PHE A 254 -58.75 -5.69 -40.04
C PHE A 254 -59.51 -6.72 -40.86
N GLN A 255 -60.23 -6.23 -41.86
CA GLN A 255 -61.04 -7.09 -42.70
C GLN A 255 -60.19 -7.86 -43.69
N THR A 256 -59.20 -7.20 -44.29
CA THR A 256 -58.32 -7.91 -45.19
C THR A 256 -57.37 -8.81 -44.42
N ALA A 257 -57.04 -8.44 -43.18
CA ALA A 257 -56.21 -9.31 -42.34
C ALA A 257 -56.96 -10.60 -42.02
N ARG A 258 -58.24 -10.48 -41.68
CA ARG A 258 -59.09 -11.64 -41.44
C ARG A 258 -59.21 -12.54 -42.68
N TYR A 259 -59.39 -11.94 -43.85
CA TYR A 259 -59.47 -12.68 -45.13
C TYR A 259 -58.18 -13.43 -45.43
N LEU A 260 -57.06 -12.76 -45.21
CA LEU A 260 -55.74 -13.39 -45.34
C LEU A 260 -55.62 -14.55 -44.35
N ASP A 261 -56.05 -14.33 -43.10
CA ASP A 261 -56.05 -15.38 -42.08
C ASP A 261 -56.77 -16.63 -42.58
N GLU A 262 -57.96 -16.45 -43.13
CA GLU A 262 -58.76 -17.56 -43.65
C GLU A 262 -58.12 -18.27 -44.84
N SER A 263 -57.53 -17.51 -45.75
CA SER A 263 -56.86 -18.11 -46.89
C SER A 263 -55.67 -18.97 -46.44
N VAL A 264 -54.95 -18.48 -45.43
CA VAL A 264 -53.76 -19.18 -44.92
C VAL A 264 -54.17 -20.47 -44.18
N LYS A 265 -55.31 -20.42 -43.49
CA LYS A 265 -55.85 -21.61 -42.85
C LYS A 265 -56.18 -22.70 -43.86
N SER A 266 -56.78 -22.31 -44.98
CA SER A 266 -57.09 -23.25 -46.05
C SER A 266 -55.83 -23.87 -46.64
N PHE A 267 -54.78 -23.05 -46.76
CA PHE A 267 -53.51 -23.51 -47.30
C PHE A 267 -52.89 -24.57 -46.39
N VAL A 268 -52.89 -24.31 -45.09
CA VAL A 268 -52.29 -25.23 -44.15
C VAL A 268 -53.08 -26.54 -44.08
N ASP A 269 -54.41 -26.46 -44.23
CA ASP A 269 -55.27 -27.64 -44.36
C ASP A 269 -54.81 -28.56 -45.50
N TYR A 270 -54.52 -27.96 -46.64
CA TYR A 270 -54.01 -28.67 -47.82
C TYR A 270 -52.66 -29.32 -47.48
N LEU A 271 -51.82 -28.55 -46.80
CA LEU A 271 -50.50 -29.01 -46.41
C LEU A 271 -50.60 -30.23 -45.50
N LYS A 272 -51.57 -30.21 -44.59
CA LYS A 272 -51.80 -31.35 -43.71
C LYS A 272 -52.35 -32.54 -44.48
N LYS A 273 -53.27 -32.26 -45.41
CA LYS A 273 -53.89 -33.32 -46.21
C LYS A 273 -52.92 -33.92 -47.21
N SER A 274 -52.01 -33.11 -47.73
CA SER A 274 -51.03 -33.61 -48.69
C SER A 274 -49.79 -34.23 -48.01
N GLY A 275 -49.70 -34.11 -46.68
CA GLY A 275 -48.57 -34.64 -45.96
C GLY A 275 -47.35 -33.74 -45.90
N LEU A 276 -47.46 -32.56 -46.52
CA LEU A 276 -46.36 -31.60 -46.51
C LEU A 276 -46.18 -30.96 -45.13
N TYR A 277 -47.24 -30.94 -44.32
CA TYR A 277 -47.16 -30.33 -42.98
C TYR A 277 -46.11 -31.00 -42.10
N ASP A 278 -45.93 -32.30 -42.31
CA ASP A 278 -45.06 -33.10 -41.45
C ASP A 278 -43.62 -33.19 -41.94
N ASN A 279 -43.36 -32.84 -43.20
CA ASN A 279 -42.01 -32.90 -43.74
C ASN A 279 -41.48 -31.53 -44.20
N SER A 280 -42.08 -30.46 -43.70
CA SER A 280 -41.64 -29.12 -44.09
C SER A 280 -41.50 -28.16 -42.91
N VAL A 281 -40.50 -27.30 -43.00
CA VAL A 281 -40.42 -26.14 -42.13
C VAL A 281 -41.33 -25.09 -42.74
N ILE A 282 -42.37 -24.73 -41.99
CA ILE A 282 -43.33 -23.73 -42.43
C ILE A 282 -43.09 -22.46 -41.63
N ILE A 283 -42.84 -21.37 -42.35
CA ILE A 283 -42.47 -20.11 -41.72
C ILE A 283 -43.39 -18.96 -42.12
N MET A 284 -44.15 -18.46 -41.16
CA MET A 284 -44.96 -17.29 -41.42
C MET A 284 -44.23 -16.04 -40.97
N TYR A 285 -44.19 -15.03 -41.84
CA TYR A 285 -43.53 -13.78 -41.49
C TYR A 285 -44.28 -12.62 -42.17
N GLY A 286 -44.19 -11.42 -41.57
CA GLY A 286 -44.67 -10.20 -42.20
C GLY A 286 -43.52 -9.42 -42.86
N ASP A 287 -43.83 -8.67 -43.92
CA ASP A 287 -42.75 -8.02 -44.67
C ASP A 287 -42.51 -6.56 -44.27
N HIS A 288 -43.58 -5.83 -43.95
CA HIS A 288 -43.44 -4.44 -43.48
C HIS A 288 -44.75 -3.95 -42.87
N TYR A 289 -44.76 -2.71 -42.37
CA TYR A 289 -45.95 -2.20 -41.70
C TYR A 289 -47.17 -2.09 -42.61
N GLY A 290 -48.35 -2.23 -42.01
CA GLY A 290 -49.60 -2.02 -42.73
C GLY A 290 -50.13 -0.62 -42.55
N ILE A 291 -49.98 -0.08 -41.34
CA ILE A 291 -50.42 1.27 -40.98
C ILE A 291 -49.18 2.18 -40.77
N SER A 292 -49.12 3.29 -41.50
CA SER A 292 -48.01 4.24 -41.42
C SER A 292 -48.08 5.06 -40.13
N ASP A 293 -47.18 6.04 -40.00
CA ASP A 293 -47.20 6.91 -38.83
C ASP A 293 -48.14 8.10 -39.06
N ASN A 294 -48.99 8.02 -40.08
CA ASN A 294 -49.90 9.13 -40.40
C ASN A 294 -51.36 8.84 -40.01
N HIS A 295 -51.53 7.98 -39.01
CA HIS A 295 -52.85 7.56 -38.54
C HIS A 295 -52.89 7.51 -37.02
N GLU A 296 -52.30 8.52 -36.37
CA GLU A 296 -52.07 8.50 -34.93
C GLU A 296 -53.32 8.43 -34.06
N GLU A 297 -54.36 9.17 -34.42
CA GLU A 297 -55.62 9.18 -33.68
C GLU A 297 -56.26 7.80 -33.72
N ALA A 298 -56.27 7.17 -34.89
CA ALA A 298 -56.86 5.83 -35.03
C ALA A 298 -56.07 4.75 -34.30
N MET A 299 -54.74 4.81 -34.41
CA MET A 299 -53.88 3.82 -33.77
C MET A 299 -53.81 4.01 -32.25
N THR A 300 -54.06 5.22 -31.79
CA THR A 300 -54.25 5.47 -30.37
C THR A 300 -55.43 4.66 -29.84
N LYS A 301 -56.53 4.64 -30.61
CA LYS A 301 -57.73 3.87 -30.25
C LYS A 301 -57.49 2.37 -30.36
N ILE A 302 -56.85 1.96 -31.45
CA ILE A 302 -56.58 0.55 -31.71
C ILE A 302 -55.70 -0.10 -30.65
N LEU A 303 -54.63 0.58 -30.24
CA LEU A 303 -53.64 -0.02 -29.34
C LEU A 303 -53.85 0.37 -27.87
N GLY A 304 -54.77 1.31 -27.64
CA GLY A 304 -55.17 1.71 -26.29
C GLY A 304 -54.18 2.60 -25.58
N LYS A 305 -53.30 3.25 -26.32
CA LYS A 305 -52.33 4.14 -25.73
C LYS A 305 -51.87 5.16 -26.76
N ASP A 306 -51.35 6.27 -26.29
CA ASP A 306 -50.99 7.36 -27.16
C ASP A 306 -49.96 6.89 -28.18
N TYR A 307 -50.34 6.94 -29.45
CA TYR A 307 -49.48 6.49 -30.54
C TYR A 307 -48.47 7.56 -30.87
N ASN A 308 -47.43 7.68 -30.06
CA ASN A 308 -46.37 8.66 -30.30
C ASN A 308 -45.25 8.04 -31.14
N THR A 309 -44.17 8.79 -31.33
CA THR A 309 -43.05 8.37 -32.16
C THR A 309 -42.42 7.06 -31.66
N PHE A 310 -42.33 6.92 -30.34
CA PHE A 310 -41.80 5.70 -29.73
C PHE A 310 -42.69 4.50 -30.05
N GLU A 311 -44.01 4.66 -29.86
CA GLU A 311 -44.92 3.55 -30.05
C GLU A 311 -44.94 3.14 -31.50
N ASN A 312 -44.79 4.11 -32.38
CA ASN A 312 -44.76 3.81 -33.80
C ASN A 312 -43.53 2.94 -34.12
N ALA A 313 -42.40 3.22 -33.47
CA ALA A 313 -41.24 2.37 -33.63
C ALA A 313 -41.56 0.96 -33.16
N GLN A 314 -42.29 0.84 -32.06
CA GLN A 314 -42.64 -0.46 -31.51
C GLN A 314 -43.60 -1.21 -32.42
N ALA A 315 -44.36 -0.48 -33.22
CA ALA A 315 -45.31 -1.09 -34.13
C ALA A 315 -44.64 -1.66 -35.37
N GLN A 316 -43.33 -1.49 -35.51
CA GLN A 316 -42.63 -2.03 -36.66
C GLN A 316 -42.33 -3.55 -36.49
N ARG A 317 -42.76 -4.11 -35.36
CA ARG A 317 -42.72 -5.57 -35.17
C ARG A 317 -43.61 -6.25 -36.19
N VAL A 318 -43.07 -7.30 -36.81
CA VAL A 318 -43.83 -8.14 -37.72
C VAL A 318 -43.74 -9.58 -37.23
N PRO A 319 -44.70 -10.44 -37.63
CA PRO A 319 -44.61 -11.81 -37.11
C PRO A 319 -43.42 -12.59 -37.67
N LEU A 320 -42.92 -13.51 -36.86
CA LEU A 320 -42.05 -14.57 -37.31
C LEU A 320 -42.44 -15.83 -36.54
N MET A 321 -42.96 -16.82 -37.25
CA MET A 321 -43.42 -18.05 -36.64
C MET A 321 -42.83 -19.21 -37.43
N ILE A 322 -41.92 -19.95 -36.81
CA ILE A 322 -41.22 -21.06 -37.46
C ILE A 322 -41.73 -22.38 -36.91
N HIS A 323 -42.49 -23.10 -37.73
CA HIS A 323 -43.01 -24.42 -37.33
C HIS A 323 -42.04 -25.52 -37.78
N VAL A 324 -41.43 -26.19 -36.82
CA VAL A 324 -40.47 -27.26 -37.07
C VAL A 324 -41.00 -28.58 -36.53
N PRO A 325 -41.29 -29.54 -37.41
CA PRO A 325 -41.84 -30.84 -37.00
C PRO A 325 -40.96 -31.53 -35.94
N GLY A 326 -41.55 -31.94 -34.82
CA GLY A 326 -40.85 -32.72 -33.80
C GLY A 326 -39.93 -32.03 -32.80
N VAL A 327 -39.89 -30.70 -32.88
CA VAL A 327 -39.03 -29.85 -32.05
C VAL A 327 -39.94 -29.05 -31.14
N GLN A 328 -39.59 -28.95 -29.87
CA GLN A 328 -40.49 -28.26 -28.96
C GLN A 328 -40.37 -26.75 -29.24
N GLY A 329 -41.46 -26.04 -29.49
CA GLY A 329 -41.37 -24.59 -29.72
C GLY A 329 -41.55 -23.77 -28.44
N GLY A 330 -42.05 -22.54 -28.55
CA GLY A 330 -42.18 -21.67 -27.41
C GLY A 330 -41.96 -20.25 -27.89
N VAL A 331 -42.39 -19.33 -27.05
CA VAL A 331 -42.22 -17.91 -27.32
C VAL A 331 -40.74 -17.52 -27.30
N GLN A 332 -40.31 -16.84 -28.35
CA GLN A 332 -38.94 -16.32 -28.43
C GLN A 332 -38.92 -14.79 -28.27
N GLU A 333 -38.37 -14.30 -27.16
CA GLU A 333 -38.42 -12.88 -26.84
C GLU A 333 -37.16 -12.10 -27.22
N GLN A 334 -36.14 -12.82 -27.68
CA GLN A 334 -34.88 -12.18 -28.08
C GLN A 334 -35.12 -11.28 -29.29
N TYR A 335 -34.57 -10.07 -29.24
CA TYR A 335 -34.76 -9.08 -30.31
C TYR A 335 -34.01 -9.44 -31.60
N GLY A 336 -34.68 -9.28 -32.74
CA GLY A 336 -34.04 -9.56 -34.01
C GLY A 336 -34.75 -8.95 -35.20
N GLY A 337 -34.18 -9.12 -36.39
CA GLY A 337 -34.76 -8.56 -37.59
C GLY A 337 -34.77 -9.52 -38.77
N GLN A 338 -35.39 -9.08 -39.86
CA GLN A 338 -35.48 -9.89 -41.08
C GLN A 338 -34.08 -10.29 -41.61
N VAL A 339 -33.08 -9.46 -41.35
CA VAL A 339 -31.70 -9.73 -41.77
C VAL A 339 -31.17 -11.01 -41.12
N ASP A 340 -31.76 -11.38 -39.99
CA ASP A 340 -31.32 -12.56 -39.22
C ASP A 340 -31.97 -13.88 -39.64
N LEU A 341 -32.96 -13.83 -40.53
CA LEU A 341 -33.77 -15.00 -40.84
C LEU A 341 -33.03 -16.08 -41.63
N LEU A 342 -32.31 -15.71 -42.69
CA LEU A 342 -31.58 -16.69 -43.48
C LEU A 342 -30.51 -17.45 -42.65
N PRO A 343 -29.71 -16.75 -41.83
CA PRO A 343 -28.80 -17.52 -40.97
C PRO A 343 -29.53 -18.48 -40.01
N THR A 344 -30.69 -18.07 -39.53
CA THR A 344 -31.51 -18.90 -38.66
C THR A 344 -32.01 -20.16 -39.37
N LEU A 345 -32.54 -19.98 -40.58
CA LEU A 345 -33.07 -21.09 -41.36
C LEU A 345 -31.98 -22.09 -41.73
N LEU A 346 -30.83 -21.58 -42.18
CA LEU A 346 -29.75 -22.44 -42.62
C LEU A 346 -29.25 -23.34 -41.48
N HIS A 347 -29.14 -22.79 -40.28
CA HIS A 347 -28.69 -23.59 -39.14
C HIS A 347 -29.70 -24.67 -38.78
N LEU A 348 -30.99 -24.36 -38.87
CA LEU A 348 -32.03 -25.38 -38.65
C LEU A 348 -31.89 -26.51 -39.67
N LEU A 349 -31.52 -26.17 -40.90
CA LEU A 349 -31.36 -27.18 -41.95
C LEU A 349 -30.00 -27.91 -41.86
N GLY A 350 -29.15 -27.53 -40.92
CA GLY A 350 -27.86 -28.15 -40.73
C GLY A 350 -26.78 -27.65 -41.70
N VAL A 351 -27.02 -26.47 -42.28
CA VAL A 351 -26.09 -25.87 -43.23
C VAL A 351 -25.31 -24.76 -42.53
N ASP A 352 -23.98 -24.83 -42.59
CA ASP A 352 -23.13 -23.76 -42.04
C ASP A 352 -22.94 -22.59 -43.03
N ASN A 353 -23.14 -21.37 -42.53
CA ASN A 353 -23.10 -20.17 -43.37
C ASN A 353 -21.95 -19.20 -43.05
N LYS A 354 -20.92 -19.70 -42.37
CA LYS A 354 -19.87 -18.85 -41.85
C LYS A 354 -19.06 -18.13 -42.92
N GLU A 355 -18.91 -18.74 -44.10
CA GLU A 355 -18.04 -18.14 -45.11
C GLU A 355 -18.77 -17.23 -46.07
N TYR A 356 -20.08 -17.12 -45.89
CA TYR A 356 -20.94 -16.31 -46.74
C TYR A 356 -20.98 -14.82 -46.32
N LEU A 357 -21.10 -13.90 -47.27
CA LEU A 357 -21.29 -12.48 -46.94
C LEU A 357 -22.73 -12.22 -46.56
N GLN A 358 -23.03 -12.48 -45.29
CA GLN A 358 -24.36 -12.36 -44.76
C GLN A 358 -24.27 -11.53 -43.46
N PHE A 359 -25.15 -10.55 -43.30
CA PHE A 359 -25.05 -9.62 -42.17
C PHE A 359 -25.87 -9.98 -40.92
N GLY A 360 -26.78 -10.93 -41.03
CA GLY A 360 -27.55 -11.36 -39.88
C GLY A 360 -26.90 -12.49 -39.10
N THR A 361 -27.47 -12.82 -37.93
CA THR A 361 -27.00 -13.93 -37.12
C THR A 361 -28.14 -14.83 -36.68
N ASP A 362 -27.82 -16.10 -36.46
CA ASP A 362 -28.75 -17.12 -36.00
C ASP A 362 -29.54 -16.69 -34.78
N LEU A 363 -30.86 -16.58 -34.94
CA LEU A 363 -31.73 -16.11 -33.87
C LEU A 363 -31.82 -17.08 -32.70
N LEU A 364 -31.49 -18.35 -32.94
CA LEU A 364 -31.57 -19.35 -31.86
C LEU A 364 -30.23 -19.52 -31.18
N SER A 365 -29.23 -18.80 -31.65
CA SER A 365 -27.90 -18.88 -31.06
C SER A 365 -27.78 -17.95 -29.85
N LYS A 366 -27.09 -18.45 -28.82
CA LYS A 366 -26.81 -17.70 -27.59
C LYS A 366 -25.89 -16.53 -27.87
N ASP A 367 -25.19 -16.59 -29.00
CA ASP A 367 -24.28 -15.51 -29.40
C ASP A 367 -24.94 -14.49 -30.31
N HIS A 368 -26.24 -14.65 -30.58
CA HIS A 368 -26.99 -13.62 -31.28
C HIS A 368 -27.13 -12.36 -30.42
N LYS A 369 -26.70 -11.21 -30.96
CA LYS A 369 -26.84 -9.93 -30.26
C LYS A 369 -28.22 -9.33 -30.48
N GLN A 370 -28.80 -8.81 -29.41
CA GLN A 370 -30.13 -8.22 -29.45
C GLN A 370 -30.02 -6.76 -29.88
N LEU A 371 -29.70 -6.56 -31.15
CA LEU A 371 -29.56 -5.25 -31.75
C LEU A 371 -30.22 -5.24 -33.13
N VAL A 372 -31.20 -4.36 -33.33
CA VAL A 372 -31.98 -4.35 -34.57
C VAL A 372 -31.91 -3.01 -35.29
N PRO A 373 -31.05 -2.92 -36.30
CA PRO A 373 -30.93 -1.74 -37.17
C PRO A 373 -32.19 -1.47 -37.98
N PHE A 374 -32.57 -0.21 -38.12
CA PHE A 374 -33.55 0.18 -39.13
C PHE A 374 -32.79 0.69 -40.37
N ARG A 375 -33.45 0.70 -41.53
CA ARG A 375 -32.79 1.12 -42.76
C ARG A 375 -32.33 2.59 -42.70
N ASN A 376 -33.03 3.44 -41.93
CA ASN A 376 -32.64 4.86 -41.83
C ASN A 376 -31.56 5.16 -40.78
N GLY A 377 -31.01 4.14 -40.15
CA GLY A 377 -29.96 4.35 -39.14
C GLY A 377 -30.41 4.28 -37.69
N ASP A 378 -31.72 4.30 -37.46
CA ASP A 378 -32.28 4.03 -36.13
C ASP A 378 -32.01 2.59 -35.71
N TYR A 379 -32.24 2.28 -34.44
CA TYR A 379 -32.02 0.92 -33.95
C TYR A 379 -32.79 0.61 -32.66
N ILE A 380 -33.04 -0.68 -32.45
CA ILE A 380 -33.72 -1.18 -31.25
C ILE A 380 -32.79 -2.10 -30.47
N THR A 381 -32.66 -1.88 -29.16
CA THR A 381 -32.00 -2.84 -28.26
C THR A 381 -32.98 -3.01 -27.09
N PRO A 382 -32.80 -4.02 -26.24
CA PRO A 382 -33.73 -4.15 -25.09
C PRO A 382 -33.67 -3.02 -24.04
N THR A 383 -32.59 -2.22 -24.03
CA THR A 383 -32.41 -1.18 -23.01
C THR A 383 -32.60 0.25 -23.54
N TYR A 384 -31.81 0.63 -24.54
CA TYR A 384 -31.96 1.94 -25.20
C TYR A 384 -32.17 1.80 -26.72
N SER A 385 -33.00 2.67 -27.30
CA SER A 385 -33.26 2.65 -28.74
C SER A 385 -33.14 4.03 -29.35
N MET A 386 -32.63 4.14 -30.57
CA MET A 386 -32.62 5.42 -31.25
C MET A 386 -33.72 5.43 -32.27
N ILE A 387 -34.61 6.41 -32.13
CA ILE A 387 -35.81 6.50 -32.95
C ILE A 387 -35.95 7.94 -33.43
N GLY A 388 -35.98 8.14 -34.74
CA GLY A 388 -35.93 9.47 -35.30
C GLY A 388 -34.63 10.18 -34.93
N GLY A 389 -33.56 9.39 -34.71
CA GLY A 389 -32.27 9.94 -34.38
C GLY A 389 -32.16 10.33 -32.91
N ASN A 390 -33.23 10.11 -32.15
CA ASN A 390 -33.24 10.47 -30.73
C ASN A 390 -33.28 9.24 -29.86
N MET A 391 -32.79 9.37 -28.63
CA MET A 391 -32.65 8.22 -27.73
C MET A 391 -33.88 8.04 -26.85
N TYR A 392 -34.27 6.78 -26.65
CA TYR A 392 -35.39 6.42 -25.78
C TYR A 392 -35.06 5.24 -24.90
N ASN A 393 -35.63 5.24 -23.69
CA ASN A 393 -35.63 4.05 -22.85
C ASN A 393 -36.59 3.04 -23.45
N GLN A 394 -36.06 1.91 -23.89
CA GLN A 394 -36.87 0.92 -24.59
C GLN A 394 -37.93 0.30 -23.69
N GLN A 395 -37.65 0.21 -22.39
CA GLN A 395 -38.64 -0.43 -21.51
C GLN A 395 -39.76 0.51 -21.07
N THR A 396 -39.47 1.80 -20.94
CA THR A 396 -40.46 2.74 -20.41
C THR A 396 -41.01 3.71 -21.44
N GLY A 397 -40.26 3.90 -22.52
CA GLY A 397 -40.65 4.83 -23.55
C GLY A 397 -40.22 6.26 -23.27
N GLU A 398 -39.50 6.46 -22.17
CA GLU A 398 -39.07 7.80 -21.78
C GLU A 398 -37.91 8.29 -22.65
N PRO A 399 -37.98 9.54 -23.11
CA PRO A 399 -36.87 10.10 -23.88
C PRO A 399 -35.63 10.20 -23.03
N ILE A 400 -34.47 10.01 -23.66
CA ILE A 400 -33.18 10.22 -23.02
C ILE A 400 -32.51 11.38 -23.73
N ALA A 401 -32.18 12.42 -22.98
CA ALA A 401 -31.73 13.68 -23.58
C ALA A 401 -30.40 13.56 -24.31
N THR A 402 -29.44 12.89 -23.68
CA THR A 402 -28.08 12.81 -24.19
C THR A 402 -27.63 11.38 -24.45
N GLU A 403 -27.06 11.14 -25.63
CA GLU A 403 -26.39 9.88 -25.92
C GLU A 403 -25.21 9.64 -25.01
N THR A 404 -25.09 8.41 -24.49
CA THR A 404 -23.90 8.00 -23.77
C THR A 404 -22.87 7.43 -24.76
N LYS A 405 -21.67 7.12 -24.27
CA LYS A 405 -20.65 6.48 -25.07
C LYS A 405 -21.19 5.18 -25.69
N GLU A 406 -21.95 4.44 -24.91
CA GLU A 406 -22.48 3.14 -25.31
C GLU A 406 -23.52 3.28 -26.42
N MET A 407 -24.36 4.31 -26.32
CA MET A 407 -25.40 4.59 -27.31
C MET A 407 -24.78 5.04 -28.63
N LYS A 408 -23.75 5.87 -28.52
CA LYS A 408 -23.01 6.37 -29.69
C LYS A 408 -22.28 5.24 -30.39
N GLU A 409 -21.68 4.35 -29.60
CA GLU A 409 -20.99 3.20 -30.14
C GLU A 409 -21.93 2.30 -30.96
N THR A 410 -23.08 2.02 -30.38
CA THR A 410 -24.10 1.21 -31.04
C THR A 410 -24.55 1.87 -32.34
N LYS A 411 -24.78 3.19 -32.29
CA LYS A 411 -25.15 3.97 -33.46
C LYS A 411 -24.15 3.83 -34.60
N GLU A 412 -22.86 3.90 -34.28
CA GLU A 412 -21.83 3.80 -35.32
C GLU A 412 -21.67 2.38 -35.84
N LYS A 413 -21.93 1.39 -34.97
CA LYS A 413 -21.92 0.00 -35.41
C LYS A 413 -23.02 -0.23 -36.43
N VAL A 414 -24.21 0.28 -36.13
CA VAL A 414 -25.35 0.21 -37.04
C VAL A 414 -25.07 0.90 -38.38
N ALA A 415 -24.50 2.10 -38.34
CA ALA A 415 -24.17 2.83 -39.55
C ALA A 415 -23.12 2.07 -40.35
N LYS A 416 -22.16 1.47 -39.65
CA LYS A 416 -21.13 0.68 -40.31
C LYS A 416 -21.72 -0.55 -41.01
N GLU A 417 -22.58 -1.28 -40.32
CA GLU A 417 -23.23 -2.46 -40.91
C GLU A 417 -24.00 -2.14 -42.19
N LEU A 418 -24.80 -1.07 -42.16
CA LEU A 418 -25.59 -0.67 -43.33
C LEU A 418 -24.68 -0.24 -44.49
N GLU A 419 -23.59 0.44 -44.18
CA GLU A 419 -22.63 0.89 -45.19
C GLU A 419 -21.94 -0.27 -45.91
N LEU A 420 -21.56 -1.30 -45.16
CA LEU A 420 -20.90 -2.46 -45.73
C LEU A 420 -21.85 -3.29 -46.58
N SER A 421 -23.08 -3.43 -46.11
CA SER A 421 -24.11 -4.07 -46.90
C SER A 421 -24.34 -3.30 -48.20
N ASP A 422 -24.41 -1.97 -48.11
CA ASP A 422 -24.59 -1.16 -49.31
C ASP A 422 -23.40 -1.33 -50.23
N SER A 423 -22.21 -1.53 -49.65
CA SER A 423 -21.01 -1.71 -50.46
C SER A 423 -21.10 -3.00 -51.29
N VAL A 424 -21.75 -4.04 -50.75
CA VAL A 424 -21.98 -5.27 -51.51
C VAL A 424 -22.88 -5.01 -52.73
N LEU A 425 -23.99 -4.31 -52.53
CA LEU A 425 -24.92 -4.00 -53.63
C LEU A 425 -24.32 -3.03 -54.66
N GLN A 426 -23.72 -1.95 -54.18
CA GLN A 426 -23.21 -0.90 -55.03
C GLN A 426 -21.92 -1.29 -55.75
N GLY A 427 -21.11 -2.15 -55.12
CA GLY A 427 -19.88 -2.62 -55.72
C GLY A 427 -20.03 -3.94 -56.48
N ASP A 428 -21.22 -4.55 -56.40
CA ASP A 428 -21.48 -5.86 -56.98
C ASP A 428 -20.35 -6.82 -56.57
N LEU A 429 -20.12 -6.92 -55.26
CA LEU A 429 -18.91 -7.56 -54.72
C LEU A 429 -18.90 -9.10 -54.77
N LEU A 430 -20.05 -9.74 -54.95
CA LEU A 430 -20.10 -11.20 -54.98
C LEU A 430 -19.58 -11.78 -56.32
N ARG A 431 -19.35 -10.92 -57.32
CA ARG A 431 -18.56 -11.26 -58.51
C ARG A 431 -17.18 -11.80 -58.14
N PHE A 432 -16.61 -11.25 -57.07
CA PHE A 432 -15.21 -11.44 -56.73
C PHE A 432 -14.98 -12.45 -55.61
N TYR A 433 -16.07 -12.98 -55.08
CA TYR A 433 -15.97 -13.88 -53.95
C TYR A 433 -17.12 -14.86 -53.89
N ALA A 434 -16.77 -16.13 -53.64
CA ALA A 434 -17.73 -17.13 -53.21
C ALA A 434 -16.98 -18.03 -52.23
N PRO A 435 -17.70 -18.61 -51.25
CA PRO A 435 -17.05 -19.59 -50.35
C PRO A 435 -16.48 -20.77 -51.14
N ASP A 436 -15.43 -21.41 -50.64
CA ASP A 436 -14.83 -22.55 -51.34
C ASP A 436 -15.83 -23.70 -51.46
N GLY A 437 -15.95 -24.23 -52.67
CA GLY A 437 -16.85 -25.32 -52.96
C GLY A 437 -18.22 -24.86 -53.41
N PHE A 438 -18.50 -23.55 -53.31
CA PHE A 438 -19.77 -23.00 -53.79
C PHE A 438 -19.80 -22.87 -55.30
N LYS A 439 -20.81 -23.48 -55.91
CA LYS A 439 -21.02 -23.39 -57.35
C LYS A 439 -22.02 -22.29 -57.72
N LYS A 440 -21.60 -21.38 -58.60
CA LYS A 440 -22.37 -20.16 -58.87
C LYS A 440 -23.50 -20.34 -59.90
N VAL A 441 -24.55 -19.54 -59.72
CA VAL A 441 -25.70 -19.57 -60.59
C VAL A 441 -25.36 -19.04 -61.98
N ASP A 442 -25.80 -19.75 -63.01
CA ASP A 442 -25.77 -19.25 -64.36
C ASP A 442 -27.20 -18.83 -64.68
N PRO A 443 -27.46 -17.52 -64.61
CA PRO A 443 -28.80 -16.91 -64.75
C PRO A 443 -29.43 -17.09 -66.12
N SER A 444 -28.62 -17.40 -67.11
CA SER A 444 -29.12 -17.63 -68.45
C SER A 444 -29.87 -18.97 -68.53
N LYS A 445 -29.73 -19.80 -67.51
CA LYS A 445 -30.32 -21.13 -67.50
C LYS A 445 -31.72 -21.17 -66.89
N TYR A 446 -32.36 -20.03 -66.75
CA TYR A 446 -33.69 -20.01 -66.14
C TYR A 446 -34.68 -19.32 -67.07
N ASN A 447 -35.88 -19.87 -67.20
CA ASN A 447 -36.94 -19.26 -67.99
C ASN A 447 -38.27 -19.54 -67.30
N TYR A 448 -39.00 -18.46 -66.99
CA TYR A 448 -40.21 -18.60 -66.19
C TYR A 448 -41.50 -18.53 -67.02
N ASN A 449 -41.37 -18.27 -68.32
CA ASN A 449 -42.53 -18.25 -69.19
C ASN A 449 -43.11 -19.65 -69.37
N LYS A 450 -44.41 -19.75 -69.63
CA LYS A 450 -45.07 -21.05 -69.75
C LYS A 450 -44.59 -21.83 -70.99
N SER B 33 -53.00 -83.51 4.27
CA SER B 33 -53.85 -83.77 3.11
C SER B 33 -53.14 -84.67 2.10
N SER B 34 -53.92 -85.44 1.34
CA SER B 34 -53.38 -86.17 0.19
C SER B 34 -53.33 -85.24 -1.03
N ASP B 35 -53.73 -83.98 -0.84
CA ASP B 35 -53.49 -82.96 -1.87
C ASP B 35 -52.08 -82.43 -1.72
N VAL B 36 -51.67 -82.11 -0.49
CA VAL B 36 -50.28 -81.70 -0.26
C VAL B 36 -49.37 -82.84 -0.68
N THR B 37 -49.78 -84.07 -0.37
CA THR B 37 -49.02 -85.27 -0.76
C THR B 37 -48.97 -85.44 -2.27
N GLU B 38 -50.11 -85.29 -2.96
CA GLU B 38 -50.13 -85.42 -4.42
C GLU B 38 -49.28 -84.31 -5.06
N VAL B 39 -49.41 -83.07 -4.54
CA VAL B 39 -48.61 -81.94 -5.03
C VAL B 39 -47.12 -82.17 -4.75
N LEU B 40 -46.82 -82.54 -3.51
CA LEU B 40 -45.45 -82.74 -3.07
C LEU B 40 -44.74 -83.92 -3.80
N ASN B 41 -45.48 -84.99 -4.07
CA ASN B 41 -44.95 -86.12 -4.84
C ASN B 41 -44.56 -85.71 -6.25
N TYR B 42 -45.39 -84.85 -6.84
CA TYR B 42 -45.14 -84.32 -8.17
C TYR B 42 -43.89 -83.41 -8.20
N THR B 43 -43.82 -82.40 -7.33
CA THR B 43 -42.71 -81.43 -7.39
C THR B 43 -41.37 -82.12 -7.15
N LYS B 44 -41.35 -83.08 -6.23
CA LYS B 44 -40.14 -83.85 -5.92
C LYS B 44 -39.68 -84.80 -7.03
N SER B 45 -40.63 -85.36 -7.75
CA SER B 45 -40.31 -86.22 -8.88
C SER B 45 -39.72 -85.40 -10.01
N LYS B 46 -40.11 -84.12 -10.02
CA LYS B 46 -39.66 -83.18 -11.05
C LYS B 46 -38.32 -82.52 -10.72
N TYR B 47 -38.04 -82.37 -9.43
CA TYR B 47 -36.88 -81.62 -8.93
C TYR B 47 -35.58 -81.91 -9.68
N ALA B 48 -34.90 -80.84 -10.08
CA ALA B 48 -33.62 -80.94 -10.77
C ALA B 48 -32.48 -80.49 -9.86
N ALA B 49 -31.48 -81.36 -9.70
CA ALA B 49 -30.34 -81.10 -8.84
C ALA B 49 -29.44 -79.97 -9.39
N PRO B 50 -28.77 -79.24 -8.50
CA PRO B 50 -27.93 -78.12 -8.92
C PRO B 50 -26.77 -78.48 -9.84
N ASN B 51 -26.42 -77.54 -10.72
CA ASN B 51 -25.22 -77.64 -11.56
C ASN B 51 -24.04 -77.08 -10.78
N PRO B 52 -23.02 -77.92 -10.55
CA PRO B 52 -21.83 -77.54 -9.75
C PRO B 52 -21.10 -76.30 -10.25
N GLU B 53 -21.19 -76.01 -11.54
CA GLU B 53 -20.56 -74.81 -12.11
C GLU B 53 -21.26 -73.54 -11.65
N TYR B 54 -22.52 -73.66 -11.22
CA TYR B 54 -23.28 -72.46 -10.90
C TYR B 54 -23.84 -72.39 -9.47
N PHE B 55 -23.93 -73.53 -8.78
CA PHE B 55 -24.55 -73.57 -7.45
C PHE B 55 -23.79 -72.75 -6.41
N GLY B 56 -24.53 -71.82 -5.79
CA GLY B 56 -23.98 -70.99 -4.73
C GLY B 56 -22.99 -69.95 -5.23
N LYS B 57 -22.89 -69.80 -6.55
CA LYS B 57 -21.91 -68.89 -7.14
C LYS B 57 -22.20 -67.41 -6.84
N ALA B 58 -23.41 -67.13 -6.37
CA ALA B 58 -23.78 -65.77 -5.97
C ALA B 58 -24.29 -65.75 -4.53
N LYS B 59 -23.87 -66.72 -3.73
CA LYS B 59 -24.32 -66.81 -2.34
C LYS B 59 -24.00 -65.56 -1.54
N GLY B 60 -25.01 -65.04 -0.84
CA GLY B 60 -24.85 -63.86 -0.01
C GLY B 60 -25.03 -62.55 -0.75
N LYS B 61 -25.14 -62.61 -2.07
CA LYS B 61 -25.29 -61.40 -2.88
C LYS B 61 -26.72 -60.85 -2.85
N ASN B 62 -26.84 -59.54 -3.08
CA ASN B 62 -28.13 -58.92 -3.29
C ASN B 62 -28.79 -59.48 -4.54
N VAL B 63 -30.10 -59.30 -4.63
CA VAL B 63 -30.85 -59.64 -5.83
C VAL B 63 -31.60 -58.39 -6.30
N ILE B 64 -31.40 -58.01 -7.56
CA ILE B 64 -32.12 -56.88 -8.13
C ILE B 64 -32.87 -57.33 -9.40
N TYR B 65 -34.19 -57.45 -9.28
CA TYR B 65 -35.05 -57.77 -10.42
C TYR B 65 -35.42 -56.50 -11.18
N ILE B 66 -35.13 -56.47 -12.48
CA ILE B 66 -35.57 -55.36 -13.34
C ILE B 66 -36.68 -55.89 -14.24
N HIS B 67 -37.91 -55.48 -13.92
CA HIS B 67 -39.15 -55.92 -14.55
C HIS B 67 -39.39 -55.09 -15.81
N LEU B 68 -39.18 -55.69 -16.99
CA LEU B 68 -39.40 -54.99 -18.27
C LEU B 68 -40.84 -55.17 -18.71
N GLU B 69 -41.65 -54.15 -18.47
CA GLU B 69 -43.08 -54.23 -18.71
C GLU B 69 -43.40 -54.48 -20.20
N SER B 70 -44.21 -55.52 -20.46
CA SER B 70 -44.70 -55.86 -21.81
C SER B 70 -43.58 -56.02 -22.86
N PHE B 71 -42.43 -56.49 -22.41
CA PHE B 71 -41.23 -56.54 -23.24
C PHE B 71 -41.08 -57.94 -23.80
N GLN B 72 -41.21 -58.07 -25.12
CA GLN B 72 -41.08 -59.36 -25.78
C GLN B 72 -39.63 -59.58 -26.26
N GLN B 73 -39.23 -60.85 -26.33
CA GLN B 73 -37.87 -61.20 -26.72
C GLN B 73 -37.54 -60.76 -28.17
N PHE B 74 -38.55 -60.59 -29.02
CA PHE B 74 -38.27 -60.22 -30.41
C PHE B 74 -37.64 -58.84 -30.52
N LEU B 75 -37.78 -58.02 -29.48
CA LEU B 75 -37.14 -56.71 -29.43
C LEU B 75 -35.63 -56.77 -29.31
N VAL B 76 -35.12 -57.83 -28.69
CA VAL B 76 -33.69 -57.96 -28.47
C VAL B 76 -32.99 -58.06 -29.82
N ASN B 77 -32.07 -57.12 -30.03
CA ASN B 77 -31.32 -56.96 -31.27
C ASN B 77 -32.21 -56.57 -32.45
N TYR B 78 -33.45 -56.17 -32.17
CA TYR B 78 -34.34 -55.72 -33.25
C TYR B 78 -33.91 -54.33 -33.69
N LYS B 79 -33.86 -54.12 -35.00
CA LYS B 79 -33.53 -52.83 -35.56
C LYS B 79 -34.72 -52.26 -36.33
N LEU B 80 -35.10 -51.04 -35.98
CA LEU B 80 -36.19 -50.33 -36.64
C LEU B 80 -35.63 -49.22 -37.49
N ASN B 81 -35.77 -49.36 -38.81
CA ASN B 81 -35.21 -48.43 -39.77
C ASN B 81 -33.70 -48.25 -39.63
N GLY B 82 -32.98 -49.35 -39.52
CA GLY B 82 -31.53 -49.33 -39.41
C GLY B 82 -31.00 -49.07 -38.02
N GLU B 83 -31.90 -48.80 -37.06
CA GLU B 83 -31.52 -48.33 -35.72
C GLU B 83 -31.94 -49.34 -34.62
N GLU B 84 -31.02 -49.71 -33.73
CA GLU B 84 -31.36 -50.58 -32.59
C GLU B 84 -32.41 -49.93 -31.71
N VAL B 85 -33.52 -50.64 -31.45
CA VAL B 85 -34.59 -50.08 -30.65
C VAL B 85 -34.19 -50.00 -29.18
N THR B 86 -33.56 -51.07 -28.69
CA THR B 86 -33.16 -51.16 -27.29
C THR B 86 -31.67 -51.50 -27.11
N PRO B 87 -30.78 -50.56 -27.48
CA PRO B 87 -29.34 -50.81 -27.53
C PRO B 87 -28.72 -51.16 -26.18
N PHE B 88 -29.17 -50.55 -25.09
CA PHE B 88 -28.56 -50.89 -23.81
C PHE B 88 -28.90 -52.31 -23.39
N ILE B 89 -30.18 -52.67 -23.47
CA ILE B 89 -30.59 -54.03 -23.11
C ILE B 89 -29.93 -55.07 -24.03
N ASN B 90 -29.72 -54.74 -25.30
CA ASN B 90 -28.94 -55.59 -26.22
C ASN B 90 -27.50 -55.85 -25.74
N SER B 91 -26.87 -54.80 -25.20
CA SER B 91 -25.51 -54.91 -24.69
C SER B 91 -25.48 -55.74 -23.41
N PHE B 92 -26.51 -55.59 -22.58
CA PHE B 92 -26.65 -56.41 -21.38
C PHE B 92 -26.81 -57.88 -21.77
N PHE B 93 -27.60 -58.12 -22.81
CA PHE B 93 -27.82 -59.45 -23.37
C PHE B 93 -26.51 -60.16 -23.68
N LYS B 94 -25.57 -59.44 -24.28
CA LYS B 94 -24.35 -60.06 -24.77
C LYS B 94 -23.18 -59.91 -23.79
N ASP B 95 -23.41 -59.23 -22.67
CA ASP B 95 -22.35 -59.03 -21.67
C ASP B 95 -21.79 -60.38 -21.20
N GLN B 96 -20.49 -60.45 -20.94
CA GLN B 96 -19.79 -61.68 -20.65
C GLN B 96 -20.28 -62.36 -19.39
N ASN B 97 -20.78 -61.58 -18.42
CA ASN B 97 -21.28 -62.14 -17.17
C ASN B 97 -22.77 -62.34 -17.17
N THR B 98 -23.39 -62.29 -18.36
CA THR B 98 -24.83 -62.43 -18.43
C THR B 98 -25.23 -63.80 -19.00
N LEU B 99 -26.07 -64.52 -18.27
CA LEU B 99 -26.72 -65.73 -18.78
C LEU B 99 -28.00 -65.29 -19.46
N SER B 100 -28.06 -65.45 -20.78
CA SER B 100 -29.13 -64.86 -21.58
C SER B 100 -29.95 -65.93 -22.29
N PHE B 101 -31.25 -65.90 -22.06
CA PHE B 101 -32.13 -66.96 -22.55
C PHE B 101 -32.88 -66.55 -23.80
N THR B 102 -32.79 -67.38 -24.83
CA THR B 102 -33.43 -67.08 -26.10
C THR B 102 -34.73 -67.84 -26.32
N ASN B 103 -34.97 -68.85 -25.47
CA ASN B 103 -36.16 -69.68 -25.58
C ASN B 103 -36.91 -69.73 -24.25
N PHE B 104 -37.10 -68.55 -23.66
CA PHE B 104 -37.78 -68.36 -22.37
C PHE B 104 -39.16 -67.72 -22.60
N PHE B 105 -40.22 -68.35 -22.08
CA PHE B 105 -41.59 -67.94 -22.34
C PHE B 105 -42.31 -67.44 -21.09
N HIS B 106 -43.21 -66.46 -21.25
CA HIS B 106 -44.11 -66.08 -20.16
C HIS B 106 -45.24 -67.11 -20.04
N GLN B 107 -45.82 -67.22 -18.86
CA GLN B 107 -46.87 -68.21 -18.62
C GLN B 107 -48.08 -67.58 -17.92
N THR B 108 -48.37 -66.32 -18.26
CA THR B 108 -49.46 -65.59 -17.61
C THR B 108 -50.84 -65.82 -18.24
N GLY B 109 -51.89 -65.48 -17.49
CA GLY B 109 -53.27 -65.57 -17.97
C GLY B 109 -54.00 -64.25 -17.83
N GLN B 110 -55.22 -64.28 -17.28
CA GLN B 110 -56.02 -63.07 -17.15
C GLN B 110 -55.52 -62.13 -16.05
N GLY B 111 -54.65 -62.64 -15.18
CA GLY B 111 -54.07 -61.81 -14.15
C GLY B 111 -52.90 -60.97 -14.66
N LYS B 112 -52.44 -61.28 -15.87
CA LYS B 112 -51.37 -60.55 -16.59
C LYS B 112 -50.12 -60.25 -15.75
N TPO B 113 -49.89 -58.97 -15.43
CA TPO B 113 -48.74 -58.57 -14.62
CB TPO B 113 -48.70 -57.03 -14.43
CG2 TPO B 113 -47.46 -56.63 -13.62
OG1 TPO B 113 -48.58 -56.36 -15.68
P TPO B 113 -49.88 -55.46 -16.02
O1P TPO B 113 -49.81 -54.17 -15.29
O2P TPO B 113 -49.89 -55.21 -17.61
O3P TPO B 113 -51.21 -56.27 -15.61
C TPO B 113 -48.69 -59.28 -13.26
O TPO B 113 -47.62 -59.76 -12.83
N ALA B 114 -49.84 -59.39 -12.59
CA ALA B 114 -49.92 -60.04 -11.30
C ALA B 114 -49.62 -61.54 -11.40
N ASP B 115 -49.98 -62.15 -12.52
CA ASP B 115 -49.67 -63.55 -12.74
C ASP B 115 -48.17 -63.76 -12.82
N SER B 116 -47.48 -62.84 -13.49
CA SER B 116 -46.03 -62.93 -13.59
C SER B 116 -45.37 -62.83 -12.20
N GLU B 117 -45.96 -62.02 -11.32
CA GLU B 117 -45.46 -61.90 -9.95
C GLU B 117 -45.73 -63.18 -9.16
N MET B 118 -46.92 -63.76 -9.33
CA MET B 118 -47.24 -65.03 -8.69
C MET B 118 -46.20 -66.09 -9.06
N LEU B 119 -45.89 -66.17 -10.35
CA LEU B 119 -44.90 -67.12 -10.88
C LEU B 119 -43.49 -66.86 -10.35
N LEU B 120 -43.05 -65.60 -10.40
CA LEU B 120 -41.71 -65.27 -9.92
C LEU B 120 -41.54 -65.46 -8.42
N GLU B 121 -42.56 -65.11 -7.64
CA GLU B 121 -42.43 -65.12 -6.19
C GLU B 121 -42.68 -66.49 -5.54
N ASN B 122 -43.47 -67.33 -6.19
CA ASN B 122 -43.94 -68.56 -5.55
C ASN B 122 -43.71 -69.81 -6.36
N SER B 123 -43.33 -69.63 -7.62
CA SER B 123 -43.25 -70.73 -8.58
C SER B 123 -44.60 -71.43 -8.66
N LEU B 124 -45.66 -70.64 -8.61
CA LEU B 124 -47.04 -71.08 -8.81
C LEU B 124 -47.61 -70.30 -9.99
N TYR B 125 -48.45 -70.94 -10.80
CA TYR B 125 -49.13 -70.26 -11.90
C TYR B 125 -50.24 -69.40 -11.31
N GLY B 126 -50.69 -68.42 -12.07
CA GLY B 126 -51.94 -67.75 -11.76
C GLY B 126 -53.08 -68.73 -12.00
N LEU B 127 -54.31 -68.25 -11.86
CA LEU B 127 -55.50 -69.08 -12.05
C LEU B 127 -55.88 -69.20 -13.53
N PRO B 128 -56.63 -70.27 -13.90
CA PRO B 128 -57.00 -70.42 -15.31
C PRO B 128 -57.95 -69.32 -15.78
N GLN B 129 -58.72 -68.72 -14.89
CA GLN B 129 -59.46 -67.51 -15.22
C GLN B 129 -59.39 -66.53 -14.06
N GLY B 130 -59.59 -65.25 -14.35
CA GLY B 130 -59.50 -64.19 -13.36
C GLY B 130 -58.11 -63.96 -12.78
N SER B 131 -58.03 -63.20 -11.70
CA SER B 131 -56.75 -62.82 -11.12
C SER B 131 -56.53 -63.34 -9.70
N ALA B 132 -55.50 -64.17 -9.53
CA ALA B 132 -55.18 -64.74 -8.22
C ALA B 132 -54.83 -63.68 -7.20
N PHE B 133 -54.13 -62.63 -7.63
CA PHE B 133 -53.80 -61.51 -6.75
C PHE B 133 -55.06 -60.88 -6.20
N THR B 134 -56.10 -60.83 -7.03
CA THR B 134 -57.37 -60.25 -6.61
C THR B 134 -58.14 -61.17 -5.65
N THR B 135 -58.13 -62.47 -5.92
CA THR B 135 -58.99 -63.39 -5.19
C THR B 135 -58.27 -64.28 -4.16
N LYS B 136 -56.94 -64.37 -4.25
CA LYS B 136 -56.19 -65.21 -3.32
C LYS B 136 -55.22 -64.39 -2.48
N GLY B 137 -55.61 -63.14 -2.21
CA GLY B 137 -54.78 -62.21 -1.45
C GLY B 137 -54.60 -62.52 0.03
N GLN B 138 -55.40 -63.45 0.56
CA GLN B 138 -55.28 -63.81 1.96
C GLN B 138 -54.84 -65.27 2.13
N ASN B 139 -54.40 -65.88 1.04
CA ASN B 139 -53.81 -67.21 1.10
C ASN B 139 -52.48 -67.17 1.84
N THR B 140 -52.07 -68.31 2.38
CA THR B 140 -50.73 -68.47 2.93
C THR B 140 -49.74 -68.78 1.84
N TYR B 141 -48.61 -68.06 1.85
CA TYR B 141 -47.56 -68.28 0.87
C TYR B 141 -46.20 -68.53 1.52
N GLU B 142 -45.31 -69.19 0.78
CA GLU B 142 -43.93 -69.36 1.23
C GLU B 142 -43.02 -68.83 0.12
N SER B 143 -43.08 -67.51 -0.07
N SER B 143 -43.09 -67.51 -0.08
CA SER B 143 -42.49 -66.86 -1.23
CA SER B 143 -42.48 -66.85 -1.22
C SER B 143 -41.00 -66.57 -1.06
C SER B 143 -40.98 -66.63 -1.06
N ALA B 144 -40.36 -66.13 -2.13
CA ALA B 144 -38.94 -65.80 -2.15
C ALA B 144 -38.54 -64.85 -1.04
N SER B 145 -39.33 -63.80 -0.82
N SER B 145 -39.33 -63.79 -0.84
CA SER B 145 -39.03 -62.84 0.23
CA SER B 145 -39.02 -62.83 0.21
C SER B 145 -38.99 -63.51 1.60
C SER B 145 -39.03 -63.48 1.60
N ALA B 146 -39.89 -64.47 1.80
CA ALA B 146 -39.95 -65.21 3.06
C ALA B 146 -38.81 -66.21 3.14
N ILE B 147 -38.53 -66.89 2.03
CA ILE B 147 -37.45 -67.88 1.97
C ILE B 147 -36.08 -67.21 2.19
N LEU B 148 -35.86 -66.08 1.54
CA LEU B 148 -34.60 -65.35 1.72
C LEU B 148 -34.57 -64.62 3.06
N GLY B 149 -35.74 -64.23 3.55
CA GLY B 149 -35.89 -63.76 4.93
C GLY B 149 -35.32 -64.70 5.98
N GLN B 150 -35.46 -66.01 5.77
CA GLN B 150 -34.96 -67.01 6.71
C GLN B 150 -33.46 -66.87 6.90
N GLN B 151 -32.81 -66.26 5.93
CA GLN B 151 -31.36 -66.08 5.93
C GLN B 151 -30.94 -64.62 6.14
N GLY B 152 -31.89 -63.78 6.57
CA GLY B 152 -31.61 -62.41 6.90
C GLY B 152 -31.71 -61.38 5.77
N TYR B 153 -32.35 -61.74 4.66
CA TYR B 153 -32.55 -60.79 3.58
C TYR B 153 -33.65 -59.80 3.87
N THR B 154 -33.39 -58.53 3.55
CA THR B 154 -34.40 -57.48 3.52
C THR B 154 -35.06 -57.48 2.15
N SER B 155 -36.37 -57.25 2.11
CA SER B 155 -37.08 -57.34 0.85
C SER B 155 -37.88 -56.08 0.54
N ALA B 156 -37.99 -55.73 -0.74
CA ALA B 156 -38.72 -54.53 -1.17
C ALA B 156 -39.17 -54.58 -2.64
N VAL B 157 -40.37 -54.05 -2.89
CA VAL B 157 -40.84 -53.78 -4.25
C VAL B 157 -40.88 -52.26 -4.50
N PHE B 158 -40.46 -51.84 -5.70
CA PHE B 158 -40.53 -50.44 -6.10
C PHE B 158 -41.50 -50.36 -7.27
N HIS B 159 -42.44 -49.43 -7.20
CA HIS B 159 -43.45 -49.28 -8.25
C HIS B 159 -44.05 -47.88 -8.27
N GLY B 160 -44.11 -47.28 -9.45
CA GLY B 160 -44.59 -45.91 -9.60
C GLY B 160 -46.11 -45.76 -9.72
N ASN B 161 -46.84 -46.67 -9.08
CA ASN B 161 -48.30 -46.61 -9.02
C ASN B 161 -48.75 -47.00 -7.61
N TYR B 162 -50.02 -46.76 -7.31
CA TYR B 162 -50.50 -46.91 -5.95
C TYR B 162 -50.66 -48.40 -5.55
N LYS B 163 -50.40 -48.68 -4.27
CA LYS B 163 -50.28 -50.04 -3.78
C LYS B 163 -51.59 -50.85 -3.82
N SER B 164 -52.71 -50.15 -4.01
CA SER B 164 -54.01 -50.79 -4.12
C SER B 164 -54.22 -51.57 -5.45
N PHE B 165 -53.48 -51.20 -6.49
CA PHE B 165 -53.69 -51.81 -7.80
C PHE B 165 -53.24 -53.26 -7.81
N TRP B 166 -54.04 -54.11 -8.47
CA TRP B 166 -53.86 -55.56 -8.46
C TRP B 166 -53.81 -56.15 -7.04
N ASN B 167 -54.37 -55.41 -6.07
CA ASN B 167 -54.44 -55.85 -4.68
C ASN B 167 -53.05 -56.11 -4.06
N ARG B 168 -52.02 -55.44 -4.57
CA ARG B 168 -50.64 -55.67 -4.12
C ARG B 168 -50.40 -55.37 -2.65
N ASP B 169 -51.03 -54.30 -2.18
CA ASP B 169 -50.93 -53.88 -0.79
C ASP B 169 -51.25 -55.04 0.14
N GLU B 170 -52.28 -55.81 -0.19
CA GLU B 170 -52.69 -56.95 0.63
C GLU B 170 -51.81 -58.20 0.48
N ILE B 171 -51.63 -58.67 -0.75
CA ILE B 171 -51.00 -59.98 -0.94
C ILE B 171 -49.49 -59.94 -0.64
N TYR B 172 -48.85 -58.78 -0.81
CA TYR B 172 -47.42 -58.67 -0.51
C TYR B 172 -47.10 -58.99 0.95
N LYS B 173 -48.05 -58.73 1.84
CA LYS B 173 -47.85 -59.00 3.27
C LYS B 173 -47.84 -60.50 3.54
N GLN B 174 -48.61 -61.26 2.77
CA GLN B 174 -48.61 -62.71 2.86
C GLN B 174 -47.29 -63.26 2.31
N PHE B 175 -46.77 -62.60 1.27
CA PHE B 175 -45.47 -62.94 0.68
C PHE B 175 -44.34 -62.65 1.67
N GLY B 176 -44.55 -61.64 2.50
CA GLY B 176 -43.55 -61.23 3.47
C GLY B 176 -42.57 -60.23 2.95
N TYR B 177 -43.03 -59.37 2.03
CA TYR B 177 -42.22 -58.26 1.54
C TYR B 177 -42.11 -57.20 2.64
N ASP B 178 -40.89 -56.89 3.06
CA ASP B 178 -40.66 -55.92 4.12
C ASP B 178 -41.13 -54.54 3.71
N ASN B 179 -40.91 -54.20 2.44
CA ASN B 179 -41.22 -52.87 1.96
C ASN B 179 -41.95 -52.85 0.63
N PHE B 180 -42.84 -51.87 0.49
CA PHE B 180 -43.47 -51.59 -0.79
C PHE B 180 -43.39 -50.08 -1.02
N PHE B 181 -42.40 -49.66 -1.80
CA PHE B 181 -42.27 -48.25 -2.18
C PHE B 181 -43.18 -47.94 -3.36
N ASP B 182 -44.44 -47.63 -3.07
CA ASP B 182 -45.40 -47.33 -4.14
C ASP B 182 -45.38 -45.84 -4.49
N ALA B 183 -46.37 -45.41 -5.27
CA ALA B 183 -46.41 -44.06 -5.81
C ALA B 183 -46.41 -43.00 -4.70
N SER B 184 -46.87 -43.37 -3.51
CA SER B 184 -46.91 -42.44 -2.40
C SER B 184 -45.51 -42.03 -1.95
N TYR B 185 -44.50 -42.82 -2.34
CA TYR B 185 -43.12 -42.50 -2.02
C TYR B 185 -42.42 -41.69 -3.13
N TYR B 186 -43.18 -41.35 -4.17
CA TYR B 186 -42.63 -40.66 -5.34
C TYR B 186 -43.32 -39.32 -5.57
N ASP B 187 -42.66 -38.48 -6.39
CA ASP B 187 -43.18 -37.19 -6.77
C ASP B 187 -44.09 -37.36 -7.99
N MET B 188 -45.38 -37.41 -7.73
CA MET B 188 -46.35 -37.70 -8.78
C MET B 188 -46.90 -36.43 -9.43
N ASN B 189 -46.02 -35.52 -9.82
CA ASN B 189 -46.45 -34.28 -10.48
C ASN B 189 -46.90 -34.60 -11.89
N GLU B 190 -47.61 -33.68 -12.53
CA GLU B 190 -48.32 -34.06 -13.76
C GLU B 190 -47.40 -34.14 -14.99
N ALA B 191 -46.22 -33.55 -14.89
CA ALA B 191 -45.24 -33.64 -15.97
C ALA B 191 -44.51 -34.98 -15.96
N ASP B 192 -44.47 -35.65 -14.80
CA ASP B 192 -43.74 -36.91 -14.63
C ASP B 192 -44.67 -38.12 -14.61
N VAL B 193 -45.96 -37.87 -14.79
CA VAL B 193 -46.97 -38.92 -14.65
C VAL B 193 -47.71 -39.17 -15.96
N SER B 194 -47.85 -40.45 -16.29
CA SER B 194 -48.65 -40.94 -17.42
C SER B 194 -49.98 -41.53 -16.89
N ASN B 195 -50.71 -42.33 -17.67
CA ASN B 195 -52.02 -42.78 -17.18
C ASN B 195 -51.98 -44.11 -16.41
N TYR B 196 -50.82 -44.73 -16.34
CA TYR B 196 -50.65 -45.82 -15.40
C TYR B 196 -49.82 -45.41 -14.21
N GLY B 197 -49.28 -44.19 -14.23
CA GLY B 197 -48.50 -43.68 -13.13
C GLY B 197 -47.18 -43.05 -13.52
N LEU B 198 -46.21 -43.10 -12.60
CA LEU B 198 -44.94 -42.41 -12.80
C LEU B 198 -44.14 -43.02 -13.96
N LYS B 199 -43.54 -42.17 -14.78
CA LYS B 199 -42.72 -42.63 -15.90
C LYS B 199 -41.40 -43.26 -15.43
N ASP B 200 -40.84 -44.14 -16.25
CA ASP B 200 -39.70 -44.97 -15.80
C ASP B 200 -38.48 -44.13 -15.44
N LYS B 201 -38.23 -43.06 -16.16
CA LYS B 201 -37.03 -42.25 -15.90
C LYS B 201 -37.08 -41.50 -14.55
N PRO B 202 -38.17 -40.77 -14.24
CA PRO B 202 -38.23 -40.26 -12.86
C PRO B 202 -38.35 -41.36 -11.80
N PHE B 203 -39.00 -42.47 -12.15
CA PHE B 203 -39.12 -43.61 -11.24
C PHE B 203 -37.78 -44.17 -10.78
N PHE B 204 -36.91 -44.51 -11.74
CA PHE B 204 -35.61 -45.08 -11.41
C PHE B 204 -34.70 -44.10 -10.70
N LYS B 205 -34.82 -42.82 -11.05
CA LYS B 205 -33.94 -41.84 -10.45
C LYS B 205 -34.35 -41.57 -9.00
N GLU B 206 -35.65 -41.54 -8.73
CA GLU B 206 -36.14 -41.31 -7.37
C GLU B 206 -36.06 -42.58 -6.49
N SER B 207 -35.79 -43.73 -7.12
CA SER B 207 -35.66 -44.98 -6.38
C SER B 207 -34.30 -45.09 -5.70
N GLU B 208 -33.36 -44.27 -6.17
CA GLU B 208 -31.96 -44.39 -5.76
C GLU B 208 -31.79 -44.11 -4.27
N GLU B 209 -32.46 -43.08 -3.79
CA GLU B 209 -32.47 -42.75 -2.37
C GLU B 209 -32.89 -43.95 -1.53
N TYR B 210 -33.94 -44.64 -2.00
CA TYR B 210 -34.52 -45.74 -1.24
C TYR B 210 -33.64 -46.99 -1.26
N LEU B 211 -33.09 -47.31 -2.43
CA LEU B 211 -32.27 -48.51 -2.55
C LEU B 211 -30.97 -48.35 -1.79
N SER B 212 -30.42 -47.14 -1.78
CA SER B 212 -29.13 -46.88 -1.13
C SER B 212 -29.21 -46.93 0.38
N SER B 213 -30.41 -46.75 0.92
CA SER B 213 -30.58 -46.83 2.37
C SER B 213 -31.33 -48.09 2.77
N LEU B 214 -31.43 -49.03 1.83
CA LEU B 214 -32.00 -50.34 2.08
C LEU B 214 -30.93 -51.29 2.63
N GLN B 215 -31.24 -51.92 3.76
CA GLN B 215 -30.28 -52.79 4.43
C GLN B 215 -29.87 -53.96 3.54
N GLN B 216 -28.56 -54.20 3.45
CA GLN B 216 -28.02 -55.33 2.69
C GLN B 216 -27.70 -56.51 3.61
N PRO B 217 -27.85 -57.76 3.12
CA PRO B 217 -28.29 -58.15 1.77
C PRO B 217 -29.79 -57.92 1.55
N PHE B 218 -30.17 -57.48 0.36
CA PHE B 218 -31.59 -57.29 0.09
C PHE B 218 -32.07 -58.08 -1.15
N TYR B 219 -33.38 -58.24 -1.21
CA TYR B 219 -34.07 -58.91 -2.31
C TYR B 219 -35.09 -57.92 -2.86
N THR B 220 -34.87 -57.41 -4.08
CA THR B 220 -35.69 -56.29 -4.58
C THR B 220 -36.28 -56.50 -5.97
N LYS B 221 -37.41 -55.84 -6.25
CA LYS B 221 -37.98 -55.88 -7.59
C LYS B 221 -38.47 -54.48 -7.99
N PHE B 222 -38.05 -54.02 -9.17
CA PHE B 222 -38.45 -52.72 -9.69
C PHE B 222 -39.42 -52.95 -10.81
N ILE B 223 -40.70 -52.68 -10.55
CA ILE B 223 -41.75 -52.90 -11.53
C ILE B 223 -41.99 -51.63 -12.34
N THR B 224 -41.48 -51.61 -13.57
CA THR B 224 -41.63 -50.46 -14.46
C THR B 224 -43.06 -50.41 -15.00
N LEU B 225 -43.44 -49.32 -15.66
CA LEU B 225 -44.81 -49.18 -16.11
C LEU B 225 -45.04 -48.36 -17.40
N THR B 226 -44.02 -47.68 -17.93
CA THR B 226 -44.18 -46.82 -19.12
C THR B 226 -44.56 -47.63 -20.37
N ASN B 227 -44.03 -48.84 -20.51
CA ASN B 227 -44.32 -49.70 -21.65
C ASN B 227 -45.61 -50.52 -21.46
N HIS B 228 -46.74 -49.85 -21.23
CA HIS B 228 -48.09 -50.44 -21.21
C HIS B 228 -48.86 -50.13 -22.47
N PHE B 229 -49.68 -51.08 -22.92
CA PHE B 229 -50.64 -50.85 -24.00
C PHE B 229 -51.51 -49.65 -23.65
N PRO B 230 -51.83 -48.78 -24.64
CA PRO B 230 -51.50 -48.78 -26.08
C PRO B 230 -50.20 -48.05 -26.44
N TYR B 231 -49.29 -47.93 -25.49
CA TYR B 231 -47.95 -47.36 -25.68
C TYR B 231 -47.93 -45.88 -26.13
N PRO B 232 -48.59 -45.01 -25.35
CA PRO B 232 -48.51 -43.57 -25.65
C PRO B 232 -47.18 -42.94 -25.17
N ILE B 233 -46.66 -41.98 -25.92
CA ILE B 233 -45.46 -41.26 -25.46
C ILE B 233 -45.46 -39.85 -26.02
N ASP B 234 -45.07 -38.89 -25.20
CA ASP B 234 -44.92 -37.51 -25.67
C ASP B 234 -43.74 -37.40 -26.61
N GLU B 235 -43.94 -36.56 -27.62
CA GLU B 235 -42.93 -36.31 -28.65
C GLU B 235 -41.56 -35.92 -28.08
N LYS B 236 -41.57 -35.19 -26.98
CA LYS B 236 -40.34 -34.68 -26.41
C LYS B 236 -39.58 -35.77 -25.64
N ASP B 237 -40.28 -36.86 -25.29
CA ASP B 237 -39.68 -37.96 -24.55
C ASP B 237 -39.12 -39.05 -25.46
N ALA B 238 -39.55 -39.05 -26.71
CA ALA B 238 -39.22 -40.13 -27.63
C ALA B 238 -37.93 -39.83 -28.38
N SER B 239 -36.99 -40.77 -28.34
CA SER B 239 -35.73 -40.61 -29.08
C SER B 239 -35.72 -41.42 -30.38
N ILE B 240 -36.79 -42.17 -30.63
CA ILE B 240 -36.94 -42.93 -31.86
C ILE B 240 -38.32 -42.67 -32.46
N ALA B 241 -38.41 -42.73 -33.79
CA ALA B 241 -39.66 -42.53 -34.51
C ALA B 241 -40.48 -43.82 -34.48
N PRO B 242 -41.82 -43.70 -34.60
CA PRO B 242 -42.65 -44.92 -34.62
C PRO B 242 -42.44 -45.79 -35.87
N ALA B 243 -42.81 -47.06 -35.76
CA ALA B 243 -42.84 -47.96 -36.91
C ALA B 243 -43.88 -47.49 -37.92
N THR B 244 -43.93 -48.15 -39.07
CA THR B 244 -44.77 -47.71 -40.18
C THR B 244 -45.75 -48.77 -40.65
N THR B 245 -46.34 -49.50 -39.72
CA THR B 245 -47.31 -50.54 -40.08
C THR B 245 -48.71 -49.99 -40.34
N GLY B 246 -49.01 -48.80 -39.82
CA GLY B 246 -50.35 -48.23 -39.92
C GLY B 246 -51.24 -48.65 -38.75
N ASP B 247 -50.69 -49.50 -37.90
CA ASP B 247 -51.34 -49.96 -36.67
C ASP B 247 -50.72 -49.19 -35.50
N SER B 248 -51.47 -48.25 -34.93
CA SER B 248 -50.90 -47.28 -33.99
C SER B 248 -50.22 -47.88 -32.75
N SER B 249 -50.85 -48.85 -32.09
CA SER B 249 -50.27 -49.39 -30.86
C SER B 249 -49.02 -50.22 -31.17
N VAL B 250 -48.99 -50.87 -32.33
CA VAL B 250 -47.79 -51.57 -32.75
C VAL B 250 -46.68 -50.56 -33.06
N ASP B 251 -47.02 -49.47 -33.73
CA ASP B 251 -46.02 -48.51 -34.18
C ASP B 251 -45.37 -47.71 -33.06
N THR B 252 -46.12 -47.37 -32.01
CA THR B 252 -45.55 -46.57 -30.93
C THR B 252 -44.98 -47.49 -29.84
N TYR B 253 -45.28 -48.77 -29.92
CA TYR B 253 -44.71 -49.77 -29.02
C TYR B 253 -43.19 -49.68 -28.98
N PHE B 254 -42.60 -49.46 -30.15
CA PHE B 254 -41.14 -49.37 -30.30
C PHE B 254 -40.58 -48.14 -29.62
N GLN B 255 -41.40 -47.09 -29.50
CA GLN B 255 -40.95 -45.86 -28.86
C GLN B 255 -40.93 -45.96 -27.34
N THR B 256 -41.94 -46.60 -26.77
CA THR B 256 -41.96 -46.80 -25.32
C THR B 256 -40.93 -47.86 -24.91
N ALA B 257 -40.63 -48.81 -25.79
CA ALA B 257 -39.57 -49.79 -25.53
C ALA B 257 -38.18 -49.14 -25.46
N ARG B 258 -37.93 -48.19 -26.36
CA ARG B 258 -36.69 -47.39 -26.37
C ARG B 258 -36.53 -46.53 -25.12
N TYR B 259 -37.62 -45.88 -24.73
CA TYR B 259 -37.64 -45.05 -23.53
C TYR B 259 -37.34 -45.89 -22.29
N LEU B 260 -37.96 -47.07 -22.22
CA LEU B 260 -37.68 -48.03 -21.15
C LEU B 260 -36.21 -48.42 -21.13
N ASP B 261 -35.67 -48.73 -22.31
CA ASP B 261 -34.26 -49.06 -22.49
C ASP B 261 -33.34 -47.99 -21.91
N GLU B 262 -33.65 -46.73 -22.23
CA GLU B 262 -32.86 -45.61 -21.74
C GLU B 262 -32.94 -45.44 -20.23
N SER B 263 -34.14 -45.64 -19.67
CA SER B 263 -34.34 -45.54 -18.23
C SER B 263 -33.56 -46.62 -17.50
N VAL B 264 -33.52 -47.82 -18.08
CA VAL B 264 -32.79 -48.94 -17.50
C VAL B 264 -31.28 -48.71 -17.59
N LYS B 265 -30.81 -48.11 -18.68
CA LYS B 265 -29.38 -47.81 -18.78
C LYS B 265 -28.92 -46.87 -17.67
N SER B 266 -29.68 -45.82 -17.42
CA SER B 266 -29.39 -44.90 -16.33
C SER B 266 -29.44 -45.58 -14.96
N PHE B 267 -30.38 -46.51 -14.79
CA PHE B 267 -30.50 -47.24 -13.54
C PHE B 267 -29.23 -48.07 -13.28
N VAL B 268 -28.77 -48.78 -14.31
CA VAL B 268 -27.57 -49.59 -14.17
C VAL B 268 -26.29 -48.75 -13.98
N ASP B 269 -26.22 -47.60 -14.66
CA ASP B 269 -25.14 -46.63 -14.43
C ASP B 269 -25.06 -46.30 -12.94
N TYR B 270 -26.22 -46.05 -12.34
CA TYR B 270 -26.31 -45.80 -10.90
C TYR B 270 -25.78 -47.01 -10.11
N LEU B 271 -26.22 -48.20 -10.50
CA LEU B 271 -25.81 -49.42 -9.82
C LEU B 271 -24.30 -49.62 -9.91
N LYS B 272 -23.73 -49.33 -11.07
CA LYS B 272 -22.30 -49.45 -11.24
C LYS B 272 -21.56 -48.44 -10.38
N LYS B 273 -22.10 -47.23 -10.32
CA LYS B 273 -21.48 -46.15 -9.56
C LYS B 273 -21.62 -46.35 -8.04
N SER B 274 -22.69 -47.00 -7.60
CA SER B 274 -22.89 -47.25 -6.18
C SER B 274 -22.22 -48.54 -5.71
N GLY B 275 -21.69 -49.33 -6.65
CA GLY B 275 -21.07 -50.60 -6.32
C GLY B 275 -22.00 -51.78 -6.20
N LEU B 276 -23.30 -51.53 -6.39
CA LEU B 276 -24.30 -52.58 -6.34
C LEU B 276 -24.19 -53.54 -7.54
N TYR B 277 -23.65 -53.05 -8.65
CA TYR B 277 -23.46 -53.87 -9.85
C TYR B 277 -22.56 -55.08 -9.54
N ASP B 278 -21.63 -54.89 -8.62
CA ASP B 278 -20.63 -55.91 -8.34
C ASP B 278 -21.00 -56.85 -7.20
N ASN B 279 -22.01 -56.51 -6.39
CA ASN B 279 -22.40 -57.39 -5.28
C ASN B 279 -23.84 -57.87 -5.35
N SER B 280 -24.44 -57.79 -6.54
CA SER B 280 -25.83 -58.15 -6.76
C SER B 280 -26.00 -59.04 -7.99
N VAL B 281 -26.94 -59.95 -7.91
CA VAL B 281 -27.44 -60.63 -9.10
C VAL B 281 -28.49 -59.73 -9.73
N ILE B 282 -28.25 -59.28 -10.95
CA ILE B 282 -29.21 -58.42 -11.62
C ILE B 282 -29.93 -59.23 -12.67
N ILE B 283 -31.25 -59.27 -12.60
CA ILE B 283 -32.04 -60.11 -13.49
C ILE B 283 -33.08 -59.29 -14.25
N MET B 284 -32.91 -59.17 -15.57
CA MET B 284 -33.92 -58.54 -16.43
C MET B 284 -34.83 -59.59 -17.02
N TYR B 285 -36.14 -59.36 -16.97
CA TYR B 285 -37.11 -60.30 -17.53
C TYR B 285 -38.33 -59.56 -18.09
N GLY B 286 -39.03 -60.18 -19.04
CA GLY B 286 -40.30 -59.66 -19.52
C GLY B 286 -41.45 -60.37 -18.81
N ASP B 287 -42.60 -59.71 -18.63
CA ASP B 287 -43.69 -60.31 -17.85
C ASP B 287 -44.78 -60.99 -18.70
N HIS B 288 -45.08 -60.42 -19.87
CA HIS B 288 -46.04 -60.98 -20.83
C HIS B 288 -45.92 -60.20 -22.15
N TYR B 289 -46.73 -60.56 -23.15
CA TYR B 289 -46.67 -59.93 -24.47
C TYR B 289 -47.00 -58.43 -24.51
N GLY B 290 -46.41 -57.73 -25.47
CA GLY B 290 -46.75 -56.34 -25.72
C GLY B 290 -47.77 -56.23 -26.81
N ILE B 291 -47.64 -57.06 -27.83
CA ILE B 291 -48.59 -57.05 -28.94
C ILE B 291 -49.41 -58.35 -28.89
N SER B 292 -50.73 -58.19 -28.84
CA SER B 292 -51.63 -59.34 -28.79
C SER B 292 -51.74 -60.04 -30.15
N ASP B 293 -52.61 -61.04 -30.23
CA ASP B 293 -52.83 -61.77 -31.48
C ASP B 293 -53.85 -61.08 -32.38
N ASN B 294 -54.16 -59.82 -32.10
CA ASN B 294 -55.10 -59.09 -32.93
C ASN B 294 -54.41 -58.03 -33.80
N HIS B 295 -53.14 -58.27 -34.13
CA HIS B 295 -52.38 -57.32 -34.93
C HIS B 295 -51.56 -58.04 -35.99
N GLU B 296 -52.19 -59.00 -36.66
CA GLU B 296 -51.51 -59.93 -37.56
C GLU B 296 -50.86 -59.25 -38.76
N GLU B 297 -51.56 -58.30 -39.37
CA GLU B 297 -51.02 -57.59 -40.53
C GLU B 297 -49.78 -56.80 -40.17
N ALA B 298 -49.81 -56.09 -39.05
CA ALA B 298 -48.68 -55.28 -38.62
C ALA B 298 -47.50 -56.16 -38.19
N MET B 299 -47.79 -57.25 -37.47
CA MET B 299 -46.74 -58.12 -36.96
C MET B 299 -46.12 -58.96 -38.06
N THR B 300 -46.91 -59.22 -39.11
CA THR B 300 -46.37 -59.87 -40.32
C THR B 300 -45.29 -58.97 -40.92
N LYS B 301 -45.54 -57.66 -40.94
CA LYS B 301 -44.54 -56.71 -41.41
C LYS B 301 -43.33 -56.61 -40.48
N ILE B 302 -43.60 -56.53 -39.18
CA ILE B 302 -42.55 -56.39 -38.15
C ILE B 302 -41.56 -57.55 -38.10
N LEU B 303 -42.07 -58.77 -38.18
CA LEU B 303 -41.21 -59.95 -38.01
C LEU B 303 -40.76 -60.52 -39.35
N GLY B 304 -41.34 -60.03 -40.43
CA GLY B 304 -40.90 -60.43 -41.76
C GLY B 304 -41.40 -61.82 -42.15
N LYS B 305 -42.49 -62.26 -41.53
CA LYS B 305 -43.06 -63.57 -41.81
C LYS B 305 -44.54 -63.59 -41.46
N ASP B 306 -45.28 -64.52 -42.08
CA ASP B 306 -46.72 -64.63 -41.90
C ASP B 306 -46.99 -64.86 -40.43
N TYR B 307 -47.68 -63.91 -39.82
CA TYR B 307 -47.97 -63.99 -38.42
C TYR B 307 -49.17 -64.87 -38.21
N ASN B 308 -48.96 -66.18 -38.30
CA ASN B 308 -50.02 -67.16 -38.10
C ASN B 308 -50.07 -67.58 -36.63
N THR B 309 -50.91 -68.55 -36.32
CA THR B 309 -51.09 -69.03 -34.95
C THR B 309 -49.78 -69.58 -34.35
N PHE B 310 -49.02 -70.29 -35.15
CA PHE B 310 -47.74 -70.84 -34.73
C PHE B 310 -46.79 -69.73 -34.37
N GLU B 311 -46.70 -68.71 -35.23
CA GLU B 311 -45.79 -67.60 -34.98
C GLU B 311 -46.17 -66.79 -33.74
N ASN B 312 -47.47 -66.68 -33.47
CA ASN B 312 -47.94 -65.95 -32.30
C ASN B 312 -47.49 -66.61 -30.98
N ALA B 313 -47.54 -67.94 -30.95
CA ALA B 313 -47.03 -68.69 -29.80
C ALA B 313 -45.54 -68.44 -29.62
N GLN B 314 -44.80 -68.41 -30.74
CA GLN B 314 -43.36 -68.22 -30.71
C GLN B 314 -43.00 -66.82 -30.23
N ALA B 315 -43.93 -65.88 -30.41
CA ALA B 315 -43.73 -64.51 -29.97
C ALA B 315 -43.98 -64.35 -28.47
N GLN B 316 -44.39 -65.41 -27.80
CA GLN B 316 -44.63 -65.33 -26.36
C GLN B 316 -43.30 -65.43 -25.57
N ARG B 317 -42.19 -65.55 -26.29
CA ARG B 317 -40.86 -65.45 -25.67
C ARG B 317 -40.69 -64.06 -25.06
N VAL B 318 -40.21 -64.03 -23.83
CA VAL B 318 -39.85 -62.80 -23.16
C VAL B 318 -38.38 -62.91 -22.70
N PRO B 319 -37.73 -61.77 -22.43
CA PRO B 319 -36.31 -61.83 -22.08
C PRO B 319 -36.05 -62.48 -20.71
N LEU B 320 -34.90 -63.12 -20.57
CA LEU B 320 -34.36 -63.45 -19.26
C LEU B 320 -32.85 -63.30 -19.30
N MET B 321 -32.35 -62.31 -18.58
CA MET B 321 -30.93 -61.99 -18.61
C MET B 321 -30.42 -61.88 -17.19
N ILE B 322 -29.61 -62.85 -16.78
CA ILE B 322 -29.14 -62.91 -15.42
C ILE B 322 -27.65 -62.57 -15.36
N HIS B 323 -27.33 -61.41 -14.80
CA HIS B 323 -25.94 -60.99 -14.63
C HIS B 323 -25.42 -61.45 -13.27
N VAL B 324 -24.46 -62.34 -13.27
CA VAL B 324 -23.87 -62.87 -12.04
C VAL B 324 -22.41 -62.45 -12.01
N PRO B 325 -22.05 -61.57 -11.06
CA PRO B 325 -20.67 -61.05 -10.99
C PRO B 325 -19.60 -62.15 -10.87
N GLY B 326 -18.61 -62.11 -11.76
CA GLY B 326 -17.48 -63.02 -11.69
C GLY B 326 -17.74 -64.40 -12.26
N VAL B 327 -18.92 -64.58 -12.84
CA VAL B 327 -19.30 -65.88 -13.40
C VAL B 327 -19.42 -65.73 -14.91
N GLN B 328 -18.90 -66.72 -15.64
CA GLN B 328 -18.96 -66.72 -17.09
C GLN B 328 -20.36 -67.01 -17.63
N GLY B 329 -20.87 -66.04 -18.38
CA GLY B 329 -22.19 -66.15 -18.97
C GLY B 329 -22.16 -66.71 -20.38
N GLY B 330 -23.21 -66.42 -21.13
CA GLY B 330 -23.36 -66.95 -22.48
C GLY B 330 -24.82 -67.21 -22.80
N VAL B 331 -25.14 -67.32 -24.08
CA VAL B 331 -26.52 -67.59 -24.50
C VAL B 331 -27.02 -68.95 -24.03
N GLN B 332 -28.21 -68.96 -23.42
CA GLN B 332 -28.87 -70.17 -22.95
C GLN B 332 -30.08 -70.50 -23.83
N GLU B 333 -30.00 -71.60 -24.60
CA GLU B 333 -31.06 -71.92 -25.55
C GLU B 333 -32.05 -72.96 -25.05
N GLN B 334 -31.79 -73.54 -23.87
CA GLN B 334 -32.73 -74.52 -23.30
C GLN B 334 -34.07 -73.86 -23.02
N TYR B 335 -35.14 -74.53 -23.42
CA TYR B 335 -36.49 -74.01 -23.28
C TYR B 335 -36.89 -74.00 -21.80
N GLY B 336 -37.53 -72.92 -21.36
CA GLY B 336 -38.00 -72.82 -19.98
C GLY B 336 -39.06 -71.74 -19.84
N GLY B 337 -39.61 -71.60 -18.63
CA GLY B 337 -40.64 -70.61 -18.40
C GLY B 337 -40.47 -69.81 -17.13
N GLN B 338 -41.35 -68.83 -16.92
CA GLN B 338 -41.30 -68.00 -15.72
C GLN B 338 -41.41 -68.83 -14.44
N VAL B 339 -42.09 -69.98 -14.53
CA VAL B 339 -42.25 -70.86 -13.38
C VAL B 339 -40.89 -71.39 -12.89
N ASP B 340 -39.91 -71.41 -13.79
CA ASP B 340 -38.58 -71.94 -13.50
C ASP B 340 -37.65 -70.92 -12.85
N LEU B 341 -38.07 -69.66 -12.78
CA LEU B 341 -37.17 -68.59 -12.35
C LEU B 341 -36.79 -68.65 -10.86
N LEU B 342 -37.78 -68.81 -9.97
CA LEU B 342 -37.48 -68.88 -8.54
C LEU B 342 -36.54 -70.05 -8.19
N PRO B 343 -36.81 -71.27 -8.69
CA PRO B 343 -35.84 -72.36 -8.45
C PRO B 343 -34.44 -72.10 -9.01
N THR B 344 -34.35 -71.42 -10.15
CA THR B 344 -33.07 -71.07 -10.76
C THR B 344 -32.30 -70.11 -9.83
N LEU B 345 -33.00 -69.09 -9.34
CA LEU B 345 -32.41 -68.10 -8.46
C LEU B 345 -31.94 -68.70 -7.13
N LEU B 346 -32.75 -69.57 -6.54
CA LEU B 346 -32.43 -70.14 -5.23
C LEU B 346 -31.13 -70.95 -5.27
N HIS B 347 -30.95 -71.75 -6.32
CA HIS B 347 -29.71 -72.53 -6.50
C HIS B 347 -28.48 -71.63 -6.71
N LEU B 348 -28.63 -70.53 -7.43
CA LEU B 348 -27.56 -69.55 -7.61
C LEU B 348 -27.13 -68.97 -6.25
N LEU B 349 -28.10 -68.78 -5.36
CA LEU B 349 -27.83 -68.28 -4.01
C LEU B 349 -27.37 -69.38 -3.05
N GLY B 350 -27.38 -70.63 -3.52
CA GLY B 350 -26.95 -71.76 -2.71
C GLY B 350 -28.02 -72.30 -1.79
N VAL B 351 -29.28 -72.04 -2.12
CA VAL B 351 -30.42 -72.50 -1.31
C VAL B 351 -31.08 -73.74 -1.89
N ASP B 352 -31.23 -74.79 -1.08
CA ASP B 352 -31.98 -75.98 -1.49
C ASP B 352 -33.47 -75.76 -1.35
N ASN B 353 -34.21 -76.02 -2.43
CA ASN B 353 -35.66 -75.77 -2.45
C ASN B 353 -36.45 -77.06 -2.66
N LYS B 354 -35.81 -78.20 -2.39
CA LYS B 354 -36.37 -79.51 -2.70
C LYS B 354 -37.68 -79.76 -1.95
N GLU B 355 -37.85 -79.18 -0.75
CA GLU B 355 -39.02 -79.46 0.06
C GLU B 355 -40.16 -78.47 -0.16
N TYR B 356 -39.91 -77.49 -1.02
CA TYR B 356 -40.90 -76.48 -1.28
C TYR B 356 -41.88 -76.95 -2.34
N LEU B 357 -43.14 -76.54 -2.20
CA LEU B 357 -44.12 -76.81 -3.24
C LEU B 357 -43.94 -75.80 -4.35
N GLN B 358 -43.00 -76.11 -5.24
CA GLN B 358 -42.66 -75.24 -6.34
C GLN B 358 -42.62 -76.12 -7.59
N PHE B 359 -43.24 -75.66 -8.66
CA PHE B 359 -43.46 -76.51 -9.84
C PHE B 359 -42.39 -76.38 -10.91
N GLY B 360 -41.55 -75.36 -10.78
CA GLY B 360 -40.47 -75.13 -11.74
C GLY B 360 -39.19 -75.86 -11.41
N THR B 361 -38.23 -75.83 -12.33
CA THR B 361 -36.92 -76.43 -12.12
C THR B 361 -35.76 -75.51 -12.53
N ASP B 362 -34.62 -75.67 -11.87
CA ASP B 362 -33.40 -74.92 -12.17
C ASP B 362 -33.03 -74.96 -13.65
N LEU B 363 -33.06 -73.80 -14.30
CA LEU B 363 -32.78 -73.68 -15.73
C LEU B 363 -31.32 -73.99 -16.08
N LEU B 364 -30.45 -73.93 -15.08
CA LEU B 364 -29.02 -74.20 -15.30
C LEU B 364 -28.68 -75.65 -14.97
N SER B 365 -29.68 -76.40 -14.52
CA SER B 365 -29.49 -77.81 -14.19
C SER B 365 -29.61 -78.70 -15.43
N LYS B 366 -28.78 -79.73 -15.50
CA LYS B 366 -28.82 -80.69 -16.60
C LYS B 366 -30.11 -81.50 -16.57
N ASP B 367 -30.78 -81.52 -15.43
CA ASP B 367 -32.04 -82.26 -15.30
C ASP B 367 -33.27 -81.38 -15.57
N HIS B 368 -33.05 -80.12 -15.94
CA HIS B 368 -34.17 -79.29 -16.37
C HIS B 368 -34.71 -79.86 -17.68
N LYS B 369 -36.00 -80.20 -17.69
CA LYS B 369 -36.59 -80.69 -18.92
C LYS B 369 -37.15 -79.53 -19.74
N GLN B 370 -36.94 -79.59 -21.06
CA GLN B 370 -37.36 -78.51 -21.95
C GLN B 370 -38.83 -78.64 -22.36
N LEU B 371 -39.72 -78.38 -21.40
CA LEU B 371 -41.16 -78.44 -21.61
C LEU B 371 -41.77 -77.21 -20.95
N VAL B 372 -42.52 -76.43 -21.71
CA VAL B 372 -43.06 -75.16 -21.23
C VAL B 372 -44.58 -75.07 -21.34
N PRO B 373 -45.30 -75.31 -20.23
CA PRO B 373 -46.77 -75.16 -20.20
C PRO B 373 -47.25 -73.71 -20.42
N PHE B 374 -48.31 -73.55 -21.20
CA PHE B 374 -49.03 -72.29 -21.24
C PHE B 374 -50.23 -72.42 -20.29
N ARG B 375 -50.78 -71.30 -19.83
CA ARG B 375 -51.88 -71.35 -18.85
C ARG B 375 -53.14 -72.04 -19.40
N ASN B 376 -53.40 -71.92 -20.70
CA ASN B 376 -54.59 -72.53 -21.31
C ASN B 376 -54.46 -74.00 -21.67
N GLY B 377 -53.33 -74.60 -21.30
CA GLY B 377 -53.11 -76.01 -21.56
C GLY B 377 -52.20 -76.32 -22.74
N ASP B 378 -51.92 -75.32 -23.57
CA ASP B 378 -50.92 -75.46 -24.62
C ASP B 378 -49.52 -75.66 -24.02
N TYR B 379 -48.54 -76.03 -24.85
CA TYR B 379 -47.16 -76.23 -24.39
C TYR B 379 -46.16 -76.14 -25.54
N ILE B 380 -44.89 -75.83 -25.23
CA ILE B 380 -43.79 -75.80 -26.21
C ILE B 380 -42.67 -76.76 -25.82
N THR B 381 -42.20 -77.59 -26.76
CA THR B 381 -40.98 -78.40 -26.56
C THR B 381 -40.09 -78.15 -27.78
N PRO B 382 -38.80 -78.55 -27.69
CA PRO B 382 -37.94 -78.32 -28.87
C PRO B 382 -38.35 -79.09 -30.14
N THR B 383 -39.18 -80.12 -30.00
CA THR B 383 -39.57 -80.94 -31.15
C THR B 383 -41.01 -80.69 -31.60
N TYR B 384 -41.98 -80.98 -30.72
CA TYR B 384 -43.38 -80.73 -31.04
C TYR B 384 -44.04 -79.81 -30.01
N SER B 385 -44.99 -79.00 -30.47
CA SER B 385 -45.72 -78.09 -29.59
C SER B 385 -47.21 -78.16 -29.87
N MET B 386 -48.02 -78.00 -28.82
CA MET B 386 -49.46 -77.91 -29.02
C MET B 386 -49.90 -76.46 -28.91
N ILE B 387 -50.52 -75.94 -29.97
CA ILE B 387 -50.94 -74.54 -30.01
C ILE B 387 -52.37 -74.45 -30.52
N GLY B 388 -53.25 -73.88 -29.70
CA GLY B 388 -54.68 -73.88 -29.95
C GLY B 388 -55.25 -75.30 -29.93
N GLY B 389 -54.61 -76.18 -29.17
CA GLY B 389 -55.03 -77.56 -29.07
C GLY B 389 -54.56 -78.44 -30.22
N ASN B 390 -53.80 -77.85 -31.14
CA ASN B 390 -53.31 -78.56 -32.34
C ASN B 390 -51.79 -78.74 -32.32
N MET B 391 -51.30 -79.76 -33.01
CA MET B 391 -49.87 -80.10 -32.98
C MET B 391 -49.10 -79.45 -34.12
N TYR B 392 -47.90 -78.98 -33.81
CA TYR B 392 -47.01 -78.36 -34.79
C TYR B 392 -45.60 -78.88 -34.62
N ASN B 393 -44.86 -78.94 -35.72
CA ASN B 393 -43.42 -79.13 -35.65
C ASN B 393 -42.78 -77.83 -35.15
N GLN B 394 -42.11 -77.91 -34.00
CA GLN B 394 -41.53 -76.70 -33.40
C GLN B 394 -40.43 -76.13 -34.27
N GLN B 395 -39.76 -76.99 -35.02
CA GLN B 395 -38.64 -76.57 -35.85
C GLN B 395 -39.07 -76.00 -37.20
N THR B 396 -40.17 -76.50 -37.78
CA THR B 396 -40.57 -76.10 -39.13
C THR B 396 -41.82 -75.24 -39.14
N GLY B 397 -42.61 -75.36 -38.08
CA GLY B 397 -43.87 -74.64 -37.97
C GLY B 397 -45.00 -75.38 -38.65
N GLU B 398 -44.70 -76.53 -39.23
CA GLU B 398 -45.70 -77.28 -39.98
C GLU B 398 -46.63 -78.03 -39.04
N PRO B 399 -47.94 -77.98 -39.32
CA PRO B 399 -48.90 -78.73 -38.50
C PRO B 399 -48.62 -80.22 -38.57
N ILE B 400 -48.90 -80.92 -37.49
CA ILE B 400 -48.76 -82.37 -37.43
C ILE B 400 -50.14 -82.99 -37.36
N ALA B 401 -50.43 -83.87 -38.32
CA ALA B 401 -51.78 -84.39 -38.51
C ALA B 401 -52.26 -85.24 -37.34
N THR B 402 -51.41 -86.17 -36.89
CA THR B 402 -51.81 -87.11 -35.85
C THR B 402 -50.93 -87.05 -34.59
N GLU B 403 -51.56 -86.86 -33.44
CA GLU B 403 -50.86 -86.99 -32.16
C GLU B 403 -50.34 -88.40 -31.94
N THR B 404 -49.08 -88.51 -31.54
CA THR B 404 -48.54 -89.79 -31.14
C THR B 404 -48.86 -90.00 -29.65
N LYS B 405 -48.65 -91.22 -29.16
CA LYS B 405 -48.85 -91.53 -27.75
C LYS B 405 -48.00 -90.62 -26.85
N GLU B 406 -46.77 -90.33 -27.28
CA GLU B 406 -45.86 -89.50 -26.50
C GLU B 406 -46.41 -88.08 -26.37
N MET B 407 -47.01 -87.57 -27.45
CA MET B 407 -47.56 -86.23 -27.40
C MET B 407 -48.75 -86.16 -26.46
N LYS B 408 -49.61 -87.17 -26.51
CA LYS B 408 -50.79 -87.20 -25.64
C LYS B 408 -50.41 -87.29 -24.17
N GLU B 409 -49.43 -88.12 -23.83
CA GLU B 409 -48.95 -88.22 -22.45
C GLU B 409 -48.42 -86.86 -22.02
N THR B 410 -47.66 -86.19 -22.89
CA THR B 410 -47.14 -84.85 -22.59
C THR B 410 -48.27 -83.87 -22.30
N LYS B 411 -49.33 -83.93 -23.10
CA LYS B 411 -50.50 -83.10 -22.85
C LYS B 411 -51.04 -83.36 -21.44
N GLU B 412 -51.06 -84.62 -21.00
CA GLU B 412 -51.57 -84.95 -19.66
C GLU B 412 -50.68 -84.42 -18.54
N LYS B 413 -49.37 -84.43 -18.77
CA LYS B 413 -48.40 -83.92 -17.79
C LYS B 413 -48.57 -82.41 -17.56
N VAL B 414 -48.71 -81.68 -18.67
CA VAL B 414 -48.96 -80.24 -18.61
C VAL B 414 -50.27 -79.96 -17.87
N ALA B 415 -51.34 -80.70 -18.20
CA ALA B 415 -52.64 -80.53 -17.54
C ALA B 415 -52.56 -80.83 -16.04
N LYS B 416 -51.77 -81.84 -15.68
CA LYS B 416 -51.58 -82.22 -14.28
C LYS B 416 -50.86 -81.14 -13.49
N GLU B 417 -49.77 -80.64 -14.05
CA GLU B 417 -48.99 -79.58 -13.38
C GLU B 417 -49.85 -78.35 -13.07
N LEU B 418 -50.62 -77.90 -14.05
CA LEU B 418 -51.48 -76.73 -13.90
C LEU B 418 -52.57 -76.99 -12.88
N GLU B 419 -53.14 -78.19 -12.92
CA GLU B 419 -54.19 -78.56 -12.01
C GLU B 419 -53.67 -78.64 -10.56
N LEU B 420 -52.46 -79.13 -10.35
CA LEU B 420 -51.88 -79.21 -9.01
C LEU B 420 -51.55 -77.82 -8.47
N SER B 421 -51.04 -76.95 -9.34
CA SER B 421 -50.79 -75.56 -8.97
C SER B 421 -52.09 -74.89 -8.54
N ASP B 422 -53.16 -75.12 -9.29
CA ASP B 422 -54.47 -74.56 -8.95
C ASP B 422 -54.98 -75.08 -7.61
N SER B 423 -54.65 -76.35 -7.31
CA SER B 423 -55.08 -76.97 -6.06
C SER B 423 -54.38 -76.32 -4.86
N VAL B 424 -53.13 -75.86 -5.04
CA VAL B 424 -52.45 -75.11 -3.99
C VAL B 424 -53.21 -73.81 -3.68
N LEU B 425 -53.54 -73.05 -4.73
CA LEU B 425 -54.26 -71.78 -4.61
C LEU B 425 -55.72 -71.92 -4.16
N GLN B 426 -56.45 -72.87 -4.75
CA GLN B 426 -57.88 -73.02 -4.47
C GLN B 426 -58.14 -73.65 -3.11
N GLY B 427 -57.22 -74.52 -2.68
CA GLY B 427 -57.32 -75.17 -1.39
C GLY B 427 -56.54 -74.47 -0.29
N ASP B 428 -55.76 -73.43 -0.64
CA ASP B 428 -54.87 -72.74 0.29
C ASP B 428 -54.02 -73.75 1.06
N LEU B 429 -53.30 -74.58 0.33
CA LEU B 429 -52.71 -75.77 0.92
C LEU B 429 -51.48 -75.48 1.78
N LEU B 430 -50.88 -74.30 1.61
CA LEU B 430 -49.66 -73.96 2.35
C LEU B 430 -49.95 -73.60 3.82
N ARG B 431 -51.23 -73.43 4.16
CA ARG B 431 -51.66 -73.44 5.56
C ARG B 431 -51.21 -74.71 6.29
N PHE B 432 -51.22 -75.82 5.56
CA PHE B 432 -51.06 -77.15 6.16
C PHE B 432 -49.66 -77.75 6.00
N TYR B 433 -48.77 -77.03 5.33
CA TYR B 433 -47.46 -77.56 5.04
C TYR B 433 -46.40 -76.47 4.92
N ALA B 434 -45.26 -76.69 5.56
CA ALA B 434 -44.05 -75.93 5.32
C ALA B 434 -42.90 -76.89 5.48
N PRO B 435 -41.78 -76.65 4.78
CA PRO B 435 -40.60 -77.50 5.02
C PRO B 435 -40.15 -77.40 6.50
N ASP B 436 -39.51 -78.44 7.03
CA ASP B 436 -39.07 -78.40 8.43
C ASP B 436 -38.07 -77.26 8.64
N GLY B 437 -38.33 -76.44 9.67
CA GLY B 437 -37.48 -75.31 10.01
C GLY B 437 -37.87 -73.98 9.36
N PHE B 438 -38.82 -74.02 8.44
CA PHE B 438 -39.28 -72.79 7.82
C PHE B 438 -40.17 -72.04 8.80
N LYS B 439 -39.82 -70.80 9.09
CA LYS B 439 -40.60 -69.94 9.97
C LYS B 439 -41.54 -69.10 9.11
N LYS B 440 -42.83 -69.17 9.44
CA LYS B 440 -43.87 -68.61 8.58
C LYS B 440 -44.13 -67.11 8.78
N VAL B 441 -44.56 -66.46 7.69
CA VAL B 441 -44.86 -65.04 7.70
C VAL B 441 -46.10 -64.70 8.52
N ASP B 442 -45.97 -63.67 9.34
CA ASP B 442 -47.12 -63.07 10.00
C ASP B 442 -47.52 -61.80 9.26
N PRO B 443 -48.56 -61.88 8.42
CA PRO B 443 -48.94 -60.74 7.58
C PRO B 443 -49.35 -59.49 8.36
N SER B 444 -49.68 -59.65 9.64
CA SER B 444 -50.09 -58.52 10.47
C SER B 444 -48.92 -57.62 10.85
N LYS B 445 -47.70 -58.09 10.62
CA LYS B 445 -46.50 -57.35 11.03
C LYS B 445 -45.90 -56.46 9.93
N TYR B 446 -46.70 -56.15 8.91
CA TYR B 446 -46.25 -55.34 7.79
C TYR B 446 -47.14 -54.12 7.60
N ASN B 447 -46.51 -52.98 7.31
CA ASN B 447 -47.23 -51.75 7.00
C ASN B 447 -46.51 -50.93 5.93
N TYR B 448 -47.20 -50.67 4.81
CA TYR B 448 -46.60 -50.01 3.66
C TYR B 448 -46.98 -48.53 3.57
N ASN B 449 -47.85 -48.09 4.47
CA ASN B 449 -48.23 -46.69 4.53
C ASN B 449 -47.06 -45.82 4.99
N LYS B 450 -47.04 -44.56 4.55
CA LYS B 450 -45.94 -43.66 4.89
C LYS B 450 -46.04 -43.04 6.28
N SER C 34 -19.49 -13.80 23.77
CA SER C 34 -19.27 -15.24 23.77
C SER C 34 -18.23 -15.65 22.69
N ASP C 35 -17.80 -14.69 21.87
CA ASP C 35 -16.66 -14.92 20.98
C ASP C 35 -15.38 -14.67 21.81
N VAL C 36 -15.46 -13.72 22.74
CA VAL C 36 -14.43 -13.48 23.74
C VAL C 36 -14.24 -14.72 24.62
N THR C 37 -15.36 -15.37 24.94
CA THR C 37 -15.40 -16.57 25.80
C THR C 37 -14.63 -17.75 25.21
N GLU C 38 -14.80 -17.98 23.91
CA GLU C 38 -14.09 -19.04 23.21
C GLU C 38 -12.58 -18.78 23.21
N VAL C 39 -12.19 -17.53 22.96
CA VAL C 39 -10.78 -17.15 22.94
C VAL C 39 -10.16 -17.30 24.31
N LEU C 40 -10.85 -16.83 25.34
CA LEU C 40 -10.34 -16.94 26.70
C LEU C 40 -10.23 -18.40 27.14
N ASN C 41 -11.20 -19.23 26.77
CA ASN C 41 -11.11 -20.67 27.04
C ASN C 41 -9.93 -21.34 26.34
N TYR C 42 -9.64 -20.90 25.12
CA TYR C 42 -8.47 -21.41 24.38
C TYR C 42 -7.17 -21.07 25.08
N THR C 43 -6.95 -19.76 25.30
CA THR C 43 -5.68 -19.26 25.82
C THR C 43 -5.42 -19.76 27.24
N LYS C 44 -6.46 -19.84 28.09
CA LYS C 44 -6.28 -20.37 29.44
C LYS C 44 -5.95 -21.87 29.45
N SER C 45 -6.50 -22.62 28.49
CA SER C 45 -6.16 -24.05 28.37
C SER C 45 -4.73 -24.25 27.85
N LYS C 46 -4.22 -23.27 27.10
CA LYS C 46 -2.85 -23.31 26.56
C LYS C 46 -1.80 -22.83 27.56
N TYR C 47 -2.22 -21.99 28.50
CA TYR C 47 -1.36 -21.34 29.49
C TYR C 47 -0.32 -22.28 30.10
N ALA C 48 0.93 -21.83 30.13
CA ALA C 48 2.01 -22.61 30.73
C ALA C 48 2.42 -21.98 32.07
N ALA C 49 2.39 -22.78 33.12
CA ALA C 49 2.69 -22.30 34.48
C ALA C 49 4.16 -21.89 34.63
N PRO C 50 4.42 -20.93 35.53
CA PRO C 50 5.80 -20.45 35.70
C PRO C 50 6.79 -21.53 36.15
N ASN C 51 8.03 -21.36 35.73
CA ASN C 51 9.14 -22.15 36.22
C ASN C 51 9.68 -21.46 37.49
N PRO C 52 9.63 -22.16 38.63
CA PRO C 52 10.08 -21.59 39.91
C PRO C 52 11.53 -21.13 39.89
N GLU C 53 12.34 -21.74 39.03
CA GLU C 53 13.74 -21.39 38.97
C GLU C 53 13.94 -20.01 38.34
N TYR C 54 12.93 -19.54 37.61
CA TYR C 54 13.02 -18.28 36.87
C TYR C 54 11.93 -17.24 37.22
N PHE C 55 10.83 -17.67 37.83
CA PHE C 55 9.71 -16.77 38.10
C PHE C 55 10.08 -15.64 39.07
N GLY C 56 9.86 -14.41 38.62
CA GLY C 56 10.09 -13.24 39.45
C GLY C 56 11.54 -12.89 39.69
N LYS C 57 12.45 -13.56 38.99
CA LYS C 57 13.89 -13.38 39.20
C LYS C 57 14.38 -12.01 38.72
N ALA C 58 13.52 -11.31 37.97
CA ALA C 58 13.85 -9.97 37.50
C ALA C 58 12.74 -8.99 37.92
N LYS C 59 12.05 -9.33 38.99
CA LYS C 59 10.98 -8.52 39.52
C LYS C 59 11.49 -7.12 39.87
N GLY C 60 10.78 -6.10 39.42
CA GLY C 60 11.12 -4.72 39.73
C GLY C 60 12.15 -4.10 38.80
N LYS C 61 12.78 -4.92 37.97
CA LYS C 61 13.82 -4.43 37.09
C LYS C 61 13.27 -3.68 35.88
N ASN C 62 14.09 -2.79 35.34
CA ASN C 62 13.78 -2.15 34.07
C ASN C 62 13.75 -3.17 32.94
N VAL C 63 13.12 -2.80 31.83
CA VAL C 63 13.16 -3.61 30.62
C VAL C 63 13.68 -2.79 29.44
N ILE C 64 14.71 -3.32 28.77
CA ILE C 64 15.25 -2.69 27.57
C ILE C 64 15.27 -3.66 26.40
N TYR C 65 14.35 -3.46 25.46
CA TYR C 65 14.31 -4.24 24.22
C TYR C 65 15.26 -3.64 23.20
N ILE C 66 16.16 -4.46 22.65
CA ILE C 66 16.99 -4.02 21.53
C ILE C 66 16.51 -4.71 20.25
N HIS C 67 15.85 -3.94 19.42
CA HIS C 67 15.21 -4.44 18.21
C HIS C 67 16.26 -4.45 17.11
N LEU C 68 16.72 -5.65 16.77
CA LEU C 68 17.70 -5.81 15.71
C LEU C 68 16.96 -5.94 14.38
N GLU C 69 16.89 -4.84 13.66
CA GLU C 69 16.14 -4.76 12.42
C GLU C 69 16.62 -5.76 11.37
N SER C 70 15.70 -6.57 10.85
CA SER C 70 15.97 -7.53 9.77
C SER C 70 17.15 -8.47 10.06
N PHE C 71 17.35 -8.82 11.32
CA PHE C 71 18.51 -9.60 11.75
C PHE C 71 18.17 -11.08 11.89
N GLN C 72 18.79 -11.92 11.07
CA GLN C 72 18.54 -13.36 11.12
C GLN C 72 19.55 -14.08 11.99
N GLN C 73 19.13 -15.19 12.58
CA GLN C 73 19.95 -15.96 13.51
C GLN C 73 21.21 -16.55 12.89
N PHE C 74 21.21 -16.75 11.57
CA PHE C 74 22.37 -17.36 10.95
C PHE C 74 23.60 -16.45 11.04
N LEU C 75 23.38 -15.16 11.31
CA LEU C 75 24.47 -14.20 11.49
C LEU C 75 25.30 -14.44 12.73
N VAL C 76 24.66 -15.01 13.76
CA VAL C 76 25.31 -15.25 15.04
C VAL C 76 26.44 -16.26 14.89
N ASN C 77 27.65 -15.83 15.24
CA ASN C 77 28.88 -16.59 15.08
C ASN C 77 29.26 -16.83 13.61
N TYR C 78 28.61 -16.12 12.68
CA TYR C 78 28.95 -16.24 11.27
C TYR C 78 30.28 -15.54 10.98
N LYS C 79 31.13 -16.21 10.21
CA LYS C 79 32.43 -15.64 9.83
C LYS C 79 32.48 -15.42 8.32
N LEU C 80 32.81 -14.20 7.92
CA LEU C 80 32.97 -13.87 6.51
C LEU C 80 34.46 -13.67 6.20
N ASN C 81 35.03 -14.56 5.39
CA ASN C 81 36.45 -14.52 5.08
C ASN C 81 37.29 -14.57 6.36
N GLY C 82 36.95 -15.49 7.26
CA GLY C 82 37.69 -15.68 8.51
C GLY C 82 37.36 -14.71 9.65
N GLU C 83 36.53 -13.72 9.37
CA GLU C 83 36.28 -12.61 10.30
C GLU C 83 34.82 -12.61 10.81
N GLU C 84 34.65 -12.56 12.14
CA GLU C 84 33.32 -12.46 12.73
C GLU C 84 32.60 -11.19 12.25
N VAL C 85 31.42 -11.37 11.68
CA VAL C 85 30.63 -10.25 11.15
C VAL C 85 30.02 -9.41 12.27
N THR C 86 29.52 -10.08 13.31
CA THR C 86 28.89 -9.36 14.41
C THR C 86 29.49 -9.75 15.77
N PRO C 87 30.75 -9.35 16.03
CA PRO C 87 31.51 -9.81 17.20
C PRO C 87 30.91 -9.41 18.56
N PHE C 88 30.32 -8.23 18.72
CA PHE C 88 29.76 -7.93 20.03
C PHE C 88 28.51 -8.76 20.34
N ILE C 89 27.58 -8.84 19.38
CA ILE C 89 26.36 -9.65 19.53
C ILE C 89 26.68 -11.14 19.74
N ASN C 90 27.74 -11.63 19.10
CA ASN C 90 28.24 -12.97 19.41
C ASN C 90 28.69 -13.12 20.88
N SER C 91 29.35 -12.09 21.42
CA SER C 91 29.80 -12.14 22.82
C SER C 91 28.62 -12.08 23.79
N PHE C 92 27.64 -11.25 23.44
CA PHE C 92 26.41 -11.13 24.20
C PHE C 92 25.64 -12.45 24.24
N PHE C 93 25.61 -13.11 23.08
CA PHE C 93 24.98 -14.42 22.90
C PHE C 93 25.49 -15.47 23.89
N LYS C 94 26.81 -15.51 24.09
CA LYS C 94 27.43 -16.54 24.91
C LYS C 94 27.72 -16.06 26.33
N ASP C 95 27.38 -14.80 26.59
CA ASP C 95 27.59 -14.20 27.90
C ASP C 95 26.94 -15.05 29.00
N GLN C 96 27.55 -15.07 30.17
CA GLN C 96 27.13 -15.94 31.27
C GLN C 96 25.72 -15.71 31.77
N ASN C 97 25.25 -14.46 31.70
CA ASN C 97 23.92 -14.13 32.20
C ASN C 97 22.88 -14.00 31.08
N THR C 98 23.18 -14.53 29.90
CA THR C 98 22.28 -14.44 28.75
C THR C 98 21.59 -15.77 28.45
N LEU C 99 20.26 -15.74 28.38
CA LEU C 99 19.48 -16.87 27.89
C LEU C 99 19.38 -16.74 26.36
N SER C 100 19.98 -17.66 25.61
CA SER C 100 20.12 -17.48 24.17
C SER C 100 19.42 -18.57 23.37
N PHE C 101 18.51 -18.17 22.49
CA PHE C 101 17.65 -19.12 21.79
C PHE C 101 18.13 -19.35 20.37
N THR C 102 18.33 -20.62 20.02
CA THR C 102 18.83 -20.99 18.71
C THR C 102 17.73 -21.47 17.78
N ASN C 103 16.55 -21.70 18.32
CA ASN C 103 15.41 -22.20 17.54
C ASN C 103 14.21 -21.29 17.72
N PHE C 104 14.45 -19.99 17.62
CA PHE C 104 13.44 -18.95 17.81
C PHE C 104 13.09 -18.31 16.47
N PHE C 105 11.81 -18.29 16.13
CA PHE C 105 11.35 -17.89 14.80
C PHE C 105 10.51 -16.60 14.82
N HIS C 106 10.64 -15.77 13.77
CA HIS C 106 9.70 -14.65 13.58
C HIS C 106 8.40 -15.21 13.01
N GLN C 107 7.30 -14.53 13.27
CA GLN C 107 6.01 -15.01 12.81
C GLN C 107 5.26 -13.92 12.12
N THR C 108 6.00 -13.06 11.44
CA THR C 108 5.40 -11.89 10.81
C THR C 108 4.80 -12.24 9.46
N GLY C 109 3.93 -11.36 8.97
CA GLY C 109 3.33 -11.52 7.66
C GLY C 109 3.61 -10.26 6.88
N GLN C 110 2.58 -9.69 6.27
CA GLN C 110 2.78 -8.52 5.43
C GLN C 110 3.02 -7.24 6.22
N GLY C 111 2.71 -7.26 7.51
CA GLY C 111 2.92 -6.08 8.34
C GLY C 111 4.36 -5.90 8.75
N LYS C 112 5.17 -6.93 8.48
CA LYS C 112 6.62 -6.89 8.70
C LYS C 112 6.99 -6.40 10.09
N TPO C 113 7.77 -5.32 10.15
CA TPO C 113 8.21 -4.73 11.42
CB TPO C 113 9.01 -3.43 11.15
CG2 TPO C 113 9.57 -2.93 12.48
OG1 TPO C 113 10.11 -3.70 10.29
P TPO C 113 10.00 -3.02 8.82
O1P TPO C 113 10.50 -1.64 8.88
O2P TPO C 113 10.90 -3.88 7.79
O3P TPO C 113 8.50 -3.04 8.26
C TPO C 113 7.05 -4.47 12.38
O TPO C 113 7.13 -4.80 13.56
N ALA C 114 5.96 -3.93 11.86
CA ALA C 114 4.78 -3.64 12.67
C ALA C 114 4.15 -4.92 13.21
N ASP C 115 4.22 -6.01 12.46
CA ASP C 115 3.69 -7.29 12.94
C ASP C 115 4.48 -7.82 14.15
N SER C 116 5.80 -7.71 14.11
CA SER C 116 6.64 -8.16 15.23
C SER C 116 6.31 -7.35 16.49
N GLU C 117 5.98 -6.08 16.30
CA GLU C 117 5.56 -5.23 17.40
C GLU C 117 4.20 -5.68 17.92
N MET C 118 3.28 -6.02 17.01
CA MET C 118 1.99 -6.57 17.45
C MET C 118 2.20 -7.81 18.33
N LEU C 119 3.06 -8.71 17.88
CA LEU C 119 3.38 -9.97 18.58
C LEU C 119 4.04 -9.71 19.93
N LEU C 120 5.05 -8.83 19.95
CA LEU C 120 5.79 -8.50 21.17
C LEU C 120 4.98 -7.75 22.22
N GLU C 121 4.14 -6.80 21.79
CA GLU C 121 3.43 -5.95 22.73
C GLU C 121 2.14 -6.60 23.24
N ASN C 122 1.54 -7.51 22.45
CA ASN C 122 0.21 -8.06 22.78
C ASN C 122 0.08 -9.58 22.80
N SER C 123 1.09 -10.28 22.28
CA SER C 123 1.01 -11.72 22.08
C SER C 123 -0.18 -12.02 21.17
N LEU C 124 -0.36 -11.16 20.16
CA LEU C 124 -1.33 -11.37 19.09
C LEU C 124 -0.57 -11.36 17.77
N TYR C 125 -1.02 -12.17 16.81
CA TYR C 125 -0.43 -12.15 15.48
C TYR C 125 -0.92 -10.92 14.73
N GLY C 126 -0.18 -10.54 13.68
CA GLY C 126 -0.70 -9.60 12.71
C GLY C 126 -1.83 -10.25 11.92
N LEU C 127 -2.36 -9.54 10.92
CA LEU C 127 -3.47 -10.04 10.09
C LEU C 127 -2.95 -10.96 8.98
N PRO C 128 -3.82 -11.83 8.43
CA PRO C 128 -3.38 -12.69 7.32
C PRO C 128 -3.08 -11.91 6.04
N GLN C 129 -3.70 -10.75 5.82
CA GLN C 129 -3.27 -9.82 4.75
C GLN C 129 -3.23 -8.40 5.29
N GLY C 130 -2.39 -7.58 4.65
CA GLY C 130 -2.19 -6.22 5.10
C GLY C 130 -1.55 -6.08 6.48
N SER C 131 -1.61 -4.85 6.99
CA SER C 131 -0.98 -4.50 8.27
C SER C 131 -2.00 -4.11 9.33
N ALA C 132 -2.01 -4.87 10.42
CA ALA C 132 -2.91 -4.59 11.54
C ALA C 132 -2.67 -3.20 12.14
N PHE C 133 -1.41 -2.77 12.19
CA PHE C 133 -1.09 -1.43 12.69
C PHE C 133 -1.80 -0.37 11.86
N THR C 134 -1.88 -0.61 10.55
CA THR C 134 -2.52 0.34 9.66
C THR C 134 -4.04 0.36 9.80
N THR C 135 -4.68 -0.80 9.94
CA THR C 135 -6.14 -0.85 9.89
C THR C 135 -6.79 -1.06 11.26
N LYS C 136 -6.00 -1.45 12.26
CA LYS C 136 -6.53 -1.70 13.59
C LYS C 136 -5.93 -0.77 14.65
N GLY C 137 -5.59 0.44 14.24
CA GLY C 137 -4.98 1.43 15.13
C GLY C 137 -5.90 1.99 16.21
N GLN C 138 -7.21 1.74 16.09
CA GLN C 138 -8.17 2.21 17.10
C GLN C 138 -8.84 1.08 17.87
N ASN C 139 -8.34 -0.13 17.71
CA ASN C 139 -8.79 -1.25 18.53
C ASN C 139 -8.39 -1.01 19.97
N THR C 140 -9.10 -1.64 20.90
CA THR C 140 -8.72 -1.66 22.30
C THR C 140 -7.66 -2.73 22.53
N TYR C 141 -6.58 -2.38 23.23
CA TYR C 141 -5.52 -3.34 23.53
C TYR C 141 -5.24 -3.38 25.03
N GLU C 142 -4.67 -4.49 25.48
CA GLU C 142 -4.20 -4.62 26.86
C GLU C 142 -2.74 -5.06 26.82
N SER C 143 -1.89 -4.15 26.34
N SER C 143 -1.88 -4.16 26.33
CA SER C 143 -0.50 -4.45 25.99
CA SER C 143 -0.50 -4.47 25.98
C SER C 143 0.48 -4.40 27.15
C SER C 143 0.46 -4.47 27.17
N ALA C 144 1.73 -4.78 26.88
CA ALA C 144 2.79 -4.78 27.89
C ALA C 144 2.94 -3.44 28.63
N SER C 145 2.87 -2.33 27.90
N SER C 145 2.87 -2.33 27.91
CA SER C 145 2.95 -1.00 28.51
CA SER C 145 2.96 -1.01 28.53
C SER C 145 1.81 -0.76 29.50
C SER C 145 1.79 -0.73 29.50
N ALA C 146 0.62 -1.26 29.16
CA ALA C 146 -0.55 -1.12 30.02
C ALA C 146 -0.43 -2.05 31.23
N ILE C 147 0.01 -3.28 30.98
CA ILE C 147 0.16 -4.29 32.03
C ILE C 147 1.19 -3.90 33.09
N LEU C 148 2.36 -3.47 32.64
CA LEU C 148 3.46 -3.08 33.54
C LEU C 148 3.19 -1.71 34.15
N GLY C 149 2.45 -0.89 33.40
CA GLY C 149 1.87 0.36 33.90
C GLY C 149 1.07 0.15 35.18
N GLN C 150 0.34 -0.97 35.24
CA GLN C 150 -0.48 -1.30 36.42
C GLN C 150 0.39 -1.41 37.66
N GLN C 151 1.68 -1.63 37.45
CA GLN C 151 2.62 -1.76 38.55
C GLN C 151 3.56 -0.59 38.65
N GLY C 152 3.23 0.50 37.98
CA GLY C 152 4.00 1.72 38.08
C GLY C 152 5.16 1.88 37.12
N TYR C 153 5.18 1.09 36.05
CA TYR C 153 6.21 1.23 35.03
C TYR C 153 5.97 2.42 34.09
N THR C 154 7.02 3.16 33.81
CA THR C 154 7.02 4.17 32.75
C THR C 154 7.43 3.47 31.46
N SER C 155 6.81 3.85 30.35
CA SER C 155 7.06 3.17 29.09
C SER C 155 7.49 4.12 27.97
N ALA C 156 8.35 3.64 27.06
CA ALA C 156 8.82 4.49 25.96
C ALA C 156 9.33 3.70 24.77
N VAL C 157 9.08 4.19 23.57
CA VAL C 157 9.73 3.69 22.36
C VAL C 157 10.69 4.74 21.80
N PHE C 158 11.84 4.26 21.32
CA PHE C 158 12.82 5.11 20.65
C PHE C 158 12.96 4.69 19.19
N HIS C 159 12.89 5.65 18.28
CA HIS C 159 12.98 5.33 16.87
C HIS C 159 13.42 6.55 16.07
N GLY C 160 14.42 6.36 15.21
CA GLY C 160 15.00 7.45 14.44
C GLY C 160 14.23 7.76 13.16
N ASN C 161 12.93 7.55 13.20
CA ASN C 161 12.06 7.88 12.08
C ASN C 161 10.79 8.53 12.59
N TYR C 162 10.00 9.12 11.71
CA TYR C 162 8.84 9.89 12.16
C TYR C 162 7.68 9.03 12.59
N LYS C 163 6.96 9.52 13.61
CA LYS C 163 5.97 8.71 14.31
C LYS C 163 4.77 8.33 13.44
N SER C 164 4.63 8.97 12.28
CA SER C 164 3.53 8.66 11.37
C SER C 164 3.71 7.29 10.70
N PHE C 165 4.94 6.81 10.60
CA PHE C 165 5.20 5.56 9.88
C PHE C 165 4.65 4.34 10.60
N TRP C 166 4.04 3.44 9.82
CA TRP C 166 3.32 2.28 10.33
C TRP C 166 2.22 2.67 11.30
N ASN C 167 1.75 3.91 11.22
CA ASN C 167 0.67 4.40 12.09
C ASN C 167 1.03 4.29 13.59
N ARG C 168 2.32 4.33 13.91
CA ARG C 168 2.75 4.13 15.29
C ARG C 168 2.18 5.18 16.25
N ASP C 169 2.14 6.43 15.79
CA ASP C 169 1.62 7.55 16.56
C ASP C 169 0.24 7.27 17.13
N GLU C 170 -0.61 6.71 16.28
CA GLU C 170 -1.98 6.45 16.68
C GLU C 170 -2.07 5.22 17.58
N ILE C 171 -1.53 4.10 17.12
CA ILE C 171 -1.75 2.83 17.81
C ILE C 171 -0.99 2.73 19.13
N TYR C 172 0.13 3.44 19.27
CA TYR C 172 0.89 3.44 20.52
C TYR C 172 0.09 3.99 21.70
N LYS C 173 -0.85 4.89 21.42
CA LYS C 173 -1.69 5.47 22.46
C LYS C 173 -2.69 4.44 23.00
N GLN C 174 -3.15 3.55 22.12
CA GLN C 174 -4.01 2.43 22.53
C GLN C 174 -3.23 1.42 23.36
N PHE C 175 -1.96 1.23 23.02
CA PHE C 175 -1.08 0.36 23.77
C PHE C 175 -0.85 0.94 25.16
N GLY C 176 -0.85 2.27 25.25
CA GLY C 176 -0.59 2.94 26.51
C GLY C 176 0.88 3.21 26.71
N TYR C 177 1.60 3.45 25.61
CA TYR C 177 3.00 3.90 25.70
C TYR C 177 3.05 5.34 26.17
N ASP C 178 3.72 5.58 27.29
CA ASP C 178 3.78 6.94 27.83
C ASP C 178 4.55 7.89 26.92
N ASN C 179 5.61 7.37 26.30
CA ASN C 179 6.48 8.19 25.44
C ASN C 179 6.79 7.54 24.10
N PHE C 180 6.91 8.36 23.07
CA PHE C 180 7.41 7.95 21.78
C PHE C 180 8.45 8.97 21.34
N PHE C 181 9.73 8.63 21.53
CA PHE C 181 10.82 9.46 21.04
C PHE C 181 11.11 9.15 19.58
N ASP C 182 10.36 9.77 18.67
CA ASP C 182 10.55 9.55 17.24
C ASP C 182 11.58 10.54 16.66
N ALA C 183 11.68 10.63 15.33
CA ALA C 183 12.74 11.43 14.69
C ALA C 183 12.76 12.90 15.09
N SER C 184 11.62 13.44 15.50
CA SER C 184 11.52 14.84 15.90
C SER C 184 12.31 15.15 17.18
N TYR C 185 12.70 14.09 17.91
CA TYR C 185 13.54 14.26 19.12
C TYR C 185 15.03 14.08 18.87
N TYR C 186 15.42 13.89 17.61
CA TYR C 186 16.80 13.62 17.23
C TYR C 186 17.30 14.67 16.23
N ASP C 187 18.62 14.72 16.07
CA ASP C 187 19.26 15.62 15.12
C ASP C 187 19.30 14.98 13.72
N MET C 188 18.34 15.34 12.87
CA MET C 188 18.18 14.70 11.56
C MET C 188 18.98 15.40 10.45
N ASN C 189 20.27 15.63 10.68
CA ASN C 189 21.13 16.22 9.64
C ASN C 189 21.49 15.22 8.53
N GLU C 190 21.99 15.75 7.40
CA GLU C 190 22.11 14.98 6.15
C GLU C 190 23.30 13.99 6.14
N ALA C 191 24.24 14.20 7.06
CA ALA C 191 25.34 13.25 7.23
C ALA C 191 24.93 12.06 8.09
N ASP C 192 23.93 12.24 8.96
CA ASP C 192 23.54 11.20 9.92
C ASP C 192 22.28 10.47 9.52
N VAL C 193 21.72 10.81 8.36
CA VAL C 193 20.44 10.30 7.95
C VAL C 193 20.54 9.47 6.68
N SER C 194 19.88 8.31 6.73
CA SER C 194 19.79 7.40 5.59
C SER C 194 18.44 7.58 4.94
N ASN C 195 18.04 6.62 4.11
CA ASN C 195 16.80 6.79 3.38
C ASN C 195 15.63 6.17 4.15
N TYR C 196 15.90 5.56 5.30
CA TYR C 196 14.87 5.20 6.27
C TYR C 196 14.85 6.05 7.51
N GLY C 197 15.82 6.94 7.63
CA GLY C 197 15.89 7.82 8.78
C GLY C 197 17.27 7.87 9.40
N LEU C 198 17.31 8.15 10.69
CA LEU C 198 18.56 8.32 11.41
C LEU C 198 19.34 7.00 11.50
N LYS C 199 20.64 7.09 11.25
CA LYS C 199 21.52 5.92 11.33
C LYS C 199 21.65 5.49 12.79
N ASP C 200 21.94 4.21 13.00
CA ASP C 200 21.88 3.62 14.33
C ASP C 200 22.86 4.19 15.34
N LYS C 201 24.04 4.58 14.88
CA LYS C 201 25.06 5.10 15.79
C LYS C 201 24.69 6.49 16.37
N PRO C 202 24.33 7.47 15.53
CA PRO C 202 23.83 8.70 16.18
C PRO C 202 22.52 8.51 16.96
N PHE C 203 21.66 7.59 16.51
CA PHE C 203 20.43 7.22 17.20
C PHE C 203 20.66 6.75 18.64
N PHE C 204 21.54 5.77 18.82
CA PHE C 204 21.84 5.22 20.14
C PHE C 204 22.54 6.25 21.03
N LYS C 205 23.34 7.11 20.40
CA LYS C 205 24.06 8.14 21.14
C LYS C 205 23.20 9.30 21.61
N GLU C 206 22.27 9.73 20.77
CA GLU C 206 21.38 10.83 21.13
C GLU C 206 20.20 10.38 22.01
N SER C 207 20.03 9.06 22.12
CA SER C 207 18.98 8.47 22.95
C SER C 207 19.37 8.48 24.43
N GLU C 208 20.65 8.65 24.70
CA GLU C 208 21.17 8.48 26.05
C GLU C 208 20.61 9.53 27.00
N GLU C 209 20.57 10.78 26.54
CA GLU C 209 20.00 11.87 27.33
C GLU C 209 18.55 11.54 27.70
N TYR C 210 17.81 10.95 26.77
CA TYR C 210 16.39 10.68 27.00
C TYR C 210 16.20 9.51 27.97
N LEU C 211 17.00 8.45 27.80
CA LEU C 211 16.90 7.26 28.63
C LEU C 211 17.35 7.54 30.06
N SER C 212 18.36 8.39 30.22
CA SER C 212 18.89 8.71 31.54
C SER C 212 17.95 9.59 32.36
N SER C 213 17.02 10.26 31.71
CA SER C 213 16.05 11.09 32.44
C SER C 213 14.65 10.48 32.48
N LEU C 214 14.54 9.21 32.09
CA LEU C 214 13.28 8.46 32.15
C LEU C 214 13.09 7.79 33.52
N GLN C 215 11.91 7.99 34.10
CA GLN C 215 11.59 7.48 35.44
C GLN C 215 11.66 5.96 35.57
N GLN C 216 12.37 5.47 36.60
CA GLN C 216 12.48 4.03 36.83
C GLN C 216 11.50 3.55 37.90
N PRO C 217 11.01 2.29 37.77
CA PRO C 217 11.31 1.32 36.70
C PRO C 217 10.67 1.67 35.35
N PHE C 218 11.36 1.40 34.24
CA PHE C 218 10.77 1.66 32.94
C PHE C 218 10.73 0.42 32.03
N TYR C 219 9.89 0.53 31.01
CA TYR C 219 9.72 -0.50 29.99
C TYR C 219 10.00 0.16 28.63
N THR C 220 11.13 -0.18 28.00
CA THR C 220 11.56 0.55 26.79
C THR C 220 11.86 -0.35 25.60
N LYS C 221 11.74 0.21 24.41
CA LYS C 221 12.11 -0.49 23.19
C LYS C 221 12.87 0.44 22.24
N PHE C 222 14.00 -0.02 21.74
CA PHE C 222 14.81 0.73 20.78
C PHE C 222 14.72 0.11 19.39
N ILE C 223 13.98 0.75 18.49
CA ILE C 223 13.80 0.25 17.12
C ILE C 223 14.83 0.86 16.17
N THR C 224 15.83 0.05 15.83
CA THR C 224 16.89 0.45 14.92
C THR C 224 16.38 0.49 13.47
N LEU C 225 17.21 1.00 12.56
CA LEU C 225 16.77 1.30 11.19
C LEU C 225 17.80 1.11 10.05
N THR C 226 19.08 1.03 10.40
CA THR C 226 20.11 0.97 9.36
C THR C 226 20.11 -0.34 8.58
N ASN C 227 19.81 -1.45 9.25
CA ASN C 227 19.81 -2.75 8.59
C ASN C 227 18.47 -3.06 7.89
N HIS C 228 18.07 -2.18 6.96
CA HIS C 228 16.93 -2.35 6.03
C HIS C 228 17.37 -2.70 4.62
N PHE C 229 16.58 -3.55 3.96
CA PHE C 229 16.76 -3.82 2.54
C PHE C 229 16.75 -2.50 1.75
N PRO C 230 17.60 -2.35 0.71
CA PRO C 230 18.60 -3.29 0.14
C PRO C 230 20.00 -3.17 0.78
N TYR C 231 20.00 -2.67 2.02
CA TYR C 231 21.21 -2.60 2.86
C TYR C 231 22.31 -1.72 2.28
N PRO C 232 21.99 -0.43 2.00
CA PRO C 232 23.04 0.49 1.54
C PRO C 232 23.91 1.00 2.66
N ILE C 233 25.19 1.22 2.39
CA ILE C 233 26.05 1.83 3.39
C ILE C 233 27.15 2.61 2.69
N ASP C 234 27.41 3.83 3.16
CA ASP C 234 28.51 4.62 2.62
C ASP C 234 29.81 3.95 3.02
N GLU C 235 30.78 3.97 2.11
CA GLU C 235 32.07 3.33 2.35
C GLU C 235 32.79 3.83 3.63
N LYS C 236 32.51 5.07 4.02
CA LYS C 236 33.20 5.66 5.16
C LYS C 236 32.63 5.12 6.47
N ASP C 237 31.43 4.56 6.42
CA ASP C 237 30.78 3.93 7.56
C ASP C 237 31.03 2.43 7.69
N ALA C 238 31.54 1.81 6.62
CA ALA C 238 31.68 0.35 6.58
C ALA C 238 33.05 -0.08 7.07
N SER C 239 33.08 -0.96 8.07
CA SER C 239 34.33 -1.50 8.59
C SER C 239 34.61 -2.91 8.07
N ILE C 240 33.68 -3.47 7.29
CA ILE C 240 33.90 -4.78 6.70
C ILE C 240 33.57 -4.70 5.21
N ALA C 241 34.25 -5.52 4.43
CA ALA C 241 34.03 -5.59 2.99
C ALA C 241 32.82 -6.45 2.71
N PRO C 242 32.14 -6.23 1.58
CA PRO C 242 30.98 -7.06 1.24
C PRO C 242 31.33 -8.54 0.96
N ALA C 243 30.35 -9.43 1.06
CA ALA C 243 30.54 -10.80 0.61
C ALA C 243 30.69 -10.78 -0.90
N THR C 244 31.01 -11.93 -1.48
CA THR C 244 31.37 -11.99 -2.88
C THR C 244 30.47 -12.94 -3.67
N THR C 245 29.19 -12.94 -3.35
CA THR C 245 28.25 -13.83 -4.01
C THR C 245 27.80 -13.31 -5.40
N GLY C 246 27.96 -12.01 -5.62
CA GLY C 246 27.50 -11.40 -6.86
C GLY C 246 26.07 -10.91 -6.82
N ASP C 247 25.41 -11.17 -5.68
CA ASP C 247 24.06 -10.68 -5.39
C ASP C 247 24.19 -9.46 -4.48
N SER C 248 23.92 -8.26 -5.02
CA SER C 248 24.28 -7.00 -4.33
C SER C 248 23.64 -6.82 -2.97
N SER C 249 22.34 -7.07 -2.86
CA SER C 249 21.68 -6.87 -1.57
C SER C 249 22.14 -7.91 -0.53
N VAL C 250 22.51 -9.11 -0.98
CA VAL C 250 23.08 -10.12 -0.06
C VAL C 250 24.47 -9.69 0.38
N ASP C 251 25.26 -9.17 -0.56
CA ASP C 251 26.66 -8.89 -0.25
C ASP C 251 26.84 -7.76 0.76
N THR C 252 25.99 -6.73 0.71
CA THR C 252 26.13 -5.60 1.60
C THR C 252 25.32 -5.75 2.91
N TYR C 253 24.45 -6.75 2.96
CA TYR C 253 23.71 -7.11 4.18
C TYR C 253 24.66 -7.32 5.37
N PHE C 254 25.81 -7.91 5.09
CA PHE C 254 26.84 -8.18 6.08
C PHE C 254 27.46 -6.89 6.58
N GLN C 255 27.48 -5.87 5.72
CA GLN C 255 28.09 -4.60 6.09
C GLN C 255 27.17 -3.79 7.01
N THR C 256 25.88 -3.78 6.71
CA THR C 256 24.95 -3.07 7.57
C THR C 256 24.75 -3.85 8.88
N ALA C 257 24.88 -5.17 8.82
CA ALA C 257 24.81 -5.99 10.03
C ALA C 257 26.00 -5.70 10.98
N ARG C 258 27.19 -5.56 10.41
CA ARG C 258 28.38 -5.16 11.17
C ARG C 258 28.20 -3.77 11.78
N TYR C 259 27.68 -2.85 10.99
CA TYR C 259 27.46 -1.49 11.48
C TYR C 259 26.47 -1.50 12.63
N LEU C 260 25.39 -2.26 12.51
CA LEU C 260 24.42 -2.42 13.61
C LEU C 260 25.07 -3.01 14.85
N ASP C 261 25.89 -4.04 14.66
CA ASP C 261 26.64 -4.64 15.75
C ASP C 261 27.44 -3.59 16.54
N GLU C 262 28.16 -2.73 15.82
CA GLU C 262 28.98 -1.70 16.46
C GLU C 262 28.16 -0.67 17.25
N SER C 263 27.02 -0.25 16.71
CA SER C 263 26.15 0.70 17.39
C SER C 263 25.60 0.11 18.69
N VAL C 264 25.29 -1.18 18.66
CA VAL C 264 24.74 -1.85 19.83
C VAL C 264 25.80 -2.03 20.92
N LYS C 265 27.04 -2.31 20.52
CA LYS C 265 28.12 -2.40 21.51
C LYS C 265 28.33 -1.09 22.27
N SER C 266 28.31 0.03 21.54
CA SER C 266 28.43 1.36 22.13
C SER C 266 27.26 1.64 23.07
N PHE C 267 26.07 1.18 22.67
CA PHE C 267 24.88 1.35 23.48
C PHE C 267 25.04 0.61 24.81
N VAL C 268 25.51 -0.63 24.74
CA VAL C 268 25.67 -1.43 25.94
C VAL C 268 26.80 -0.85 26.83
N ASP C 269 27.86 -0.32 26.20
CA ASP C 269 28.90 0.40 26.95
C ASP C 269 28.29 1.50 27.81
N TYR C 270 27.38 2.24 27.20
CA TYR C 270 26.62 3.27 27.87
C TYR C 270 25.80 2.66 29.02
N LEU C 271 25.12 1.56 28.72
CA LEU C 271 24.29 0.89 29.70
C LEU C 271 25.12 0.40 30.88
N LYS C 272 26.30 -0.15 30.61
CA LYS C 272 27.20 -0.61 31.68
C LYS C 272 27.74 0.56 32.49
N LYS C 273 28.10 1.65 31.81
CA LYS C 273 28.70 2.80 32.48
C LYS C 273 27.65 3.56 33.35
N SER C 274 26.39 3.57 32.92
CA SER C 274 25.31 4.24 33.67
C SER C 274 24.66 3.35 34.74
N GLY C 275 25.05 2.07 34.79
CA GLY C 275 24.48 1.14 35.77
C GLY C 275 23.18 0.49 35.35
N LEU C 276 22.66 0.85 34.17
CA LEU C 276 21.42 0.29 33.65
C LEU C 276 21.57 -1.18 33.27
N TYR C 277 22.80 -1.59 32.96
CA TYR C 277 23.11 -2.99 32.64
C TYR C 277 22.76 -3.91 33.82
N ASP C 278 22.93 -3.39 35.04
CA ASP C 278 22.80 -4.19 36.26
C ASP C 278 21.40 -4.19 36.87
N ASN C 279 20.54 -3.25 36.45
CA ASN C 279 19.18 -3.20 36.99
C ASN C 279 18.12 -3.34 35.91
N SER C 280 18.53 -3.87 34.75
CA SER C 280 17.61 -4.03 33.64
C SER C 280 17.72 -5.41 33.00
N VAL C 281 16.58 -5.91 32.54
CA VAL C 281 16.53 -7.05 31.62
C VAL C 281 16.74 -6.51 30.22
N ILE C 282 17.83 -6.92 29.59
CA ILE C 282 18.13 -6.47 28.23
C ILE C 282 17.87 -7.59 27.23
N ILE C 283 17.01 -7.30 26.26
CA ILE C 283 16.55 -8.31 25.31
C ILE C 283 16.83 -7.88 23.88
N MET C 284 17.73 -8.61 23.22
CA MET C 284 18.01 -8.41 21.81
C MET C 284 17.19 -9.41 20.99
N TYR C 285 16.48 -8.93 19.98
CA TYR C 285 15.69 -9.83 19.15
C TYR C 285 15.70 -9.33 17.72
N GLY C 286 15.50 -10.25 16.78
CA GLY C 286 15.29 -9.87 15.38
C GLY C 286 13.81 -9.84 15.08
N ASP C 287 13.40 -9.02 14.12
CA ASP C 287 11.96 -8.86 13.89
C ASP C 287 11.43 -9.72 12.74
N HIS C 288 12.24 -9.88 11.69
CA HIS C 288 11.88 -10.73 10.56
C HIS C 288 13.11 -10.96 9.69
N TYR C 289 12.95 -11.67 8.59
CA TYR C 289 14.07 -12.01 7.72
C TYR C 289 14.74 -10.78 7.09
N GLY C 290 16.04 -10.90 6.82
CA GLY C 290 16.77 -9.90 6.07
C GLY C 290 16.87 -10.23 4.59
N ILE C 291 17.03 -11.53 4.29
CA ILE C 291 17.11 -12.02 2.91
C ILE C 291 15.86 -12.83 2.56
N SER C 292 15.15 -12.46 1.49
CA SER C 292 13.95 -13.19 1.09
C SER C 292 14.30 -14.54 0.43
N ASP C 293 13.29 -15.25 -0.10
CA ASP C 293 13.48 -16.55 -0.77
C ASP C 293 13.85 -16.36 -2.25
N ASN C 294 14.22 -15.13 -2.62
CA ASN C 294 14.55 -14.82 -4.01
C ASN C 294 16.03 -14.60 -4.24
N HIS C 295 16.87 -15.21 -3.41
CA HIS C 295 18.32 -15.09 -3.52
C HIS C 295 18.99 -16.46 -3.31
N GLU C 296 18.42 -17.48 -3.94
CA GLU C 296 18.78 -18.87 -3.67
C GLU C 296 20.25 -19.20 -3.99
N GLU C 297 20.76 -18.68 -5.11
CA GLU C 297 22.16 -18.96 -5.46
C GLU C 297 23.14 -18.39 -4.46
N ALA C 298 22.92 -17.15 -4.04
CA ALA C 298 23.81 -16.47 -3.11
C ALA C 298 23.76 -17.12 -1.72
N MET C 299 22.56 -17.45 -1.26
CA MET C 299 22.39 -18.00 0.07
C MET C 299 22.91 -19.43 0.16
N THR C 300 22.88 -20.14 -0.97
CA THR C 300 23.54 -21.44 -1.06
C THR C 300 25.04 -21.26 -0.79
N LYS C 301 25.63 -20.22 -1.37
CA LYS C 301 27.04 -19.93 -1.13
C LYS C 301 27.25 -19.51 0.32
N ILE C 302 26.37 -18.64 0.79
CA ILE C 302 26.49 -18.10 2.15
C ILE C 302 26.42 -19.19 3.22
N LEU C 303 25.49 -20.12 3.07
CA LEU C 303 25.24 -21.08 4.14
C LEU C 303 25.93 -22.43 3.95
N GLY C 304 26.48 -22.68 2.76
CA GLY C 304 27.21 -23.92 2.54
C GLY C 304 26.30 -25.12 2.34
N LYS C 305 25.07 -24.88 1.92
CA LYS C 305 24.10 -25.94 1.70
C LYS C 305 23.08 -25.49 0.69
N ASP C 306 22.42 -26.47 0.10
CA ASP C 306 21.44 -26.21 -0.95
C ASP C 306 20.31 -25.36 -0.33
N TYR C 307 20.13 -24.13 -0.80
CA TYR C 307 19.10 -23.27 -0.24
C TYR C 307 17.72 -23.54 -0.89
N ASN C 308 17.11 -24.65 -0.50
CA ASN C 308 15.78 -25.04 -1.00
C ASN C 308 14.67 -24.52 -0.09
N THR C 309 13.44 -24.94 -0.38
CA THR C 309 12.26 -24.49 0.38
C THR C 309 12.36 -24.84 1.87
N PHE C 310 12.90 -26.02 2.18
CA PHE C 310 13.09 -26.40 3.58
C PHE C 310 14.07 -25.49 4.29
N GLU C 311 15.22 -25.23 3.66
CA GLU C 311 16.23 -24.35 4.28
C GLU C 311 15.74 -22.92 4.44
N ASN C 312 14.90 -22.44 3.53
CA ASN C 312 14.35 -21.08 3.65
C ASN C 312 13.48 -20.92 4.91
N ALA C 313 12.67 -21.92 5.22
CA ALA C 313 11.93 -21.94 6.48
C ALA C 313 12.89 -21.94 7.69
N GLN C 314 13.98 -22.72 7.59
CA GLN C 314 14.93 -22.80 8.67
C GLN C 314 15.67 -21.49 8.86
N ALA C 315 15.78 -20.71 7.80
CA ALA C 315 16.43 -19.41 7.88
C ALA C 315 15.51 -18.36 8.49
N GLN C 316 14.26 -18.73 8.81
CA GLN C 316 13.31 -17.79 9.43
C GLN C 316 13.54 -17.62 10.92
N ARG C 317 14.55 -18.31 11.45
CA ARG C 317 15.06 -18.08 12.80
C ARG C 317 15.61 -16.66 12.96
N VAL C 318 15.25 -16.00 14.05
CA VAL C 318 15.82 -14.71 14.43
C VAL C 318 16.36 -14.83 15.86
N PRO C 319 17.27 -13.94 16.25
CA PRO C 319 17.82 -14.08 17.60
C PRO C 319 16.83 -13.77 18.70
N LEU C 320 17.01 -14.44 19.84
CA LEU C 320 16.41 -14.00 21.08
C LEU C 320 17.47 -14.20 22.16
N MET C 321 17.94 -13.11 22.75
CA MET C 321 18.98 -13.16 23.77
C MET C 321 18.55 -12.33 24.99
N ILE C 322 18.27 -13.00 26.10
CA ILE C 322 17.73 -12.32 27.29
C ILE C 322 18.74 -12.26 28.43
N HIS C 323 19.26 -11.07 28.70
CA HIS C 323 20.22 -10.90 29.79
C HIS C 323 19.51 -10.54 31.09
N VAL C 324 19.61 -11.43 32.07
CA VAL C 324 19.02 -11.25 33.39
C VAL C 324 20.13 -11.16 34.43
N PRO C 325 20.27 -9.98 35.04
CA PRO C 325 21.30 -9.77 36.06
C PRO C 325 21.19 -10.78 37.19
N GLY C 326 22.28 -11.47 37.50
CA GLY C 326 22.32 -12.39 38.63
C GLY C 326 21.73 -13.75 38.35
N VAL C 327 21.36 -14.00 37.11
CA VAL C 327 20.76 -15.27 36.73
C VAL C 327 21.65 -16.03 35.74
N GLN C 328 21.78 -17.33 35.96
CA GLN C 328 22.58 -18.18 35.08
C GLN C 328 21.89 -18.45 33.76
N GLY C 329 22.58 -18.07 32.69
CA GLY C 329 22.05 -18.24 31.35
C GLY C 329 22.45 -19.56 30.73
N GLY C 330 22.47 -19.58 29.41
CA GLY C 330 22.77 -20.79 28.66
C GLY C 330 21.95 -20.81 27.38
N VAL C 331 22.39 -21.62 26.43
CA VAL C 331 21.67 -21.81 25.18
C VAL C 331 20.31 -22.47 25.40
N GLN C 332 19.28 -21.87 24.85
CA GLN C 332 17.93 -22.41 24.94
C GLN C 332 17.54 -22.97 23.57
N GLU C 333 17.39 -24.29 23.51
CA GLU C 333 17.14 -24.97 22.24
C GLU C 333 15.66 -25.27 22.01
N GLN C 334 14.83 -24.99 23.00
CA GLN C 334 13.39 -25.20 22.86
C GLN C 334 12.82 -24.30 21.76
N TYR C 335 12.00 -24.89 20.89
CA TYR C 335 11.40 -24.14 19.78
C TYR C 335 10.36 -23.17 20.32
N GLY C 336 10.36 -21.95 19.80
CA GLY C 336 9.39 -20.94 20.16
C GLY C 336 9.35 -19.85 19.09
N GLY C 337 8.44 -18.90 19.26
CA GLY C 337 8.27 -17.79 18.32
C GLY C 337 8.05 -16.47 19.05
N GLN C 338 7.98 -15.38 18.28
CA GLN C 338 7.78 -14.03 18.84
C GLN C 338 6.51 -13.89 19.68
N VAL C 339 5.49 -14.70 19.38
CA VAL C 339 4.23 -14.69 20.12
C VAL C 339 4.45 -15.12 21.59
N ASP C 340 5.55 -15.84 21.83
CA ASP C 340 5.89 -16.37 23.17
C ASP C 340 6.68 -15.40 24.06
N LEU C 341 7.10 -14.28 23.50
CA LEU C 341 7.99 -13.36 24.20
C LEU C 341 7.35 -12.64 25.40
N LEU C 342 6.15 -12.08 25.21
CA LEU C 342 5.51 -11.36 26.31
C LEU C 342 5.22 -12.26 27.53
N PRO C 343 4.61 -13.46 27.33
CA PRO C 343 4.44 -14.32 28.52
C PRO C 343 5.77 -14.67 29.20
N THR C 344 6.84 -14.81 28.41
CA THR C 344 8.16 -15.08 28.95
C THR C 344 8.64 -13.90 29.79
N LEU C 345 8.53 -12.69 29.24
CA LEU C 345 8.97 -11.49 29.94
C LEU C 345 8.18 -11.20 31.23
N LEU C 346 6.85 -11.34 31.16
CA LEU C 346 6.01 -11.06 32.31
C LEU C 346 6.35 -11.95 33.50
N HIS C 347 6.58 -13.24 33.24
CA HIS C 347 6.93 -14.16 34.32
C HIS C 347 8.29 -13.85 34.98
N LEU C 348 9.28 -13.47 34.17
CA LEU C 348 10.59 -13.09 34.71
C LEU C 348 10.43 -11.91 35.67
N LEU C 349 9.51 -11.00 35.33
CA LEU C 349 9.23 -9.82 36.14
C LEU C 349 8.27 -10.12 37.30
N GLY C 350 7.84 -11.36 37.41
CA GLY C 350 6.97 -11.77 38.51
C GLY C 350 5.51 -11.46 38.28
N VAL C 351 5.14 -11.28 37.02
CA VAL C 351 3.74 -10.97 36.70
C VAL C 351 3.03 -12.22 36.17
N ASP C 352 1.93 -12.59 36.81
CA ASP C 352 1.12 -13.69 36.30
C ASP C 352 0.21 -13.17 35.17
N ASN C 353 0.16 -13.87 34.04
CA ASN C 353 -0.62 -13.39 32.91
C ASN C 353 -1.79 -14.30 32.52
N LYS C 354 -2.24 -15.15 33.45
CA LYS C 354 -3.23 -16.20 33.11
C LYS C 354 -4.60 -15.73 32.58
N GLU C 355 -5.05 -14.55 32.99
CA GLU C 355 -6.38 -14.08 32.59
C GLU C 355 -6.39 -13.19 31.33
N TYR C 356 -5.21 -12.92 30.78
CA TYR C 356 -5.06 -12.08 29.58
C TYR C 356 -5.30 -12.86 28.27
N LEU C 357 -5.86 -12.23 27.25
CA LEU C 357 -5.96 -12.89 25.94
C LEU C 357 -4.63 -12.82 25.19
N GLN C 358 -3.78 -13.79 25.52
CA GLN C 358 -2.44 -13.89 24.96
C GLN C 358 -2.26 -15.30 24.46
N PHE C 359 -1.75 -15.44 23.24
CA PHE C 359 -1.67 -16.74 22.59
C PHE C 359 -0.33 -17.46 22.78
N GLY C 360 0.68 -16.75 23.28
CA GLY C 360 1.98 -17.36 23.51
C GLY C 360 2.10 -18.02 24.86
N THR C 361 3.18 -18.77 25.07
CA THR C 361 3.45 -19.38 26.36
C THR C 361 4.90 -19.17 26.77
N ASP C 362 5.10 -19.08 28.08
CA ASP C 362 6.42 -18.89 28.69
C ASP C 362 7.47 -19.87 28.16
N LEU C 363 8.50 -19.33 27.51
CA LEU C 363 9.57 -20.10 26.89
C LEU C 363 10.45 -20.82 27.90
N LEU C 364 10.42 -20.38 29.17
CA LEU C 364 11.24 -21.00 30.20
C LEU C 364 10.44 -22.03 31.02
N SER C 365 9.16 -22.15 30.71
CA SER C 365 8.29 -23.11 31.38
C SER C 365 8.40 -24.50 30.78
N LYS C 366 8.36 -25.51 31.64
CA LYS C 366 8.35 -26.90 31.20
C LYS C 366 7.06 -27.22 30.44
N ASP C 367 6.02 -26.40 30.62
CA ASP C 367 4.74 -26.61 29.94
C ASP C 367 4.66 -25.87 28.62
N HIS C 368 5.73 -25.19 28.24
CA HIS C 368 5.81 -24.59 26.91
C HIS C 368 5.87 -25.68 25.86
N LYS C 369 4.92 -25.65 24.91
CA LYS C 369 4.92 -26.60 23.79
C LYS C 369 5.76 -26.08 22.63
N GLN C 370 6.56 -26.97 22.05
CA GLN C 370 7.46 -26.66 20.96
C GLN C 370 6.75 -26.72 19.62
N LEU C 371 5.89 -25.74 19.40
CA LEU C 371 5.15 -25.64 18.15
C LEU C 371 5.14 -24.18 17.71
N VAL C 372 5.61 -23.91 16.50
CA VAL C 372 5.74 -22.53 16.05
C VAL C 372 4.92 -22.29 14.77
N PRO C 373 3.72 -21.72 14.91
CA PRO C 373 2.90 -21.32 13.76
C PRO C 373 3.56 -20.23 12.91
N PHE C 374 3.49 -20.35 11.58
CA PHE C 374 3.82 -19.26 10.67
C PHE C 374 2.50 -18.59 10.33
N ARG C 375 2.57 -17.33 9.89
CA ARG C 375 1.36 -16.58 9.62
C ARG C 375 0.54 -17.24 8.49
N ASN C 376 1.19 -17.90 7.54
CA ASN C 376 0.49 -18.53 6.43
C ASN C 376 -0.12 -19.93 6.73
N GLY C 377 -0.03 -20.37 7.99
CA GLY C 377 -0.60 -21.65 8.38
C GLY C 377 0.43 -22.77 8.47
N ASP C 378 1.63 -22.54 7.96
CA ASP C 378 2.76 -23.46 8.15
C ASP C 378 3.13 -23.51 9.62
N TYR C 379 3.96 -24.47 10.00
CA TYR C 379 4.41 -24.57 11.39
C TYR C 379 5.70 -25.37 11.50
N ILE C 380 6.42 -25.12 12.58
CA ILE C 380 7.64 -25.83 12.92
C ILE C 380 7.47 -26.56 14.25
N THR C 381 7.85 -27.84 14.30
CA THR C 381 8.00 -28.54 15.57
C THR C 381 9.37 -29.25 15.54
N PRO C 382 9.83 -29.76 16.69
CA PRO C 382 11.13 -30.43 16.62
C PRO C 382 11.20 -31.70 15.73
N THR C 383 10.06 -32.32 15.42
CA THR C 383 10.06 -33.57 14.66
C THR C 383 9.60 -33.44 13.21
N TYR C 384 8.38 -32.94 13.00
CA TYR C 384 7.86 -32.70 11.65
C TYR C 384 7.45 -31.24 11.48
N SER C 385 7.62 -30.71 10.28
CA SER C 385 7.23 -29.33 9.99
C SER C 385 6.43 -29.28 8.69
N MET C 386 5.45 -28.39 8.65
CA MET C 386 4.72 -28.13 7.42
C MET C 386 5.25 -26.83 6.83
N ILE C 387 5.76 -26.91 5.61
CA ILE C 387 6.37 -25.79 4.92
C ILE C 387 5.85 -25.75 3.50
N GLY C 388 5.18 -24.65 3.14
CA GLY C 388 4.47 -24.59 1.88
C GLY C 388 3.35 -25.61 1.78
N GLY C 389 2.78 -25.97 2.93
CA GLY C 389 1.67 -26.91 3.00
C GLY C 389 2.06 -28.36 2.92
N ASN C 390 3.36 -28.62 2.80
CA ASN C 390 3.87 -29.99 2.66
C ASN C 390 4.67 -30.39 3.88
N MET C 391 4.77 -31.69 4.15
CA MET C 391 5.41 -32.17 5.38
C MET C 391 6.89 -32.48 5.19
N TYR C 392 7.70 -32.12 6.18
CA TYR C 392 9.14 -32.40 6.16
C TYR C 392 9.60 -32.92 7.51
N ASN C 393 10.62 -33.76 7.52
CA ASN C 393 11.35 -34.10 8.76
C ASN C 393 12.17 -32.87 9.19
N GLN C 394 11.88 -32.31 10.36
CA GLN C 394 12.53 -31.08 10.81
C GLN C 394 14.02 -31.23 11.06
N GLN C 395 14.45 -32.44 11.42
CA GLN C 395 15.86 -32.68 11.74
C GLN C 395 16.73 -32.93 10.51
N THR C 396 16.18 -33.56 9.49
CA THR C 396 16.97 -33.95 8.32
C THR C 396 16.59 -33.22 7.03
N GLY C 397 15.38 -32.67 6.98
CA GLY C 397 14.91 -32.05 5.77
C GLY C 397 14.23 -33.02 4.81
N GLU C 398 14.08 -34.28 5.22
CA GLU C 398 13.46 -35.26 4.33
C GLU C 398 11.96 -35.04 4.23
N PRO C 399 11.45 -35.00 2.99
CA PRO C 399 10.02 -34.83 2.77
C PRO C 399 9.23 -36.01 3.33
N ILE C 400 8.03 -35.72 3.84
CA ILE C 400 7.10 -36.74 4.28
C ILE C 400 5.90 -36.66 3.37
N ALA C 401 5.65 -37.73 2.62
CA ALA C 401 4.63 -37.69 1.55
C ALA C 401 3.22 -37.54 2.12
N THR C 402 2.93 -38.27 3.19
CA THR C 402 1.56 -38.31 3.72
C THR C 402 1.43 -37.83 5.17
N GLU C 403 0.50 -36.90 5.40
CA GLU C 403 0.17 -36.49 6.76
C GLU C 403 -0.38 -37.63 7.60
N THR C 404 0.15 -37.77 8.81
CA THR C 404 -0.40 -38.68 9.79
C THR C 404 -1.49 -37.95 10.60
N LYS C 405 -2.22 -38.68 11.44
CA LYS C 405 -3.22 -38.07 12.33
C LYS C 405 -2.61 -36.97 13.18
N GLU C 406 -1.40 -37.24 13.66
CA GLU C 406 -0.71 -36.34 14.59
C GLU C 406 -0.32 -35.04 13.89
N MET C 407 0.09 -35.14 12.63
CA MET C 407 0.44 -33.97 11.83
C MET C 407 -0.79 -33.14 11.48
N LYS C 408 -1.88 -33.81 11.12
CA LYS C 408 -3.14 -33.14 10.77
C LYS C 408 -3.75 -32.42 11.97
N GLU C 409 -3.68 -33.06 13.14
CA GLU C 409 -4.12 -32.46 14.39
C GLU C 409 -3.36 -31.17 14.70
N THR C 410 -2.05 -31.22 14.52
CA THR C 410 -1.18 -30.04 14.68
C THR C 410 -1.52 -28.93 13.68
N LYS C 411 -1.72 -29.31 12.43
CA LYS C 411 -2.10 -28.36 11.37
C LYS C 411 -3.38 -27.60 11.74
N GLU C 412 -4.37 -28.34 12.23
CA GLU C 412 -5.66 -27.74 12.57
C GLU C 412 -5.60 -26.91 13.85
N LYS C 413 -4.74 -27.31 14.79
CA LYS C 413 -4.51 -26.50 15.99
C LYS C 413 -3.86 -25.16 15.63
N VAL C 414 -2.86 -25.19 14.75
CA VAL C 414 -2.23 -23.97 14.26
C VAL C 414 -3.27 -23.07 13.56
N ALA C 415 -4.10 -23.65 12.70
CA ALA C 415 -5.14 -22.88 12.02
C ALA C 415 -6.13 -22.29 13.05
N LYS C 416 -6.44 -23.06 14.09
CA LYS C 416 -7.36 -22.59 15.13
C LYS C 416 -6.77 -21.40 15.92
N GLU C 417 -5.50 -21.49 16.30
CA GLU C 417 -4.83 -20.40 17.01
C GLU C 417 -4.83 -19.09 16.21
N LEU C 418 -4.52 -19.18 14.93
CA LEU C 418 -4.48 -18.02 14.05
C LEU C 418 -5.88 -17.43 13.85
N GLU C 419 -6.89 -18.29 13.74
CA GLU C 419 -8.27 -17.83 13.53
C GLU C 419 -8.76 -17.08 14.77
N LEU C 420 -8.42 -17.59 15.94
CA LEU C 420 -8.83 -16.96 17.20
C LEU C 420 -8.10 -15.63 17.42
N SER C 421 -6.83 -15.58 17.06
CA SER C 421 -6.08 -14.33 17.11
C SER C 421 -6.74 -13.29 16.21
N ASP C 422 -7.08 -13.69 14.98
CA ASP C 422 -7.72 -12.79 14.04
C ASP C 422 -9.09 -12.29 14.50
N SER C 423 -9.83 -13.13 15.22
CA SER C 423 -11.15 -12.75 15.70
C SER C 423 -11.04 -11.64 16.76
N VAL C 424 -9.96 -11.66 17.56
CA VAL C 424 -9.70 -10.58 18.53
C VAL C 424 -9.45 -9.24 17.81
N LEU C 425 -8.64 -9.26 16.76
CA LEU C 425 -8.36 -8.05 15.98
C LEU C 425 -9.57 -7.56 15.18
N GLN C 426 -10.25 -8.47 14.49
CA GLN C 426 -11.35 -8.12 13.60
C GLN C 426 -12.64 -7.79 14.34
N GLY C 427 -12.83 -8.41 15.49
CA GLY C 427 -14.01 -8.14 16.29
C GLY C 427 -13.77 -7.05 17.32
N ASP C 428 -12.51 -6.59 17.43
CA ASP C 428 -12.11 -5.62 18.45
C ASP C 428 -12.62 -6.04 19.83
N LEU C 429 -12.24 -7.26 20.22
CA LEU C 429 -12.87 -7.96 21.34
C LEU C 429 -12.47 -7.52 22.74
N LEU C 430 -11.34 -6.82 22.88
CA LEU C 430 -10.88 -6.42 24.21
C LEU C 430 -11.71 -5.25 24.73
N ARG C 431 -12.53 -4.68 23.87
CA ARG C 431 -13.61 -3.79 24.30
C ARG C 431 -14.48 -4.46 25.35
N PHE C 432 -14.70 -5.76 25.18
CA PHE C 432 -15.70 -6.49 25.93
C PHE C 432 -15.10 -7.31 27.07
N TYR C 433 -13.78 -7.25 27.22
CA TYR C 433 -13.11 -8.05 28.24
C TYR C 433 -11.79 -7.44 28.73
N ALA C 434 -11.60 -7.45 30.05
CA ALA C 434 -10.30 -7.24 30.68
C ALA C 434 -10.25 -8.11 31.92
N PRO C 435 -9.06 -8.59 32.31
CA PRO C 435 -8.99 -9.38 33.56
C PRO C 435 -9.48 -8.57 34.75
N ASP C 436 -10.02 -9.23 35.77
CA ASP C 436 -10.53 -8.50 36.93
C ASP C 436 -9.42 -7.72 37.60
N GLY C 437 -9.66 -6.44 37.83
CA GLY C 437 -8.68 -5.55 38.44
C GLY C 437 -7.76 -4.80 37.49
N PHE C 438 -7.79 -5.12 36.20
CA PHE C 438 -7.01 -4.39 35.20
C PHE C 438 -7.69 -3.06 34.86
N LYS C 439 -6.94 -1.96 34.98
CA LYS C 439 -7.45 -0.64 34.62
C LYS C 439 -7.04 -0.30 33.20
N LYS C 440 -8.01 0.09 32.38
CA LYS C 440 -7.84 0.24 30.94
C LYS C 440 -7.25 1.58 30.52
N VAL C 441 -6.52 1.54 29.41
CA VAL C 441 -5.87 2.70 28.82
C VAL C 441 -6.85 3.72 28.26
N ASP C 442 -6.65 5.00 28.59
CA ASP C 442 -7.37 6.09 27.92
C ASP C 442 -6.43 6.75 26.91
N PRO C 443 -6.59 6.41 25.63
CA PRO C 443 -5.68 6.86 24.57
C PRO C 443 -5.70 8.36 24.39
N SER C 444 -6.76 9.02 24.85
CA SER C 444 -6.86 10.47 24.69
C SER C 444 -5.87 11.19 25.60
N LYS C 445 -5.32 10.47 26.59
CA LYS C 445 -4.42 11.08 27.57
C LYS C 445 -2.96 11.02 27.18
N TYR C 446 -2.67 10.76 25.91
CA TYR C 446 -1.29 10.65 25.45
C TYR C 446 -1.00 11.63 24.32
N ASN C 447 0.16 12.27 24.36
CA ASN C 447 0.58 13.12 23.24
C ASN C 447 2.11 13.04 23.11
N TYR C 448 2.58 12.69 21.92
CA TYR C 448 4.00 12.43 21.69
C TYR C 448 4.71 13.60 21.00
N ASN C 449 3.95 14.64 20.64
CA ASN C 449 4.50 15.82 19.98
C ASN C 449 5.46 16.62 20.85
N LYS C 450 6.36 17.34 20.17
CA LYS C 450 7.38 18.25 20.74
C LYS C 450 8.61 17.51 21.29
N SER D 34 31.06 -63.78 -34.13
CA SER D 34 30.57 -62.54 -34.74
C SER D 34 31.70 -61.53 -34.88
N ASP D 35 31.85 -60.93 -36.06
CA ASP D 35 32.84 -59.86 -36.20
C ASP D 35 32.28 -58.50 -35.75
N VAL D 36 33.11 -57.47 -35.82
CA VAL D 36 32.70 -56.13 -35.42
C VAL D 36 31.52 -55.54 -36.22
N THR D 37 31.45 -55.81 -37.52
CA THR D 37 30.39 -55.28 -38.36
C THR D 37 28.99 -55.78 -37.91
N GLU D 38 28.90 -57.07 -37.60
CA GLU D 38 27.65 -57.66 -37.13
C GLU D 38 27.19 -57.07 -35.79
N VAL D 39 28.13 -56.87 -34.88
CA VAL D 39 27.83 -56.29 -33.59
C VAL D 39 27.33 -54.85 -33.79
N LEU D 40 28.02 -54.11 -34.64
CA LEU D 40 27.70 -52.72 -34.91
C LEU D 40 26.32 -52.55 -35.55
N ASN D 41 25.96 -53.49 -36.42
CA ASN D 41 24.63 -53.51 -37.02
C ASN D 41 23.53 -53.63 -35.96
N TYR D 42 23.80 -54.44 -34.95
CA TYR D 42 22.87 -54.60 -33.84
C TYR D 42 22.72 -53.30 -33.06
N THR D 43 23.84 -52.78 -32.59
CA THR D 43 23.83 -51.65 -31.68
C THR D 43 23.25 -50.42 -32.34
N LYS D 44 23.54 -50.21 -33.62
CA LYS D 44 23.00 -49.06 -34.34
C LYS D 44 21.49 -49.14 -34.53
N SER D 45 20.98 -50.34 -34.74
CA SER D 45 19.55 -50.56 -34.81
C SER D 45 18.86 -50.40 -33.44
N LYS D 46 19.61 -50.59 -32.36
CA LYS D 46 19.06 -50.48 -31.01
C LYS D 46 19.03 -49.04 -30.49
N TYR D 47 19.94 -48.20 -30.98
CA TYR D 47 20.14 -46.83 -30.51
C TYR D 47 18.84 -46.04 -30.25
N ALA D 48 18.77 -45.36 -29.11
CA ALA D 48 17.64 -44.50 -28.77
C ALA D 48 18.05 -43.03 -28.82
N ALA D 49 17.32 -42.22 -29.60
CA ALA D 49 17.66 -40.81 -29.74
C ALA D 49 17.39 -40.07 -28.42
N PRO D 50 18.16 -38.99 -28.17
CA PRO D 50 18.03 -38.23 -26.92
C PRO D 50 16.65 -37.61 -26.72
N ASN D 51 16.26 -37.42 -25.47
CA ASN D 51 15.08 -36.63 -25.14
C ASN D 51 15.52 -35.17 -25.12
N PRO D 52 14.91 -34.35 -25.99
CA PRO D 52 15.28 -32.94 -26.14
C PRO D 52 15.17 -32.15 -24.84
N GLU D 53 14.31 -32.60 -23.93
CA GLU D 53 14.18 -31.92 -22.65
C GLU D 53 15.41 -32.17 -21.77
N TYR D 54 16.17 -33.22 -22.05
CA TYR D 54 17.26 -33.59 -21.15
C TYR D 54 18.65 -33.55 -21.80
N PHE D 55 18.71 -33.57 -23.12
CA PHE D 55 20.01 -33.58 -23.79
C PHE D 55 20.79 -32.30 -23.46
N GLY D 56 22.00 -32.48 -22.94
CA GLY D 56 22.87 -31.36 -22.66
C GLY D 56 22.51 -30.54 -21.44
N LYS D 57 21.56 -31.01 -20.62
CA LYS D 57 21.14 -30.25 -19.43
C LYS D 57 22.20 -30.18 -18.33
N ALA D 58 23.23 -31.01 -18.45
CA ALA D 58 24.32 -31.02 -17.50
C ALA D 58 25.65 -30.82 -18.22
N LYS D 59 25.55 -30.20 -19.39
CA LYS D 59 26.68 -29.97 -20.26
C LYS D 59 27.73 -29.17 -19.53
N GLY D 60 28.96 -29.65 -19.52
CA GLY D 60 30.08 -28.99 -18.86
C GLY D 60 30.28 -29.29 -17.38
N LYS D 61 29.30 -29.96 -16.76
CA LYS D 61 29.35 -30.23 -15.31
C LYS D 61 30.29 -31.39 -14.95
N ASN D 62 30.79 -31.40 -13.71
CA ASN D 62 31.51 -32.56 -13.16
C ASN D 62 30.61 -33.78 -13.05
N VAL D 63 31.23 -34.96 -12.96
CA VAL D 63 30.51 -36.20 -12.68
C VAL D 63 31.08 -36.90 -11.44
N ILE D 64 30.20 -37.20 -10.48
CA ILE D 64 30.62 -37.93 -9.31
C ILE D 64 29.73 -39.16 -9.14
N TYR D 65 30.30 -40.33 -9.43
CA TYR D 65 29.63 -41.61 -9.18
C TYR D 65 29.85 -42.02 -7.72
N ILE D 66 28.78 -42.28 -7.00
CA ILE D 66 28.91 -42.85 -5.66
C ILE D 66 28.44 -44.31 -5.70
N HIS D 67 29.41 -45.21 -5.64
CA HIS D 67 29.19 -46.64 -5.76
C HIS D 67 28.74 -47.19 -4.42
N LEU D 68 27.45 -47.51 -4.31
CA LEU D 68 26.88 -48.06 -3.08
C LEU D 68 27.05 -49.58 -3.08
N GLU D 69 28.06 -50.06 -2.35
CA GLU D 69 28.42 -51.48 -2.36
C GLU D 69 27.31 -52.39 -1.87
N SER D 70 26.96 -53.40 -2.69
CA SER D 70 25.99 -54.45 -2.34
C SER D 70 24.65 -53.90 -1.84
N PHE D 71 24.22 -52.76 -2.39
CA PHE D 71 23.03 -52.02 -1.94
C PHE D 71 21.83 -52.34 -2.84
N GLN D 72 20.82 -52.97 -2.27
CA GLN D 72 19.63 -53.30 -3.04
C GLN D 72 18.58 -52.20 -2.90
N GLN D 73 17.74 -52.03 -3.91
CA GLN D 73 16.74 -50.97 -3.93
C GLN D 73 15.72 -51.08 -2.79
N PHE D 74 15.52 -52.29 -2.25
CA PHE D 74 14.51 -52.47 -1.19
C PHE D 74 14.85 -51.73 0.11
N LEU D 75 16.11 -51.35 0.26
CA LEU D 75 16.56 -50.56 1.41
C LEU D 75 16.00 -49.13 1.40
N VAL D 76 15.75 -48.61 0.20
CA VAL D 76 15.26 -47.24 0.04
C VAL D 76 13.88 -47.12 0.69
N ASN D 77 13.80 -46.19 1.64
CA ASN D 77 12.61 -45.95 2.48
C ASN D 77 12.25 -47.11 3.39
N TYR D 78 13.15 -48.07 3.54
CA TYR D 78 12.91 -49.21 4.41
C TYR D 78 13.00 -48.79 5.88
N LYS D 79 12.06 -49.24 6.70
CA LYS D 79 12.12 -48.97 8.12
C LYS D 79 12.30 -50.27 8.92
N LEU D 80 13.33 -50.28 9.75
CA LEU D 80 13.60 -51.41 10.62
C LEU D 80 13.27 -51.02 12.05
N ASN D 81 12.23 -51.63 12.62
CA ASN D 81 11.76 -51.26 13.95
C ASN D 81 11.37 -49.78 14.07
N GLY D 82 10.58 -49.29 13.11
CA GLY D 82 10.08 -47.92 13.12
C GLY D 82 11.06 -46.86 12.64
N GLU D 83 12.30 -47.29 12.38
CA GLU D 83 13.41 -46.39 12.10
C GLU D 83 13.97 -46.60 10.69
N GLU D 84 14.08 -45.50 9.93
CA GLU D 84 14.70 -45.50 8.59
C GLU D 84 16.14 -45.98 8.61
N VAL D 85 16.43 -47.00 7.82
CA VAL D 85 17.78 -47.57 7.79
C VAL D 85 18.77 -46.67 7.05
N THR D 86 18.35 -46.10 5.93
CA THR D 86 19.25 -45.25 5.14
C THR D 86 18.63 -43.88 4.88
N PRO D 87 18.46 -43.09 5.95
CA PRO D 87 17.69 -41.84 5.88
C PRO D 87 18.30 -40.81 4.92
N PHE D 88 19.61 -40.66 4.89
CA PHE D 88 20.15 -39.66 3.98
C PHE D 88 19.92 -40.08 2.53
N ILE D 89 20.22 -41.33 2.22
CA ILE D 89 19.98 -41.80 0.87
C ILE D 89 18.49 -41.69 0.52
N ASN D 90 17.62 -41.95 1.49
CA ASN D 90 16.19 -41.74 1.29
C ASN D 90 15.88 -40.29 0.90
N SER D 91 16.52 -39.33 1.56
CA SER D 91 16.27 -37.93 1.25
C SER D 91 16.78 -37.58 -0.14
N PHE D 92 17.91 -38.15 -0.53
CA PHE D 92 18.49 -37.97 -1.86
C PHE D 92 17.54 -38.52 -2.93
N PHE D 93 16.97 -39.69 -2.63
CA PHE D 93 15.95 -40.34 -3.47
C PHE D 93 14.83 -39.35 -3.75
N LYS D 94 14.42 -38.60 -2.73
CA LYS D 94 13.28 -37.71 -2.85
C LYS D 94 13.60 -36.25 -3.20
N ASP D 95 14.88 -35.92 -3.33
CA ASP D 95 15.28 -34.55 -3.66
C ASP D 95 14.63 -34.07 -4.96
N GLN D 96 14.33 -32.78 -5.03
CA GLN D 96 13.60 -32.22 -6.18
C GLN D 96 14.37 -32.32 -7.49
N ASN D 97 15.70 -32.35 -7.41
CA ASN D 97 16.55 -32.44 -8.58
C ASN D 97 17.07 -33.85 -8.88
N THR D 98 16.46 -34.87 -8.31
CA THR D 98 16.93 -36.23 -8.51
C THR D 98 15.99 -37.06 -9.36
N LEU D 99 16.54 -37.66 -10.41
CA LEU D 99 15.86 -38.67 -11.20
C LEU D 99 16.08 -40.04 -10.54
N SER D 100 15.01 -40.62 -10.01
CA SER D 100 15.14 -41.80 -9.15
C SER D 100 14.46 -43.00 -9.75
N PHE D 101 15.21 -44.07 -9.95
CA PHE D 101 14.69 -45.23 -10.68
C PHE D 101 14.28 -46.33 -9.72
N THR D 102 13.05 -46.80 -9.87
CA THR D 102 12.50 -47.84 -9.00
C THR D 102 12.49 -49.21 -9.69
N ASN D 103 12.75 -49.24 -11.01
CA ASN D 103 12.79 -50.52 -11.73
C ASN D 103 14.11 -50.71 -12.50
N PHE D 104 15.22 -50.43 -11.82
CA PHE D 104 16.56 -50.48 -12.37
C PHE D 104 17.29 -51.70 -11.80
N PHE D 105 17.82 -52.54 -12.68
CA PHE D 105 18.37 -53.84 -12.29
C PHE D 105 19.88 -53.94 -12.51
N HIS D 106 20.58 -54.64 -11.62
CA HIS D 106 21.97 -54.98 -11.88
C HIS D 106 22.02 -56.15 -12.88
N GLN D 107 23.10 -56.22 -13.65
CA GLN D 107 23.23 -57.24 -14.68
C GLN D 107 24.58 -57.94 -14.61
N THR D 108 25.09 -58.09 -13.38
CA THR D 108 26.40 -58.66 -13.13
C THR D 108 26.37 -60.20 -13.08
N GLY D 109 27.54 -60.82 -13.22
CA GLY D 109 27.66 -62.26 -13.11
C GLY D 109 28.69 -62.60 -12.04
N GLN D 110 29.61 -63.51 -12.38
CA GLN D 110 30.63 -63.95 -11.43
C GLN D 110 31.69 -62.86 -11.18
N GLY D 111 31.71 -61.85 -12.03
CA GLY D 111 32.66 -60.76 -11.87
C GLY D 111 32.23 -59.75 -10.83
N LYS D 112 30.99 -59.89 -10.37
CA LYS D 112 30.41 -59.09 -9.27
C LYS D 112 30.67 -57.59 -9.43
N TPO D 113 31.51 -57.03 -8.55
CA TPO D 113 31.81 -55.60 -8.55
CB TPO D 113 32.71 -55.24 -7.36
CG2 TPO D 113 33.11 -53.76 -7.40
OG1 TPO D 113 32.00 -55.49 -6.14
P TPO D 113 32.69 -56.71 -5.36
O1P TPO D 113 33.79 -56.16 -4.53
O2P TPO D 113 31.58 -57.44 -4.44
O3P TPO D 113 33.26 -57.80 -6.40
C TPO D 113 32.47 -55.13 -9.86
O TPO D 113 32.11 -54.08 -10.41
N ALA D 114 33.41 -55.95 -10.33
CA ALA D 114 34.14 -55.67 -11.57
C ALA D 114 33.20 -55.67 -12.78
N ASP D 115 32.17 -56.52 -12.77
CA ASP D 115 31.18 -56.55 -13.85
C ASP D 115 30.35 -55.24 -13.93
N SER D 116 29.95 -54.71 -12.78
CA SER D 116 29.21 -53.46 -12.75
C SER D 116 30.07 -52.32 -13.31
N GLU D 117 31.38 -52.39 -13.09
CA GLU D 117 32.30 -51.40 -13.64
C GLU D 117 32.40 -51.55 -15.15
N MET D 118 32.50 -52.80 -15.64
CA MET D 118 32.49 -53.06 -17.08
C MET D 118 31.25 -52.47 -17.74
N LEU D 119 30.10 -52.73 -17.12
CA LEU D 119 28.81 -52.24 -17.61
C LEU D 119 28.76 -50.72 -17.61
N LEU D 120 29.15 -50.09 -16.49
CA LEU D 120 29.10 -48.63 -16.36
C LEU D 120 30.08 -47.84 -17.24
N GLU D 121 31.31 -48.31 -17.38
CA GLU D 121 32.34 -47.58 -18.13
C GLU D 121 32.29 -47.82 -19.64
N ASN D 122 31.73 -48.95 -20.07
CA ASN D 122 31.80 -49.36 -21.48
C ASN D 122 30.47 -49.71 -22.12
N SER D 123 29.44 -49.89 -21.30
CA SER D 123 28.15 -50.42 -21.76
C SER D 123 28.33 -51.79 -22.43
N LEU D 124 29.20 -52.59 -21.83
CA LEU D 124 29.40 -53.99 -22.20
C LEU D 124 29.11 -54.85 -20.97
N TYR D 125 28.55 -56.04 -21.16
CA TYR D 125 28.35 -56.99 -20.05
C TYR D 125 29.69 -57.64 -19.69
N GLY D 126 29.79 -58.18 -18.48
CA GLY D 126 30.87 -59.07 -18.13
C GLY D 126 30.72 -60.38 -18.89
N LEU D 127 31.57 -61.34 -18.58
CA LEU D 127 31.55 -62.66 -19.24
C LEU D 127 30.51 -63.59 -18.59
N PRO D 128 30.05 -64.66 -19.30
CA PRO D 128 29.06 -65.59 -18.74
C PRO D 128 29.58 -66.43 -17.55
N GLN D 129 30.89 -66.66 -17.50
CA GLN D 129 31.57 -67.19 -16.31
C GLN D 129 32.85 -66.41 -16.08
N GLY D 130 33.34 -66.43 -14.85
CA GLY D 130 34.53 -65.69 -14.49
C GLY D 130 34.44 -64.18 -14.55
N SER D 131 35.61 -63.55 -14.48
CA SER D 131 35.71 -62.10 -14.41
C SER D 131 36.42 -61.50 -15.62
N ALA D 132 35.73 -60.65 -16.37
CA ALA D 132 36.32 -60.02 -17.55
C ALA D 132 37.54 -59.14 -17.20
N PHE D 133 37.48 -58.47 -16.05
CA PHE D 133 38.58 -57.62 -15.60
C PHE D 133 39.87 -58.44 -15.45
N THR D 134 39.71 -59.67 -15.00
CA THR D 134 40.85 -60.56 -14.77
C THR D 134 41.45 -61.03 -16.09
N THR D 135 40.61 -61.35 -17.05
CA THR D 135 41.07 -62.02 -18.25
C THR D 135 41.10 -61.11 -19.49
N LYS D 136 40.43 -59.96 -19.42
CA LYS D 136 40.39 -59.04 -20.54
C LYS D 136 41.01 -57.69 -20.21
N GLY D 137 42.00 -57.68 -19.32
CA GLY D 137 42.63 -56.44 -18.89
C GLY D 137 43.46 -55.76 -19.96
N GLN D 138 43.72 -56.45 -21.06
CA GLN D 138 44.50 -55.90 -22.17
C GLN D 138 43.72 -55.71 -23.47
N ASN D 139 42.40 -55.83 -23.41
CA ASN D 139 41.54 -55.50 -24.54
C ASN D 139 41.57 -54.00 -24.84
N THR D 140 41.22 -53.65 -26.06
CA THR D 140 40.99 -52.27 -26.42
C THR D 140 39.59 -51.84 -25.98
N TYR D 141 39.52 -50.69 -25.31
CA TYR D 141 38.25 -50.15 -24.85
C TYR D 141 38.09 -48.70 -25.30
N GLU D 142 36.83 -48.27 -25.41
CA GLU D 142 36.52 -46.88 -25.73
C GLU D 142 35.58 -46.35 -24.65
N SER D 143 36.13 -46.21 -23.44
CA SER D 143 35.32 -46.00 -22.24
C SER D 143 34.93 -44.58 -21.96
N ALA D 144 34.06 -44.45 -20.96
CA ALA D 144 33.56 -43.16 -20.50
C ALA D 144 34.70 -42.19 -20.20
N SER D 145 35.71 -42.67 -19.49
N SER D 145 35.72 -42.67 -19.50
CA SER D 145 36.86 -41.84 -19.14
CA SER D 145 36.89 -41.86 -19.15
C SER D 145 37.60 -41.32 -20.38
C SER D 145 37.62 -41.32 -20.38
N ALA D 146 37.69 -42.14 -21.43
CA ALA D 146 38.35 -41.73 -22.66
C ALA D 146 37.50 -40.75 -23.47
N ILE D 147 36.21 -41.06 -23.58
CA ILE D 147 35.29 -40.25 -24.37
C ILE D 147 35.21 -38.83 -23.82
N LEU D 148 35.06 -38.73 -22.50
CA LEU D 148 34.98 -37.44 -21.85
C LEU D 148 36.34 -36.76 -21.70
N GLY D 149 37.41 -37.56 -21.53
CA GLY D 149 38.76 -37.02 -21.54
C GLY D 149 39.06 -36.15 -22.76
N GLN D 150 38.62 -36.63 -23.92
CA GLN D 150 38.75 -35.91 -25.19
C GLN D 150 37.87 -34.67 -25.25
N GLN D 151 37.00 -34.52 -24.26
CA GLN D 151 36.10 -33.37 -24.19
C GLN D 151 36.64 -32.46 -23.09
N GLY D 152 37.88 -32.75 -22.66
CA GLY D 152 38.60 -31.99 -21.66
C GLY D 152 38.40 -32.36 -20.20
N TYR D 153 37.79 -33.52 -19.94
CA TYR D 153 37.58 -34.04 -18.57
C TYR D 153 38.84 -34.68 -17.99
N THR D 154 39.11 -34.41 -16.72
CA THR D 154 40.11 -35.17 -15.97
C THR D 154 39.37 -36.31 -15.26
N SER D 155 39.97 -37.50 -15.14
CA SER D 155 39.23 -38.63 -14.57
C SER D 155 39.93 -39.29 -13.38
N ALA D 156 39.16 -39.85 -12.46
CA ALA D 156 39.76 -40.49 -11.30
C ALA D 156 38.84 -41.53 -10.66
N VAL D 157 39.42 -42.64 -10.22
CA VAL D 157 38.69 -43.58 -9.38
C VAL D 157 39.28 -43.49 -7.98
N PHE D 158 38.42 -43.55 -6.96
CA PHE D 158 38.82 -43.59 -5.55
C PHE D 158 38.38 -44.93 -4.91
N HIS D 159 39.29 -45.62 -4.23
CA HIS D 159 38.96 -46.92 -3.62
C HIS D 159 39.91 -47.23 -2.45
N GLY D 160 39.35 -47.63 -1.31
CA GLY D 160 40.14 -47.86 -0.12
C GLY D 160 40.78 -49.23 -0.05
N ASN D 161 41.11 -49.78 -1.22
CA ASN D 161 41.83 -51.04 -1.29
C ASN D 161 42.89 -50.94 -2.37
N TYR D 162 43.80 -51.92 -2.43
CA TYR D 162 44.95 -51.83 -3.33
C TYR D 162 44.58 -52.13 -4.79
N LYS D 163 45.24 -51.42 -5.71
CA LYS D 163 44.84 -51.41 -7.11
C LYS D 163 45.03 -52.76 -7.82
N SER D 164 45.74 -53.68 -7.19
CA SER D 164 45.93 -55.00 -7.76
C SER D 164 44.64 -55.83 -7.72
N PHE D 165 43.73 -55.51 -6.80
CA PHE D 165 42.53 -56.34 -6.67
C PHE D 165 41.64 -56.13 -7.86
N TRP D 166 41.06 -57.23 -8.34
CA TRP D 166 40.28 -57.25 -9.56
C TRP D 166 41.00 -56.68 -10.80
N ASN D 167 42.34 -56.71 -10.78
CA ASN D 167 43.15 -56.28 -11.93
C ASN D 167 42.89 -54.84 -12.37
N ARG D 168 42.42 -53.99 -11.43
CA ARG D 168 42.04 -52.62 -11.75
C ARG D 168 43.22 -51.79 -12.26
N ASP D 169 44.38 -51.98 -11.65
CA ASP D 169 45.60 -51.28 -12.05
C ASP D 169 45.87 -51.38 -13.55
N GLU D 170 45.68 -52.58 -14.11
CA GLU D 170 45.92 -52.84 -15.51
C GLU D 170 44.81 -52.34 -16.43
N ILE D 171 43.57 -52.76 -16.17
CA ILE D 171 42.49 -52.49 -17.12
C ILE D 171 42.07 -51.01 -17.11
N TYR D 172 42.27 -50.30 -15.99
CA TYR D 172 41.97 -48.87 -15.93
C TYR D 172 42.76 -48.05 -16.94
N LYS D 173 43.97 -48.51 -17.27
CA LYS D 173 44.80 -47.79 -18.24
C LYS D 173 44.24 -47.92 -19.66
N GLN D 174 43.64 -49.08 -19.96
CA GLN D 174 42.94 -49.32 -21.22
C GLN D 174 41.66 -48.49 -21.25
N PHE D 175 41.04 -48.31 -20.09
CA PHE D 175 39.87 -47.45 -19.96
C PHE D 175 40.27 -45.97 -20.17
N GLY D 176 41.50 -45.64 -19.76
CA GLY D 176 41.96 -44.26 -19.87
C GLY D 176 41.69 -43.41 -18.65
N TYR D 177 41.72 -44.02 -17.47
CA TYR D 177 41.60 -43.28 -16.21
C TYR D 177 42.90 -42.52 -15.90
N ASP D 178 42.80 -41.21 -15.77
CA ASP D 178 43.97 -40.39 -15.48
C ASP D 178 44.56 -40.72 -14.11
N ASN D 179 43.68 -40.98 -13.14
CA ASN D 179 44.09 -41.24 -11.77
C ASN D 179 43.42 -42.45 -11.14
N PHE D 180 44.17 -43.16 -10.30
CA PHE D 180 43.62 -44.20 -9.46
C PHE D 180 44.14 -44.02 -8.05
N PHE D 181 43.33 -43.39 -7.20
CA PHE D 181 43.66 -43.24 -5.80
C PHE D 181 43.27 -44.47 -5.00
N ASP D 182 44.15 -45.47 -4.98
CA ASP D 182 43.87 -46.70 -4.25
C ASP D 182 44.39 -46.59 -2.81
N ALA D 183 44.45 -47.73 -2.14
CA ALA D 183 44.77 -47.77 -0.71
C ALA D 183 46.12 -47.13 -0.38
N SER D 184 47.03 -47.14 -1.35
CA SER D 184 48.37 -46.59 -1.12
C SER D 184 48.31 -45.09 -0.87
N TYR D 185 47.18 -44.46 -1.23
CA TYR D 185 46.98 -43.03 -1.00
C TYR D 185 46.25 -42.70 0.31
N TYR D 186 45.94 -43.73 1.09
CA TYR D 186 45.16 -43.53 2.30
C TYR D 186 45.93 -44.03 3.53
N ASP D 187 45.49 -43.61 4.71
CA ASP D 187 46.10 -44.03 5.95
C ASP D 187 45.48 -45.35 6.37
N MET D 188 46.17 -46.43 6.06
CA MET D 188 45.64 -47.75 6.31
C MET D 188 46.03 -48.26 7.68
N ASN D 189 45.78 -47.44 8.71
CA ASN D 189 46.03 -47.82 10.10
C ASN D 189 45.00 -48.87 10.54
N GLU D 190 45.25 -49.55 11.66
CA GLU D 190 44.46 -50.74 11.98
C GLU D 190 43.06 -50.44 12.54
N ALA D 191 42.86 -49.22 13.02
CA ALA D 191 41.56 -48.79 13.55
C ALA D 191 40.56 -48.41 12.45
N ASP D 192 41.08 -48.06 11.28
CA ASP D 192 40.28 -47.55 10.18
C ASP D 192 40.06 -48.60 9.08
N VAL D 193 40.54 -49.81 9.31
CA VAL D 193 40.54 -50.85 8.30
C VAL D 193 39.72 -52.08 8.66
N SER D 194 38.92 -52.53 7.71
CA SER D 194 38.15 -53.76 7.80
C SER D 194 38.85 -54.82 6.94
N ASN D 195 38.16 -55.91 6.62
CA ASN D 195 38.82 -56.97 5.87
C ASN D 195 38.72 -56.84 4.37
N TYR D 196 38.01 -55.83 3.89
CA TYR D 196 38.07 -55.50 2.46
C TYR D 196 38.83 -54.21 2.26
N GLY D 197 39.26 -53.60 3.36
CA GLY D 197 40.06 -52.40 3.27
C GLY D 197 39.59 -51.28 4.18
N LEU D 198 39.87 -50.06 3.74
CA LEU D 198 39.57 -48.87 4.51
C LEU D 198 38.07 -48.69 4.67
N LYS D 199 37.63 -48.36 5.88
CA LYS D 199 36.21 -48.17 6.14
C LYS D 199 35.74 -46.91 5.42
N ASP D 200 34.45 -46.86 5.13
CA ASP D 200 33.90 -45.82 4.26
C ASP D 200 34.04 -44.39 4.83
N LYS D 201 33.90 -44.24 6.14
CA LYS D 201 33.96 -42.90 6.71
C LYS D 201 35.37 -42.29 6.63
N PRO D 202 36.41 -43.03 7.07
CA PRO D 202 37.72 -42.45 6.81
C PRO D 202 38.07 -42.34 5.31
N PHE D 203 37.56 -43.26 4.49
CA PHE D 203 37.77 -43.20 3.04
C PHE D 203 37.31 -41.89 2.41
N PHE D 204 36.06 -41.55 2.65
CA PHE D 204 35.46 -40.35 2.09
C PHE D 204 36.12 -39.08 2.65
N LYS D 205 36.59 -39.14 3.89
CA LYS D 205 37.22 -37.98 4.48
C LYS D 205 38.60 -37.75 3.92
N GLU D 206 39.34 -38.83 3.68
CA GLU D 206 40.69 -38.71 3.13
C GLU D 206 40.69 -38.49 1.61
N SER D 207 39.52 -38.69 1.01
CA SER D 207 39.32 -38.47 -0.43
C SER D 207 39.13 -37.00 -0.79
N GLU D 208 38.80 -36.18 0.21
CA GLU D 208 38.41 -34.79 -0.05
C GLU D 208 39.54 -33.94 -0.59
N GLU D 209 40.71 -34.10 0.00
CA GLU D 209 41.91 -33.40 -0.44
C GLU D 209 42.20 -33.70 -1.91
N TYR D 210 42.07 -34.97 -2.29
CA TYR D 210 42.42 -35.40 -3.65
C TYR D 210 41.40 -34.90 -4.66
N LEU D 211 40.12 -34.93 -4.29
CA LEU D 211 39.07 -34.48 -5.19
C LEU D 211 39.14 -32.97 -5.43
N SER D 212 39.49 -32.22 -4.39
CA SER D 212 39.53 -30.75 -4.48
C SER D 212 40.68 -30.24 -5.34
N SER D 213 41.69 -31.09 -5.57
CA SER D 213 42.84 -30.68 -6.37
C SER D 213 42.76 -31.31 -7.74
N LEU D 214 41.59 -31.84 -8.06
CA LEU D 214 41.38 -32.43 -9.35
C LEU D 214 40.88 -31.36 -10.32
N GLN D 215 41.49 -31.26 -11.50
CA GLN D 215 41.08 -30.24 -12.47
C GLN D 215 39.65 -30.44 -12.95
N GLN D 216 38.87 -29.36 -12.99
CA GLN D 216 37.49 -29.46 -13.47
C GLN D 216 37.41 -29.06 -14.93
N PRO D 217 36.47 -29.67 -15.69
CA PRO D 217 35.52 -30.70 -15.25
C PRO D 217 36.18 -32.07 -15.03
N PHE D 218 35.71 -32.82 -14.04
CA PHE D 218 36.26 -34.15 -13.82
C PHE D 218 35.19 -35.24 -13.87
N TYR D 219 35.67 -36.47 -14.06
CA TYR D 219 34.83 -37.66 -14.12
C TYR D 219 35.36 -38.63 -13.05
N THR D 220 34.59 -38.82 -11.98
CA THR D 220 35.09 -39.58 -10.82
C THR D 220 34.13 -40.67 -10.39
N LYS D 221 34.68 -41.71 -9.77
CA LYS D 221 33.86 -42.75 -9.20
C LYS D 221 34.43 -43.11 -7.84
N PHE D 222 33.58 -43.15 -6.83
CA PHE D 222 34.02 -43.52 -5.48
C PHE D 222 33.52 -44.91 -5.13
N ILE D 223 34.41 -45.89 -5.11
CA ILE D 223 34.01 -47.26 -4.83
C ILE D 223 34.13 -47.58 -3.33
N THR D 224 33.00 -47.58 -2.66
CA THR D 224 32.94 -47.88 -1.23
C THR D 224 33.13 -49.39 -0.99
N LEU D 225 33.31 -49.79 0.26
CA LEU D 225 33.58 -51.21 0.52
C LEU D 225 33.10 -51.78 1.86
N THR D 226 32.62 -50.94 2.77
CA THR D 226 32.24 -51.43 4.10
C THR D 226 31.06 -52.39 4.01
N ASN D 227 30.15 -52.13 3.08
CA ASN D 227 28.96 -52.94 2.94
C ASN D 227 29.22 -54.19 2.09
N HIS D 228 30.18 -55.02 2.51
CA HIS D 228 30.43 -56.34 1.92
C HIS D 228 29.94 -57.49 2.80
N PHE D 229 29.44 -58.55 2.16
CA PHE D 229 29.11 -59.81 2.84
C PHE D 229 30.33 -60.27 3.63
N PRO D 230 30.14 -60.79 4.87
CA PRO D 230 28.89 -61.01 5.61
C PRO D 230 28.46 -59.83 6.48
N TYR D 231 28.89 -58.62 6.12
CA TYR D 231 28.46 -57.39 6.79
C TYR D 231 28.81 -57.29 8.26
N PRO D 232 30.12 -57.41 8.60
CA PRO D 232 30.57 -57.18 9.97
C PRO D 232 30.69 -55.71 10.29
N ILE D 233 30.40 -55.35 11.54
CA ILE D 233 30.59 -53.99 11.99
C ILE D 233 30.85 -53.99 13.50
N ASP D 234 31.80 -53.17 13.94
CA ASP D 234 32.08 -53.03 15.36
C ASP D 234 30.90 -52.37 16.04
N GLU D 235 30.59 -52.85 17.24
CA GLU D 235 29.46 -52.33 17.98
C GLU D 235 29.51 -50.82 18.11
N LYS D 236 30.71 -50.25 18.22
CA LYS D 236 30.82 -48.81 18.47
C LYS D 236 30.66 -48.00 17.18
N ASP D 237 30.77 -48.66 16.03
CA ASP D 237 30.57 -47.97 14.76
C ASP D 237 29.10 -47.95 14.36
N ALA D 238 28.31 -48.80 15.00
CA ALA D 238 26.92 -49.02 14.61
C ALA D 238 25.94 -48.08 15.32
N SER D 239 25.12 -47.37 14.54
CA SER D 239 24.11 -46.46 15.09
C SER D 239 22.73 -47.09 15.09
N ILE D 240 22.62 -48.29 14.52
CA ILE D 240 21.36 -49.03 14.52
C ILE D 240 21.63 -50.47 14.96
N ALA D 241 20.63 -51.09 15.57
CA ALA D 241 20.71 -52.48 16.04
C ALA D 241 20.45 -53.43 14.87
N PRO D 242 20.96 -54.67 14.97
CA PRO D 242 20.66 -55.61 13.87
C PRO D 242 19.18 -55.97 13.79
N ALA D 243 18.74 -56.46 12.63
CA ALA D 243 17.40 -57.02 12.50
C ALA D 243 17.30 -58.32 13.33
N THR D 244 16.11 -58.88 13.43
CA THR D 244 15.88 -60.01 14.33
C THR D 244 15.32 -61.25 13.64
N THR D 245 15.82 -61.55 12.45
CA THR D 245 15.36 -62.71 11.69
C THR D 245 16.01 -64.01 12.17
N GLY D 246 17.13 -63.89 12.87
CA GLY D 246 17.91 -65.06 13.27
C GLY D 246 18.96 -65.47 12.22
N ASP D 247 18.97 -64.76 11.10
CA ASP D 247 19.96 -64.95 10.05
C ASP D 247 21.03 -63.86 10.14
N SER D 248 22.22 -64.21 10.62
CA SER D 248 23.25 -63.22 10.98
C SER D 248 23.69 -62.29 9.84
N SER D 249 23.94 -62.84 8.66
CA SER D 249 24.41 -62.00 7.55
C SER D 249 23.27 -61.10 7.05
N VAL D 250 22.03 -61.57 7.13
CA VAL D 250 20.89 -60.72 6.80
C VAL D 250 20.71 -59.66 7.88
N ASP D 251 20.85 -60.03 9.14
CA ASP D 251 20.55 -59.10 10.25
C ASP D 251 21.53 -57.94 10.40
N THR D 252 22.82 -58.16 10.12
CA THR D 252 23.80 -57.09 10.26
C THR D 252 23.96 -56.31 8.96
N TYR D 253 23.37 -56.81 7.88
CA TYR D 253 23.33 -56.10 6.60
C TYR D 253 22.80 -54.68 6.73
N PHE D 254 21.77 -54.51 7.55
CA PHE D 254 21.11 -53.22 7.79
C PHE D 254 22.02 -52.25 8.54
N GLN D 255 22.95 -52.78 9.34
CA GLN D 255 23.91 -51.95 10.11
C GLN D 255 25.03 -51.39 9.23
N THR D 256 25.56 -52.19 8.32
CA THR D 256 26.58 -51.68 7.42
C THR D 256 25.95 -50.74 6.39
N ALA D 257 24.68 -51.00 6.05
CA ALA D 257 23.95 -50.12 5.14
C ALA D 257 23.74 -48.77 5.80
N ARG D 258 23.41 -48.76 7.09
CA ARG D 258 23.30 -47.50 7.85
C ARG D 258 24.64 -46.76 7.92
N TYR D 259 25.72 -47.50 8.19
CA TYR D 259 27.05 -46.91 8.26
C TYR D 259 27.43 -46.27 6.91
N LEU D 260 27.16 -46.98 5.82
CA LEU D 260 27.39 -46.44 4.47
C LEU D 260 26.59 -45.17 4.24
N ASP D 261 25.31 -45.22 4.61
CA ASP D 261 24.42 -44.06 4.53
C ASP D 261 25.02 -42.85 5.24
N GLU D 262 25.50 -43.04 6.46
CA GLU D 262 26.08 -41.92 7.21
C GLU D 262 27.35 -41.41 6.57
N SER D 263 28.19 -42.31 6.07
CA SER D 263 29.43 -41.89 5.39
C SER D 263 29.12 -41.07 4.13
N VAL D 264 28.08 -41.46 3.41
CA VAL D 264 27.68 -40.79 2.19
C VAL D 264 27.09 -39.40 2.45
N LYS D 265 26.35 -39.30 3.55
CA LYS D 265 25.80 -38.03 3.99
C LYS D 265 26.92 -37.04 4.26
N SER D 266 27.96 -37.51 4.94
N SER D 266 27.97 -37.51 4.92
CA SER D 266 29.14 -36.68 5.20
CA SER D 266 29.14 -36.67 5.20
C SER D 266 29.86 -36.27 3.91
C SER D 266 29.91 -36.29 3.95
N PHE D 267 29.91 -37.18 2.95
CA PHE D 267 30.57 -36.90 1.68
C PHE D 267 29.85 -35.79 0.95
N VAL D 268 28.54 -35.92 0.87
CA VAL D 268 27.73 -34.93 0.17
C VAL D 268 27.76 -33.59 0.91
N ASP D 269 27.84 -33.64 2.23
CA ASP D 269 28.05 -32.44 3.04
C ASP D 269 29.30 -31.67 2.58
N TYR D 270 30.40 -32.39 2.38
CA TYR D 270 31.65 -31.83 1.87
C TYR D 270 31.47 -31.21 0.46
N LEU D 271 30.81 -31.95 -0.42
CA LEU D 271 30.59 -31.50 -1.79
C LEU D 271 29.83 -30.18 -1.83
N LYS D 272 28.85 -30.01 -0.94
CA LYS D 272 28.10 -28.75 -0.85
C LYS D 272 28.91 -27.59 -0.28
N LYS D 273 29.67 -27.86 0.76
CA LYS D 273 30.43 -26.81 1.41
C LYS D 273 31.62 -26.39 0.54
N SER D 274 32.14 -27.32 -0.26
CA SER D 274 33.23 -27.00 -1.19
C SER D 274 32.69 -26.43 -2.52
N GLY D 275 31.38 -26.36 -2.66
CA GLY D 275 30.78 -25.81 -3.88
C GLY D 275 30.66 -26.75 -5.06
N LEU D 276 31.14 -27.99 -4.88
CA LEU D 276 31.11 -29.03 -5.91
C LEU D 276 29.71 -29.62 -6.18
N TYR D 277 28.81 -29.52 -5.21
CA TYR D 277 27.46 -30.07 -5.36
C TYR D 277 26.63 -29.49 -6.50
N ASP D 278 26.82 -28.22 -6.80
CA ASP D 278 25.95 -27.52 -7.73
C ASP D 278 26.46 -27.52 -9.17
N ASN D 279 27.72 -27.90 -9.36
CA ASN D 279 28.31 -27.93 -10.69
C ASN D 279 28.69 -29.36 -11.08
N SER D 280 28.02 -30.31 -10.43
CA SER D 280 28.25 -31.73 -10.68
C SER D 280 26.95 -32.52 -10.83
N VAL D 281 26.97 -33.50 -11.71
CA VAL D 281 25.98 -34.57 -11.74
C VAL D 281 26.41 -35.64 -10.74
N ILE D 282 25.60 -35.86 -9.72
CA ILE D 282 25.93 -36.89 -8.74
C ILE D 282 25.01 -38.09 -8.93
N ILE D 283 25.62 -39.26 -9.10
CA ILE D 283 24.88 -40.48 -9.40
C ILE D 283 25.18 -41.57 -8.36
N MET D 284 24.16 -41.91 -7.57
CA MET D 284 24.28 -43.02 -6.64
C MET D 284 23.70 -44.25 -7.31
N TYR D 285 24.42 -45.37 -7.25
CA TYR D 285 23.95 -46.60 -7.88
C TYR D 285 24.40 -47.80 -7.03
N GLY D 286 23.67 -48.90 -7.12
CA GLY D 286 24.12 -50.15 -6.53
C GLY D 286 24.75 -51.06 -7.57
N ASP D 287 25.70 -51.90 -7.16
CA ASP D 287 26.41 -52.71 -8.13
C ASP D 287 25.86 -54.13 -8.32
N HIS D 288 25.42 -54.77 -7.23
CA HIS D 288 24.80 -56.09 -7.29
C HIS D 288 24.09 -56.41 -5.96
N TYR D 289 23.46 -57.58 -5.86
CA TYR D 289 22.69 -57.93 -4.65
C TYR D 289 23.55 -58.03 -3.38
N GLY D 290 22.94 -57.73 -2.24
CA GLY D 290 23.59 -57.93 -0.96
C GLY D 290 23.21 -59.25 -0.31
N ILE D 291 21.95 -59.66 -0.45
CA ILE D 291 21.47 -60.92 0.10
C ILE D 291 21.20 -61.89 -1.06
N SER D 292 21.81 -63.06 -1.01
CA SER D 292 21.65 -64.08 -2.06
C SER D 292 20.28 -64.74 -1.98
N ASP D 293 20.04 -65.75 -2.81
CA ASP D 293 18.78 -66.49 -2.79
C ASP D 293 18.78 -67.62 -1.75
N ASN D 294 19.76 -67.61 -0.86
CA ASN D 294 19.89 -68.65 0.16
C ASN D 294 19.49 -68.17 1.56
N HIS D 295 18.58 -67.20 1.63
CA HIS D 295 18.14 -66.69 2.92
C HIS D 295 16.64 -66.47 2.94
N GLU D 296 15.93 -67.46 2.43
CA GLU D 296 14.50 -67.36 2.18
C GLU D 296 13.66 -67.11 3.42
N GLU D 297 13.98 -67.78 4.54
CA GLU D 297 13.22 -67.57 5.77
C GLU D 297 13.38 -66.16 6.29
N ALA D 298 14.62 -65.68 6.28
CA ALA D 298 14.90 -64.34 6.75
C ALA D 298 14.29 -63.26 5.82
N MET D 299 14.40 -63.46 4.51
CA MET D 299 13.92 -62.48 3.54
C MET D 299 12.41 -62.46 3.45
N THR D 300 11.77 -63.59 3.79
CA THR D 300 10.32 -63.63 3.92
C THR D 300 9.86 -62.68 5.05
N LYS D 301 10.61 -62.69 6.15
CA LYS D 301 10.27 -61.82 7.26
C LYS D 301 10.53 -60.35 6.89
N ILE D 302 11.67 -60.10 6.25
CA ILE D 302 12.13 -58.75 5.90
C ILE D 302 11.15 -58.04 4.97
N LEU D 303 10.67 -58.76 3.96
CA LEU D 303 9.85 -58.16 2.91
C LEU D 303 8.35 -58.35 3.15
N GLY D 304 7.99 -59.17 4.13
CA GLY D 304 6.60 -59.34 4.52
C GLY D 304 5.76 -60.20 3.59
N LYS D 305 6.41 -61.02 2.77
CA LYS D 305 5.70 -61.95 1.91
C LYS D 305 6.67 -63.07 1.54
N ASP D 306 6.13 -64.20 1.10
CA ASP D 306 6.94 -65.37 0.78
C ASP D 306 8.04 -65.07 -0.24
N TYR D 307 9.29 -65.28 0.17
CA TYR D 307 10.43 -65.00 -0.69
C TYR D 307 10.69 -66.18 -1.65
N ASN D 308 9.88 -66.26 -2.71
CA ASN D 308 10.01 -67.30 -3.72
C ASN D 308 10.95 -66.88 -4.85
N THR D 309 11.05 -67.73 -5.88
CA THR D 309 11.93 -67.46 -7.02
C THR D 309 11.59 -66.16 -7.73
N PHE D 310 10.29 -65.89 -7.87
CA PHE D 310 9.83 -64.65 -8.49
C PHE D 310 10.31 -63.47 -7.65
N GLU D 311 10.12 -63.55 -6.33
CA GLU D 311 10.49 -62.42 -5.48
C GLU D 311 11.99 -62.19 -5.48
N ASN D 312 12.78 -63.26 -5.53
CA ASN D 312 14.22 -63.11 -5.57
C ASN D 312 14.69 -62.37 -6.83
N ALA D 313 14.08 -62.66 -7.98
CA ALA D 313 14.39 -61.91 -9.21
C ALA D 313 14.07 -60.42 -9.02
N GLN D 314 12.95 -60.13 -8.36
CA GLN D 314 12.51 -58.74 -8.15
C GLN D 314 13.44 -57.99 -7.21
N ALA D 315 14.12 -58.74 -6.34
CA ALA D 315 15.03 -58.15 -5.38
C ALA D 315 16.35 -57.75 -6.05
N GLN D 316 16.48 -58.06 -7.33
CA GLN D 316 17.70 -57.71 -8.04
C GLN D 316 17.71 -56.23 -8.48
N ARG D 317 16.66 -55.50 -8.14
CA ARG D 317 16.67 -54.05 -8.31
C ARG D 317 17.77 -53.44 -7.42
N VAL D 318 18.55 -52.52 -7.99
CA VAL D 318 19.53 -51.74 -7.25
C VAL D 318 19.21 -50.27 -7.50
N PRO D 319 19.65 -49.36 -6.61
CA PRO D 319 19.32 -47.95 -6.83
C PRO D 319 19.98 -47.32 -8.04
N LEU D 320 19.29 -46.35 -8.63
CA LEU D 320 19.91 -45.42 -9.55
C LEU D 320 19.30 -44.07 -9.25
N MET D 321 20.13 -43.15 -8.76
CA MET D 321 19.67 -41.83 -8.39
C MET D 321 20.59 -40.78 -9.02
N ILE D 322 20.07 -40.06 -10.02
CA ILE D 322 20.85 -39.10 -10.79
C ILE D 322 20.45 -37.68 -10.44
N HIS D 323 21.32 -36.99 -9.70
CA HIS D 323 21.07 -35.62 -9.32
C HIS D 323 21.65 -34.63 -10.34
N VAL D 324 20.77 -33.91 -11.03
CA VAL D 324 21.18 -32.93 -12.02
C VAL D 324 20.75 -31.53 -11.60
N PRO D 325 21.70 -30.65 -11.30
CA PRO D 325 21.37 -29.27 -10.91
C PRO D 325 20.54 -28.61 -12.00
N GLY D 326 19.41 -28.02 -11.62
CA GLY D 326 18.54 -27.28 -12.53
C GLY D 326 17.53 -28.08 -13.34
N VAL D 327 17.44 -29.39 -13.08
CA VAL D 327 16.50 -30.24 -13.80
C VAL D 327 15.44 -30.80 -12.84
N GLN D 328 14.18 -30.81 -13.25
CA GLN D 328 13.12 -31.33 -12.39
C GLN D 328 13.22 -32.84 -12.30
N GLY D 329 13.37 -33.35 -11.08
CA GLY D 329 13.53 -34.77 -10.90
C GLY D 329 12.21 -35.46 -10.72
N GLY D 330 12.22 -36.66 -10.16
CA GLY D 330 11.00 -37.43 -10.07
C GLY D 330 11.24 -38.92 -10.22
N VAL D 331 10.24 -39.71 -9.81
CA VAL D 331 10.31 -41.16 -9.95
C VAL D 331 10.27 -41.61 -11.42
N GLN D 332 11.27 -42.42 -11.78
CA GLN D 332 11.36 -43.01 -13.10
C GLN D 332 11.05 -44.48 -13.01
N GLU D 333 9.92 -44.87 -13.58
CA GLU D 333 9.44 -46.24 -13.48
C GLU D 333 9.78 -47.09 -14.70
N GLN D 334 10.35 -46.48 -15.73
CA GLN D 334 10.72 -47.23 -16.93
C GLN D 334 11.77 -48.27 -16.55
N TYR D 335 11.60 -49.50 -17.02
CA TYR D 335 12.53 -50.60 -16.73
C TYR D 335 13.87 -50.43 -17.44
N GLY D 336 14.96 -50.70 -16.73
CA GLY D 336 16.29 -50.62 -17.30
C GLY D 336 17.33 -51.36 -16.48
N GLY D 337 18.57 -51.38 -16.96
CA GLY D 337 19.66 -52.05 -16.28
C GLY D 337 20.94 -51.24 -16.29
N GLN D 338 21.96 -51.75 -15.62
CA GLN D 338 23.26 -51.05 -15.57
C GLN D 338 23.86 -50.80 -16.95
N VAL D 339 23.53 -51.66 -17.93
CA VAL D 339 24.04 -51.50 -19.30
C VAL D 339 23.55 -50.19 -19.93
N ASP D 340 22.43 -49.67 -19.43
CA ASP D 340 21.82 -48.43 -19.97
C ASP D 340 22.39 -47.14 -19.38
N LEU D 341 23.23 -47.25 -18.36
CA LEU D 341 23.65 -46.07 -17.61
C LEU D 341 24.57 -45.15 -18.41
N LEU D 342 25.59 -45.68 -19.08
CA LEU D 342 26.51 -44.81 -19.84
C LEU D 342 25.84 -43.98 -20.96
N PRO D 343 25.00 -44.60 -21.81
CA PRO D 343 24.30 -43.75 -22.78
C PRO D 343 23.42 -42.67 -22.12
N THR D 344 22.82 -42.98 -20.98
CA THR D 344 22.02 -42.00 -20.24
C THR D 344 22.89 -40.83 -19.78
N LEU D 345 24.03 -41.12 -19.19
CA LEU D 345 24.93 -40.10 -18.69
C LEU D 345 25.51 -39.21 -19.81
N LEU D 346 25.93 -39.83 -20.90
CA LEU D 346 26.54 -39.10 -22.00
C LEU D 346 25.60 -38.07 -22.61
N HIS D 347 24.35 -38.47 -22.82
CA HIS D 347 23.36 -37.57 -23.37
C HIS D 347 23.09 -36.40 -22.42
N LEU D 348 23.05 -36.69 -21.13
CA LEU D 348 22.87 -35.63 -20.15
C LEU D 348 24.02 -34.63 -20.23
N LEU D 349 25.22 -35.12 -20.49
CA LEU D 349 26.39 -34.24 -20.58
C LEU D 349 26.45 -33.55 -21.93
N GLY D 350 25.50 -33.89 -22.80
CA GLY D 350 25.45 -33.31 -24.12
C GLY D 350 26.39 -33.99 -25.09
N VAL D 351 26.78 -35.22 -24.77
CA VAL D 351 27.66 -35.98 -25.64
C VAL D 351 26.85 -37.03 -26.40
N ASP D 352 26.96 -37.01 -27.72
CA ASP D 352 26.27 -37.98 -28.56
C ASP D 352 27.04 -39.31 -28.63
N ASN D 353 26.34 -40.43 -28.46
CA ASN D 353 26.99 -41.73 -28.44
C ASN D 353 26.57 -42.64 -29.61
N LYS D 354 26.00 -42.05 -30.66
CA LYS D 354 25.39 -42.84 -31.73
C LYS D 354 26.36 -43.75 -32.47
N GLU D 355 27.60 -43.33 -32.60
CA GLU D 355 28.56 -44.13 -33.38
C GLU D 355 29.42 -45.08 -32.54
N TYR D 356 29.23 -45.06 -31.22
CA TYR D 356 30.00 -45.93 -30.31
C TYR D 356 29.38 -47.31 -30.22
N LEU D 357 30.20 -48.34 -30.03
CA LEU D 357 29.73 -49.71 -29.83
C LEU D 357 29.30 -49.96 -28.38
N GLN D 358 28.03 -49.66 -28.10
CA GLN D 358 27.45 -49.74 -26.76
C GLN D 358 26.06 -50.44 -26.80
N PHE D 359 25.77 -51.34 -25.85
CA PHE D 359 24.54 -52.14 -25.90
C PHE D 359 23.34 -51.56 -25.14
N GLY D 360 23.55 -50.56 -24.29
CA GLY D 360 22.47 -49.94 -23.55
C GLY D 360 21.79 -48.81 -24.31
N THR D 361 20.65 -48.33 -23.81
CA THR D 361 19.97 -47.20 -24.45
C THR D 361 19.59 -46.17 -23.41
N ASP D 362 19.53 -44.92 -23.82
CA ASP D 362 19.20 -43.78 -22.94
C ASP D 362 17.89 -43.98 -22.16
N LEU D 363 17.98 -43.98 -20.83
CA LEU D 363 16.84 -44.22 -19.96
C LEU D 363 15.83 -43.07 -19.99
N LEU D 364 16.24 -41.90 -20.45
CA LEU D 364 15.35 -40.75 -20.49
C LEU D 364 14.73 -40.59 -21.87
N SER D 365 15.14 -41.45 -22.81
CA SER D 365 14.61 -41.42 -24.17
C SER D 365 13.30 -42.15 -24.27
N LYS D 366 12.37 -41.59 -25.04
CA LYS D 366 11.06 -42.20 -25.23
C LYS D 366 11.17 -43.50 -26.00
N ASP D 367 12.30 -43.69 -26.70
CA ASP D 367 12.52 -44.88 -27.50
C ASP D 367 13.26 -45.97 -26.74
N HIS D 368 13.53 -45.72 -25.46
CA HIS D 368 14.10 -46.77 -24.63
C HIS D 368 13.10 -47.92 -24.47
N LYS D 369 13.53 -49.13 -24.84
CA LYS D 369 12.68 -50.31 -24.65
C LYS D 369 12.85 -50.88 -23.24
N GLN D 370 11.73 -51.25 -22.63
CA GLN D 370 11.73 -51.77 -21.27
C GLN D 370 11.98 -53.28 -21.25
N LEU D 371 13.21 -53.66 -21.58
CA LEU D 371 13.62 -55.05 -21.62
C LEU D 371 14.99 -55.14 -20.97
N VAL D 372 15.08 -55.94 -19.92
CA VAL D 372 16.28 -55.98 -19.11
C VAL D 372 16.85 -57.38 -19.07
N PRO D 373 17.88 -57.64 -19.89
CA PRO D 373 18.59 -58.92 -19.84
C PRO D 373 19.29 -59.19 -18.48
N PHE D 374 19.24 -60.44 -17.99
CA PHE D 374 20.15 -60.90 -16.93
C PHE D 374 21.33 -61.64 -17.58
N ARG D 375 22.46 -61.75 -16.87
CA ARG D 375 23.67 -62.37 -17.42
C ARG D 375 23.44 -63.86 -17.77
N ASN D 376 22.56 -64.53 -17.04
CA ASN D 376 22.28 -65.95 -17.29
C ASN D 376 21.24 -66.19 -18.39
N GLY D 377 20.78 -65.13 -19.05
CA GLY D 377 19.82 -65.30 -20.12
C GLY D 377 18.38 -65.02 -19.73
N ASP D 378 18.11 -64.94 -18.42
CA ASP D 378 16.81 -64.49 -17.94
C ASP D 378 16.56 -63.04 -18.35
N TYR D 379 15.32 -62.57 -18.20
CA TYR D 379 15.03 -61.18 -18.54
C TYR D 379 13.76 -60.67 -17.87
N ILE D 380 13.71 -59.35 -17.71
CA ILE D 380 12.56 -58.69 -17.10
C ILE D 380 11.93 -57.74 -18.11
N THR D 381 10.61 -57.81 -18.27
CA THR D 381 9.83 -56.78 -18.98
C THR D 381 8.62 -56.44 -18.10
N PRO D 382 7.92 -55.32 -18.38
CA PRO D 382 6.72 -54.98 -17.60
C PRO D 382 5.54 -55.98 -17.73
N THR D 383 5.51 -56.84 -18.74
CA THR D 383 4.37 -57.77 -18.92
C THR D 383 4.69 -59.22 -18.52
N TYR D 384 5.67 -59.83 -19.18
CA TYR D 384 6.14 -61.18 -18.85
C TYR D 384 7.65 -61.15 -18.58
N SER D 385 8.12 -62.02 -17.68
CA SER D 385 9.55 -62.12 -17.38
C SER D 385 10.00 -63.59 -17.37
N MET D 386 11.24 -63.85 -17.80
CA MET D 386 11.78 -65.20 -17.68
C MET D 386 12.73 -65.27 -16.49
N ILE D 387 12.42 -66.17 -15.56
CA ILE D 387 13.16 -66.28 -14.31
C ILE D 387 13.45 -67.75 -14.03
N GLY D 388 14.74 -68.09 -13.96
CA GLY D 388 15.15 -69.48 -13.87
C GLY D 388 14.71 -70.28 -15.10
N GLY D 389 14.59 -69.60 -16.23
CA GLY D 389 14.20 -70.25 -17.46
C GLY D 389 12.70 -70.49 -17.56
N ASN D 390 11.95 -70.05 -16.55
CA ASN D 390 10.50 -70.23 -16.54
C ASN D 390 9.78 -68.91 -16.66
N MET D 391 8.56 -68.96 -17.20
CA MET D 391 7.81 -67.73 -17.52
C MET D 391 6.87 -67.28 -16.39
N TYR D 392 6.84 -65.97 -16.15
CA TYR D 392 6.00 -65.39 -15.10
C TYR D 392 5.28 -64.11 -15.58
N ASN D 393 4.08 -63.88 -15.03
CA ASN D 393 3.40 -62.59 -15.14
C ASN D 393 4.13 -61.58 -14.25
N GLN D 394 4.71 -60.52 -14.84
CA GLN D 394 5.54 -59.59 -14.07
C GLN D 394 4.72 -58.82 -13.02
N GLN D 395 3.45 -58.60 -13.33
CA GLN D 395 2.59 -57.79 -12.45
C GLN D 395 2.00 -58.58 -11.28
N THR D 396 1.72 -59.86 -11.48
CA THR D 396 1.03 -60.65 -10.46
C THR D 396 1.94 -61.67 -9.79
N GLY D 397 3.03 -62.01 -10.45
CA GLY D 397 3.97 -63.01 -9.94
C GLY D 397 3.55 -64.44 -10.24
N GLU D 398 2.44 -64.62 -10.94
CA GLU D 398 1.90 -65.95 -11.24
C GLU D 398 2.66 -66.64 -12.38
N PRO D 399 2.97 -67.93 -12.21
CA PRO D 399 3.64 -68.68 -13.29
C PRO D 399 2.79 -68.76 -14.56
N ILE D 400 3.47 -68.80 -15.71
CA ILE D 400 2.80 -69.00 -17.00
C ILE D 400 3.20 -70.35 -17.56
N ALA D 401 2.22 -71.22 -17.79
CA ALA D 401 2.50 -72.62 -18.11
C ALA D 401 3.20 -72.77 -19.47
N THR D 402 2.69 -72.09 -20.48
CA THR D 402 3.20 -72.27 -21.84
C THR D 402 3.76 -70.97 -22.42
N GLU D 403 5.03 -71.02 -22.84
CA GLU D 403 5.69 -69.97 -23.59
C GLU D 403 5.03 -69.73 -24.96
N THR D 404 4.73 -68.47 -25.30
CA THR D 404 4.23 -68.15 -26.64
C THR D 404 5.38 -67.80 -27.61
N LYS D 405 5.06 -67.64 -28.89
CA LYS D 405 6.04 -67.20 -29.89
C LYS D 405 6.70 -65.88 -29.49
N GLU D 406 5.91 -64.97 -28.94
CA GLU D 406 6.41 -63.63 -28.60
C GLU D 406 7.42 -63.69 -27.44
N MET D 407 7.19 -64.57 -26.47
CA MET D 407 8.10 -64.75 -25.35
C MET D 407 9.39 -65.40 -25.80
N LYS D 408 9.24 -66.38 -26.69
CA LYS D 408 10.37 -67.11 -27.23
C LYS D 408 11.23 -66.18 -28.06
N GLU D 409 10.58 -65.34 -28.86
CA GLU D 409 11.30 -64.36 -29.67
C GLU D 409 12.12 -63.47 -28.77
N THR D 410 11.50 -62.94 -27.71
CA THR D 410 12.21 -62.09 -26.76
C THR D 410 13.37 -62.84 -26.10
N LYS D 411 13.14 -64.09 -25.71
CA LYS D 411 14.18 -64.92 -25.11
C LYS D 411 15.43 -65.03 -25.98
N GLU D 412 15.22 -65.26 -27.27
CA GLU D 412 16.32 -65.43 -28.20
C GLU D 412 17.01 -64.10 -28.51
N LYS D 413 16.25 -63.01 -28.47
CA LYS D 413 16.82 -61.66 -28.64
C LYS D 413 17.76 -61.28 -27.46
N VAL D 414 17.33 -61.59 -26.24
CA VAL D 414 18.18 -61.39 -25.07
C VAL D 414 19.46 -62.22 -25.18
N ALA D 415 19.34 -63.49 -25.57
CA ALA D 415 20.51 -64.36 -25.72
C ALA D 415 21.46 -63.80 -26.79
N LYS D 416 20.88 -63.24 -27.85
CA LYS D 416 21.67 -62.65 -28.92
C LYS D 416 22.46 -61.42 -28.44
N GLU D 417 21.81 -60.53 -27.69
CA GLU D 417 22.48 -59.36 -27.14
C GLU D 417 23.68 -59.79 -26.28
N LEU D 418 23.48 -60.78 -25.43
CA LEU D 418 24.54 -61.27 -24.56
C LEU D 418 25.67 -61.90 -25.38
N GLU D 419 25.31 -62.62 -26.43
CA GLU D 419 26.30 -63.29 -27.29
C GLU D 419 27.16 -62.28 -28.05
N LEU D 420 26.55 -61.19 -28.52
CA LEU D 420 27.27 -60.16 -29.25
C LEU D 420 28.23 -59.37 -28.36
N SER D 421 27.78 -59.11 -27.13
CA SER D 421 28.61 -58.46 -26.13
C SER D 421 29.86 -59.32 -25.83
N ASP D 422 29.65 -60.62 -25.67
CA ASP D 422 30.74 -61.57 -25.42
C ASP D 422 31.73 -61.62 -26.57
N SER D 423 31.23 -61.43 -27.79
CA SER D 423 32.06 -61.44 -28.99
C SER D 423 33.04 -60.28 -28.96
N VAL D 424 32.58 -59.15 -28.41
CA VAL D 424 33.44 -57.98 -28.27
C VAL D 424 34.61 -58.27 -27.33
N LEU D 425 34.30 -58.86 -26.17
CA LEU D 425 35.32 -59.18 -25.19
C LEU D 425 36.22 -60.30 -25.70
N GLN D 426 35.60 -61.36 -26.22
CA GLN D 426 36.34 -62.56 -26.60
C GLN D 426 37.15 -62.33 -27.88
N GLY D 427 36.63 -61.48 -28.76
CA GLY D 427 37.29 -61.16 -30.01
C GLY D 427 38.15 -59.91 -29.98
N ASP D 428 38.08 -59.18 -28.86
CA ASP D 428 38.73 -57.88 -28.71
C ASP D 428 38.39 -57.00 -29.91
N LEU D 429 37.10 -56.84 -30.18
CA LEU D 429 36.67 -56.30 -31.46
C LEU D 429 36.91 -54.80 -31.59
N LEU D 430 37.14 -54.12 -30.47
CA LEU D 430 37.33 -52.67 -30.51
C LEU D 430 38.72 -52.26 -31.05
N ARG D 431 39.64 -53.22 -31.22
CA ARG D 431 40.82 -53.00 -32.06
C ARG D 431 40.46 -52.54 -33.47
N PHE D 432 39.34 -53.06 -33.99
CA PHE D 432 39.03 -52.92 -35.41
C PHE D 432 38.02 -51.83 -35.71
N TYR D 433 37.57 -51.13 -34.68
CA TYR D 433 36.62 -50.06 -34.90
C TYR D 433 36.70 -48.98 -33.81
N ALA D 434 36.76 -47.72 -34.24
CA ALA D 434 36.53 -46.59 -33.34
C ALA D 434 35.81 -45.52 -34.15
N PRO D 435 34.91 -44.78 -33.50
CA PRO D 435 34.24 -43.70 -34.24
C PRO D 435 35.22 -42.67 -34.75
N ASP D 436 34.87 -42.01 -35.84
CA ASP D 436 35.71 -40.96 -36.40
C ASP D 436 35.87 -39.86 -35.38
N GLY D 437 37.10 -39.44 -35.14
CA GLY D 437 37.35 -38.40 -34.17
C GLY D 437 37.61 -38.93 -32.78
N PHE D 438 37.40 -40.23 -32.55
CA PHE D 438 37.81 -40.83 -31.29
C PHE D 438 39.31 -41.12 -31.34
N LYS D 439 40.03 -40.56 -30.37
CA LYS D 439 41.46 -40.75 -30.25
C LYS D 439 41.74 -41.98 -29.42
N LYS D 440 42.55 -42.88 -29.94
CA LYS D 440 42.66 -44.19 -29.31
C LYS D 440 43.52 -44.06 -28.06
N VAL D 441 43.15 -44.80 -27.01
CA VAL D 441 43.86 -44.74 -25.74
C VAL D 441 45.24 -45.39 -25.81
N ASP D 442 46.24 -44.67 -25.29
CA ASP D 442 47.58 -45.22 -25.11
C ASP D 442 47.79 -45.57 -23.63
N PRO D 443 47.72 -46.86 -23.28
CA PRO D 443 47.82 -47.30 -21.89
C PRO D 443 49.18 -47.01 -21.26
N SER D 444 50.20 -46.82 -22.09
CA SER D 444 51.57 -46.60 -21.58
C SER D 444 51.71 -45.22 -20.97
N LYS D 445 50.77 -44.33 -21.25
CA LYS D 445 50.85 -42.97 -20.73
C LYS D 445 50.12 -42.80 -19.40
N TYR D 446 49.84 -43.90 -18.70
CA TYR D 446 49.16 -43.81 -17.40
C TYR D 446 50.00 -44.46 -16.32
N ASN D 447 50.13 -43.79 -15.18
CA ASN D 447 50.83 -44.37 -14.06
C ASN D 447 50.17 -43.93 -12.75
N TYR D 448 49.78 -44.90 -11.93
CA TYR D 448 49.01 -44.65 -10.71
C TYR D 448 49.88 -44.75 -9.45
N ASN D 449 51.14 -45.13 -9.63
CA ASN D 449 52.07 -45.29 -8.52
C ASN D 449 52.44 -44.03 -7.73
N LYS D 450 52.85 -44.28 -6.48
CA LYS D 450 53.21 -43.29 -5.45
C LYS D 450 51.90 -42.83 -4.77
N SER E 33 -9.87 -56.54 1.68
CA SER E 33 -10.07 -56.25 0.25
C SER E 33 -11.53 -56.42 -0.16
N SER E 34 -11.93 -57.67 -0.43
CA SER E 34 -13.33 -58.01 -0.66
C SER E 34 -14.06 -58.25 0.66
N ASP E 35 -13.30 -58.32 1.75
CA ASP E 35 -13.90 -58.31 3.10
C ASP E 35 -14.17 -56.89 3.57
N VAL E 36 -13.25 -55.95 3.30
CA VAL E 36 -13.50 -54.55 3.64
C VAL E 36 -14.75 -54.08 2.89
N THR E 37 -14.84 -54.50 1.63
CA THR E 37 -15.96 -54.15 0.77
C THR E 37 -17.30 -54.66 1.32
N GLU E 38 -17.33 -55.92 1.77
CA GLU E 38 -18.57 -56.48 2.31
C GLU E 38 -19.00 -55.72 3.56
N VAL E 39 -18.04 -55.38 4.42
CA VAL E 39 -18.32 -54.64 5.65
C VAL E 39 -18.83 -53.23 5.35
N LEU E 40 -18.16 -52.53 4.44
CA LEU E 40 -18.55 -51.17 4.07
C LEU E 40 -19.91 -51.11 3.35
N ASN E 41 -20.21 -52.09 2.50
CA ASN E 41 -21.55 -52.16 1.88
C ASN E 41 -22.62 -52.33 2.93
N TYR E 42 -22.35 -53.17 3.93
CA TYR E 42 -23.28 -53.35 5.02
C TYR E 42 -23.46 -52.05 5.80
N THR E 43 -22.35 -51.48 6.28
CA THR E 43 -22.43 -50.32 7.17
C THR E 43 -23.04 -49.10 6.46
N LYS E 44 -22.69 -48.88 5.21
CA LYS E 44 -23.29 -47.76 4.47
C LYS E 44 -24.79 -47.96 4.23
N SER E 45 -25.23 -49.20 4.03
CA SER E 45 -26.65 -49.48 3.85
C SER E 45 -27.43 -49.28 5.17
N LYS E 46 -26.75 -49.48 6.29
CA LYS E 46 -27.38 -49.33 7.60
C LYS E 46 -27.44 -47.88 8.08
N TYR E 47 -26.49 -47.08 7.60
CA TYR E 47 -26.30 -45.69 7.98
C TYR E 47 -27.60 -44.89 8.09
N ALA E 48 -27.76 -44.16 9.20
CA ALA E 48 -28.92 -43.29 9.39
C ALA E 48 -28.49 -41.82 9.26
N ALA E 49 -29.15 -41.08 8.38
CA ALA E 49 -28.80 -39.69 8.12
C ALA E 49 -29.11 -38.83 9.33
N PRO E 50 -28.37 -37.72 9.52
CA PRO E 50 -28.55 -36.83 10.68
C PRO E 50 -29.94 -36.21 10.78
N ASN E 51 -30.35 -35.95 12.01
CA ASN E 51 -31.56 -35.18 12.28
C ASN E 51 -31.19 -33.70 12.28
N PRO E 52 -31.84 -32.93 11.39
CA PRO E 52 -31.52 -31.50 11.23
C PRO E 52 -31.68 -30.71 12.52
N GLU E 53 -32.55 -31.18 13.41
CA GLU E 53 -32.73 -30.51 14.69
C GLU E 53 -31.55 -30.65 15.59
N TYR E 54 -30.72 -31.64 15.33
CA TYR E 54 -29.63 -31.94 16.25
C TYR E 54 -28.26 -31.92 15.58
N PHE E 55 -28.22 -32.00 14.26
CA PHE E 55 -26.92 -32.05 13.57
C PHE E 55 -26.13 -30.75 13.75
N GLY E 56 -24.91 -30.87 14.26
CA GLY E 56 -24.00 -29.75 14.45
C GLY E 56 -24.33 -28.81 15.60
N LYS E 57 -25.31 -29.18 16.42
CA LYS E 57 -25.74 -28.30 17.51
C LYS E 57 -24.68 -28.20 18.62
N ALA E 58 -23.68 -29.07 18.55
CA ALA E 58 -22.57 -29.04 19.50
C ALA E 58 -21.23 -28.95 18.77
N LYS E 59 -21.24 -28.43 17.55
CA LYS E 59 -20.04 -28.26 16.76
C LYS E 59 -19.00 -27.40 17.50
N GLY E 60 -17.76 -27.87 17.59
CA GLY E 60 -16.72 -27.10 18.24
C GLY E 60 -16.61 -27.27 19.75
N LYS E 61 -17.58 -27.95 20.35
CA LYS E 61 -17.61 -28.14 21.81
C LYS E 61 -16.61 -29.21 22.29
N ASN E 62 -16.16 -29.08 23.54
CA ASN E 62 -15.43 -30.16 24.20
C ASN E 62 -16.34 -31.36 24.38
N VAL E 63 -15.74 -32.53 24.58
CA VAL E 63 -16.52 -33.71 24.91
C VAL E 63 -16.02 -34.25 26.24
N ILE E 64 -16.95 -34.44 27.18
CA ILE E 64 -16.58 -35.03 28.46
C ILE E 64 -17.43 -36.25 28.76
N TYR E 65 -16.81 -37.42 28.64
CA TYR E 65 -17.45 -38.69 28.98
C TYR E 65 -17.27 -38.99 30.46
N ILE E 66 -18.38 -39.22 31.17
CA ILE E 66 -18.30 -39.67 32.56
C ILE E 66 -18.77 -41.14 32.61
N HIS E 67 -17.80 -42.03 32.77
CA HIS E 67 -18.00 -43.45 32.75
C HIS E 67 -18.44 -43.95 34.13
N LEU E 68 -19.72 -44.30 34.25
CA LEU E 68 -20.30 -44.82 35.52
C LEU E 68 -20.10 -46.32 35.62
N GLU E 69 -19.09 -46.72 36.38
CA GLU E 69 -18.68 -48.12 36.45
C GLU E 69 -19.83 -48.99 36.97
N SER E 70 -20.15 -50.04 36.23
CA SER E 70 -21.13 -51.06 36.63
C SER E 70 -22.48 -50.49 37.06
N PHE E 71 -22.89 -49.41 36.42
CA PHE E 71 -24.09 -48.66 36.78
C PHE E 71 -25.27 -49.05 35.89
N GLN E 72 -26.29 -49.66 36.48
CA GLN E 72 -27.46 -50.10 35.72
C GLN E 72 -28.56 -49.05 35.76
N GLN E 73 -29.37 -49.00 34.69
CA GLN E 73 -30.40 -47.99 34.57
C GLN E 73 -31.46 -48.08 35.68
N PHE E 74 -31.64 -49.25 36.29
CA PHE E 74 -32.68 -49.38 37.33
C PHE E 74 -32.38 -48.52 38.56
N LEU E 75 -31.13 -48.13 38.75
CA LEU E 75 -30.77 -47.23 39.84
C LEU E 75 -31.35 -45.83 39.69
N VAL E 76 -31.57 -45.41 38.45
CA VAL E 76 -32.06 -44.06 38.20
C VAL E 76 -33.44 -43.92 38.80
N ASN E 77 -33.56 -42.93 39.70
CA ASN E 77 -34.79 -42.66 40.48
C ASN E 77 -35.17 -43.78 41.45
N TYR E 78 -34.26 -44.70 41.72
CA TYR E 78 -34.55 -45.78 42.67
C TYR E 78 -34.53 -45.24 44.08
N LYS E 79 -35.51 -45.64 44.89
CA LYS E 79 -35.56 -45.22 46.29
C LYS E 79 -35.33 -46.41 47.20
N LEU E 80 -34.34 -46.28 48.07
CA LEU E 80 -34.03 -47.31 49.04
C LEU E 80 -34.48 -46.85 50.39
N ASN E 81 -35.55 -47.48 50.87
CA ASN E 81 -36.20 -47.09 52.10
C ASN E 81 -36.63 -45.61 52.04
N GLY E 82 -37.28 -45.22 50.93
CA GLY E 82 -37.79 -43.86 50.80
C GLY E 82 -36.79 -42.81 50.35
N GLU E 83 -35.53 -43.21 50.23
CA GLU E 83 -34.43 -42.29 50.00
C GLU E 83 -33.81 -42.56 48.64
N GLU E 84 -33.68 -41.52 47.82
CA GLU E 84 -33.00 -41.62 46.53
C GLU E 84 -31.56 -42.09 46.70
N VAL E 85 -31.19 -43.19 46.03
CA VAL E 85 -29.83 -43.72 46.16
C VAL E 85 -28.80 -42.84 45.44
N THR E 86 -29.17 -42.36 44.25
CA THR E 86 -28.28 -41.53 43.43
C THR E 86 -28.96 -40.21 43.04
N PRO E 87 -29.16 -39.32 44.03
CA PRO E 87 -29.96 -38.10 43.79
C PRO E 87 -29.39 -37.13 42.75
N PHE E 88 -28.07 -36.96 42.68
CA PHE E 88 -27.52 -36.03 41.68
C PHE E 88 -27.70 -36.54 40.26
N ILE E 89 -27.36 -37.81 40.03
CA ILE E 89 -27.52 -38.41 38.72
C ILE E 89 -29.01 -38.34 38.31
N ASN E 90 -29.91 -38.50 39.28
CA ASN E 90 -31.34 -38.29 39.06
C ASN E 90 -31.69 -36.89 38.57
N SER E 91 -31.02 -35.90 39.13
CA SER E 91 -31.23 -34.52 38.72
C SER E 91 -30.68 -34.25 37.30
N PHE E 92 -29.53 -34.84 36.98
CA PHE E 92 -28.92 -34.72 35.66
C PHE E 92 -29.81 -35.38 34.59
N PHE E 93 -30.38 -36.53 34.95
CA PHE E 93 -31.32 -37.27 34.09
C PHE E 93 -32.50 -36.44 33.58
N LYS E 94 -33.08 -35.66 34.48
CA LYS E 94 -34.30 -34.92 34.18
C LYS E 94 -34.02 -33.46 33.82
N ASP E 95 -32.73 -33.10 33.83
CA ASP E 95 -32.28 -31.76 33.47
C ASP E 95 -32.78 -31.39 32.07
N GLN E 96 -33.08 -30.10 31.89
CA GLN E 96 -33.75 -29.59 30.69
C GLN E 96 -32.89 -29.70 29.42
N ASN E 97 -31.57 -29.63 29.58
CA ASN E 97 -30.66 -29.73 28.45
C ASN E 97 -30.06 -31.13 28.28
N THR E 98 -30.66 -32.11 28.94
CA THR E 98 -30.17 -33.49 28.89
C THR E 98 -31.09 -34.39 28.05
N LEU E 99 -30.49 -35.07 27.08
CA LEU E 99 -31.17 -36.12 26.35
C LEU E 99 -30.97 -37.41 27.14
N SER E 100 -32.05 -37.98 27.67
CA SER E 100 -31.91 -39.10 28.59
C SER E 100 -32.58 -40.37 28.07
N PHE E 101 -31.81 -41.45 27.96
CA PHE E 101 -32.29 -42.67 27.33
C PHE E 101 -32.72 -43.72 28.36
N THR E 102 -33.94 -44.23 28.20
CA THR E 102 -34.49 -45.20 29.14
C THR E 102 -34.44 -46.64 28.60
N ASN E 103 -34.12 -46.80 27.32
CA ASN E 103 -34.02 -48.12 26.70
C ASN E 103 -32.68 -48.33 26.00
N PHE E 104 -31.60 -47.99 26.71
CA PHE E 104 -30.23 -48.09 26.21
C PHE E 104 -29.51 -49.26 26.87
N PHE E 105 -28.96 -50.15 26.05
CA PHE E 105 -28.42 -51.40 26.54
C PHE E 105 -26.92 -51.45 26.37
N HIS E 106 -26.24 -52.06 27.33
CA HIS E 106 -24.82 -52.37 27.15
C HIS E 106 -24.75 -53.61 26.27
N GLN E 107 -23.67 -53.73 25.51
CA GLN E 107 -23.54 -54.85 24.57
C GLN E 107 -22.18 -55.50 24.73
N THR E 108 -21.71 -55.54 25.97
CA THR E 108 -20.41 -56.08 26.30
C THR E 108 -20.40 -57.61 26.47
N GLY E 109 -19.22 -58.20 26.42
CA GLY E 109 -19.07 -59.62 26.65
C GLY E 109 -18.04 -59.90 27.72
N GLN E 110 -17.11 -60.80 27.44
CA GLN E 110 -16.13 -61.21 28.43
C GLN E 110 -15.09 -60.13 28.64
N GLY E 111 -15.04 -59.18 27.73
CA GLY E 111 -14.11 -58.07 27.86
C GLY E 111 -14.61 -57.03 28.85
N LYS E 112 -15.88 -57.15 29.25
CA LYS E 112 -16.50 -56.32 30.28
C LYS E 112 -16.28 -54.83 30.04
N TPO E 113 -15.47 -54.19 30.89
CA TPO E 113 -15.18 -52.75 30.76
CB TPO E 113 -14.37 -52.24 31.95
CG2 TPO E 113 -14.17 -50.73 31.79
OG1 TPO E 113 -15.09 -52.47 33.16
P TPO E 113 -14.37 -53.60 34.07
O1P TPO E 113 -13.30 -52.96 34.90
O2P TPO E 113 -15.51 -54.22 35.03
O3P TPO E 113 -13.74 -54.75 33.17
C TPO E 113 -14.46 -52.41 29.46
O TPO E 113 -14.76 -51.41 28.81
N ALA E 114 -13.52 -53.27 29.07
CA ALA E 114 -12.76 -53.09 27.83
C ALA E 114 -13.68 -53.19 26.61
N ASP E 115 -14.73 -54.01 26.68
CA ASP E 115 -15.70 -54.12 25.59
C ASP E 115 -16.51 -52.84 25.40
N SER E 116 -16.91 -52.20 26.49
CA SER E 116 -17.64 -50.94 26.40
C SER E 116 -16.76 -49.85 25.76
N GLU E 117 -15.45 -49.92 26.01
CA GLU E 117 -14.53 -48.96 25.39
C GLU E 117 -14.38 -49.21 23.89
N MET E 118 -14.29 -50.47 23.48
CA MET E 118 -14.25 -50.82 22.07
C MET E 118 -15.46 -50.25 21.32
N LEU E 119 -16.65 -50.44 21.90
CA LEU E 119 -17.92 -49.98 21.33
C LEU E 119 -18.01 -48.47 21.22
N LEU E 120 -17.66 -47.77 22.30
CA LEU E 120 -17.73 -46.31 22.31
C LEU E 120 -16.71 -45.62 21.43
N GLU E 121 -15.49 -46.16 21.39
CA GLU E 121 -14.42 -45.50 20.67
C GLU E 121 -14.46 -45.83 19.19
N ASN E 122 -15.05 -46.97 18.83
CA ASN E 122 -14.96 -47.47 17.47
C ASN E 122 -16.26 -47.83 16.78
N SER E 123 -17.33 -47.95 17.55
CA SER E 123 -18.58 -48.52 17.05
C SER E 123 -18.30 -49.92 16.49
N LEU E 124 -17.42 -50.65 17.17
CA LEU E 124 -17.17 -52.07 16.91
C LEU E 124 -17.47 -52.85 18.18
N TYR E 125 -17.99 -54.06 18.04
CA TYR E 125 -18.21 -54.92 19.20
C TYR E 125 -16.89 -55.52 19.67
N GLY E 126 -16.86 -55.98 20.92
CA GLY E 126 -15.77 -56.84 21.37
C GLY E 126 -15.85 -58.20 20.69
N LEU E 127 -14.99 -59.12 21.11
CA LEU E 127 -14.97 -60.46 20.54
C LEU E 127 -16.04 -61.35 21.20
N PRO E 128 -16.49 -62.41 20.51
CA PRO E 128 -17.54 -63.30 21.05
C PRO E 128 -17.09 -64.07 22.29
N GLN E 129 -15.77 -64.28 22.38
CA GLN E 129 -15.16 -64.76 23.60
C GLN E 129 -13.84 -64.01 23.82
N GLY E 130 -13.42 -63.94 25.08
CA GLY E 130 -12.25 -63.18 25.47
C GLY E 130 -12.35 -61.67 25.33
N SER E 131 -11.19 -61.01 25.41
CA SER E 131 -11.11 -59.56 25.39
C SER E 131 -10.37 -59.04 24.18
N ALA E 132 -11.05 -58.23 23.37
CA ALA E 132 -10.44 -57.62 22.19
C ALA E 132 -9.26 -56.73 22.56
N PHE E 133 -9.36 -56.02 23.69
CA PHE E 133 -8.26 -55.16 24.17
C PHE E 133 -6.98 -55.94 24.43
N THR E 134 -7.14 -57.15 24.97
CA THR E 134 -5.99 -57.98 25.27
C THR E 134 -5.37 -58.56 23.99
N THR E 135 -6.19 -58.96 23.02
CA THR E 135 -5.65 -59.72 21.89
C THR E 135 -5.54 -58.91 20.59
N LYS E 136 -6.21 -57.74 20.51
CA LYS E 136 -6.17 -56.92 19.30
C LYS E 136 -5.55 -55.53 19.56
N GLY E 137 -4.61 -55.46 20.49
CA GLY E 137 -3.99 -54.19 20.84
C GLY E 137 -3.10 -53.60 19.76
N GLN E 138 -2.77 -54.39 18.75
CA GLN E 138 -1.92 -53.89 17.68
C GLN E 138 -2.65 -53.81 16.36
N ASN E 139 -3.97 -53.94 16.42
CA ASN E 139 -4.81 -53.69 15.25
C ASN E 139 -4.78 -52.23 14.87
N THR E 140 -5.10 -51.96 13.61
CA THR E 140 -5.31 -50.61 13.10
C THR E 140 -6.72 -50.16 13.44
N TYR E 141 -6.85 -48.96 14.01
CA TYR E 141 -8.15 -48.42 14.34
C TYR E 141 -8.33 -47.03 13.75
N GLU E 142 -9.59 -46.65 13.54
CA GLU E 142 -9.92 -45.29 13.12
C GLU E 142 -10.96 -44.76 14.13
N SER E 143 -10.49 -44.55 15.36
N SER E 143 -10.50 -44.53 15.35
CA SER E 143 -11.37 -44.25 16.49
CA SER E 143 -11.37 -44.24 16.49
C SER E 143 -11.74 -42.78 16.64
C SER E 143 -11.78 -42.77 16.61
N ALA E 144 -12.64 -42.51 17.58
CA ALA E 144 -13.14 -41.15 17.85
C ALA E 144 -12.03 -40.14 18.10
N SER E 145 -11.01 -40.53 18.88
N SER E 145 -11.02 -40.52 18.88
CA SER E 145 -9.88 -39.65 19.15
CA SER E 145 -9.89 -39.63 19.16
C SER E 145 -9.18 -39.25 17.87
C SER E 145 -9.17 -39.24 17.87
N ALA E 146 -9.08 -40.20 16.94
CA ALA E 146 -8.43 -39.96 15.65
C ALA E 146 -9.31 -39.12 14.72
N ILE E 147 -10.59 -39.42 14.70
CA ILE E 147 -11.55 -38.70 13.88
C ILE E 147 -11.66 -37.24 14.34
N LEU E 148 -11.75 -37.02 15.64
CA LEU E 148 -11.83 -35.64 16.16
C LEU E 148 -10.46 -34.95 16.10
N GLY E 149 -9.39 -35.74 16.25
CA GLY E 149 -8.04 -35.27 15.96
C GLY E 149 -7.92 -34.61 14.59
N GLN E 150 -8.64 -35.12 13.60
CA GLN E 150 -8.58 -34.59 12.24
C GLN E 150 -9.01 -33.12 12.24
N GLN E 151 -9.76 -32.74 13.29
CA GLN E 151 -10.27 -31.38 13.42
C GLN E 151 -9.59 -30.59 14.52
N GLY E 152 -8.47 -31.09 15.01
CA GLY E 152 -7.68 -30.33 15.97
C GLY E 152 -8.06 -30.52 17.42
N TYR E 153 -8.83 -31.57 17.71
CA TYR E 153 -9.16 -31.93 19.09
C TYR E 153 -8.01 -32.58 19.83
N THR E 154 -7.80 -32.18 21.08
CA THR E 154 -6.89 -32.90 21.98
C THR E 154 -7.66 -34.01 22.69
N SER E 155 -7.03 -35.16 22.94
CA SER E 155 -7.75 -36.27 23.54
C SER E 155 -7.04 -36.81 24.76
N ALA E 156 -7.82 -37.30 25.73
CA ALA E 156 -7.24 -37.84 26.97
C ALA E 156 -8.21 -38.81 27.68
N VAL E 157 -7.65 -39.86 28.28
CA VAL E 157 -8.37 -40.74 29.20
C VAL E 157 -7.83 -40.47 30.62
N PHE E 158 -8.72 -40.46 31.61
CA PHE E 158 -8.32 -40.35 33.01
C PHE E 158 -8.75 -41.63 33.72
N HIS E 159 -7.84 -42.24 34.46
CA HIS E 159 -8.19 -43.49 35.14
C HIS E 159 -7.31 -43.69 36.38
N GLY E 160 -7.94 -44.03 37.50
CA GLY E 160 -7.23 -44.20 38.77
C GLY E 160 -6.62 -45.59 38.94
N ASN E 161 -6.22 -46.20 37.85
CA ASN E 161 -5.54 -47.48 37.91
C ASN E 161 -4.41 -47.47 36.90
N TYR E 162 -3.49 -48.41 36.99
CA TYR E 162 -2.29 -48.38 36.18
C TYR E 162 -2.56 -48.80 34.73
N LYS E 163 -1.83 -48.18 33.81
CA LYS E 163 -2.14 -48.24 32.40
C LYS E 163 -1.99 -49.62 31.77
N SER E 164 -1.33 -50.54 32.46
CA SER E 164 -1.14 -51.89 31.94
C SER E 164 -2.46 -52.68 31.95
N PHE E 165 -3.39 -52.27 32.82
CA PHE E 165 -4.62 -53.05 32.99
C PHE E 165 -5.48 -52.94 31.75
N TRP E 166 -6.07 -54.08 31.38
CA TRP E 166 -6.82 -54.26 30.14
C TRP E 166 -5.98 -53.87 28.93
N ASN E 167 -4.65 -53.91 29.07
CA ASN E 167 -3.74 -53.59 27.96
C ASN E 167 -4.00 -52.18 27.40
N ARG E 168 -4.53 -51.30 28.23
CA ARG E 168 -4.93 -49.97 27.77
C ARG E 168 -3.75 -49.16 27.22
N ASP E 169 -2.61 -49.31 27.87
CA ASP E 169 -1.39 -48.61 27.48
C ASP E 169 -1.06 -48.81 26.00
N GLU E 170 -1.21 -50.05 25.53
CA GLU E 170 -0.89 -50.38 24.13
C GLU E 170 -1.96 -49.94 23.12
N ILE E 171 -3.20 -50.32 23.37
CA ILE E 171 -4.25 -50.12 22.38
C ILE E 171 -4.66 -48.66 22.26
N TYR E 172 -4.50 -47.89 23.33
CA TYR E 172 -4.80 -46.46 23.28
C TYR E 172 -3.93 -45.74 22.23
N LYS E 173 -2.72 -46.22 22.01
CA LYS E 173 -1.84 -45.60 21.01
C LYS E 173 -2.36 -45.86 19.60
N GLN E 174 -3.00 -47.01 19.41
CA GLN E 174 -3.66 -47.31 18.14
C GLN E 174 -4.92 -46.47 17.96
N PHE E 175 -5.64 -46.21 19.06
CA PHE E 175 -6.83 -45.34 19.03
C PHE E 175 -6.41 -43.92 18.69
N GLY E 176 -5.21 -43.54 19.15
CA GLY E 176 -4.69 -42.20 18.94
C GLY E 176 -5.07 -41.28 20.09
N TYR E 177 -5.17 -41.82 21.29
CA TYR E 177 -5.37 -41.00 22.48
C TYR E 177 -4.08 -40.25 22.78
N ASP E 178 -4.15 -38.92 22.79
CA ASP E 178 -2.95 -38.12 23.04
C ASP E 178 -2.40 -38.32 24.45
N ASN E 179 -3.28 -38.46 25.42
CA ASN E 179 -2.87 -38.56 26.82
C ASN E 179 -3.57 -39.70 27.54
N PHE E 180 -2.86 -40.30 28.49
CA PHE E 180 -3.45 -41.26 29.41
C PHE E 180 -2.97 -40.92 30.83
N PHE E 181 -3.82 -40.24 31.58
CA PHE E 181 -3.54 -39.94 32.98
C PHE E 181 -3.98 -41.13 33.83
N ASP E 182 -3.09 -42.12 33.98
CA ASP E 182 -3.38 -43.32 34.76
C ASP E 182 -2.97 -43.14 36.22
N ALA E 183 -2.91 -44.23 36.98
CA ALA E 183 -2.65 -44.15 38.42
C ALA E 183 -1.34 -43.46 38.77
N SER E 184 -0.39 -43.50 37.85
CA SER E 184 0.92 -42.88 38.06
C SER E 184 0.84 -41.36 38.17
N TYR E 185 -0.25 -40.77 37.71
CA TYR E 185 -0.46 -39.32 37.78
C TYR E 185 -1.23 -38.86 39.03
N TYR E 186 -1.52 -39.80 39.92
CA TYR E 186 -2.32 -39.52 41.09
C TYR E 186 -1.61 -39.82 42.42
N ASP E 187 -2.18 -39.31 43.50
CA ASP E 187 -1.64 -39.58 44.83
C ASP E 187 -2.24 -40.91 45.29
N MET E 188 -1.49 -41.99 45.12
CA MET E 188 -1.99 -43.32 45.42
C MET E 188 -1.65 -43.72 46.85
N ASN E 189 -1.97 -42.86 47.80
CA ASN E 189 -1.74 -43.15 49.22
C ASN E 189 -2.73 -44.21 49.71
N GLU E 190 -2.45 -44.79 50.88
CA GLU E 190 -3.15 -46.01 51.27
C GLU E 190 -4.58 -45.73 51.78
N ALA E 191 -4.86 -44.49 52.14
CA ALA E 191 -6.19 -44.10 52.56
C ALA E 191 -7.13 -43.85 51.38
N ASP E 192 -6.55 -43.55 50.21
CA ASP E 192 -7.33 -43.16 49.04
C ASP E 192 -7.50 -44.28 48.03
N VAL E 193 -6.98 -45.46 48.36
CA VAL E 193 -6.93 -46.55 47.39
C VAL E 193 -7.76 -47.75 47.85
N SER E 194 -8.56 -48.29 46.95
CA SER E 194 -9.29 -49.53 47.19
C SER E 194 -8.52 -50.62 46.44
N ASN E 195 -9.14 -51.77 46.17
CA ASN E 195 -8.37 -52.83 45.52
C ASN E 195 -8.50 -52.79 44.00
N TYR E 196 -9.24 -51.83 43.45
CA TYR E 196 -9.16 -51.59 42.03
C TYR E 196 -8.40 -50.32 41.74
N GLY E 197 -8.01 -49.60 42.79
CA GLY E 197 -7.23 -48.40 42.63
C GLY E 197 -7.76 -47.22 43.40
N LEU E 198 -7.50 -46.02 42.90
CA LEU E 198 -7.88 -44.77 43.54
C LEU E 198 -9.39 -44.59 43.64
N LYS E 199 -9.88 -44.13 44.78
CA LYS E 199 -11.32 -43.92 44.97
C LYS E 199 -11.80 -42.75 44.13
N ASP E 200 -13.09 -42.75 43.80
CA ASP E 200 -13.62 -41.81 42.81
C ASP E 200 -13.47 -40.37 43.24
N LYS E 201 -13.62 -40.09 44.53
CA LYS E 201 -13.58 -38.70 44.99
C LYS E 201 -12.17 -38.08 44.93
N PRO E 202 -11.14 -38.75 45.49
CA PRO E 202 -9.83 -38.13 45.21
C PRO E 202 -9.49 -38.17 43.72
N PHE E 203 -9.97 -39.18 43.00
CA PHE E 203 -9.75 -39.24 41.55
C PHE E 203 -10.24 -38.00 40.80
N PHE E 204 -11.49 -37.63 41.01
CA PHE E 204 -12.06 -36.47 40.33
C PHE E 204 -11.46 -35.14 40.78
N LYS E 205 -11.08 -35.05 42.05
CA LYS E 205 -10.55 -33.79 42.58
C LYS E 205 -9.11 -33.59 42.09
N GLU E 206 -8.35 -34.68 41.99
CA GLU E 206 -6.99 -34.58 41.50
C GLU E 206 -6.93 -34.49 39.97
N SER E 207 -8.04 -34.79 39.31
CA SER E 207 -8.07 -34.73 37.86
C SER E 207 -8.20 -33.30 37.39
N GLU E 208 -8.61 -32.42 38.30
CA GLU E 208 -8.96 -31.05 37.93
C GLU E 208 -7.80 -30.23 37.38
N GLU E 209 -6.65 -30.31 38.05
CA GLU E 209 -5.46 -29.65 37.53
C GLU E 209 -5.14 -30.08 36.08
N TYR E 210 -5.30 -31.37 35.80
CA TYR E 210 -4.96 -31.91 34.49
C TYR E 210 -5.97 -31.51 33.41
N LEU E 211 -7.26 -31.54 33.76
CA LEU E 211 -8.28 -31.19 32.77
C LEU E 211 -8.20 -29.70 32.45
N SER E 212 -7.89 -28.90 33.45
CA SER E 212 -7.83 -27.46 33.31
C SER E 212 -6.63 -26.98 32.49
N SER E 213 -5.61 -27.83 32.37
CA SER E 213 -4.44 -27.49 31.55
C SER E 213 -4.40 -28.33 30.25
N LEU E 214 -5.52 -28.97 29.91
CA LEU E 214 -5.66 -29.69 28.65
C LEU E 214 -6.14 -28.73 27.56
N GLN E 215 -5.46 -28.76 26.42
CA GLN E 215 -5.80 -27.85 25.31
C GLN E 215 -7.23 -28.06 24.77
N GLN E 216 -7.98 -26.98 24.62
CA GLN E 216 -9.33 -27.04 24.05
C GLN E 216 -9.31 -26.72 22.56
N PRO E 217 -10.20 -27.34 21.77
CA PRO E 217 -11.23 -28.32 22.15
C PRO E 217 -10.66 -29.67 22.53
N PHE E 218 -11.24 -30.35 23.51
CA PHE E 218 -10.74 -31.68 23.84
C PHE E 218 -11.81 -32.75 23.83
N TYR E 219 -11.35 -34.00 23.75
CA TYR E 219 -12.19 -35.19 23.78
C TYR E 219 -11.72 -36.09 24.92
N THR E 220 -12.50 -36.20 25.99
CA THR E 220 -12.02 -36.86 27.22
C THR E 220 -12.96 -37.93 27.74
N LYS E 221 -12.41 -38.91 28.46
CA LYS E 221 -13.19 -39.94 29.12
C LYS E 221 -12.65 -40.14 30.54
N PHE E 222 -13.55 -40.10 31.51
CA PHE E 222 -13.20 -40.31 32.92
C PHE E 222 -13.73 -41.67 33.37
N ILE E 223 -12.84 -42.65 33.52
CA ILE E 223 -13.21 -44.00 33.92
C ILE E 223 -13.15 -44.19 35.44
N THR E 224 -14.31 -44.20 36.08
CA THR E 224 -14.36 -44.40 37.52
C THR E 224 -14.09 -45.87 37.84
N LEU E 225 -13.90 -46.19 39.12
CA LEU E 225 -13.58 -47.56 39.46
C LEU E 225 -14.09 -47.99 40.83
N THR E 226 -14.62 -47.05 41.63
CA THR E 226 -15.08 -47.42 42.97
C THR E 226 -16.25 -48.40 42.92
N ASN E 227 -17.13 -48.25 41.92
CA ASN E 227 -18.30 -49.12 41.82
C ASN E 227 -17.99 -50.43 41.06
N HIS E 228 -17.00 -51.20 41.54
CA HIS E 228 -16.70 -52.55 41.06
C HIS E 228 -17.20 -53.62 42.02
N PHE E 229 -17.68 -54.75 41.47
CA PHE E 229 -18.00 -55.94 42.26
C PHE E 229 -16.78 -56.29 43.14
N PRO E 230 -17.02 -56.72 44.41
CA PRO E 230 -18.26 -56.92 45.16
C PRO E 230 -18.75 -55.70 45.96
N TYR E 231 -18.37 -54.51 45.52
CA TYR E 231 -18.85 -53.23 46.07
C TYR E 231 -18.54 -53.05 47.54
N PRO E 232 -17.26 -53.20 47.93
CA PRO E 232 -16.92 -52.93 49.33
C PRO E 232 -16.81 -51.43 49.56
N ILE E 233 -17.19 -50.99 50.76
CA ILE E 233 -17.02 -49.59 51.12
C ILE E 233 -16.84 -49.47 52.63
N ASP E 234 -15.90 -48.64 53.05
CA ASP E 234 -15.70 -48.38 54.47
C ASP E 234 -16.89 -47.62 55.02
N GLU E 235 -17.28 -47.93 56.25
CA GLU E 235 -18.42 -47.30 56.90
C GLU E 235 -18.32 -45.77 56.93
N LYS E 236 -17.10 -45.26 57.00
CA LYS E 236 -16.91 -43.83 57.18
C LYS E 236 -17.11 -43.09 55.86
N ASP E 237 -17.04 -43.83 54.76
CA ASP E 237 -17.26 -43.28 53.43
C ASP E 237 -18.71 -43.34 52.99
N ALA E 238 -19.51 -44.16 53.67
CA ALA E 238 -20.89 -44.42 53.25
C ALA E 238 -21.89 -43.47 53.90
N SER E 239 -22.69 -42.81 53.08
CA SER E 239 -23.74 -41.91 53.58
C SER E 239 -25.11 -42.59 53.49
N ILE E 240 -25.16 -43.79 52.96
CA ILE E 240 -26.41 -44.54 52.92
C ILE E 240 -26.15 -45.95 53.45
N ALA E 241 -27.19 -46.53 54.06
CA ALA E 241 -27.11 -47.88 54.63
C ALA E 241 -27.26 -48.90 53.52
N PRO E 242 -26.69 -50.10 53.72
CA PRO E 242 -26.87 -51.10 52.67
C PRO E 242 -28.32 -51.53 52.57
N ALA E 243 -28.70 -52.10 51.44
CA ALA E 243 -30.00 -52.72 51.32
C ALA E 243 -30.04 -53.94 52.26
N THR E 244 -31.20 -54.56 52.38
CA THR E 244 -31.40 -55.62 53.37
C THR E 244 -31.92 -56.94 52.78
N THR E 245 -31.37 -57.37 51.64
CA THR E 245 -31.79 -58.63 50.99
C THR E 245 -31.15 -59.89 51.61
N GLY E 246 -30.04 -59.71 52.33
CA GLY E 246 -29.27 -60.80 52.88
C GLY E 246 -28.19 -61.25 51.92
N ASP E 247 -28.19 -60.64 50.74
CA ASP E 247 -27.20 -60.91 49.70
C ASP E 247 -26.14 -59.81 49.70
N SER E 248 -24.94 -60.12 50.19
CA SER E 248 -23.95 -59.09 50.52
C SER E 248 -23.56 -58.15 49.37
N SER E 249 -23.25 -58.69 48.20
CA SER E 249 -22.81 -57.85 47.08
C SER E 249 -23.95 -56.99 46.54
N VAL E 250 -25.18 -57.48 46.62
CA VAL E 250 -26.33 -56.67 46.23
C VAL E 250 -26.58 -55.54 47.25
N ASP E 251 -26.44 -55.83 48.54
CA ASP E 251 -26.77 -54.85 49.58
C ASP E 251 -25.82 -53.65 49.63
N THR E 252 -24.54 -53.86 49.37
CA THR E 252 -23.60 -52.75 49.43
C THR E 252 -23.42 -52.05 48.09
N TYR E 253 -23.95 -52.67 47.04
CA TYR E 253 -23.96 -52.08 45.71
C TYR E 253 -24.55 -50.68 45.74
N PHE E 254 -25.60 -50.55 46.52
CA PHE E 254 -26.31 -49.28 46.67
C PHE E 254 -25.44 -48.26 47.39
N GLN E 255 -24.53 -48.73 48.23
CA GLN E 255 -23.69 -47.80 48.98
C GLN E 255 -22.61 -47.24 48.09
N THR E 256 -22.02 -48.09 47.27
CA THR E 256 -20.98 -47.64 46.37
C THR E 256 -21.60 -46.81 45.24
N ALA E 257 -22.85 -47.10 44.88
CA ALA E 257 -23.57 -46.30 43.87
C ALA E 257 -23.81 -44.87 44.37
N ARG E 258 -24.18 -44.74 45.64
CA ARG E 258 -24.33 -43.44 46.28
C ARG E 258 -23.02 -42.67 46.31
N TYR E 259 -21.93 -43.36 46.66
CA TYR E 259 -20.62 -42.74 46.70
C TYR E 259 -20.17 -42.19 45.33
N LEU E 260 -20.38 -42.97 44.28
CA LEU E 260 -20.06 -42.53 42.91
C LEU E 260 -20.87 -41.27 42.53
N ASP E 261 -22.17 -41.30 42.84
CA ASP E 261 -23.06 -40.16 42.63
C ASP E 261 -22.53 -38.87 43.25
N GLU E 262 -22.08 -38.96 44.49
CA GLU E 262 -21.54 -37.80 45.20
C GLU E 262 -20.25 -37.28 44.56
N SER E 263 -19.37 -38.20 44.16
CA SER E 263 -18.14 -37.83 43.50
C SER E 263 -18.43 -37.13 42.17
N VAL E 264 -19.45 -37.63 41.46
CA VAL E 264 -19.84 -37.08 40.18
C VAL E 264 -20.47 -35.70 40.32
N LYS E 265 -21.22 -35.52 41.41
CA LYS E 265 -21.80 -34.22 41.68
C LYS E 265 -20.66 -33.22 41.87
N SER E 266 -19.64 -33.64 42.63
CA SER E 266 -18.47 -32.82 42.90
C SER E 266 -17.72 -32.47 41.63
N PHE E 267 -17.63 -33.45 40.73
CA PHE E 267 -16.96 -33.24 39.46
C PHE E 267 -17.70 -32.21 38.61
N VAL E 268 -19.02 -32.34 38.54
CA VAL E 268 -19.82 -31.43 37.74
C VAL E 268 -19.84 -29.99 38.33
N ASP E 269 -19.82 -29.89 39.65
CA ASP E 269 -19.66 -28.60 40.32
C ASP E 269 -18.41 -27.88 39.80
N TYR E 270 -17.32 -28.64 39.69
CA TYR E 270 -16.07 -28.17 39.15
C TYR E 270 -16.25 -27.73 37.71
N LEU E 271 -16.92 -28.57 36.91
CA LEU E 271 -17.15 -28.27 35.51
C LEU E 271 -17.94 -26.95 35.34
N LYS E 272 -18.94 -26.74 36.21
CA LYS E 272 -19.74 -25.51 36.17
C LYS E 272 -18.93 -24.29 36.59
N LYS E 273 -18.07 -24.47 37.60
CA LYS E 273 -17.26 -23.37 38.10
C LYS E 273 -16.15 -22.94 37.13
N SER E 274 -15.63 -23.89 36.38
CA SER E 274 -14.57 -23.63 35.42
C SER E 274 -15.08 -23.17 34.05
N GLY E 275 -16.40 -23.19 33.88
CA GLY E 275 -17.01 -22.82 32.63
C GLY E 275 -17.06 -23.94 31.60
N LEU E 276 -16.50 -25.12 31.95
CA LEU E 276 -16.50 -26.26 31.03
C LEU E 276 -17.90 -26.83 30.82
N TYR E 277 -18.78 -26.63 31.80
CA TYR E 277 -20.16 -27.10 31.73
C TYR E 277 -20.86 -26.48 30.52
N ASP E 278 -20.44 -25.27 30.17
CA ASP E 278 -21.09 -24.47 29.12
C ASP E 278 -20.49 -24.64 27.73
N ASN E 279 -19.29 -25.21 27.65
CA ASN E 279 -18.68 -25.41 26.34
C ASN E 279 -18.37 -26.88 26.04
N SER E 280 -19.04 -27.78 26.76
CA SER E 280 -18.79 -29.20 26.57
C SER E 280 -20.07 -29.99 26.45
N VAL E 281 -20.03 -31.03 25.63
CA VAL E 281 -21.03 -32.07 25.71
C VAL E 281 -20.60 -33.03 26.81
N ILE E 282 -21.43 -33.13 27.83
CA ILE E 282 -21.14 -34.02 28.94
C ILE E 282 -22.05 -35.22 28.79
N ILE E 283 -21.45 -36.40 28.75
CA ILE E 283 -22.20 -37.62 28.51
C ILE E 283 -21.96 -38.64 29.62
N MET E 284 -23.01 -38.94 30.38
CA MET E 284 -22.94 -40.01 31.37
C MET E 284 -23.48 -41.35 30.84
N TYR E 285 -22.74 -42.42 31.06
CA TYR E 285 -23.18 -43.72 30.60
C TYR E 285 -22.71 -44.83 31.58
N GLY E 286 -23.41 -45.96 31.59
CA GLY E 286 -22.96 -47.14 32.30
C GLY E 286 -22.28 -48.11 31.33
N ASP E 287 -21.33 -48.90 31.79
CA ASP E 287 -20.59 -49.76 30.85
C ASP E 287 -21.11 -51.19 30.74
N HIS E 288 -21.56 -51.74 31.87
CA HIS E 288 -22.17 -53.08 31.87
C HIS E 288 -22.92 -53.31 33.20
N TYR E 289 -23.54 -54.48 33.34
CA TYR E 289 -24.35 -54.74 34.52
C TYR E 289 -23.50 -54.70 35.81
N GLY E 290 -24.14 -54.30 36.91
CA GLY E 290 -23.50 -54.36 38.21
C GLY E 290 -23.85 -55.64 38.96
N ILE E 291 -25.09 -56.10 38.76
CA ILE E 291 -25.57 -57.33 39.38
C ILE E 291 -25.78 -58.41 38.30
N SER E 292 -25.13 -59.57 38.44
CA SER E 292 -25.28 -60.66 37.47
C SER E 292 -26.62 -61.38 37.61
N ASP E 293 -26.78 -62.47 36.86
CA ASP E 293 -28.00 -63.27 36.91
C ASP E 293 -27.96 -64.29 38.03
N ASN E 294 -26.99 -64.17 38.95
CA ASN E 294 -26.87 -65.14 40.03
C ASN E 294 -27.35 -64.61 41.38
N HIS E 295 -28.29 -63.67 41.36
CA HIS E 295 -28.82 -63.10 42.59
C HIS E 295 -30.33 -62.94 42.50
N GLU E 296 -31.00 -63.97 42.01
CA GLU E 296 -32.41 -63.89 41.66
C GLU E 296 -33.30 -63.54 42.86
N GLU E 297 -33.03 -64.15 44.02
CA GLU E 297 -33.81 -63.86 45.22
C GLU E 297 -33.67 -62.42 45.66
N ALA E 298 -32.44 -61.90 45.64
CA ALA E 298 -32.21 -60.52 46.06
C ALA E 298 -32.80 -59.52 45.09
N MET E 299 -32.67 -59.77 43.78
CA MET E 299 -33.16 -58.83 42.78
C MET E 299 -34.68 -58.82 42.66
N THR E 300 -35.29 -59.96 42.98
CA THR E 300 -36.75 -60.06 43.08
C THR E 300 -37.28 -59.10 44.12
N LYS E 301 -36.57 -59.01 45.26
CA LYS E 301 -36.93 -58.07 46.32
C LYS E 301 -36.63 -56.63 45.91
N ILE E 302 -35.47 -56.40 45.31
CA ILE E 302 -35.04 -55.07 44.91
C ILE E 302 -36.00 -54.43 43.90
N LEU E 303 -36.47 -55.21 42.93
CA LEU E 303 -37.27 -54.66 41.83
C LEU E 303 -38.78 -54.85 42.05
N GLY E 304 -39.15 -55.63 43.05
CA GLY E 304 -40.53 -55.81 43.40
C GLY E 304 -41.26 -56.75 42.49
N LYS E 305 -40.53 -57.61 41.79
CA LYS E 305 -41.16 -58.59 40.90
C LYS E 305 -40.25 -59.78 40.66
N ASP E 306 -40.84 -60.89 40.24
CA ASP E 306 -40.09 -62.13 40.02
C ASP E 306 -38.98 -61.90 39.02
N TYR E 307 -37.74 -62.07 39.48
CA TYR E 307 -36.58 -61.85 38.64
C TYR E 307 -36.28 -63.09 37.78
N ASN E 308 -37.06 -63.28 36.71
CA ASN E 308 -36.85 -64.40 35.79
C ASN E 308 -35.90 -64.03 34.64
N THR E 309 -35.73 -64.94 33.70
CA THR E 309 -34.84 -64.75 32.57
C THR E 309 -35.19 -63.51 31.75
N PHE E 310 -36.48 -63.25 31.59
CA PHE E 310 -36.92 -62.07 30.87
C PHE E 310 -36.51 -60.79 31.58
N GLU E 311 -36.73 -60.72 32.89
CA GLU E 311 -36.42 -59.50 33.63
C GLU E 311 -34.92 -59.20 33.67
N ASN E 312 -34.11 -60.25 33.72
CA ASN E 312 -32.66 -60.10 33.74
C ASN E 312 -32.15 -59.41 32.47
N ALA E 313 -32.71 -59.77 31.32
CA ALA E 313 -32.39 -59.11 30.06
C ALA E 313 -32.75 -57.62 30.11
N GLN E 314 -33.91 -57.32 30.69
CA GLN E 314 -34.40 -55.96 30.80
C GLN E 314 -33.51 -55.15 31.73
N ALA E 315 -32.84 -55.87 32.63
CA ALA E 315 -31.93 -55.25 33.59
C ALA E 315 -30.60 -54.88 32.93
N GLN E 316 -30.41 -55.25 31.67
CA GLN E 316 -29.16 -54.93 30.98
C GLN E 316 -29.13 -53.49 30.45
N ARG E 317 -30.21 -52.75 30.71
CA ARG E 317 -30.22 -51.31 30.44
C ARG E 317 -29.17 -50.59 31.27
N VAL E 318 -28.41 -49.71 30.62
CA VAL E 318 -27.48 -48.85 31.31
C VAL E 318 -27.82 -47.42 30.94
N PRO E 319 -27.43 -46.45 31.76
CA PRO E 319 -27.77 -45.05 31.46
C PRO E 319 -27.08 -44.48 30.22
N LEU E 320 -27.75 -43.56 29.55
CA LEU E 320 -27.11 -42.69 28.59
C LEU E 320 -27.74 -41.32 28.78
N MET E 321 -26.96 -40.36 29.25
CA MET E 321 -27.45 -39.03 29.51
C MET E 321 -26.53 -38.01 28.85
N ILE E 322 -27.03 -37.36 27.81
CA ILE E 322 -26.23 -36.45 27.01
C ILE E 322 -26.64 -35.02 27.24
N HIS E 323 -25.80 -34.26 27.94
CA HIS E 323 -26.09 -32.87 28.18
C HIS E 323 -25.49 -32.00 27.07
N VAL E 324 -26.34 -31.34 26.30
CA VAL E 324 -25.89 -30.47 25.21
C VAL E 324 -26.27 -29.02 25.50
N PRO E 325 -25.25 -28.15 25.69
CA PRO E 325 -25.53 -26.73 25.98
C PRO E 325 -26.44 -26.05 24.93
N GLY E 326 -27.55 -25.48 25.40
CA GLY E 326 -28.45 -24.73 24.55
C GLY E 326 -29.46 -25.57 23.74
N VAL E 327 -29.46 -26.88 23.96
CA VAL E 327 -30.37 -27.73 23.19
C VAL E 327 -31.42 -28.31 24.13
N GLN E 328 -32.68 -28.24 23.72
CA GLN E 328 -33.76 -28.74 24.57
C GLN E 328 -33.74 -30.25 24.55
N GLY E 329 -33.55 -30.81 25.74
CA GLY E 329 -33.44 -32.24 25.90
C GLY E 329 -34.77 -32.89 26.18
N GLY E 330 -34.72 -34.02 26.86
CA GLY E 330 -35.92 -34.79 27.14
C GLY E 330 -35.62 -36.27 27.14
N VAL E 331 -36.56 -37.04 27.68
CA VAL E 331 -36.47 -38.49 27.68
C VAL E 331 -36.53 -39.04 26.25
N GLN E 332 -35.55 -39.90 25.93
CA GLN E 332 -35.48 -40.60 24.66
C GLN E 332 -35.81 -42.07 24.90
N GLU E 333 -36.93 -42.53 24.34
CA GLU E 333 -37.38 -43.89 24.58
C GLU E 333 -37.02 -44.86 23.46
N GLN E 334 -36.45 -44.36 22.37
CA GLN E 334 -36.07 -45.21 21.25
C GLN E 334 -35.00 -46.22 21.68
N TYR E 335 -35.16 -47.49 21.30
CA TYR E 335 -34.21 -48.55 21.68
C TYR E 335 -32.86 -48.43 20.96
N GLY E 336 -31.78 -48.63 21.73
CA GLY E 336 -30.43 -48.62 21.19
C GLY E 336 -29.42 -49.24 22.13
N GLY E 337 -28.18 -49.31 21.68
CA GLY E 337 -27.10 -49.88 22.46
C GLY E 337 -25.85 -49.03 22.38
N GLN E 338 -24.81 -49.41 23.13
CA GLN E 338 -23.53 -48.69 23.17
C GLN E 338 -22.88 -48.53 21.78
N VAL E 339 -23.16 -49.47 20.86
CA VAL E 339 -22.63 -49.41 19.49
C VAL E 339 -23.12 -48.16 18.74
N ASP E 340 -24.25 -47.61 19.18
CA ASP E 340 -24.85 -46.43 18.55
C ASP E 340 -24.31 -45.09 19.06
N LEU E 341 -23.48 -45.14 20.10
CA LEU E 341 -23.06 -43.92 20.80
C LEU E 341 -22.12 -43.03 19.97
N LEU E 342 -21.12 -43.62 19.34
CA LEU E 342 -20.17 -42.85 18.51
C LEU E 342 -20.86 -42.15 17.30
N PRO E 343 -21.71 -42.85 16.54
CA PRO E 343 -22.43 -42.11 15.49
C PRO E 343 -23.30 -40.97 16.02
N THR E 344 -23.87 -41.16 17.20
CA THR E 344 -24.69 -40.15 17.83
C THR E 344 -23.87 -38.90 18.15
N LEU E 345 -22.71 -39.12 18.76
CA LEU E 345 -21.82 -38.04 19.16
C LEU E 345 -21.29 -37.25 17.98
N LEU E 346 -20.86 -37.95 16.94
CA LEU E 346 -20.26 -37.31 15.77
C LEU E 346 -21.27 -36.37 15.10
N HIS E 347 -22.52 -36.80 14.95
CA HIS E 347 -23.55 -35.95 14.36
C HIS E 347 -23.84 -34.72 15.20
N LEU E 348 -23.87 -34.88 16.52
CA LEU E 348 -24.03 -33.72 17.42
C LEU E 348 -22.89 -32.72 17.20
N LEU E 349 -21.67 -33.25 16.98
CA LEU E 349 -20.50 -32.41 16.72
C LEU E 349 -20.42 -31.95 15.26
N GLY E 350 -21.37 -32.37 14.43
CA GLY E 350 -21.40 -31.92 13.05
C GLY E 350 -20.46 -32.65 12.11
N VAL E 351 -20.05 -33.86 12.51
CA VAL E 351 -19.11 -34.67 11.72
C VAL E 351 -19.84 -35.74 10.93
N ASP E 352 -19.63 -35.78 9.62
CA ASP E 352 -20.23 -36.85 8.83
C ASP E 352 -19.39 -38.15 8.98
N ASN E 353 -20.06 -39.25 9.31
CA ASN E 353 -19.35 -40.51 9.53
C ASN E 353 -19.73 -41.62 8.54
N LYS E 354 -20.31 -41.23 7.41
CA LYS E 354 -20.87 -42.18 6.44
C LYS E 354 -19.85 -43.16 5.84
N GLU E 355 -18.60 -42.72 5.73
CA GLU E 355 -17.59 -43.54 5.07
C GLU E 355 -16.80 -44.41 6.05
N TYR E 356 -17.09 -44.28 7.34
CA TYR E 356 -16.39 -45.03 8.39
C TYR E 356 -16.95 -46.43 8.59
N LEU E 357 -16.11 -47.39 8.95
CA LEU E 357 -16.58 -48.73 9.24
C LEU E 357 -17.13 -48.75 10.67
N GLN E 358 -18.40 -48.36 10.81
CA GLN E 358 -19.05 -48.25 12.11
C GLN E 358 -20.41 -48.91 12.06
N PHE E 359 -20.73 -49.72 13.05
CA PHE E 359 -21.94 -50.55 12.99
C PHE E 359 -23.18 -49.97 13.64
N GLY E 360 -23.02 -48.94 14.46
CA GLY E 360 -24.15 -48.30 15.08
C GLY E 360 -24.74 -47.19 14.23
N THR E 361 -25.90 -46.68 14.65
CA THR E 361 -26.52 -45.56 13.96
C THR E 361 -26.95 -44.52 14.97
N ASP E 362 -26.95 -43.28 14.51
CA ASP E 362 -27.34 -42.09 15.26
C ASP E 362 -28.67 -42.29 15.99
N LEU E 363 -28.63 -42.21 17.32
CA LEU E 363 -29.81 -42.43 18.16
C LEU E 363 -30.87 -41.33 18.04
N LEU E 364 -30.48 -40.17 17.51
CA LEU E 364 -31.42 -39.06 17.36
C LEU E 364 -32.03 -38.97 15.95
N SER E 365 -31.58 -39.83 15.06
CA SER E 365 -32.07 -39.89 13.68
C SER E 365 -33.34 -40.70 13.56
N LYS E 366 -34.26 -40.22 12.71
CA LYS E 366 -35.53 -40.91 12.47
C LYS E 366 -35.31 -42.27 11.80
N ASP E 367 -34.15 -42.45 11.19
CA ASP E 367 -33.83 -43.69 10.50
C ASP E 367 -33.10 -44.69 11.39
N HIS E 368 -32.94 -44.37 12.67
CA HIS E 368 -32.41 -45.33 13.64
C HIS E 368 -33.43 -46.47 13.85
N LYS E 369 -33.02 -47.72 13.59
CA LYS E 369 -33.90 -48.87 13.80
C LYS E 369 -33.80 -49.35 15.23
N GLN E 370 -34.94 -49.69 15.81
CA GLN E 370 -34.99 -50.09 17.19
C GLN E 370 -34.68 -51.57 17.31
N LEU E 371 -33.42 -51.90 17.09
CA LEU E 371 -32.92 -53.26 17.18
C LEU E 371 -31.59 -53.25 17.90
N VAL E 372 -31.50 -54.00 19.00
CA VAL E 372 -30.33 -54.01 19.86
C VAL E 372 -29.71 -55.40 20.03
N PRO E 373 -28.67 -55.70 19.25
CA PRO E 373 -27.94 -56.97 19.39
C PRO E 373 -27.27 -57.15 20.75
N PHE E 374 -27.33 -58.37 21.29
CA PHE E 374 -26.46 -58.74 22.39
C PHE E 374 -25.29 -59.51 21.82
N ARG E 375 -24.19 -59.56 22.54
CA ARG E 375 -22.96 -60.19 22.04
C ARG E 375 -23.15 -61.71 21.79
N ASN E 376 -24.04 -62.34 22.55
CA ASN E 376 -24.30 -63.77 22.41
C ASN E 376 -25.32 -64.12 21.31
N GLY E 377 -25.76 -63.13 20.55
CA GLY E 377 -26.68 -63.38 19.46
C GLY E 377 -28.11 -63.07 19.80
N ASP E 378 -28.38 -62.88 21.09
CA ASP E 378 -29.68 -62.41 21.52
C ASP E 378 -29.91 -60.98 21.01
N TYR E 379 -31.15 -60.48 21.13
CA TYR E 379 -31.46 -59.11 20.69
C TYR E 379 -32.72 -58.56 21.33
N ILE E 380 -32.82 -57.24 21.40
CA ILE E 380 -34.02 -56.57 21.92
C ILE E 380 -34.65 -55.67 20.84
N THR E 381 -35.96 -55.78 20.63
CA THR E 381 -36.73 -54.81 19.83
C THR E 381 -37.95 -54.37 20.65
N PRO E 382 -38.66 -53.31 20.23
CA PRO E 382 -39.86 -52.89 20.99
C PRO E 382 -41.03 -53.89 21.00
N THR E 383 -41.05 -54.84 20.07
CA THR E 383 -42.16 -55.79 19.95
C THR E 383 -41.78 -57.20 20.43
N TYR E 384 -40.78 -57.83 19.80
CA TYR E 384 -40.29 -59.15 20.19
C TYR E 384 -38.77 -59.15 20.50
N SER E 385 -38.34 -59.99 21.44
CA SER E 385 -36.92 -60.08 21.78
C SER E 385 -36.47 -61.54 21.86
N MET E 386 -35.23 -61.82 21.45
CA MET E 386 -34.72 -63.17 21.64
C MET E 386 -33.79 -63.15 22.83
N ILE E 387 -34.08 -63.99 23.82
CA ILE E 387 -33.34 -64.00 25.08
C ILE E 387 -33.04 -65.44 25.45
N GLY E 388 -31.75 -65.78 25.55
CA GLY E 388 -31.34 -67.16 25.73
C GLY E 388 -31.75 -68.03 24.55
N GLY E 389 -31.88 -67.44 23.36
CA GLY E 389 -32.25 -68.16 22.16
C GLY E 389 -33.74 -68.40 21.99
N ASN E 390 -34.54 -67.92 22.94
CA ASN E 390 -35.99 -68.10 22.91
C ASN E 390 -36.70 -66.77 22.72
N MET E 391 -37.91 -66.83 22.17
CA MET E 391 -38.66 -65.62 21.83
C MET E 391 -39.59 -65.17 22.95
N TYR E 392 -39.65 -63.86 23.17
CA TYR E 392 -40.55 -63.27 24.16
C TYR E 392 -41.28 -62.05 23.59
N ASN E 393 -42.51 -61.82 24.05
CA ASN E 393 -43.18 -60.53 23.84
C ASN E 393 -42.52 -59.49 24.72
N GLN E 394 -41.93 -58.47 24.10
CA GLN E 394 -41.14 -57.47 24.81
C GLN E 394 -41.98 -56.63 25.78
N GLN E 395 -43.25 -56.41 25.45
CA GLN E 395 -44.11 -55.56 26.27
C GLN E 395 -44.72 -56.29 27.48
N THR E 396 -44.97 -57.58 27.32
CA THR E 396 -45.67 -58.33 28.34
C THR E 396 -44.77 -59.32 29.08
N GLY E 397 -43.67 -59.71 28.45
CA GLY E 397 -42.77 -60.70 29.04
C GLY E 397 -43.19 -62.14 28.77
N GLU E 398 -44.27 -62.31 28.01
CA GLU E 398 -44.79 -63.65 27.76
C GLU E 398 -43.90 -64.35 26.76
N PRO E 399 -43.56 -65.62 27.02
CA PRO E 399 -42.79 -66.40 26.05
C PRO E 399 -43.58 -66.58 24.74
N ILE E 400 -42.87 -66.64 23.61
CA ILE E 400 -43.51 -66.93 22.35
C ILE E 400 -43.04 -68.27 21.79
N ALA E 401 -43.99 -69.18 21.59
CA ALA E 401 -43.68 -70.57 21.27
C ALA E 401 -42.99 -70.74 19.92
N THR E 402 -43.51 -70.07 18.90
CA THR E 402 -43.03 -70.29 17.54
C THR E 402 -42.43 -69.03 16.92
N GLU E 403 -41.18 -69.14 16.48
CA GLU E 403 -40.50 -68.10 15.74
C GLU E 403 -41.19 -67.81 14.40
N THR E 404 -41.49 -66.55 14.11
CA THR E 404 -42.03 -66.19 12.79
C THR E 404 -40.92 -65.88 11.79
N LYS E 405 -41.31 -65.68 10.53
CA LYS E 405 -40.37 -65.27 9.50
C LYS E 405 -39.65 -63.98 9.90
N GLU E 406 -40.42 -63.06 10.46
CA GLU E 406 -39.91 -61.75 10.83
C GLU E 406 -38.90 -61.86 11.98
N MET E 407 -39.19 -62.74 12.93
CA MET E 407 -38.30 -62.98 14.06
C MET E 407 -37.01 -63.65 13.58
N LYS E 408 -37.15 -64.59 12.66
CA LYS E 408 -36.00 -65.33 12.11
C LYS E 408 -35.08 -64.40 11.30
N GLU E 409 -35.68 -63.52 10.51
CA GLU E 409 -34.95 -62.52 9.74
C GLU E 409 -34.15 -61.60 10.66
N THR E 410 -34.77 -61.12 11.72
CA THR E 410 -34.07 -60.28 12.69
C THR E 410 -32.85 -61.00 13.32
N LYS E 411 -33.05 -62.25 13.73
CA LYS E 411 -31.99 -63.07 14.31
C LYS E 411 -30.76 -63.20 13.43
N GLU E 412 -30.98 -63.45 12.14
CA GLU E 412 -29.91 -63.63 11.17
C GLU E 412 -29.24 -62.30 10.79
N LYS E 413 -30.01 -61.22 10.81
CA LYS E 413 -29.45 -59.88 10.63
C LYS E 413 -28.56 -59.57 11.81
N VAL E 414 -29.02 -59.92 13.00
CA VAL E 414 -28.20 -59.77 14.20
C VAL E 414 -26.93 -60.58 14.10
N ALA E 415 -27.06 -61.84 13.69
CA ALA E 415 -25.89 -62.71 13.53
C ALA E 415 -24.93 -62.16 12.47
N LYS E 416 -25.50 -61.59 11.41
CA LYS E 416 -24.69 -61.02 10.34
C LYS E 416 -23.87 -59.80 10.84
N GLU E 417 -24.51 -58.90 11.58
CA GLU E 417 -23.80 -57.74 12.13
C GLU E 417 -22.63 -58.12 13.04
N LEU E 418 -22.86 -59.08 13.94
CA LEU E 418 -21.81 -59.52 14.86
C LEU E 418 -20.65 -60.17 14.11
N GLU E 419 -20.99 -60.94 13.09
CA GLU E 419 -20.01 -61.62 12.26
C GLU E 419 -19.15 -60.66 11.44
N LEU E 420 -19.76 -59.61 10.88
CA LEU E 420 -19.03 -58.62 10.10
C LEU E 420 -18.14 -57.75 11.00
N SER E 421 -18.64 -57.42 12.19
CA SER E 421 -17.83 -56.74 13.20
C SER E 421 -16.61 -57.57 13.58
N ASP E 422 -16.81 -58.87 13.82
CA ASP E 422 -15.71 -59.80 14.18
C ASP E 422 -14.67 -59.91 13.07
N SER E 423 -15.11 -59.83 11.83
CA SER E 423 -14.21 -59.94 10.68
C SER E 423 -13.25 -58.74 10.59
N VAL E 424 -13.73 -57.56 10.98
CA VAL E 424 -12.85 -56.38 11.05
C VAL E 424 -11.74 -56.60 12.10
N LEU E 425 -12.11 -57.07 13.30
CA LEU E 425 -11.12 -57.32 14.34
C LEU E 425 -10.20 -58.49 14.00
N GLN E 426 -10.79 -59.61 13.57
CA GLN E 426 -10.02 -60.83 13.34
C GLN E 426 -9.18 -60.71 12.07
N GLY E 427 -9.65 -59.94 11.10
CA GLY E 427 -8.90 -59.72 9.88
C GLY E 427 -8.03 -58.47 9.91
N ASP E 428 -8.16 -57.67 10.97
CA ASP E 428 -7.48 -56.37 11.08
C ASP E 428 -7.69 -55.57 9.80
N LEU E 429 -8.96 -55.36 9.45
CA LEU E 429 -9.32 -54.88 8.12
C LEU E 429 -9.08 -53.39 7.89
N LEU E 430 -8.89 -52.60 8.95
CA LEU E 430 -8.71 -51.16 8.76
C LEU E 430 -7.30 -50.80 8.25
N ARG E 431 -6.39 -51.79 8.25
CA ARG E 431 -5.14 -51.71 7.50
C ARG E 431 -5.37 -51.36 6.02
N PHE E 432 -6.44 -51.90 5.47
CA PHE E 432 -6.69 -51.89 4.03
C PHE E 432 -7.70 -50.82 3.60
N TYR E 433 -8.20 -50.04 4.56
CA TYR E 433 -9.20 -49.03 4.26
C TYR E 433 -9.18 -47.84 5.20
N ALA E 434 -9.29 -46.65 4.62
CA ALA E 434 -9.63 -45.45 5.38
C ALA E 434 -10.48 -44.57 4.49
N PRO E 435 -11.38 -43.77 5.10
CA PRO E 435 -12.14 -42.83 4.27
C PRO E 435 -11.20 -41.85 3.55
N ASP E 436 -11.60 -41.36 2.38
CA ASP E 436 -10.75 -40.47 1.59
C ASP E 436 -10.53 -39.19 2.40
N GLY E 437 -9.26 -38.79 2.52
CA GLY E 437 -8.89 -37.60 3.26
C GLY E 437 -8.58 -37.86 4.73
N PHE E 438 -8.85 -39.08 5.21
CA PHE E 438 -8.53 -39.45 6.61
C PHE E 438 -7.04 -39.72 6.74
N LYS E 439 -6.41 -39.04 7.70
CA LYS E 439 -4.99 -39.23 8.01
C LYS E 439 -4.83 -40.20 9.16
N LYS E 440 -4.01 -41.22 8.96
CA LYS E 440 -3.94 -42.34 9.90
C LYS E 440 -3.00 -42.13 11.10
N VAL E 441 -3.38 -42.75 12.22
CA VAL E 441 -2.61 -42.69 13.46
C VAL E 441 -1.28 -43.43 13.32
N ASP E 442 -0.20 -42.79 13.78
CA ASP E 442 1.10 -43.45 13.98
C ASP E 442 1.29 -43.72 15.47
N PRO E 443 1.05 -44.97 15.89
CA PRO E 443 1.07 -45.31 17.32
C PRO E 443 2.43 -45.14 18.00
N SER E 444 3.51 -45.10 17.24
CA SER E 444 4.85 -44.97 17.83
C SER E 444 5.08 -43.56 18.38
N LYS E 445 4.21 -42.64 18.01
CA LYS E 445 4.37 -41.25 18.38
C LYS E 445 3.66 -40.89 19.69
N TYR E 446 3.33 -41.90 20.49
CA TYR E 446 2.63 -41.67 21.76
C TYR E 446 3.41 -42.25 22.93
N ASN E 447 3.47 -41.49 24.03
CA ASN E 447 4.08 -41.96 25.27
C ASN E 447 3.30 -41.41 26.45
N TYR E 448 2.82 -42.30 27.32
CA TYR E 448 1.94 -41.92 28.42
C TYR E 448 2.69 -41.86 29.75
N ASN E 449 3.95 -42.30 29.73
CA ASN E 449 4.81 -42.24 30.90
C ASN E 449 5.11 -40.80 31.26
N LYS E 450 5.40 -40.57 32.54
CA LYS E 450 5.74 -39.23 33.02
C LYS E 450 7.08 -39.23 33.75
N SER F 34 -5.00 22.87 -9.41
CA SER F 34 -5.40 23.49 -10.69
C SER F 34 -6.84 23.15 -11.07
N ASP F 35 -7.51 24.05 -11.80
CA ASP F 35 -8.80 23.72 -12.41
C ASP F 35 -8.60 23.16 -13.83
N VAL F 36 -9.69 22.69 -14.44
CA VAL F 36 -9.64 22.14 -15.80
C VAL F 36 -9.14 23.15 -16.84
N THR F 37 -9.47 24.42 -16.67
CA THR F 37 -9.07 25.47 -17.62
C THR F 37 -7.55 25.61 -17.79
N GLU F 38 -6.83 25.62 -16.66
CA GLU F 38 -5.38 25.72 -16.68
C GLU F 38 -4.75 24.51 -17.35
N VAL F 39 -5.25 23.32 -17.02
CA VAL F 39 -4.74 22.07 -17.58
C VAL F 39 -4.97 21.99 -19.09
N LEU F 40 -6.16 22.37 -19.55
CA LEU F 40 -6.44 22.34 -20.99
C LEU F 40 -5.57 23.36 -21.76
N ASN F 41 -5.32 24.53 -21.18
CA ASN F 41 -4.42 25.52 -21.78
C ASN F 41 -2.99 24.98 -21.95
N TYR F 42 -2.54 24.22 -20.95
CA TYR F 42 -1.23 23.59 -21.00
C TYR F 42 -1.15 22.57 -22.15
N THR F 43 -2.10 21.62 -22.16
CA THR F 43 -2.02 20.55 -23.14
C THR F 43 -2.21 21.07 -24.57
N LYS F 44 -3.12 22.02 -24.77
CA LYS F 44 -3.33 22.57 -26.12
C LYS F 44 -2.11 23.34 -26.60
N SER F 45 -1.43 24.02 -25.68
CA SER F 45 -0.18 24.71 -26.02
C SER F 45 0.95 23.70 -26.30
N LYS F 46 0.84 22.50 -25.71
CA LYS F 46 1.85 21.46 -25.92
C LYS F 46 1.63 20.64 -27.20
N TYR F 47 0.37 20.53 -27.61
CA TYR F 47 -0.09 19.67 -28.73
C TYR F 47 0.80 19.69 -29.97
N ALA F 48 1.10 18.50 -30.49
CA ALA F 48 1.85 18.38 -31.72
C ALA F 48 0.97 17.91 -32.87
N ALA F 49 0.97 18.70 -33.94
CA ALA F 49 0.13 18.43 -35.10
C ALA F 49 0.60 17.18 -35.81
N PRO F 50 -0.34 16.45 -36.42
CA PRO F 50 -0.02 15.19 -37.08
C PRO F 50 0.96 15.36 -38.22
N ASN F 51 1.73 14.31 -38.44
CA ASN F 51 2.59 14.17 -39.61
C ASN F 51 1.77 13.60 -40.76
N PRO F 52 1.64 14.37 -41.85
CA PRO F 52 0.81 14.05 -43.02
C PRO F 52 1.21 12.73 -43.64
N GLU F 53 2.46 12.34 -43.45
CA GLU F 53 2.96 11.05 -43.92
C GLU F 53 2.37 9.86 -43.12
N TYR F 54 1.89 10.11 -41.91
CA TYR F 54 1.43 9.00 -41.07
C TYR F 54 0.00 9.15 -40.62
N PHE F 55 -0.54 10.36 -40.73
CA PHE F 55 -1.90 10.62 -40.25
C PHE F 55 -2.94 9.83 -41.05
N GLY F 56 -3.75 9.05 -40.33
CA GLY F 56 -4.82 8.29 -40.94
C GLY F 56 -4.38 7.07 -41.73
N LYS F 57 -3.09 6.74 -41.66
CA LYS F 57 -2.56 5.63 -42.45
C LYS F 57 -3.07 4.27 -41.96
N ALA F 58 -3.72 4.25 -40.80
CA ALA F 58 -4.30 3.02 -40.29
C ALA F 58 -5.78 3.22 -39.97
N LYS F 59 -6.39 4.19 -40.64
CA LYS F 59 -7.78 4.52 -40.37
C LYS F 59 -8.71 3.32 -40.58
N GLY F 60 -9.54 3.04 -39.56
CA GLY F 60 -10.47 1.93 -39.64
C GLY F 60 -9.91 0.58 -39.23
N LYS F 61 -8.61 0.51 -38.99
CA LYS F 61 -7.96 -0.77 -38.65
C LYS F 61 -8.22 -1.17 -37.19
N ASN F 62 -8.18 -2.46 -36.92
CA ASN F 62 -8.21 -2.97 -35.55
C ASN F 62 -6.96 -2.52 -34.78
N VAL F 63 -7.03 -2.57 -33.44
CA VAL F 63 -5.84 -2.33 -32.61
C VAL F 63 -5.57 -3.51 -31.69
N ILE F 64 -4.34 -4.02 -31.75
CA ILE F 64 -3.93 -5.12 -30.88
C ILE F 64 -2.67 -4.74 -30.10
N TYR F 65 -2.86 -4.46 -28.81
CA TYR F 65 -1.73 -4.18 -27.92
C TYR F 65 -1.16 -5.46 -27.36
N ILE F 66 0.14 -5.66 -27.53
CA ILE F 66 0.81 -6.79 -26.88
C ILE F 66 1.68 -6.29 -25.73
N HIS F 67 1.18 -6.51 -24.51
CA HIS F 67 1.79 -6.00 -23.29
C HIS F 67 2.87 -6.97 -22.84
N LEU F 68 4.13 -6.58 -23.01
CA LEU F 68 5.30 -7.38 -22.62
C LEU F 68 5.65 -7.08 -21.17
N GLU F 69 5.22 -7.94 -20.27
CA GLU F 69 5.39 -7.72 -18.84
C GLU F 69 6.86 -7.62 -18.42
N SER F 70 7.21 -6.53 -17.73
CA SER F 70 8.54 -6.32 -17.16
C SER F 70 9.67 -6.47 -18.17
N PHE F 71 9.40 -6.09 -19.42
CA PHE F 71 10.32 -6.33 -20.53
C PHE F 71 11.12 -5.08 -20.81
N GLN F 72 12.43 -5.13 -20.58
CA GLN F 72 13.25 -3.97 -20.83
C GLN F 72 13.86 -4.00 -22.20
N GLN F 73 14.09 -2.80 -22.76
CA GLN F 73 14.58 -2.64 -24.12
C GLN F 73 15.96 -3.27 -24.29
N PHE F 74 16.72 -3.42 -23.20
CA PHE F 74 18.07 -3.96 -23.35
C PHE F 74 18.01 -5.41 -23.79
N LEU F 75 16.84 -6.04 -23.61
CA LEU F 75 16.66 -7.42 -24.05
C LEU F 75 16.71 -7.54 -25.57
N VAL F 76 16.32 -6.49 -26.26
CA VAL F 76 16.24 -6.54 -27.71
C VAL F 76 17.64 -6.74 -28.30
N ASN F 77 17.79 -7.82 -29.07
CA ASN F 77 19.07 -8.24 -29.67
C ASN F 77 20.14 -8.65 -28.66
N TYR F 78 19.74 -8.86 -27.41
CA TYR F 78 20.68 -9.32 -26.40
C TYR F 78 20.99 -10.81 -26.60
N LYS F 79 22.28 -11.16 -26.52
CA LYS F 79 22.67 -12.56 -26.63
C LYS F 79 23.30 -13.10 -25.34
N LEU F 80 22.75 -14.19 -24.84
CA LEU F 80 23.28 -14.80 -23.63
C LEU F 80 24.04 -16.06 -24.03
N ASN F 81 25.35 -16.02 -23.85
CA ASN F 81 26.18 -17.14 -24.27
C ASN F 81 26.01 -17.47 -25.75
N GLY F 82 26.07 -16.45 -26.60
CA GLY F 82 26.00 -16.62 -28.04
C GLY F 82 24.60 -16.78 -28.63
N GLU F 83 23.59 -16.89 -27.77
CA GLU F 83 22.23 -17.24 -28.19
C GLU F 83 21.23 -16.09 -27.94
N GLU F 84 20.48 -15.71 -28.96
CA GLU F 84 19.45 -14.67 -28.81
C GLU F 84 18.39 -15.09 -27.79
N VAL F 85 18.15 -14.23 -26.80
CA VAL F 85 17.18 -14.51 -25.76
C VAL F 85 15.73 -14.38 -26.29
N THR F 86 15.47 -13.35 -27.11
CA THR F 86 14.12 -13.11 -27.63
C THR F 86 14.11 -12.97 -29.15
N PRO F 87 14.39 -14.09 -29.86
CA PRO F 87 14.61 -14.03 -31.31
C PRO F 87 13.43 -13.53 -32.11
N PHE F 88 12.20 -13.89 -31.71
CA PHE F 88 11.04 -13.44 -32.48
C PHE F 88 10.81 -11.95 -32.34
N ILE F 89 10.80 -11.47 -31.10
CA ILE F 89 10.64 -10.06 -30.85
C ILE F 89 11.78 -9.30 -31.55
N ASN F 90 12.97 -9.87 -31.56
CA ASN F 90 14.07 -9.28 -32.33
C ASN F 90 13.72 -9.18 -33.81
N SER F 91 13.07 -10.22 -34.34
CA SER F 91 12.69 -10.21 -35.75
C SER F 91 11.56 -9.19 -36.00
N PHE F 92 10.62 -9.07 -35.06
CA PHE F 92 9.54 -8.09 -35.13
C PHE F 92 10.10 -6.67 -35.12
N PHE F 93 11.09 -6.45 -34.28
CA PHE F 93 11.83 -5.18 -34.19
C PHE F 93 12.38 -4.72 -35.56
N LYS F 94 12.91 -5.65 -36.34
CA LYS F 94 13.57 -5.36 -37.62
C LYS F 94 12.65 -5.47 -38.82
N ASP F 95 11.40 -5.88 -38.59
CA ASP F 95 10.44 -6.05 -39.67
C ASP F 95 10.22 -4.74 -40.44
N GLN F 96 9.93 -4.87 -41.74
CA GLN F 96 9.82 -3.74 -42.66
C GLN F 96 8.69 -2.78 -42.32
N ASN F 97 7.62 -3.31 -41.75
CA ASN F 97 6.47 -2.50 -41.44
C ASN F 97 6.45 -2.11 -39.98
N THR F 98 7.59 -2.22 -39.29
CA THR F 98 7.60 -1.90 -37.87
C THR F 98 8.31 -0.58 -37.59
N LEU F 99 7.61 0.33 -36.92
CA LEU F 99 8.22 1.53 -36.36
C LEU F 99 8.76 1.19 -35.00
N SER F 100 10.08 1.17 -34.88
CA SER F 100 10.72 0.61 -33.70
C SER F 100 11.53 1.66 -32.93
N PHE F 101 11.21 1.85 -31.66
CA PHE F 101 11.79 2.93 -30.86
C PHE F 101 12.89 2.45 -29.91
N THR F 102 14.05 3.11 -29.99
CA THR F 102 15.22 2.74 -29.18
C THR F 102 15.41 3.66 -27.98
N ASN F 103 14.67 4.75 -27.93
CA ASN F 103 14.76 5.69 -26.81
C ASN F 103 13.39 5.98 -26.20
N PHE F 104 12.64 4.92 -25.93
CA PHE F 104 11.29 5.00 -25.38
C PHE F 104 11.31 4.52 -23.92
N PHE F 105 10.84 5.36 -23.00
CA PHE F 105 10.99 5.11 -21.57
C PHE F 105 9.66 4.83 -20.89
N HIS F 106 9.67 3.93 -19.90
CA HIS F 106 8.48 3.79 -19.07
C HIS F 106 8.45 4.98 -18.09
N GLN F 107 7.25 5.35 -17.66
CA GLN F 107 7.08 6.50 -16.78
C GLN F 107 6.20 6.14 -15.57
N THR F 108 6.32 4.89 -15.11
CA THR F 108 5.51 4.38 -14.00
C THR F 108 6.08 4.69 -12.60
N GLY F 109 5.22 4.58 -11.60
CA GLY F 109 5.62 4.73 -10.21
C GLY F 109 5.22 3.51 -9.40
N GLN F 110 4.60 3.75 -8.24
CA GLN F 110 4.26 2.67 -7.31
C GLN F 110 3.09 1.81 -7.79
N GLY F 111 2.33 2.33 -8.75
CA GLY F 111 1.22 1.61 -9.35
C GLY F 111 1.70 0.62 -10.39
N LYS F 112 2.98 0.72 -10.75
CA LYS F 112 3.65 -0.24 -11.63
C LYS F 112 2.86 -0.56 -12.92
N TPO F 113 2.38 -1.80 -13.05
CA TPO F 113 1.62 -2.23 -14.23
CB TPO F 113 1.23 -3.71 -14.12
CG2 TPO F 113 0.51 -4.14 -15.41
OG1 TPO F 113 2.39 -4.51 -13.97
P TPO F 113 2.44 -5.21 -12.53
O1P TPO F 113 1.57 -6.41 -12.53
O2P TPO F 113 3.97 -5.64 -12.25
O3P TPO F 113 1.95 -4.19 -11.38
C TPO F 113 0.39 -1.38 -14.46
O TPO F 113 0.11 -0.95 -15.59
N ALA F 114 -0.33 -1.08 -13.38
CA ALA F 114 -1.52 -0.23 -13.44
C ALA F 114 -1.20 1.20 -13.91
N ASP F 115 -0.02 1.71 -13.54
CA ASP F 115 0.41 3.03 -14.01
C ASP F 115 0.65 3.04 -15.52
N SER F 116 1.24 1.95 -16.04
CA SER F 116 1.45 1.85 -17.48
C SER F 116 0.10 1.84 -18.20
N GLU F 117 -0.92 1.23 -17.58
CA GLU F 117 -2.27 1.25 -18.14
C GLU F 117 -2.88 2.65 -18.05
N MET F 118 -2.72 3.32 -16.91
CA MET F 118 -3.20 4.70 -16.79
C MET F 118 -2.60 5.55 -17.92
N LEU F 119 -1.30 5.40 -18.16
CA LEU F 119 -0.62 6.16 -19.21
C LEU F 119 -1.12 5.84 -20.63
N LEU F 120 -1.22 4.56 -20.97
CA LEU F 120 -1.63 4.19 -22.34
C LEU F 120 -3.07 4.53 -22.65
N GLU F 121 -3.96 4.36 -21.67
CA GLU F 121 -5.39 4.53 -21.92
C GLU F 121 -5.85 5.98 -21.86
N ASN F 122 -5.14 6.82 -21.11
CA ASN F 122 -5.62 8.18 -20.84
C ASN F 122 -4.61 9.30 -21.13
N SER F 123 -3.35 8.93 -21.33
CA SER F 123 -2.27 9.91 -21.42
C SER F 123 -2.21 10.77 -20.16
N LEU F 124 -2.42 10.11 -19.02
CA LEU F 124 -2.24 10.71 -17.71
C LEU F 124 -1.20 9.89 -16.96
N TYR F 125 -0.39 10.52 -16.13
CA TYR F 125 0.54 9.78 -15.29
C TYR F 125 -0.23 9.11 -14.14
N GLY F 126 0.38 8.12 -13.51
CA GLY F 126 -0.10 7.64 -12.22
C GLY F 126 0.16 8.66 -11.13
N LEU F 127 -0.15 8.31 -9.87
CA LEU F 127 0.04 9.25 -8.76
C LEU F 127 1.49 9.25 -8.29
N PRO F 128 1.94 10.33 -7.63
CA PRO F 128 3.35 10.34 -7.21
C PRO F 128 3.65 9.28 -6.16
N GLN F 129 2.65 8.91 -5.38
CA GLN F 129 2.73 7.72 -4.56
C GLN F 129 1.41 6.95 -4.55
N GLY F 130 1.49 5.68 -4.21
CA GLY F 130 0.36 4.78 -4.27
C GLY F 130 -0.09 4.52 -5.70
N SER F 131 -1.26 3.90 -5.81
CA SER F 131 -1.77 3.45 -7.10
C SER F 131 -3.05 4.18 -7.50
N ALA F 132 -3.03 4.84 -8.66
CA ALA F 132 -4.20 5.52 -9.18
C ALA F 132 -5.37 4.56 -9.47
N PHE F 133 -5.08 3.36 -9.96
CA PHE F 133 -6.14 2.37 -10.21
C PHE F 133 -6.91 2.02 -8.93
N THR F 134 -6.18 1.92 -7.82
CA THR F 134 -6.73 1.57 -6.52
C THR F 134 -7.57 2.69 -5.91
N THR F 135 -7.13 3.94 -6.05
CA THR F 135 -7.79 5.04 -5.34
C THR F 135 -8.65 5.94 -6.24
N LYS F 136 -8.47 5.86 -7.55
CA LYS F 136 -9.23 6.72 -8.47
C LYS F 136 -10.12 5.87 -9.38
N GLY F 137 -10.56 4.71 -8.88
CA GLY F 137 -11.37 3.78 -9.66
C GLY F 137 -12.75 4.30 -10.02
N GLN F 138 -13.17 5.38 -9.38
CA GLN F 138 -14.47 5.98 -9.69
C GLN F 138 -14.39 7.39 -10.29
N ASN F 139 -13.18 7.80 -10.66
CA ASN F 139 -13.00 9.02 -11.40
C ASN F 139 -13.61 8.88 -12.79
N THR F 140 -13.96 10.01 -13.39
CA THR F 140 -14.41 10.10 -14.78
C THR F 140 -13.20 10.08 -15.70
N TYR F 141 -13.26 9.26 -16.75
CA TYR F 141 -12.19 9.17 -17.74
C TYR F 141 -12.73 9.33 -19.16
N GLU F 142 -11.85 9.73 -20.06
CA GLU F 142 -12.17 9.81 -21.48
C GLU F 142 -11.08 9.01 -22.16
N SER F 143 -11.10 7.70 -21.95
N SER F 143 -11.09 7.70 -21.91
CA SER F 143 -10.00 6.82 -22.36
CA SER F 143 -10.03 6.78 -22.34
C SER F 143 -10.07 6.42 -23.82
C SER F 143 -10.07 6.43 -23.83
N ALA F 144 -9.03 5.73 -24.28
CA ALA F 144 -8.93 5.26 -25.66
C ALA F 144 -10.17 4.46 -26.11
N SER F 145 -10.66 3.59 -25.23
N SER F 145 -10.71 3.63 -25.22
CA SER F 145 -11.86 2.79 -25.53
CA SER F 145 -11.85 2.79 -25.54
C SER F 145 -13.08 3.65 -25.74
C SER F 145 -13.13 3.61 -25.66
N ALA F 146 -13.19 4.74 -24.96
CA ALA F 146 -14.32 5.66 -25.06
C ALA F 146 -14.21 6.49 -26.34
N ILE F 147 -12.99 6.95 -26.61
CA ILE F 147 -12.67 7.73 -27.81
C ILE F 147 -12.90 6.95 -29.11
N LEU F 148 -12.38 5.73 -29.17
CA LEU F 148 -12.56 4.88 -30.35
C LEU F 148 -13.98 4.31 -30.39
N GLY F 149 -14.58 4.13 -29.21
CA GLY F 149 -16.00 3.86 -29.06
C GLY F 149 -16.92 4.82 -29.82
N GLN F 150 -16.53 6.10 -29.88
CA GLN F 150 -17.33 7.11 -30.59
C GLN F 150 -17.43 6.78 -32.09
N GLN F 151 -16.49 5.97 -32.59
CA GLN F 151 -16.45 5.59 -34.00
C GLN F 151 -16.85 4.15 -34.24
N GLY F 152 -17.46 3.52 -33.24
CA GLY F 152 -17.99 2.18 -33.37
C GLY F 152 -17.02 1.04 -33.07
N TYR F 153 -15.92 1.34 -32.41
CA TYR F 153 -14.97 0.29 -32.00
C TYR F 153 -15.46 -0.50 -30.79
N THR F 154 -15.31 -1.82 -30.86
CA THR F 154 -15.51 -2.72 -29.72
C THR F 154 -14.21 -2.79 -28.95
N SER F 155 -14.27 -2.86 -27.63
CA SER F 155 -13.04 -2.86 -26.83
C SER F 155 -12.98 -4.06 -25.86
N ALA F 156 -11.77 -4.56 -25.61
CA ALA F 156 -11.60 -5.69 -24.68
C ALA F 156 -10.18 -5.78 -24.10
N VAL F 157 -10.09 -6.16 -22.84
CA VAL F 157 -8.80 -6.54 -22.25
C VAL F 157 -8.80 -8.04 -22.04
N PHE F 158 -7.66 -8.66 -22.33
CA PHE F 158 -7.43 -10.09 -22.07
C PHE F 158 -6.32 -10.21 -21.03
N HIS F 159 -6.56 -11.00 -19.99
CA HIS F 159 -5.59 -11.15 -18.92
C HIS F 159 -5.83 -12.46 -18.18
N GLY F 160 -4.77 -13.21 -17.95
CA GLY F 160 -4.88 -14.53 -17.32
C GLY F 160 -4.91 -14.45 -15.80
N ASN F 161 -5.49 -13.38 -15.27
CA ASN F 161 -5.62 -13.26 -13.83
C ASN F 161 -7.00 -12.68 -13.49
N TYR F 162 -7.40 -12.73 -12.22
CA TYR F 162 -8.77 -12.33 -11.86
C TYR F 162 -8.98 -10.82 -11.85
N LYS F 163 -10.19 -10.40 -12.22
CA LYS F 163 -10.48 -9.01 -12.51
C LYS F 163 -10.44 -8.08 -11.30
N SER F 164 -10.44 -8.65 -10.10
CA SER F 164 -10.41 -7.85 -8.88
C SER F 164 -9.05 -7.17 -8.70
N PHE F 165 -8.01 -7.79 -9.26
CA PHE F 165 -6.64 -7.35 -9.01
C PHE F 165 -6.32 -6.01 -9.65
N TRP F 166 -5.61 -5.18 -8.91
CA TRP F 166 -5.38 -3.78 -9.27
C TRP F 166 -6.69 -2.99 -9.52
N ASN F 167 -7.80 -3.48 -8.95
CA ASN F 167 -9.10 -2.81 -9.06
C ASN F 167 -9.59 -2.64 -10.50
N ARG F 168 -9.10 -3.49 -11.40
CA ARG F 168 -9.39 -3.38 -12.82
C ARG F 168 -10.87 -3.52 -13.12
N ASP F 169 -11.51 -4.44 -12.41
CA ASP F 169 -12.93 -4.69 -12.55
C ASP F 169 -13.70 -3.38 -12.45
N GLU F 170 -13.30 -2.53 -11.50
CA GLU F 170 -13.98 -1.26 -11.26
C GLU F 170 -13.59 -0.16 -12.26
N ILE F 171 -12.29 0.09 -12.41
CA ILE F 171 -11.87 1.25 -13.21
C ILE F 171 -12.07 1.03 -14.73
N TYR F 172 -12.02 -0.22 -15.20
CA TYR F 172 -12.23 -0.52 -16.62
C TYR F 172 -13.60 -0.05 -17.10
N LYS F 173 -14.59 -0.07 -16.21
CA LYS F 173 -15.94 0.40 -16.59
C LYS F 173 -15.98 1.92 -16.76
N GLN F 174 -15.16 2.64 -16.00
CA GLN F 174 -15.01 4.09 -16.14
C GLN F 174 -14.26 4.40 -17.45
N PHE F 175 -13.32 3.54 -17.81
CA PHE F 175 -12.63 3.65 -19.10
C PHE F 175 -13.62 3.38 -20.23
N GLY F 176 -14.59 2.51 -19.96
CA GLY F 176 -15.55 2.15 -20.97
C GLY F 176 -15.08 0.98 -21.82
N TYR F 177 -14.31 0.07 -21.21
CA TYR F 177 -13.94 -1.18 -21.87
C TYR F 177 -15.16 -2.10 -21.95
N ASP F 178 -15.53 -2.51 -23.17
CA ASP F 178 -16.71 -3.35 -23.36
C ASP F 178 -16.61 -4.74 -22.72
N ASN F 179 -15.44 -5.36 -22.80
CA ASN F 179 -15.21 -6.72 -22.33
C ASN F 179 -13.96 -6.81 -21.50
N PHE F 180 -13.97 -7.66 -20.48
CA PHE F 180 -12.76 -7.98 -19.73
C PHE F 180 -12.66 -9.49 -19.57
N PHE F 181 -11.86 -10.11 -20.43
CA PHE F 181 -11.65 -11.54 -20.35
C PHE F 181 -10.59 -11.84 -19.32
N ASP F 182 -10.99 -11.94 -18.06
CA ASP F 182 -10.05 -12.25 -16.99
C ASP F 182 -9.99 -13.76 -16.81
N ALA F 183 -9.39 -14.21 -15.71
CA ALA F 183 -9.13 -15.61 -15.47
C ALA F 183 -10.39 -16.49 -15.52
N SER F 184 -11.56 -15.90 -15.29
CA SER F 184 -12.82 -16.65 -15.33
C SER F 184 -13.12 -17.22 -16.72
N TYR F 185 -12.52 -16.65 -17.75
CA TYR F 185 -12.74 -17.11 -19.11
C TYR F 185 -11.70 -18.14 -19.57
N TYR F 186 -10.81 -18.54 -18.66
CA TYR F 186 -9.71 -19.44 -19.00
C TYR F 186 -9.71 -20.70 -18.15
N ASP F 187 -8.97 -21.71 -18.58
CA ASP F 187 -8.83 -22.96 -17.84
C ASP F 187 -7.74 -22.80 -16.81
N MET F 188 -8.13 -22.51 -15.57
CA MET F 188 -7.14 -22.20 -14.56
C MET F 188 -6.71 -23.48 -13.84
N ASN F 189 -6.34 -24.49 -14.60
CA ASN F 189 -5.86 -25.74 -14.00
C ASN F 189 -4.45 -25.51 -13.47
N GLU F 190 -4.00 -26.42 -12.62
CA GLU F 190 -2.78 -26.22 -11.84
C GLU F 190 -1.49 -26.45 -12.64
N ALA F 191 -1.61 -27.10 -13.80
CA ALA F 191 -0.46 -27.31 -14.66
C ALA F 191 -0.14 -26.08 -15.52
N ASP F 192 -1.16 -25.26 -15.77
CA ASP F 192 -1.03 -24.12 -16.67
C ASP F 192 -0.94 -22.83 -15.88
N VAL F 193 -0.98 -22.95 -14.55
CA VAL F 193 -1.07 -21.79 -13.72
C VAL F 193 0.21 -21.65 -12.89
N SER F 194 0.77 -20.43 -12.93
CA SER F 194 1.93 -20.08 -12.11
C SER F 194 1.28 -19.35 -10.94
N ASN F 195 2.02 -18.67 -10.08
CA ASN F 195 1.30 -18.17 -8.91
C ASN F 195 0.85 -16.68 -9.05
N TYR F 196 1.06 -16.07 -10.21
CA TYR F 196 0.38 -14.81 -10.52
C TYR F 196 -0.76 -15.07 -11.49
N GLY F 197 -0.88 -16.32 -11.93
CA GLY F 197 -1.97 -16.72 -12.80
C GLY F 197 -1.58 -17.58 -13.99
N LEU F 198 -2.39 -17.49 -15.04
CA LEU F 198 -2.24 -18.33 -16.21
C LEU F 198 -0.94 -18.03 -16.95
N LYS F 199 -0.23 -19.09 -17.38
CA LYS F 199 1.01 -18.90 -18.13
C LYS F 199 0.72 -18.37 -19.52
N ASP F 200 1.68 -17.67 -20.11
CA ASP F 200 1.45 -16.93 -21.34
C ASP F 200 1.08 -17.82 -22.53
N LYS F 201 1.65 -19.03 -22.63
CA LYS F 201 1.35 -19.86 -23.80
C LYS F 201 -0.11 -20.38 -23.80
N PRO F 202 -0.60 -20.98 -22.70
CA PRO F 202 -2.04 -21.32 -22.69
C PRO F 202 -2.94 -20.08 -22.74
N PHE F 203 -2.47 -18.96 -22.20
CA PHE F 203 -3.19 -17.69 -22.28
C PHE F 203 -3.43 -17.28 -23.73
N PHE F 204 -2.38 -17.25 -24.54
CA PHE F 204 -2.54 -16.80 -25.92
C PHE F 204 -3.36 -17.74 -26.78
N LYS F 205 -3.28 -19.05 -26.51
CA LYS F 205 -4.00 -20.03 -27.30
C LYS F 205 -5.51 -20.08 -27.00
N GLU F 206 -5.87 -19.89 -25.73
CA GLU F 206 -7.28 -19.89 -25.34
C GLU F 206 -7.95 -18.54 -25.63
N SER F 207 -7.13 -17.53 -25.89
CA SER F 207 -7.63 -16.20 -26.22
C SER F 207 -8.12 -16.14 -27.66
N GLU F 208 -7.72 -17.11 -28.47
CA GLU F 208 -7.99 -17.09 -29.91
C GLU F 208 -9.49 -17.16 -30.16
N GLU F 209 -10.15 -18.06 -29.42
CA GLU F 209 -11.60 -18.23 -29.45
C GLU F 209 -12.34 -16.92 -29.25
N TYR F 210 -11.88 -16.14 -28.29
CA TYR F 210 -12.52 -14.90 -27.93
C TYR F 210 -12.21 -13.80 -28.95
N LEU F 211 -10.96 -13.72 -29.40
CA LEU F 211 -10.58 -12.65 -30.34
C LEU F 211 -11.26 -12.84 -31.71
N SER F 212 -11.42 -14.08 -32.16
CA SER F 212 -12.03 -14.36 -33.46
C SER F 212 -13.54 -14.10 -33.48
N SER F 213 -14.14 -14.01 -32.30
CA SER F 213 -15.56 -13.72 -32.17
C SER F 213 -15.83 -12.30 -31.67
N LEU F 214 -14.79 -11.49 -31.61
CA LEU F 214 -14.93 -10.10 -31.23
C LEU F 214 -15.25 -9.23 -32.43
N GLN F 215 -16.29 -8.41 -32.30
CA GLN F 215 -16.76 -7.57 -33.39
C GLN F 215 -15.71 -6.58 -33.89
N GLN F 216 -15.51 -6.54 -35.21
CA GLN F 216 -14.56 -5.61 -35.84
C GLN F 216 -15.27 -4.35 -36.37
N PRO F 217 -14.58 -3.19 -36.32
CA PRO F 217 -13.21 -2.98 -35.82
C PRO F 217 -13.13 -3.06 -34.31
N PHE F 218 -12.04 -3.60 -33.76
CA PHE F 218 -11.91 -3.64 -32.30
C PHE F 218 -10.63 -2.97 -31.78
N TYR F 219 -10.64 -2.69 -30.47
CA TYR F 219 -9.50 -2.10 -29.74
C TYR F 219 -9.16 -3.01 -28.57
N THR F 220 -8.02 -3.69 -28.62
CA THR F 220 -7.72 -4.73 -27.63
C THR F 220 -6.33 -4.61 -27.01
N LYS F 221 -6.20 -5.14 -25.79
CA LYS F 221 -4.91 -5.23 -25.11
C LYS F 221 -4.73 -6.59 -24.45
N PHE F 222 -3.60 -7.24 -24.75
CA PHE F 222 -3.31 -8.55 -24.16
C PHE F 222 -2.22 -8.37 -23.09
N ILE F 223 -2.61 -8.47 -21.82
CA ILE F 223 -1.68 -8.28 -20.72
C ILE F 223 -1.08 -9.62 -20.28
N THR F 224 0.18 -9.85 -20.63
CA THR F 224 0.88 -11.09 -20.26
C THR F 224 1.22 -11.12 -18.76
N LEU F 225 1.69 -12.27 -18.30
CA LEU F 225 1.86 -12.49 -16.87
C LEU F 225 3.06 -13.31 -16.44
N THR F 226 3.63 -14.10 -17.34
CA THR F 226 4.70 -14.98 -16.93
C THR F 226 5.98 -14.25 -16.51
N ASN F 227 6.30 -13.14 -17.19
CA ASN F 227 7.54 -12.42 -16.91
C ASN F 227 7.40 -11.38 -15.76
N HIS F 228 6.95 -11.87 -14.58
CA HIS F 228 6.93 -11.13 -13.31
C HIS F 228 8.04 -11.53 -12.38
N PHE F 229 8.57 -10.55 -11.63
CA PHE F 229 9.50 -10.82 -10.54
C PHE F 229 8.88 -11.85 -9.57
N PRO F 230 9.69 -12.81 -9.07
CA PRO F 230 11.14 -13.00 -9.28
C PRO F 230 11.49 -13.92 -10.46
N TYR F 231 10.60 -14.01 -11.44
CA TYR F 231 10.82 -14.77 -12.69
C TYR F 231 11.05 -16.25 -12.50
N PRO F 232 10.09 -16.94 -11.85
CA PRO F 232 10.15 -18.40 -11.76
C PRO F 232 9.69 -19.06 -13.04
N ILE F 233 10.28 -20.21 -13.37
CA ILE F 233 9.81 -20.99 -14.51
C ILE F 233 10.12 -22.47 -14.28
N ASP F 234 9.17 -23.35 -14.64
CA ASP F 234 9.43 -24.78 -14.54
C ASP F 234 10.48 -25.18 -15.57
N GLU F 235 11.37 -26.09 -15.17
CA GLU F 235 12.45 -26.58 -16.02
C GLU F 235 12.02 -27.07 -17.40
N LYS F 236 10.83 -27.68 -17.45
CA LYS F 236 10.35 -28.28 -18.69
C LYS F 236 9.74 -27.23 -19.63
N ASP F 237 9.43 -26.05 -19.08
CA ASP F 237 8.90 -24.93 -19.88
C ASP F 237 9.99 -24.02 -20.45
N ALA F 238 11.19 -24.13 -19.91
CA ALA F 238 12.29 -23.23 -20.28
C ALA F 238 13.16 -23.82 -21.40
N SER F 239 13.33 -23.08 -22.49
CA SER F 239 14.15 -23.55 -23.60
C SER F 239 15.56 -22.95 -23.57
N ILE F 240 15.80 -22.06 -22.61
CA ILE F 240 17.13 -21.48 -22.48
C ILE F 240 17.58 -21.59 -21.02
N ALA F 241 18.90 -21.70 -20.83
CA ALA F 241 19.51 -21.83 -19.51
C ALA F 241 19.62 -20.47 -18.80
N PRO F 242 19.64 -20.49 -17.45
CA PRO F 242 19.76 -19.20 -16.75
C PRO F 242 21.12 -18.52 -16.95
N ALA F 243 21.16 -17.22 -16.74
CA ALA F 243 22.41 -16.48 -16.72
C ALA F 243 23.23 -16.94 -15.52
N THR F 244 24.47 -16.50 -15.44
CA THR F 244 25.37 -17.02 -14.40
C THR F 244 25.99 -15.92 -13.53
N THR F 245 25.21 -14.90 -13.19
CA THR F 245 25.71 -13.79 -12.37
C THR F 245 25.76 -14.13 -10.89
N GLY F 246 25.01 -15.15 -10.49
CA GLY F 246 24.90 -15.50 -9.08
C GLY F 246 23.75 -14.78 -8.38
N ASP F 247 23.06 -13.91 -9.12
CA ASP F 247 21.86 -13.23 -8.63
C ASP F 247 20.62 -13.92 -9.21
N SER F 248 19.88 -14.65 -8.37
CA SER F 248 18.83 -15.55 -8.86
C SER F 248 17.75 -14.87 -9.70
N SER F 249 17.23 -13.74 -9.23
CA SER F 249 16.15 -13.11 -9.97
C SER F 249 16.66 -12.56 -11.30
N VAL F 250 17.91 -12.12 -11.33
CA VAL F 250 18.50 -11.67 -12.59
C VAL F 250 18.72 -12.85 -13.54
N ASP F 251 19.20 -13.97 -13.01
CA ASP F 251 19.57 -15.08 -13.87
C ASP F 251 18.37 -15.74 -14.56
N THR F 252 17.22 -15.84 -13.89
CA THR F 252 16.08 -16.50 -14.52
C THR F 252 15.20 -15.52 -15.31
N TYR F 253 15.47 -14.22 -15.18
CA TYR F 253 14.75 -13.20 -15.96
C TYR F 253 14.81 -13.51 -17.46
N PHE F 254 15.96 -13.98 -17.91
CA PHE F 254 16.20 -14.32 -19.30
C PHE F 254 15.39 -15.52 -19.74
N GLN F 255 15.09 -16.41 -18.79
CA GLN F 255 14.33 -17.61 -19.12
C GLN F 255 12.85 -17.32 -19.29
N THR F 256 12.28 -16.50 -18.43
CA THR F 256 10.88 -16.14 -18.59
C THR F 256 10.71 -15.18 -19.78
N ALA F 257 11.75 -14.40 -20.08
CA ALA F 257 11.73 -13.51 -21.24
C ALA F 257 11.66 -14.33 -22.54
N ARG F 258 12.44 -15.40 -22.59
CA ARG F 258 12.44 -16.34 -23.71
C ARG F 258 11.08 -17.01 -23.88
N TYR F 259 10.50 -17.43 -22.76
CA TYR F 259 9.20 -18.07 -22.78
C TYR F 259 8.14 -17.13 -23.33
N LEU F 260 8.16 -15.88 -22.85
CA LEU F 260 7.25 -14.85 -23.33
C LEU F 260 7.44 -14.62 -24.83
N ASP F 261 8.70 -14.50 -25.27
CA ASP F 261 9.00 -14.36 -26.70
C ASP F 261 8.35 -15.47 -27.54
N GLU F 262 8.47 -16.72 -27.08
CA GLU F 262 7.89 -17.87 -27.78
C GLU F 262 6.36 -17.83 -27.82
N SER F 263 5.73 -17.44 -26.70
CA SER F 263 4.27 -17.32 -26.64
C SER F 263 3.79 -16.21 -27.60
N VAL F 264 4.57 -15.14 -27.73
CA VAL F 264 4.25 -14.02 -28.62
C VAL F 264 4.39 -14.42 -30.10
N LYS F 265 5.40 -15.24 -30.41
CA LYS F 265 5.54 -15.78 -31.77
C LYS F 265 4.35 -16.63 -32.18
N SER F 266 3.89 -17.49 -31.28
CA SER F 266 2.72 -18.33 -31.53
C SER F 266 1.48 -17.48 -31.73
N PHE F 267 1.36 -16.43 -30.92
CA PHE F 267 0.23 -15.51 -31.01
C PHE F 267 0.22 -14.76 -32.35
N VAL F 268 1.39 -14.29 -32.78
CA VAL F 268 1.49 -13.61 -34.06
C VAL F 268 1.22 -14.61 -35.20
N ASP F 269 1.64 -15.87 -35.03
CA ASP F 269 1.26 -16.96 -35.97
C ASP F 269 -0.25 -17.08 -36.19
N TYR F 270 -1.02 -17.05 -35.10
CA TYR F 270 -2.47 -17.06 -35.16
C TYR F 270 -3.01 -15.83 -35.91
N LEU F 271 -2.46 -14.66 -35.59
CA LEU F 271 -2.88 -13.41 -36.21
C LEU F 271 -2.66 -13.42 -37.74
N LYS F 272 -1.54 -13.99 -38.21
CA LYS F 272 -1.27 -14.11 -39.65
C LYS F 272 -2.21 -15.10 -40.32
N LYS F 273 -2.50 -16.19 -39.62
CA LYS F 273 -3.36 -17.23 -40.14
C LYS F 273 -4.83 -16.81 -40.21
N SER F 274 -5.24 -15.97 -39.27
CA SER F 274 -6.61 -15.46 -39.21
C SER F 274 -6.83 -14.21 -40.05
N GLY F 275 -5.74 -13.66 -40.58
CA GLY F 275 -5.82 -12.45 -41.39
C GLY F 275 -5.83 -11.15 -40.59
N LEU F 276 -5.79 -11.26 -39.26
CA LEU F 276 -5.82 -10.07 -38.40
C LEU F 276 -4.55 -9.23 -38.51
N TYR F 277 -3.46 -9.88 -38.90
CA TYR F 277 -2.17 -9.24 -39.09
C TYR F 277 -2.22 -8.14 -40.17
N ASP F 278 -3.09 -8.32 -41.16
CA ASP F 278 -3.15 -7.41 -42.31
C ASP F 278 -4.17 -6.27 -42.13
N ASN F 279 -5.06 -6.40 -41.15
CA ASN F 279 -6.06 -5.35 -40.94
C ASN F 279 -5.99 -4.75 -39.52
N SER F 280 -4.86 -4.94 -38.86
CA SER F 280 -4.65 -4.45 -37.50
C SER F 280 -3.32 -3.72 -37.32
N VAL F 281 -3.35 -2.69 -36.49
CA VAL F 281 -2.15 -2.11 -35.92
C VAL F 281 -1.77 -2.95 -34.70
N ILE F 282 -0.60 -3.56 -34.76
CA ILE F 282 -0.11 -4.35 -33.64
C ILE F 282 1.00 -3.60 -32.92
N ILE F 283 0.83 -3.40 -31.61
CA ILE F 283 1.77 -2.60 -30.86
C ILE F 283 2.37 -3.39 -29.69
N MET F 284 3.66 -3.70 -29.77
CA MET F 284 4.36 -4.34 -28.66
C MET F 284 5.05 -3.29 -27.84
N TYR F 285 4.85 -3.36 -26.53
CA TYR F 285 5.47 -2.41 -25.61
C TYR F 285 5.80 -3.12 -24.29
N GLY F 286 6.80 -2.59 -23.57
CA GLY F 286 7.08 -3.03 -22.21
C GLY F 286 6.46 -2.02 -21.24
N ASP F 287 6.06 -2.47 -20.05
CA ASP F 287 5.35 -1.58 -19.11
C ASP F 287 6.24 -0.92 -18.06
N HIS F 288 7.25 -1.65 -17.58
CA HIS F 288 8.22 -1.08 -16.63
C HIS F 288 9.42 -2.02 -16.54
N TYR F 289 10.38 -1.66 -15.71
CA TYR F 289 11.62 -2.42 -15.59
C TYR F 289 11.38 -3.82 -15.06
N GLY F 290 12.26 -4.74 -15.44
CA GLY F 290 12.27 -6.07 -14.87
C GLY F 290 13.27 -6.23 -13.73
N ILE F 291 14.44 -5.59 -13.86
CA ILE F 291 15.47 -5.64 -12.82
C ILE F 291 15.58 -4.28 -12.13
N SER F 292 15.44 -4.25 -10.81
CA SER F 292 15.51 -3.01 -10.06
C SER F 292 16.95 -2.52 -9.95
N ASP F 293 17.16 -1.42 -9.21
CA ASP F 293 18.51 -0.89 -9.01
C ASP F 293 19.22 -1.56 -7.85
N ASN F 294 18.72 -2.69 -7.38
CA ASN F 294 19.33 -3.37 -6.24
C ASN F 294 20.07 -4.62 -6.71
N HIS F 295 20.51 -4.60 -7.96
CA HIS F 295 21.19 -5.74 -8.55
C HIS F 295 22.40 -5.28 -9.36
N GLU F 296 23.12 -4.32 -8.80
CA GLU F 296 24.18 -3.61 -9.52
C GLU F 296 25.32 -4.52 -9.95
N GLU F 297 25.74 -5.43 -9.07
CA GLU F 297 26.84 -6.33 -9.41
C GLU F 297 26.49 -7.20 -10.60
N ALA F 298 25.27 -7.75 -10.60
CA ALA F 298 24.80 -8.62 -11.67
C ALA F 298 24.58 -7.88 -12.97
N MET F 299 24.02 -6.68 -12.88
CA MET F 299 23.71 -5.91 -14.08
C MET F 299 24.98 -5.34 -14.73
N THR F 300 26.04 -5.18 -13.94
CA THR F 300 27.37 -4.82 -14.44
C THR F 300 27.88 -5.91 -15.39
N LYS F 301 27.65 -7.15 -14.99
CA LYS F 301 28.02 -8.31 -15.80
C LYS F 301 27.14 -8.42 -17.04
N ILE F 302 25.83 -8.24 -16.86
CA ILE F 302 24.87 -8.36 -17.94
C ILE F 302 25.14 -7.34 -19.04
N LEU F 303 25.41 -6.10 -18.66
CA LEU F 303 25.53 -5.03 -19.64
C LEU F 303 26.99 -4.71 -20.01
N GLY F 304 27.94 -5.28 -19.30
CA GLY F 304 29.35 -5.18 -19.62
C GLY F 304 30.02 -3.87 -19.26
N LYS F 305 29.39 -3.13 -18.34
CA LYS F 305 29.92 -1.86 -17.86
C LYS F 305 29.32 -1.57 -16.49
N ASP F 306 29.97 -0.69 -15.74
CA ASP F 306 29.50 -0.38 -14.39
C ASP F 306 28.07 0.13 -14.40
N TYR F 307 27.22 -0.63 -13.71
CA TYR F 307 25.81 -0.28 -13.61
C TYR F 307 25.67 0.79 -12.55
N ASN F 308 26.05 2.03 -12.90
CA ASN F 308 25.94 3.15 -11.96
C ASN F 308 24.58 3.84 -12.08
N THR F 309 24.39 4.94 -11.36
CA THR F 309 23.12 5.64 -11.32
C THR F 309 22.65 6.11 -12.70
N PHE F 310 23.60 6.58 -13.50
CA PHE F 310 23.29 7.02 -14.86
C PHE F 310 22.79 5.86 -15.72
N GLU F 311 23.48 4.72 -15.65
CA GLU F 311 23.11 3.55 -16.44
C GLU F 311 21.78 2.94 -16.03
N ASN F 312 21.45 3.00 -14.74
CA ASN F 312 20.16 2.48 -14.29
C ASN F 312 19.03 3.27 -14.93
N ALA F 313 19.22 4.58 -15.03
CA ALA F 313 18.29 5.45 -15.73
C ALA F 313 18.14 5.06 -17.19
N GLN F 314 19.27 4.74 -17.83
CA GLN F 314 19.24 4.39 -19.26
C GLN F 314 18.53 3.03 -19.43
N ALA F 315 18.55 2.22 -18.38
CA ALA F 315 17.92 0.91 -18.41
C ALA F 315 16.40 0.99 -18.27
N GLN F 316 15.87 2.19 -18.06
CA GLN F 316 14.42 2.31 -17.95
C GLN F 316 13.74 2.36 -19.32
N ARG F 317 14.54 2.27 -20.38
CA ARG F 317 13.98 2.06 -21.72
C ARG F 317 13.21 0.74 -21.81
N VAL F 318 12.00 0.80 -22.35
CA VAL F 318 11.17 -0.37 -22.65
C VAL F 318 10.85 -0.35 -24.14
N PRO F 319 10.49 -1.51 -24.72
CA PRO F 319 10.21 -1.53 -26.15
C PRO F 319 8.95 -0.78 -26.56
N LEU F 320 8.95 -0.25 -27.79
CA LEU F 320 7.73 0.16 -28.49
C LEU F 320 7.88 -0.19 -29.96
N MET F 321 7.07 -1.14 -30.41
CA MET F 321 7.14 -1.63 -31.78
C MET F 321 5.76 -1.62 -32.36
N ILE F 322 5.55 -0.73 -33.32
CA ILE F 322 4.25 -0.52 -33.89
C ILE F 322 4.21 -1.07 -35.30
N HIS F 323 3.46 -2.15 -35.48
CA HIS F 323 3.29 -2.70 -36.80
C HIS F 323 2.08 -2.10 -37.51
N VAL F 324 2.34 -1.36 -38.59
CA VAL F 324 1.28 -0.74 -39.37
C VAL F 324 1.24 -1.32 -40.78
N PRO F 325 0.15 -2.04 -41.11
CA PRO F 325 0.02 -2.65 -42.44
C PRO F 325 0.16 -1.66 -43.61
N GLY F 326 1.06 -1.98 -44.54
CA GLY F 326 1.23 -1.19 -45.74
C GLY F 326 2.04 0.07 -45.58
N VAL F 327 2.60 0.27 -44.38
CA VAL F 327 3.38 1.47 -44.10
C VAL F 327 4.83 1.14 -43.81
N GLN F 328 5.74 1.89 -44.43
CA GLN F 328 7.16 1.62 -44.23
C GLN F 328 7.65 2.05 -42.85
N GLY F 329 8.20 1.08 -42.14
CA GLY F 329 8.68 1.29 -40.78
C GLY F 329 10.14 1.72 -40.75
N GLY F 330 10.79 1.46 -39.64
CA GLY F 330 12.16 1.87 -39.47
C GLY F 330 12.41 2.26 -38.03
N VAL F 331 13.68 2.26 -37.65
CA VAL F 331 14.06 2.63 -36.30
C VAL F 331 13.78 4.12 -36.05
N GLN F 332 13.09 4.36 -34.94
CA GLN F 332 12.75 5.69 -34.48
C GLN F 332 13.61 6.00 -33.26
N GLU F 333 14.51 6.97 -33.39
CA GLU F 333 15.44 7.30 -32.29
C GLU F 333 14.99 8.49 -31.46
N GLN F 334 13.91 9.15 -31.87
CA GLN F 334 13.42 10.30 -31.12
C GLN F 334 13.00 9.83 -29.74
N TYR F 335 13.41 10.58 -28.73
CA TYR F 335 13.12 10.26 -27.34
C TYR F 335 11.64 10.48 -27.05
N GLY F 336 11.06 9.56 -26.30
CA GLY F 336 9.67 9.69 -25.89
C GLY F 336 9.37 8.77 -24.72
N GLY F 337 8.17 8.87 -24.18
CA GLY F 337 7.78 8.04 -23.07
C GLY F 337 6.38 7.48 -23.27
N GLN F 338 5.95 6.62 -22.36
CA GLN F 338 4.64 5.97 -22.47
C GLN F 338 3.46 6.96 -22.58
N VAL F 339 3.63 8.15 -22.01
CA VAL F 339 2.62 9.22 -22.05
C VAL F 339 2.32 9.66 -23.50
N ASP F 340 3.26 9.41 -24.40
CA ASP F 340 3.14 9.79 -25.81
C ASP F 340 2.42 8.78 -26.70
N LEU F 341 2.13 7.59 -26.17
CA LEU F 341 1.63 6.49 -26.99
C LEU F 341 0.20 6.69 -27.50
N LEU F 342 -0.71 7.09 -26.62
CA LEU F 342 -2.10 7.32 -27.04
C LEU F 342 -2.23 8.40 -28.14
N PRO F 343 -1.57 9.56 -27.98
CA PRO F 343 -1.61 10.51 -29.10
C PRO F 343 -1.05 9.94 -30.40
N THR F 344 -0.02 9.10 -30.30
CA THR F 344 0.59 8.47 -31.48
C THR F 344 -0.40 7.57 -32.19
N LEU F 345 -1.08 6.72 -31.41
CA LEU F 345 -2.04 5.79 -31.93
C LEU F 345 -3.25 6.52 -32.56
N LEU F 346 -3.76 7.54 -31.87
CA LEU F 346 -4.92 8.26 -32.39
C LEU F 346 -4.64 8.91 -33.74
N HIS F 347 -3.47 9.53 -33.90
CA HIS F 347 -3.12 10.13 -35.20
C HIS F 347 -2.96 9.07 -36.29
N LEU F 348 -2.41 7.91 -35.94
CA LEU F 348 -2.31 6.81 -36.90
C LEU F 348 -3.69 6.38 -37.40
N LEU F 349 -4.66 6.37 -36.51
CA LEU F 349 -6.03 5.97 -36.83
C LEU F 349 -6.84 7.09 -37.49
N GLY F 350 -6.23 8.27 -37.63
CA GLY F 350 -6.91 9.39 -38.23
C GLY F 350 -7.81 10.13 -37.25
N VAL F 351 -7.53 9.99 -35.97
CA VAL F 351 -8.33 10.66 -34.93
C VAL F 351 -7.60 11.89 -34.42
N ASP F 352 -8.28 13.03 -34.50
CA ASP F 352 -7.75 14.28 -33.97
C ASP F 352 -7.98 14.33 -32.45
N ASN F 353 -6.92 14.59 -31.69
CA ASN F 353 -7.03 14.57 -30.24
C ASN F 353 -6.75 15.93 -29.59
N LYS F 354 -6.83 16.99 -30.38
CA LYS F 354 -6.42 18.32 -29.92
C LYS F 354 -7.21 18.85 -28.73
N GLU F 355 -8.49 18.49 -28.65
CA GLU F 355 -9.37 19.03 -27.61
C GLU F 355 -9.41 18.13 -26.39
N TYR F 356 -8.69 17.01 -26.45
CA TYR F 356 -8.64 16.05 -25.35
C TYR F 356 -7.62 16.48 -24.33
N LEU F 357 -7.93 16.22 -23.08
CA LEU F 357 -7.01 16.54 -22.02
C LEU F 357 -5.94 15.45 -21.92
N GLN F 358 -4.90 15.57 -22.74
CA GLN F 358 -3.84 14.55 -22.83
C GLN F 358 -2.44 15.21 -22.79
N PHE F 359 -1.52 14.66 -21.99
CA PHE F 359 -0.22 15.32 -21.78
C PHE F 359 0.91 14.91 -22.71
N GLY F 360 0.73 13.82 -23.43
CA GLY F 360 1.74 13.32 -24.36
C GLY F 360 1.57 13.93 -25.74
N THR F 361 2.55 13.71 -26.62
CA THR F 361 2.46 14.20 -27.99
C THR F 361 2.86 13.10 -28.98
N ASP F 362 2.26 13.17 -30.17
CA ASP F 362 2.47 12.23 -31.26
C ASP F 362 3.96 11.99 -31.50
N LEU F 363 4.41 10.75 -31.34
CA LEU F 363 5.82 10.45 -31.52
C LEU F 363 6.31 10.57 -32.96
N LEU F 364 5.40 10.53 -33.93
CA LEU F 364 5.80 10.59 -35.33
C LEU F 364 5.70 12.00 -35.84
N SER F 365 5.23 12.91 -35.00
CA SER F 365 5.10 14.31 -35.37
C SER F 365 6.42 15.04 -35.18
N LYS F 366 6.73 15.93 -36.13
CA LYS F 366 7.92 16.78 -36.08
C LYS F 366 7.91 17.77 -34.89
N ASP F 367 6.72 18.03 -34.35
CA ASP F 367 6.57 18.96 -33.22
C ASP F 367 6.62 18.25 -31.86
N HIS F 368 6.90 16.96 -31.88
CA HIS F 368 7.15 16.19 -30.66
C HIS F 368 8.42 16.65 -29.98
N LYS F 369 8.35 17.00 -28.70
CA LYS F 369 9.53 17.40 -27.94
C LYS F 369 10.26 16.18 -27.32
N GLN F 370 11.59 16.14 -27.44
CA GLN F 370 12.38 15.03 -26.91
C GLN F 370 12.70 15.27 -25.45
N LEU F 371 11.67 15.21 -24.63
CA LEU F 371 11.79 15.41 -23.19
C LEU F 371 10.90 14.39 -22.49
N VAL F 372 11.49 13.57 -21.64
CA VAL F 372 10.79 12.46 -21.00
C VAL F 372 10.82 12.56 -19.48
N PRO F 373 9.71 13.04 -18.92
CA PRO F 373 9.57 13.05 -17.46
C PRO F 373 9.56 11.63 -16.84
N PHE F 374 10.26 11.49 -15.71
CA PHE F 374 10.07 10.35 -14.83
C PHE F 374 9.09 10.79 -13.74
N ARG F 375 8.41 9.84 -13.12
CA ARG F 375 7.39 10.15 -12.11
C ARG F 375 7.97 10.87 -10.88
N ASN F 376 9.23 10.61 -10.55
CA ASN F 376 9.86 11.26 -9.40
C ASN F 376 10.41 12.66 -9.69
N GLY F 377 10.17 13.17 -10.89
CA GLY F 377 10.62 14.50 -11.24
C GLY F 377 11.88 14.54 -12.08
N ASP F 378 12.58 13.43 -12.16
CA ASP F 378 13.73 13.31 -13.07
C ASP F 378 13.26 13.41 -14.51
N TYR F 379 14.20 13.58 -15.44
CA TYR F 379 13.83 13.64 -16.86
C TYR F 379 15.01 13.31 -17.76
N ILE F 380 14.70 12.85 -18.97
CA ILE F 380 15.70 12.54 -20.00
C ILE F 380 15.45 13.42 -21.22
N THR F 381 16.51 14.04 -21.73
CA THR F 381 16.51 14.70 -23.03
C THR F 381 17.76 14.20 -23.77
N PRO F 382 17.84 14.43 -25.09
CA PRO F 382 19.01 13.96 -25.83
C PRO F 382 20.33 14.59 -25.41
N THR F 383 20.28 15.74 -24.73
CA THR F 383 21.51 16.44 -24.40
C THR F 383 21.88 16.36 -22.91
N TYR F 384 21.03 16.87 -22.04
CA TYR F 384 21.28 16.77 -20.60
C TYR F 384 20.12 16.05 -19.93
N SER F 385 20.42 15.30 -18.87
CA SER F 385 19.38 14.59 -18.13
C SER F 385 19.56 14.79 -16.63
N MET F 386 18.44 14.92 -15.92
CA MET F 386 18.49 14.95 -14.45
C MET F 386 18.11 13.58 -13.91
N ILE F 387 19.01 13.00 -13.12
CA ILE F 387 18.83 11.65 -12.62
C ILE F 387 19.16 11.64 -11.12
N GLY F 388 18.18 11.29 -10.30
CA GLY F 388 18.30 11.37 -8.86
C GLY F 388 18.52 12.79 -8.38
N GLY F 389 18.00 13.76 -9.14
CA GLY F 389 18.12 15.17 -8.81
C GLY F 389 19.43 15.86 -9.23
N ASN F 390 20.33 15.12 -9.87
CA ASN F 390 21.62 15.66 -10.30
C ASN F 390 21.72 15.66 -11.81
N MET F 391 22.54 16.55 -12.37
CA MET F 391 22.60 16.68 -13.82
C MET F 391 23.67 15.79 -14.44
N TYR F 392 23.33 15.18 -15.58
CA TYR F 392 24.26 14.33 -16.33
C TYR F 392 24.21 14.67 -17.79
N ASN F 393 25.36 14.52 -18.46
CA ASN F 393 25.41 14.55 -19.92
C ASN F 393 24.81 13.26 -20.47
N GLN F 394 23.73 13.38 -21.24
CA GLN F 394 23.02 12.20 -21.72
C GLN F 394 23.87 11.34 -22.69
N GLN F 395 24.76 11.99 -23.45
CA GLN F 395 25.57 11.31 -24.47
C GLN F 395 26.83 10.62 -23.95
N THR F 396 27.42 11.16 -22.88
CA THR F 396 28.68 10.66 -22.32
C THR F 396 28.52 10.03 -20.94
N GLY F 397 27.44 10.37 -20.23
CA GLY F 397 27.23 9.83 -18.90
C GLY F 397 27.97 10.56 -17.80
N GLU F 398 28.69 11.62 -18.15
CA GLU F 398 29.48 12.39 -17.18
C GLU F 398 28.57 13.33 -16.38
N PRO F 399 28.79 13.44 -15.06
CA PRO F 399 27.99 14.38 -14.26
C PRO F 399 28.19 15.83 -14.70
N ILE F 400 27.15 16.66 -14.55
CA ILE F 400 27.28 18.11 -14.81
C ILE F 400 27.17 18.89 -13.51
N ALA F 401 28.22 19.63 -13.21
CA ALA F 401 28.38 20.24 -11.89
C ALA F 401 27.34 21.30 -11.61
N THR F 402 27.17 22.22 -12.55
CA THR F 402 26.30 23.36 -12.31
C THR F 402 25.13 23.39 -13.28
N GLU F 403 23.93 23.44 -12.71
CA GLU F 403 22.70 23.62 -13.46
C GLU F 403 22.64 24.99 -14.17
N THR F 404 22.32 25.00 -15.46
CA THR F 404 22.08 26.25 -16.17
C THR F 404 20.60 26.66 -16.16
N LYS F 405 20.33 27.87 -16.63
CA LYS F 405 18.97 28.38 -16.77
C LYS F 405 18.13 27.42 -17.62
N GLU F 406 18.73 26.91 -18.68
CA GLU F 406 18.00 26.06 -19.60
C GLU F 406 17.62 24.74 -18.95
N MET F 407 18.51 24.19 -18.13
CA MET F 407 18.26 22.95 -17.41
C MET F 407 17.21 23.19 -16.35
N LYS F 408 17.32 24.33 -15.68
CA LYS F 408 16.38 24.70 -14.64
C LYS F 408 14.96 24.90 -15.19
N GLU F 409 14.86 25.56 -16.34
CA GLU F 409 13.58 25.77 -17.01
C GLU F 409 12.89 24.45 -17.36
N THR F 410 13.67 23.54 -17.92
CA THR F 410 13.18 22.21 -18.25
C THR F 410 12.71 21.48 -16.99
N LYS F 411 13.50 21.57 -15.92
CA LYS F 411 13.14 20.94 -14.65
C LYS F 411 11.77 21.36 -14.14
N GLU F 412 11.48 22.65 -14.22
CA GLU F 412 10.20 23.21 -13.75
C GLU F 412 9.03 22.91 -14.66
N LYS F 413 9.30 22.78 -15.97
CA LYS F 413 8.27 22.38 -16.92
C LYS F 413 7.83 20.91 -16.66
N VAL F 414 8.80 20.02 -16.42
CA VAL F 414 8.53 18.63 -16.07
C VAL F 414 7.71 18.55 -14.78
N ALA F 415 8.11 19.32 -13.77
CA ALA F 415 7.37 19.37 -12.52
C ALA F 415 5.95 19.92 -12.73
N LYS F 416 5.83 20.91 -13.62
CA LYS F 416 4.54 21.50 -13.93
C LYS F 416 3.64 20.47 -14.59
N GLU F 417 4.19 19.74 -15.56
CA GLU F 417 3.45 18.69 -16.25
C GLU F 417 2.93 17.63 -15.28
N LEU F 418 3.80 17.18 -14.38
CA LEU F 418 3.42 16.16 -13.39
C LEU F 418 2.36 16.70 -12.43
N GLU F 419 2.50 17.96 -12.03
CA GLU F 419 1.54 18.56 -11.11
C GLU F 419 0.14 18.71 -11.71
N LEU F 420 0.08 19.10 -12.98
CA LEU F 420 -1.19 19.29 -13.67
C LEU F 420 -1.88 17.94 -13.92
N SER F 421 -1.08 16.93 -14.24
CA SER F 421 -1.62 15.59 -14.38
C SER F 421 -2.25 15.12 -13.05
N ASP F 422 -1.54 15.33 -11.94
CA ASP F 422 -2.04 14.94 -10.61
C ASP F 422 -3.34 15.70 -10.28
N SER F 423 -3.46 16.94 -10.78
CA SER F 423 -4.65 17.76 -10.54
C SER F 423 -5.89 17.15 -11.17
N VAL F 424 -5.70 16.53 -12.32
CA VAL F 424 -6.78 15.84 -13.00
C VAL F 424 -7.29 14.66 -12.18
N LEU F 425 -6.37 13.83 -11.69
CA LEU F 425 -6.76 12.68 -10.89
C LEU F 425 -7.34 13.11 -9.56
N GLN F 426 -6.65 14.02 -8.88
CA GLN F 426 -7.01 14.39 -7.51
C GLN F 426 -8.25 15.28 -7.45
N GLY F 427 -8.47 16.08 -8.49
CA GLY F 427 -9.66 16.90 -8.55
C GLY F 427 -10.81 16.26 -9.31
N ASP F 428 -10.53 15.10 -9.92
CA ASP F 428 -11.48 14.40 -10.81
C ASP F 428 -12.05 15.41 -11.84
N LEU F 429 -11.14 16.02 -12.59
CA LEU F 429 -11.46 17.19 -13.40
C LEU F 429 -12.27 16.92 -14.67
N LEU F 430 -12.29 15.67 -15.14
CA LEU F 430 -13.01 15.34 -16.37
C LEU F 430 -14.52 15.23 -16.17
N ARG F 431 -14.98 15.22 -14.91
CA ARG F 431 -16.40 15.44 -14.62
C ARG F 431 -16.91 16.75 -15.26
N PHE F 432 -16.03 17.74 -15.31
CA PHE F 432 -16.40 19.09 -15.67
C PHE F 432 -16.04 19.44 -17.12
N TYR F 433 -15.43 18.50 -17.84
CA TYR F 433 -15.01 18.77 -19.20
C TYR F 433 -14.95 17.53 -20.07
N ALA F 434 -15.53 17.67 -21.27
CA ALA F 434 -15.31 16.75 -22.38
C ALA F 434 -15.33 17.58 -23.66
N PRO F 435 -14.56 17.14 -24.66
CA PRO F 435 -14.61 17.84 -25.95
C PRO F 435 -16.01 17.84 -26.55
N ASP F 436 -16.29 18.83 -27.39
CA ASP F 436 -17.59 18.95 -28.02
C ASP F 436 -17.89 17.72 -28.87
N GLY F 437 -19.08 17.17 -28.67
CA GLY F 437 -19.49 15.99 -29.42
C GLY F 437 -19.15 14.67 -28.78
N PHE F 438 -18.33 14.71 -27.73
CA PHE F 438 -17.97 13.50 -27.00
C PHE F 438 -19.08 13.03 -26.06
N LYS F 439 -19.50 11.79 -26.24
CA LYS F 439 -20.53 11.17 -25.41
C LYS F 439 -19.86 10.39 -24.29
N LYS F 440 -20.25 10.64 -23.05
CA LYS F 440 -19.56 10.09 -21.90
C LYS F 440 -19.96 8.66 -21.53
N VAL F 441 -18.99 7.95 -20.96
CA VAL F 441 -19.18 6.57 -20.54
C VAL F 441 -20.17 6.49 -19.38
N ASP F 442 -21.13 5.57 -19.49
CA ASP F 442 -21.98 5.21 -18.37
C ASP F 442 -21.49 3.88 -17.80
N PRO F 443 -20.74 3.93 -16.68
CA PRO F 443 -20.09 2.75 -16.07
C PRO F 443 -21.10 1.71 -15.56
N SER F 444 -22.36 2.10 -15.38
CA SER F 444 -23.40 1.17 -14.93
C SER F 444 -23.83 0.19 -16.04
N LYS F 445 -23.46 0.49 -17.28
CA LYS F 445 -23.85 -0.35 -18.42
C LYS F 445 -22.81 -1.43 -18.74
N TYR F 446 -21.90 -1.73 -17.80
CA TYR F 446 -20.89 -2.75 -18.05
C TYR F 446 -20.95 -3.83 -16.98
N ASN F 447 -20.81 -5.07 -17.42
CA ASN F 447 -20.73 -6.22 -16.55
C ASN F 447 -19.76 -7.21 -17.22
N TYR F 448 -18.72 -7.59 -16.51
CA TYR F 448 -17.68 -8.43 -17.10
C TYR F 448 -17.81 -9.88 -16.66
N ASN F 449 -18.77 -10.17 -15.80
CA ASN F 449 -18.98 -11.55 -15.35
C ASN F 449 -19.44 -12.40 -16.52
N LYS F 450 -19.06 -13.68 -16.48
CA LYS F 450 -19.33 -14.62 -17.57
C LYS F 450 -20.82 -14.86 -17.81
N SER G 33 23.21 -1.95 50.82
CA SER G 33 24.14 -1.39 49.84
C SER G 33 23.55 -1.35 48.42
N SER G 34 22.99 -2.47 47.95
CA SER G 34 22.19 -2.46 46.72
C SER G 34 20.70 -2.13 46.96
N ASP G 35 20.31 -1.96 48.22
CA ASP G 35 18.99 -1.45 48.50
C ASP G 35 19.23 0.05 48.40
N VAL G 36 20.43 0.46 48.78
CA VAL G 36 20.87 1.83 48.57
C VAL G 36 20.88 2.14 47.06
N THR G 37 21.36 1.18 46.29
CA THR G 37 21.47 1.31 44.83
C THR G 37 20.10 1.50 44.20
N GLU G 38 19.12 0.74 44.67
CA GLU G 38 17.79 0.86 44.15
C GLU G 38 17.23 2.24 44.39
N VAL G 39 17.44 2.78 45.59
CA VAL G 39 16.93 4.11 45.90
C VAL G 39 17.58 5.18 45.01
N LEU G 40 18.90 5.14 44.87
CA LEU G 40 19.61 6.14 44.06
C LEU G 40 19.23 6.06 42.58
N ASN G 41 19.03 4.85 42.08
CA ASN G 41 18.57 4.68 40.70
C ASN G 41 17.22 5.37 40.49
N TYR G 42 16.34 5.27 41.49
CA TYR G 42 15.04 5.95 41.48
C TYR G 42 15.18 7.47 41.50
N THR G 43 15.87 8.00 42.51
CA THR G 43 15.93 9.46 42.70
C THR G 43 16.67 10.16 41.55
N LYS G 44 17.74 9.54 41.06
CA LYS G 44 18.49 10.13 39.94
C LYS G 44 17.67 10.16 38.63
N SER G 45 16.84 9.15 38.42
CA SER G 45 15.95 9.13 37.26
C SER G 45 14.82 10.17 37.40
N LYS G 46 14.47 10.53 38.64
CA LYS G 46 13.43 11.52 38.90
C LYS G 46 13.96 12.96 38.81
N TYR G 47 15.26 13.10 39.09
CA TYR G 47 15.93 14.41 39.20
C TYR G 47 15.50 15.43 38.16
N ALA G 48 15.22 16.66 38.61
CA ALA G 48 14.91 17.76 37.69
C ALA G 48 16.06 18.78 37.63
N ALA G 49 16.59 19.01 36.43
CA ALA G 49 17.73 19.91 36.25
C ALA G 49 17.35 21.36 36.54
N PRO G 50 18.32 22.17 36.99
CA PRO G 50 18.04 23.56 37.35
C PRO G 50 17.51 24.41 36.21
N ASN G 51 16.70 25.40 36.57
CA ASN G 51 16.28 26.45 35.64
C ASN G 51 17.35 27.55 35.62
N PRO G 52 17.91 27.82 34.43
CA PRO G 52 18.99 28.81 34.29
C PRO G 52 18.60 30.20 34.76
N GLU G 53 17.30 30.54 34.72
CA GLU G 53 16.83 31.83 35.20
C GLU G 53 16.95 31.97 36.70
N TYR G 54 17.02 30.84 37.40
CA TYR G 54 17.03 30.85 38.85
C TYR G 54 18.22 30.17 39.52
N PHE G 55 18.95 29.33 38.80
CA PHE G 55 20.07 28.61 39.42
C PHE G 55 21.18 29.55 39.92
N GLY G 56 21.51 29.43 41.21
CA GLY G 56 22.60 30.20 41.79
C GLY G 56 22.28 31.66 42.00
N LYS G 57 21.01 32.03 41.82
CA LYS G 57 20.59 33.43 41.95
C LYS G 57 20.65 33.94 43.40
N ALA G 58 20.80 33.01 44.34
CA ALA G 58 20.93 33.37 45.74
C ALA G 58 22.20 32.75 46.32
N LYS G 59 23.17 32.47 45.45
CA LYS G 59 24.42 31.87 45.88
C LYS G 59 25.11 32.73 46.95
N GLY G 60 25.51 32.09 48.03
CA GLY G 60 26.21 32.78 49.10
C GLY G 60 25.30 33.45 50.12
N LYS G 61 24.00 33.50 49.84
CA LYS G 61 23.04 34.17 50.72
C LYS G 61 22.71 33.35 51.97
N ASN G 62 22.35 34.03 53.06
CA ASN G 62 21.81 33.36 54.23
C ASN G 62 20.48 32.69 53.89
N VAL G 63 20.07 31.75 54.72
CA VAL G 63 18.76 31.15 54.61
C VAL G 63 18.04 31.33 55.95
N ILE G 64 16.84 31.90 55.89
CA ILE G 64 16.03 32.05 57.09
C ILE G 64 14.65 31.41 56.85
N TYR G 65 14.43 30.26 57.46
CA TYR G 65 13.11 29.62 57.40
C TYR G 65 12.23 30.21 58.50
N ILE G 66 11.05 30.67 58.12
CA ILE G 66 10.06 31.07 59.08
C ILE G 66 8.94 30.02 59.12
N HIS G 67 8.90 29.22 60.17
CA HIS G 67 7.95 28.12 60.29
C HIS G 67 6.59 28.63 60.81
N LEU G 68 5.58 28.68 59.94
CA LEU G 68 4.23 29.10 60.35
C LEU G 68 3.40 27.91 60.83
N GLU G 69 3.31 27.77 62.14
CA GLU G 69 2.68 26.63 62.78
C GLU G 69 1.21 26.47 62.41
N SER G 70 0.85 25.29 61.93
CA SER G 70 -0.54 24.89 61.63
C SER G 70 -1.25 25.88 60.72
N PHE G 71 -0.48 26.48 59.82
CA PHE G 71 -0.98 27.54 58.98
C PHE G 71 -1.38 27.00 57.60
N GLN G 72 -2.67 27.03 57.29
CA GLN G 72 -3.16 26.54 56.01
C GLN G 72 -3.24 27.66 54.98
N GLN G 73 -3.08 27.29 53.71
CA GLN G 73 -3.06 28.27 52.63
C GLN G 73 -4.37 29.05 52.49
N PHE G 74 -5.50 28.50 52.95
CA PHE G 74 -6.76 29.20 52.77
C PHE G 74 -6.83 30.52 53.59
N LEU G 75 -5.97 30.68 54.60
CA LEU G 75 -5.88 31.94 55.36
C LEU G 75 -5.32 33.13 54.57
N VAL G 76 -4.46 32.85 53.58
CA VAL G 76 -3.84 33.91 52.79
C VAL G 76 -4.92 34.68 52.01
N ASN G 77 -4.97 35.99 52.24
CA ASN G 77 -5.99 36.89 51.68
C ASN G 77 -7.41 36.60 52.16
N TYR G 78 -7.53 35.78 53.21
CA TYR G 78 -8.83 35.50 53.81
C TYR G 78 -9.29 36.68 54.63
N LYS G 79 -10.57 37.02 54.51
CA LYS G 79 -11.14 38.10 55.30
C LYS G 79 -12.21 37.59 56.27
N LEU G 80 -12.02 37.94 57.54
CA LEU G 80 -12.99 37.62 58.56
C LEU G 80 -13.72 38.90 58.95
N ASN G 81 -15.02 38.96 58.65
CA ASN G 81 -15.82 40.16 58.90
C ASN G 81 -15.25 41.41 58.21
N GLY G 82 -14.94 41.26 56.92
CA GLY G 82 -14.45 42.36 56.11
C GLY G 82 -12.97 42.67 56.28
N GLU G 83 -12.34 41.97 57.23
CA GLU G 83 -11.00 42.29 57.68
C GLU G 83 -9.98 41.21 57.39
N GLU G 84 -8.86 41.58 56.77
CA GLU G 84 -7.78 40.62 56.55
C GLU G 84 -7.26 40.07 57.87
N VAL G 85 -7.30 38.75 58.01
CA VAL G 85 -6.85 38.09 59.23
C VAL G 85 -5.33 38.15 59.36
N THR G 86 -4.62 37.96 58.25
CA THR G 86 -3.16 37.93 58.28
C THR G 86 -2.58 38.93 57.29
N PRO G 87 -2.76 40.24 57.59
CA PRO G 87 -2.43 41.32 56.66
C PRO G 87 -0.96 41.38 56.29
N PHE G 88 -0.05 41.12 57.22
CA PHE G 88 1.36 41.17 56.84
C PHE G 88 1.76 40.03 55.92
N ILE G 89 1.37 38.81 56.29
CA ILE G 89 1.68 37.65 55.48
C ILE G 89 1.06 37.78 54.10
N ASN G 90 -0.12 38.36 54.03
CA ASN G 90 -0.71 38.66 52.73
C ASN G 90 0.16 39.61 51.88
N SER G 91 0.76 40.62 52.51
CA SER G 91 1.62 41.56 51.78
C SER G 91 2.92 40.89 51.31
N PHE G 92 3.46 40.01 52.14
CA PHE G 92 4.65 39.24 51.79
C PHE G 92 4.37 38.34 50.58
N PHE G 93 3.19 37.74 50.56
CA PHE G 93 2.70 36.92 49.45
C PHE G 93 2.77 37.65 48.10
N LYS G 94 2.43 38.94 48.09
CA LYS G 94 2.34 39.71 46.85
C LYS G 94 3.62 40.51 46.52
N ASP G 95 4.62 40.45 47.39
CA ASP G 95 5.86 41.19 47.20
C ASP G 95 6.52 40.84 45.86
N GLN G 96 7.18 41.82 45.25
CA GLN G 96 7.74 41.68 43.90
C GLN G 96 8.81 40.59 43.80
N ASN G 97 9.53 40.40 44.90
CA ASN G 97 10.61 39.43 44.92
C ASN G 97 10.21 38.11 45.60
N THR G 98 8.91 37.87 45.77
CA THR G 98 8.46 36.67 46.46
C THR G 98 7.86 35.65 45.49
N LEU G 99 8.44 34.45 45.48
CA LEU G 99 7.88 33.32 44.72
C LEU G 99 6.82 32.66 45.60
N SER G 100 5.56 32.78 45.20
CA SER G 100 4.46 32.39 46.06
C SER G 100 3.63 31.24 45.49
N PHE G 101 3.53 30.14 46.23
CA PHE G 101 2.92 28.93 45.70
C PHE G 101 1.50 28.76 46.20
N THR G 102 0.58 28.55 45.26
CA THR G 102 -0.83 28.41 45.57
C THR G 102 -1.30 26.96 45.58
N ASN G 103 -0.46 26.06 45.07
CA ASN G 103 -0.79 24.63 45.02
C ASN G 103 0.32 23.78 45.64
N PHE G 104 0.75 24.21 46.82
CA PHE G 104 1.81 23.56 47.58
C PHE G 104 1.19 22.84 48.78
N PHE G 105 1.48 21.55 48.93
CA PHE G 105 0.80 20.71 49.92
C PHE G 105 1.74 20.21 51.01
N HIS G 106 1.24 20.07 52.23
CA HIS G 106 2.00 19.37 53.27
C HIS G 106 1.88 17.86 53.05
N GLN G 107 2.89 17.11 53.47
CA GLN G 107 2.92 15.67 53.23
C GLN G 107 3.26 14.92 54.51
N THR G 108 2.77 15.45 55.62
CA THR G 108 3.05 14.91 56.93
C THR G 108 2.09 13.78 57.32
N GLY G 109 2.49 12.99 58.31
CA GLY G 109 1.66 11.92 58.86
C GLY G 109 1.50 12.12 60.35
N GLN G 110 1.70 11.06 61.13
CA GLN G 110 1.52 11.11 62.59
C GLN G 110 2.64 11.86 63.34
N GLY G 111 3.76 12.10 62.69
CA GLY G 111 4.84 12.86 63.31
C GLY G 111 4.59 14.34 63.25
N LYS G 112 3.57 14.73 62.48
CA LYS G 112 3.11 16.11 62.35
C LYS G 112 4.22 17.13 62.09
N TPO G 113 4.48 17.98 63.08
CA TPO G 113 5.54 18.99 63.01
CB TPO G 113 5.60 19.81 64.30
CG2 TPO G 113 6.71 20.86 64.20
OG1 TPO G 113 4.33 20.46 64.49
P TPO G 113 3.61 19.99 65.86
O1P TPO G 113 4.14 20.80 66.99
O2P TPO G 113 2.02 20.22 65.74
O3P TPO G 113 3.88 18.43 66.15
C TPO G 113 6.91 18.39 62.68
O TPO G 113 7.61 18.90 61.79
N ALA G 114 7.27 17.31 63.35
CA ALA G 114 8.55 16.64 63.12
C ALA G 114 8.66 16.05 61.72
N ASP G 115 7.53 15.63 61.15
CA ASP G 115 7.52 15.11 59.79
C ASP G 115 7.85 16.21 58.77
N SER G 116 7.29 17.40 58.99
CA SER G 116 7.57 18.52 58.12
C SER G 116 9.06 18.85 58.21
N GLU G 117 9.63 18.68 59.40
CA GLU G 117 11.06 18.89 59.55
C GLU G 117 11.85 17.81 58.82
N MET G 118 11.43 16.55 58.95
CA MET G 118 12.06 15.45 58.22
C MET G 118 12.08 15.74 56.71
N LEU G 119 10.94 16.19 56.19
CA LEU G 119 10.81 16.52 54.78
C LEU G 119 11.69 17.69 54.33
N LEU G 120 11.70 18.79 55.09
CA LEU G 120 12.45 19.97 54.71
C LEU G 120 13.96 19.79 54.77
N GLU G 121 14.42 19.06 55.78
CA GLU G 121 15.87 18.93 56.03
C GLU G 121 16.51 17.84 55.21
N ASN G 122 15.72 16.85 54.79
CA ASN G 122 16.29 15.68 54.17
C ASN G 122 15.70 15.29 52.83
N SER G 123 14.55 15.87 52.48
CA SER G 123 13.78 15.43 51.32
C SER G 123 13.47 13.94 51.47
N LEU G 124 13.13 13.58 52.70
CA LEU G 124 12.65 12.25 53.03
C LEU G 124 11.28 12.38 53.69
N TYR G 125 10.37 11.43 53.44
CA TYR G 125 9.08 11.45 54.14
C TYR G 125 9.25 11.00 55.59
N GLY G 126 8.28 11.34 56.43
CA GLY G 126 8.18 10.69 57.73
C GLY G 126 7.74 9.25 57.52
N LEU G 127 7.52 8.54 58.62
CA LEU G 127 7.11 7.14 58.55
C LEU G 127 5.61 7.01 58.34
N PRO G 128 5.16 5.84 57.82
CA PRO G 128 3.72 5.65 57.63
C PRO G 128 2.93 5.57 58.94
N GLN G 129 3.57 5.20 60.04
CA GLN G 129 2.97 5.31 61.37
C GLN G 129 3.98 5.86 62.37
N GLY G 130 3.50 6.45 63.46
CA GLY G 130 4.40 6.99 64.46
C GLY G 130 5.23 8.16 63.98
N SER G 131 6.27 8.48 64.74
CA SER G 131 7.09 9.63 64.46
C SER G 131 8.54 9.23 64.16
N ALA G 132 9.04 9.56 62.97
CA ALA G 132 10.42 9.25 62.61
C ALA G 132 11.44 9.94 63.54
N PHE G 133 11.13 11.15 64.00
CA PHE G 133 12.04 11.83 64.94
C PHE G 133 12.22 11.04 66.23
N THR G 134 11.15 10.41 66.72
CA THR G 134 11.22 9.65 67.97
C THR G 134 11.98 8.32 67.81
N THR G 135 11.80 7.62 66.69
CA THR G 135 12.35 6.29 66.56
C THR G 135 13.58 6.21 65.65
N LYS G 136 13.81 7.24 64.84
CA LYS G 136 14.95 7.23 63.91
C LYS G 136 15.97 8.33 64.24
N GLY G 137 16.06 8.70 65.51
CA GLY G 137 16.94 9.75 65.97
C GLY G 137 18.43 9.46 65.93
N GLN G 138 18.78 8.20 65.73
CA GLN G 138 20.19 7.82 65.68
C GLN G 138 20.60 7.32 64.31
N ASN G 139 19.72 7.53 63.33
CA ASN G 139 20.04 7.24 61.93
C ASN G 139 21.09 8.21 61.42
N THR G 140 21.82 7.80 60.37
CA THR G 140 22.75 8.67 59.65
C THR G 140 21.96 9.52 58.62
N TYR G 141 22.22 10.82 58.61
CA TYR G 141 21.55 11.71 57.66
C TYR G 141 22.56 12.53 56.91
N GLU G 142 22.14 13.04 55.75
CA GLU G 142 22.93 13.97 54.97
C GLU G 142 22.04 15.19 54.73
N SER G 143 21.76 15.91 55.81
N SER G 143 21.76 15.91 55.81
CA SER G 143 20.74 16.95 55.81
CA SER G 143 20.74 16.95 55.84
C SER G 143 21.23 18.29 55.29
C SER G 143 21.22 18.29 55.27
N ALA G 144 20.29 19.22 55.13
CA ALA G 144 20.57 20.58 54.63
C ALA G 144 21.70 21.30 55.38
N SER G 145 21.69 21.19 56.70
N SER G 145 21.69 21.19 56.70
CA SER G 145 22.70 21.80 57.55
CA SER G 145 22.71 21.83 57.53
C SER G 145 24.07 21.23 57.21
C SER G 145 24.08 21.22 57.26
N ALA G 146 24.08 19.93 56.92
CA ALA G 146 25.31 19.23 56.58
C ALA G 146 25.79 19.59 55.18
N ILE G 147 24.86 19.64 54.22
CA ILE G 147 25.19 19.98 52.84
C ILE G 147 25.77 21.40 52.70
N LEU G 148 25.13 22.35 53.37
CA LEU G 148 25.57 23.73 53.35
C LEU G 148 26.79 23.90 54.24
N GLY G 149 26.92 23.06 55.27
CA GLY G 149 28.15 22.95 56.04
C GLY G 149 29.40 22.74 55.19
N GLN G 150 29.28 21.96 54.12
CA GLN G 150 30.41 21.69 53.22
C GLN G 150 30.95 22.96 52.58
N GLN G 151 30.12 24.00 52.55
CA GLN G 151 30.48 25.27 51.95
C GLN G 151 30.70 26.37 52.98
N GLY G 152 30.81 25.98 54.25
CA GLY G 152 31.12 26.92 55.32
C GLY G 152 29.95 27.64 55.98
N TYR G 153 28.72 27.14 55.81
CA TYR G 153 27.53 27.70 56.48
C TYR G 153 27.41 27.27 57.95
N THR G 154 27.06 28.23 58.80
CA THR G 154 26.68 27.98 60.20
C THR G 154 25.18 27.70 60.25
N SER G 155 24.74 26.77 61.10
CA SER G 155 23.31 26.42 61.13
C SER G 155 22.70 26.53 62.52
N ALA G 156 21.40 26.85 62.59
CA ALA G 156 20.73 26.98 63.88
C ALA G 156 19.22 26.83 63.81
N VAL G 157 18.63 26.20 64.83
CA VAL G 157 17.18 26.23 64.99
C VAL G 157 16.82 27.11 66.19
N PHE G 158 15.74 27.87 66.05
CA PHE G 158 15.22 28.69 67.13
C PHE G 158 13.84 28.16 67.47
N HIS G 159 13.59 27.89 68.75
CA HIS G 159 12.31 27.32 69.16
C HIS G 159 12.03 27.63 70.63
N GLY G 160 10.83 28.15 70.90
CA GLY G 160 10.47 28.58 72.23
C GLY G 160 9.95 27.45 73.12
N ASN G 161 10.47 26.24 72.90
CA ASN G 161 10.13 25.08 73.71
C ASN G 161 11.38 24.26 73.98
N TYR G 162 11.30 23.32 74.92
CA TYR G 162 12.51 22.60 75.34
C TYR G 162 12.94 21.56 74.31
N LYS G 163 14.25 21.41 74.16
CA LYS G 163 14.86 20.63 73.07
C LYS G 163 14.57 19.13 73.15
N SER G 164 14.05 18.68 74.30
CA SER G 164 13.68 17.28 74.48
C SER G 164 12.44 16.88 73.66
N PHE G 165 11.59 17.85 73.34
CA PHE G 165 10.34 17.53 72.63
C PHE G 165 10.60 17.11 71.18
N TRP G 166 9.84 16.11 70.73
CA TRP G 166 10.01 15.46 69.43
C TRP G 166 11.43 14.92 69.21
N ASN G 167 12.15 14.68 70.31
CA ASN G 167 13.51 14.13 70.26
C ASN G 167 14.48 15.01 69.46
N ARG G 168 14.15 16.29 69.33
CA ARG G 168 14.93 17.21 68.51
C ARG G 168 16.39 17.32 68.96
N ASP G 169 16.61 17.32 70.28
CA ASP G 169 17.96 17.38 70.86
C ASP G 169 18.87 16.30 70.28
N GLU G 170 18.32 15.09 70.14
CA GLU G 170 19.09 13.94 69.64
C GLU G 170 19.27 13.98 68.12
N ILE G 171 18.17 14.12 67.38
CA ILE G 171 18.24 13.97 65.93
C ILE G 171 18.94 15.15 65.24
N TYR G 172 18.88 16.35 65.82
CA TYR G 172 19.54 17.53 65.26
C TYR G 172 21.06 17.35 65.15
N LYS G 173 21.63 16.56 66.06
CA LYS G 173 23.06 16.30 66.03
C LYS G 173 23.42 15.41 64.84
N GLN G 174 22.50 14.52 64.47
CA GLN G 174 22.68 13.70 63.28
C GLN G 174 22.52 14.55 62.00
N PHE G 175 21.64 15.55 62.06
CA PHE G 175 21.44 16.52 60.96
C PHE G 175 22.67 17.38 60.77
N GLY G 176 23.37 17.65 61.88
CA GLY G 176 24.54 18.50 61.89
C GLY G 176 24.21 19.97 62.11
N TYR G 177 23.13 20.22 62.85
CA TYR G 177 22.80 21.58 63.26
C TYR G 177 23.82 22.06 64.29
N ASP G 178 24.53 23.14 63.97
CA ASP G 178 25.55 23.66 64.87
C ASP G 178 24.93 24.15 66.16
N ASN G 179 23.75 24.77 66.07
CA ASN G 179 23.10 25.37 67.24
C ASN G 179 21.64 25.00 67.39
N PHE G 180 21.19 24.86 68.63
CA PHE G 180 19.76 24.74 68.93
C PHE G 180 19.41 25.67 70.10
N PHE G 181 18.88 26.85 69.76
CA PHE G 181 18.40 27.81 70.73
C PHE G 181 16.99 27.43 71.15
N ASP G 182 16.88 26.51 72.11
CA ASP G 182 15.58 26.07 72.63
C ASP G 182 15.15 26.98 73.78
N ALA G 183 14.10 26.58 74.50
CA ALA G 183 13.49 27.44 75.52
C ALA G 183 14.46 27.86 76.62
N SER G 184 15.51 27.08 76.85
CA SER G 184 16.48 27.42 77.87
C SER G 184 17.24 28.72 77.53
N TYR G 185 17.23 29.10 76.27
CA TYR G 185 17.90 30.34 75.86
C TYR G 185 16.96 31.52 75.92
N TYR G 186 15.73 31.27 76.40
CA TYR G 186 14.70 32.30 76.42
C TYR G 186 14.17 32.57 77.85
N ASP G 187 13.51 33.72 78.04
CA ASP G 187 12.95 34.08 79.34
C ASP G 187 11.55 33.52 79.49
N MET G 188 11.45 32.38 80.18
CA MET G 188 10.21 31.63 80.28
C MET G 188 9.36 32.02 81.48
N ASN G 189 9.10 33.32 81.65
CA ASN G 189 8.23 33.77 82.73
C ASN G 189 6.79 33.40 82.40
N GLU G 190 5.90 33.45 83.37
CA GLU G 190 4.58 32.86 83.16
C GLU G 190 3.66 33.76 82.35
N ALA G 191 4.01 35.05 82.23
CA ALA G 191 3.20 35.97 81.44
C ALA G 191 3.43 35.80 79.94
N ASP G 192 4.62 35.30 79.58
CA ASP G 192 5.00 35.18 78.17
C ASP G 192 4.89 33.75 77.66
N VAL G 193 4.40 32.85 78.51
CA VAL G 193 4.41 31.43 78.20
C VAL G 193 2.98 30.88 78.10
N SER G 194 2.74 30.09 77.05
CA SER G 194 1.47 29.40 76.85
C SER G 194 1.61 27.93 77.22
N ASN G 195 0.71 27.09 76.73
CA ASN G 195 0.74 25.69 77.15
C ASN G 195 1.63 24.82 76.28
N TYR G 196 2.16 25.39 75.21
CA TYR G 196 3.25 24.78 74.45
C TYR G 196 4.59 25.48 74.61
N GLY G 197 4.60 26.58 75.35
CA GLY G 197 5.85 27.29 75.57
C GLY G 197 5.74 28.78 75.31
N LEU G 198 6.87 29.35 74.90
CA LEU G 198 7.01 30.79 74.70
C LEU G 198 6.16 31.31 73.55
N LYS G 199 5.45 32.42 73.78
CA LYS G 199 4.62 33.01 72.74
C LYS G 199 5.49 33.62 71.64
N ASP G 200 4.92 33.75 70.44
CA ASP G 200 5.71 34.09 69.26
C ASP G 200 6.35 35.46 69.32
N LYS G 201 5.65 36.43 69.91
CA LYS G 201 6.18 37.79 69.94
C LYS G 201 7.40 37.90 70.86
N PRO G 202 7.31 37.41 72.12
CA PRO G 202 8.57 37.42 72.87
C PRO G 202 9.63 36.49 72.26
N PHE G 203 9.19 35.40 71.64
CA PHE G 203 10.10 34.49 70.97
C PHE G 203 10.94 35.24 69.93
N PHE G 204 10.26 35.94 69.04
CA PHE G 204 10.94 36.64 67.96
C PHE G 204 11.79 37.80 68.45
N LYS G 205 11.35 38.45 69.52
CA LYS G 205 12.09 39.59 70.03
C LYS G 205 13.37 39.16 70.77
N GLU G 206 13.30 38.03 71.48
CA GLU G 206 14.46 37.54 72.20
C GLU G 206 15.41 36.75 71.30
N SER G 207 14.96 36.43 70.09
CA SER G 207 15.78 35.70 69.14
C SER G 207 16.80 36.61 68.46
N GLU G 208 16.56 37.91 68.54
CA GLU G 208 17.35 38.90 67.81
C GLU G 208 18.79 38.93 68.29
N GLU G 209 18.96 38.86 69.60
CA GLU G 209 20.28 38.82 70.24
C GLU G 209 21.13 37.71 69.63
N TYR G 210 20.52 36.54 69.47
CA TYR G 210 21.20 35.36 69.00
C TYR G 210 21.48 35.39 67.50
N LEU G 211 20.51 35.87 66.73
CA LEU G 211 20.67 35.89 65.28
C LEU G 211 21.73 36.89 64.83
N SER G 212 21.82 38.03 65.54
CA SER G 212 22.77 39.09 65.17
C SER G 212 24.21 38.72 65.48
N SER G 213 24.41 37.74 66.34
CA SER G 213 25.76 37.29 66.66
C SER G 213 26.05 35.89 66.11
N LEU G 214 25.19 35.41 65.20
CA LEU G 214 25.40 34.14 64.49
C LEU G 214 26.26 34.36 63.27
N GLN G 215 27.32 33.56 63.12
CA GLN G 215 28.26 33.76 62.03
C GLN G 215 27.62 33.58 60.65
N GLN G 216 27.85 34.54 59.75
CA GLN G 216 27.34 34.48 58.37
C GLN G 216 28.40 33.94 57.39
N PRO G 217 27.96 33.22 56.33
CA PRO G 217 26.58 32.88 55.97
C PRO G 217 25.97 31.83 56.90
N PHE G 218 24.68 31.94 57.18
CA PHE G 218 24.05 30.92 58.00
C PHE G 218 22.81 30.28 57.38
N TYR G 219 22.42 29.15 57.95
CA TYR G 219 21.22 28.43 57.57
C TYR G 219 20.37 28.24 58.83
N THR G 220 19.24 28.94 58.92
CA THR G 220 18.46 29.01 60.17
C THR G 220 16.97 28.68 59.99
N LYS G 221 16.34 28.21 61.06
CA LYS G 221 14.89 27.96 61.07
C LYS G 221 14.26 28.45 62.37
N PHE G 222 13.18 29.21 62.24
CA PHE G 222 12.46 29.69 63.40
C PHE G 222 11.12 28.93 63.53
N ILE G 223 11.05 28.01 64.48
CA ILE G 223 9.85 27.21 64.65
C ILE G 223 8.91 27.89 65.65
N THR G 224 7.85 28.50 65.16
CA THR G 224 6.86 29.17 66.02
C THR G 224 5.96 28.11 66.68
N LEU G 225 5.14 28.52 67.65
CA LEU G 225 4.32 27.54 68.38
C LEU G 225 2.96 28.06 68.89
N THR G 226 2.69 29.36 68.79
CA THR G 226 1.43 29.93 69.30
C THR G 226 0.18 29.41 68.55
N ASN G 227 0.31 29.18 67.25
CA ASN G 227 -0.82 28.69 66.45
C ASN G 227 -0.92 27.15 66.52
N HIS G 228 -1.02 26.60 67.74
CA HIS G 228 -1.31 25.16 67.96
C HIS G 228 -2.75 24.95 68.40
N PHE G 229 -3.35 23.85 67.93
CA PHE G 229 -4.67 23.40 68.41
C PHE G 229 -4.66 23.29 69.93
N PRO G 230 -5.76 23.69 70.60
CA PRO G 230 -7.06 24.21 70.14
C PRO G 230 -7.10 25.72 69.98
N TYR G 231 -5.93 26.32 69.80
CA TYR G 231 -5.79 27.76 69.50
C TYR G 231 -6.33 28.70 70.59
N PRO G 232 -5.83 28.56 71.83
CA PRO G 232 -6.21 29.49 72.89
C PRO G 232 -5.44 30.82 72.82
N ILE G 233 -6.07 31.92 73.19
CA ILE G 233 -5.40 33.21 73.27
C ILE G 233 -6.07 34.10 74.32
N ASP G 234 -5.27 34.82 75.10
CA ASP G 234 -5.84 35.76 76.07
C ASP G 234 -6.52 36.88 75.31
N GLU G 235 -7.65 37.33 75.84
CA GLU G 235 -8.44 38.39 75.23
C GLU G 235 -7.60 39.66 75.00
N LYS G 236 -6.64 39.91 75.89
CA LYS G 236 -5.86 41.13 75.80
C LYS G 236 -4.74 41.02 74.78
N ASP G 237 -4.40 39.81 74.35
CA ASP G 237 -3.41 39.61 73.29
C ASP G 237 -4.06 39.60 71.90
N ALA G 238 -5.38 39.47 71.86
CA ALA G 238 -6.08 39.31 70.58
C ALA G 238 -6.49 40.64 69.97
N SER G 239 -6.07 40.88 68.73
CA SER G 239 -6.45 42.11 68.06
C SER G 239 -7.62 41.87 67.13
N ILE G 240 -8.07 40.61 67.03
CA ILE G 240 -9.26 40.32 66.23
C ILE G 240 -10.23 39.45 67.00
N ALA G 241 -11.53 39.61 66.70
CA ALA G 241 -12.60 38.87 67.35
C ALA G 241 -12.70 37.48 66.74
N PRO G 242 -13.18 36.50 67.53
CA PRO G 242 -13.30 35.15 66.98
C PRO G 242 -14.36 35.08 65.91
N ALA G 243 -14.29 34.07 65.04
CA ALA G 243 -15.38 33.78 64.10
C ALA G 243 -16.61 33.31 64.88
N THR G 244 -17.73 33.16 64.18
CA THR G 244 -18.98 32.84 64.84
C THR G 244 -19.62 31.55 64.31
N THR G 245 -18.82 30.52 64.07
CA THR G 245 -19.34 29.25 63.56
C THR G 245 -19.98 28.38 64.65
N GLY G 246 -19.62 28.65 65.91
CA GLY G 246 -20.08 27.83 67.02
C GLY G 246 -19.15 26.66 67.32
N ASP G 247 -18.12 26.53 66.49
CA ASP G 247 -17.08 25.53 66.70
C ASP G 247 -15.86 26.25 67.29
N SER G 248 -15.62 26.03 68.59
CA SER G 248 -14.67 26.83 69.37
C SER G 248 -13.24 26.83 68.82
N SER G 249 -12.70 25.65 68.49
CA SER G 249 -11.33 25.57 68.01
C SER G 249 -11.22 26.18 66.60
N VAL G 250 -12.29 26.08 65.83
CA VAL G 250 -12.30 26.74 64.53
C VAL G 250 -12.37 28.26 64.73
N ASP G 251 -13.17 28.72 65.69
CA ASP G 251 -13.40 30.16 65.86
C ASP G 251 -12.21 30.98 66.38
N THR G 252 -11.41 30.41 67.28
CA THR G 252 -10.25 31.15 67.80
C THR G 252 -8.97 30.93 66.99
N TYR G 253 -9.00 29.98 66.04
CA TYR G 253 -7.89 29.73 65.09
C TYR G 253 -7.46 31.00 64.37
N PHE G 254 -8.44 31.82 64.00
CA PHE G 254 -8.20 33.06 63.30
C PHE G 254 -7.51 34.08 64.18
N GLN G 255 -7.74 33.98 65.49
CA GLN G 255 -7.12 34.91 66.43
C GLN G 255 -5.65 34.61 66.65
N THR G 256 -5.30 33.33 66.75
CA THR G 256 -3.90 32.97 66.88
C THR G 256 -3.17 33.15 65.56
N ALA G 257 -3.89 33.01 64.46
CA ALA G 257 -3.30 33.24 63.15
C ALA G 257 -2.93 34.71 63.01
N ARG G 258 -3.82 35.59 63.46
CA ARG G 258 -3.57 37.04 63.50
C ARG G 258 -2.39 37.38 64.41
N TYR G 259 -2.34 36.75 65.60
CA TYR G 259 -1.23 36.99 66.52
C TYR G 259 0.10 36.58 65.88
N LEU G 260 0.13 35.41 65.24
CA LEU G 260 1.33 34.96 64.50
C LEU G 260 1.69 35.92 63.36
N ASP G 261 0.70 36.40 62.58
CA ASP G 261 0.95 37.40 61.54
C ASP G 261 1.66 38.64 62.07
N GLU G 262 1.16 39.15 63.19
CA GLU G 262 1.74 40.33 63.81
C GLU G 262 3.16 40.09 64.29
N SER G 263 3.41 38.92 64.88
CA SER G 263 4.76 38.57 65.36
C SER G 263 5.78 38.45 64.23
N VAL G 264 5.33 37.92 63.10
CA VAL G 264 6.20 37.73 61.94
C VAL G 264 6.55 39.07 61.33
N LYS G 265 5.59 39.99 61.33
CA LYS G 265 5.84 41.33 60.82
C LYS G 265 6.91 42.05 61.64
N SER G 266 6.83 41.93 62.96
N SER G 266 6.84 41.94 62.96
CA SER G 266 7.84 42.53 63.84
CA SER G 266 7.83 42.55 63.82
C SER G 266 9.21 41.92 63.60
C SER G 266 9.20 41.93 63.52
N PHE G 267 9.22 40.61 63.37
CA PHE G 267 10.45 39.89 63.07
C PHE G 267 11.06 40.36 61.76
N VAL G 268 10.24 40.51 60.72
CA VAL G 268 10.74 40.97 59.44
C VAL G 268 11.20 42.42 59.51
N ASP G 269 10.53 43.25 60.33
CA ASP G 269 11.02 44.61 60.60
C ASP G 269 12.47 44.59 61.07
N TYR G 270 12.75 43.70 62.02
CA TYR G 270 14.09 43.49 62.53
C TYR G 270 15.03 43.07 61.42
N LEU G 271 14.58 42.14 60.60
CA LEU G 271 15.39 41.64 59.48
C LEU G 271 15.76 42.76 58.52
N LYS G 272 14.81 43.66 58.22
CA LYS G 272 15.11 44.76 57.33
C LYS G 272 16.06 45.73 58.00
N LYS G 273 15.83 46.01 59.28
CA LYS G 273 16.65 46.98 60.00
C LYS G 273 18.06 46.44 60.25
N SER G 274 18.19 45.13 60.39
CA SER G 274 19.50 44.54 60.59
C SER G 274 20.27 44.30 59.30
N GLY G 275 19.60 44.52 58.16
CA GLY G 275 20.19 44.30 56.84
C GLY G 275 20.10 42.87 56.32
N LEU G 276 19.55 41.98 57.15
CA LEU G 276 19.43 40.57 56.79
C LEU G 276 18.40 40.34 55.68
N TYR G 277 17.44 41.25 55.54
CA TYR G 277 16.42 41.14 54.51
C TYR G 277 17.06 41.12 53.09
N ASP G 278 18.19 41.80 52.92
CA ASP G 278 18.84 41.96 51.61
C ASP G 278 19.90 40.92 51.27
N ASN G 279 20.38 40.19 52.27
CA ASN G 279 21.41 39.17 52.01
C ASN G 279 20.96 37.77 52.42
N SER G 280 19.65 37.59 52.54
CA SER G 280 19.08 36.31 52.94
C SER G 280 17.93 35.91 52.06
N VAL G 281 17.82 34.60 51.83
CA VAL G 281 16.59 34.02 51.30
C VAL G 281 15.60 33.77 52.45
N ILE G 282 14.46 34.45 52.42
CA ILE G 282 13.48 34.27 53.47
C ILE G 282 12.33 33.43 52.95
N ILE G 283 12.04 32.33 53.66
CA ILE G 283 11.06 31.35 53.22
C ILE G 283 9.98 31.11 54.27
N MET G 284 8.75 31.52 54.01
CA MET G 284 7.63 31.22 54.91
C MET G 284 6.88 29.98 54.43
N TYR G 285 6.58 29.05 55.34
CA TYR G 285 5.85 27.84 54.98
C TYR G 285 4.95 27.35 56.13
N GLY G 286 3.89 26.62 55.79
CA GLY G 286 3.07 25.96 56.79
C GLY G 286 3.52 24.52 56.92
N ASP G 287 3.35 23.93 58.08
CA ASP G 287 3.85 22.58 58.29
C ASP G 287 2.78 21.49 58.12
N HIS G 288 1.55 21.79 58.52
CA HIS G 288 0.43 20.89 58.32
C HIS G 288 -0.85 21.65 58.59
N TYR G 289 -1.99 20.97 58.44
CA TYR G 289 -3.29 21.63 58.61
C TYR G 289 -3.49 22.15 60.03
N GLY G 290 -4.30 23.20 60.14
CA GLY G 290 -4.72 23.74 61.42
C GLY G 290 -6.08 23.18 61.82
N ILE G 291 -6.97 23.01 60.84
CA ILE G 291 -8.29 22.44 61.11
C ILE G 291 -8.36 21.05 60.48
N SER G 292 -8.66 20.04 61.30
CA SER G 292 -8.78 18.66 60.83
C SER G 292 -10.06 18.45 60.04
N ASP G 293 -10.32 17.20 59.65
CA ASP G 293 -11.52 16.85 58.90
C ASP G 293 -12.74 16.61 59.81
N ASN G 294 -12.63 16.99 61.08
CA ASN G 294 -13.70 16.76 62.04
C ASN G 294 -14.48 18.04 62.39
N HIS G 295 -14.49 18.99 61.46
CA HIS G 295 -15.16 20.27 61.64
C HIS G 295 -15.88 20.72 60.39
N GLU G 296 -16.62 19.79 59.76
CA GLU G 296 -17.24 20.02 58.45
C GLU G 296 -18.28 21.12 58.44
N GLU G 297 -19.11 21.17 59.47
CA GLU G 297 -20.13 22.22 59.57
C GLU G 297 -19.51 23.61 59.68
N ALA G 298 -18.48 23.74 60.50
CA ALA G 298 -17.79 25.02 60.69
C ALA G 298 -17.03 25.43 59.43
N MET G 299 -16.34 24.49 58.79
CA MET G 299 -15.55 24.76 57.60
C MET G 299 -16.42 24.99 56.36
N THR G 300 -17.63 24.43 56.36
CA THR G 300 -18.64 24.78 55.35
C THR G 300 -18.94 26.27 55.40
N LYS G 301 -19.10 26.79 56.62
CA LYS G 301 -19.34 28.20 56.76
C LYS G 301 -18.08 28.97 56.40
N ILE G 302 -16.91 28.53 56.90
CA ILE G 302 -15.66 29.26 56.68
C ILE G 302 -15.31 29.39 55.20
N LEU G 303 -15.46 28.31 54.43
CA LEU G 303 -15.00 28.33 53.05
C LEU G 303 -16.12 28.64 52.03
N GLY G 304 -17.37 28.67 52.49
CA GLY G 304 -18.49 29.09 51.66
C GLY G 304 -18.96 28.03 50.69
N LYS G 305 -18.63 26.79 50.98
CA LYS G 305 -19.01 25.66 50.14
C LYS G 305 -18.96 24.37 50.98
N ASP G 306 -19.69 23.33 50.56
CA ASP G 306 -19.76 22.08 51.33
C ASP G 306 -18.39 21.45 51.56
N TYR G 307 -18.03 21.32 52.82
CA TYR G 307 -16.74 20.77 53.17
C TYR G 307 -16.79 19.26 53.12
N ASN G 308 -16.75 18.70 51.91
CA ASN G 308 -16.72 17.26 51.73
C ASN G 308 -15.29 16.74 51.67
N THR G 309 -15.11 15.44 51.44
CA THR G 309 -13.77 14.83 51.44
C THR G 309 -12.85 15.43 50.35
N PHE G 310 -13.42 15.81 49.21
CA PHE G 310 -12.65 16.47 48.16
C PHE G 310 -12.13 17.84 48.63
N GLU G 311 -12.99 18.64 49.28
CA GLU G 311 -12.58 19.97 49.76
C GLU G 311 -11.57 19.90 50.89
N ASN G 312 -11.71 18.88 51.74
CA ASN G 312 -10.76 18.66 52.81
C ASN G 312 -9.36 18.37 52.27
N ALA G 313 -9.28 17.60 51.19
CA ALA G 313 -8.01 17.37 50.49
C ALA G 313 -7.43 18.66 49.97
N GLN G 314 -8.28 19.53 49.41
CA GLN G 314 -7.80 20.78 48.85
C GLN G 314 -7.32 21.70 49.97
N ALA G 315 -7.87 21.52 51.18
CA ALA G 315 -7.47 22.36 52.31
C ALA G 315 -6.13 21.97 52.90
N GLN G 316 -5.51 20.91 52.35
CA GLN G 316 -4.19 20.49 52.84
C GLN G 316 -3.09 21.34 52.23
N ARG G 317 -3.46 22.31 51.41
CA ARG G 317 -2.51 23.32 50.95
C ARG G 317 -1.98 24.10 52.14
N VAL G 318 -0.66 24.28 52.20
CA VAL G 318 -0.02 25.14 53.19
C VAL G 318 0.78 26.15 52.39
N PRO G 319 1.12 27.29 53.01
CA PRO G 319 1.86 28.32 52.25
C PRO G 319 3.29 27.93 51.90
N LEU G 320 3.78 28.46 50.78
CA LEU G 320 5.21 28.48 50.49
C LEU G 320 5.56 29.79 49.80
N MET G 321 6.31 30.64 50.49
CA MET G 321 6.65 31.95 49.96
C MET G 321 8.13 32.18 50.07
N ILE G 322 8.81 32.22 48.93
CA ILE G 322 10.26 32.33 48.92
C ILE G 322 10.70 33.70 48.42
N HIS G 323 11.24 34.51 49.33
CA HIS G 323 11.75 35.83 49.00
C HIS G 323 13.22 35.78 48.64
N VAL G 324 13.54 36.12 47.39
CA VAL G 324 14.90 36.16 46.88
C VAL G 324 15.28 37.58 46.51
N PRO G 325 16.25 38.16 47.24
CA PRO G 325 16.67 39.53 46.97
C PRO G 325 17.11 39.73 45.52
N GLY G 326 16.53 40.74 44.86
CA GLY G 326 16.93 41.16 43.53
C GLY G 326 16.39 40.32 42.40
N VAL G 327 15.56 39.36 42.74
CA VAL G 327 15.01 38.47 41.74
C VAL G 327 13.50 38.63 41.69
N GLN G 328 12.94 38.75 40.50
CA GLN G 328 11.51 38.94 40.40
C GLN G 328 10.74 37.67 40.68
N GLY G 329 9.81 37.78 41.62
CA GLY G 329 8.98 36.67 42.03
C GLY G 329 7.73 36.56 41.18
N GLY G 330 6.65 36.08 41.80
CA GLY G 330 5.40 35.89 41.11
C GLY G 330 4.69 34.68 41.67
N VAL G 331 3.38 34.59 41.43
CA VAL G 331 2.60 33.44 41.85
C VAL G 331 3.03 32.18 41.08
N GLN G 332 3.29 31.10 41.83
CA GLN G 332 3.63 29.83 41.24
C GLN G 332 2.47 28.85 41.38
N GLU G 333 1.90 28.45 40.26
CA GLU G 333 0.72 27.58 40.32
C GLU G 333 1.06 26.11 40.13
N GLN G 334 2.32 25.80 39.83
CA GLN G 334 2.72 24.39 39.68
C GLN G 334 2.53 23.63 41.01
N TYR G 335 1.94 22.45 40.91
CA TYR G 335 1.64 21.60 42.07
C TYR G 335 2.91 21.00 42.64
N GLY G 336 3.03 21.03 43.96
CA GLY G 336 4.18 20.45 44.65
C GLY G 336 3.95 20.23 46.13
N GLY G 337 4.93 19.65 46.80
CA GLY G 337 4.83 19.38 48.22
C GLY G 337 6.11 19.71 48.98
N GLN G 338 6.05 19.55 50.31
CA GLN G 338 7.17 19.82 51.19
C GLN G 338 8.44 19.01 50.84
N VAL G 339 8.23 17.83 50.26
CA VAL G 339 9.34 16.96 49.86
C VAL G 339 10.20 17.67 48.81
N ASP G 340 9.59 18.62 48.10
CA ASP G 340 10.26 19.34 47.01
C ASP G 340 11.03 20.57 47.47
N LEU G 341 10.92 20.94 48.74
CA LEU G 341 11.49 22.21 49.20
C LEU G 341 13.02 22.26 49.19
N LEU G 342 13.65 21.24 49.76
CA LEU G 342 15.09 21.23 49.81
C LEU G 342 15.75 21.26 48.41
N PRO G 343 15.28 20.43 47.46
CA PRO G 343 15.87 20.56 46.12
C PRO G 343 15.71 21.95 45.52
N THR G 344 14.59 22.58 45.79
CA THR G 344 14.31 23.93 45.31
C THR G 344 15.31 24.94 45.90
N LEU G 345 15.54 24.85 47.21
CA LEU G 345 16.44 25.74 47.94
C LEU G 345 17.90 25.60 47.49
N LEU G 346 18.37 24.37 47.33
CA LEU G 346 19.77 24.12 46.93
C LEU G 346 20.11 24.68 45.55
N HIS G 347 19.20 24.55 44.59
CA HIS G 347 19.46 25.10 43.26
C HIS G 347 19.56 26.63 43.31
N LEU G 348 18.70 27.25 44.11
CA LEU G 348 18.74 28.70 44.29
C LEU G 348 20.08 29.17 44.85
N LEU G 349 20.67 28.37 45.75
CA LEU G 349 21.98 28.67 46.34
C LEU G 349 23.15 28.29 45.43
N GLY G 350 22.84 27.69 44.27
CA GLY G 350 23.87 27.30 43.32
C GLY G 350 24.51 25.95 43.63
N VAL G 351 23.80 25.14 44.42
CA VAL G 351 24.29 23.83 44.81
C VAL G 351 23.59 22.71 44.04
N ASP G 352 24.36 21.87 43.34
CA ASP G 352 23.78 20.72 42.65
C ASP G 352 23.52 19.57 43.62
N ASN G 353 22.32 19.01 43.59
CA ASN G 353 21.95 17.97 44.54
C ASN G 353 21.73 16.63 43.86
N LYS G 354 22.27 16.49 42.65
CA LYS G 354 21.98 15.33 41.81
C LYS G 354 22.41 13.99 42.41
N GLU G 355 23.48 14.00 43.21
CA GLU G 355 24.01 12.74 43.74
C GLU G 355 23.45 12.40 45.13
N TYR G 356 22.61 13.27 45.67
CA TYR G 356 22.00 13.09 46.99
C TYR G 356 20.75 12.23 46.93
N LEU G 357 20.52 11.46 47.98
CA LEU G 357 19.31 10.66 48.10
C LEU G 357 18.14 11.53 48.54
N GLN G 358 17.52 12.19 47.58
CA GLN G 358 16.43 13.11 47.85
C GLN G 358 15.25 12.80 46.90
N PHE G 359 14.05 12.72 47.42
CA PHE G 359 12.91 12.27 46.62
C PHE G 359 12.14 13.39 45.94
N GLY G 360 12.40 14.62 46.35
CA GLY G 360 11.73 15.76 45.75
C GLY G 360 12.47 16.30 44.54
N THR G 361 11.81 17.19 43.82
CA THR G 361 12.45 17.84 42.68
C THR G 361 12.25 19.36 42.71
N ASP G 362 13.22 20.08 42.15
CA ASP G 362 13.21 21.54 42.05
C ASP G 362 11.88 22.12 41.50
N LEU G 363 11.21 22.91 42.33
CA LEU G 363 9.90 23.45 41.97
C LEU G 363 9.97 24.49 40.85
N LEU G 364 11.15 25.05 40.63
CA LEU G 364 11.29 26.08 39.61
C LEU G 364 11.78 25.51 38.30
N SER G 365 12.03 24.20 38.29
CA SER G 365 12.49 23.52 37.08
C SER G 365 11.31 23.13 36.18
N LYS G 366 11.51 23.24 34.86
CA LYS G 366 10.46 22.85 33.93
C LYS G 366 10.23 21.34 33.96
N ASP G 367 11.20 20.60 34.48
CA ASP G 367 11.11 19.14 34.58
C ASP G 367 10.49 18.66 35.90
N HIS G 368 10.05 19.60 36.74
CA HIS G 368 9.29 19.22 37.94
C HIS G 368 7.94 18.62 37.53
N LYS G 369 7.64 17.42 38.03
CA LYS G 369 6.37 16.78 37.75
C LYS G 369 5.31 17.28 38.75
N GLN G 370 4.12 17.61 38.26
CA GLN G 370 3.06 18.13 39.12
C GLN G 370 2.31 16.95 39.73
N LEU G 371 2.99 16.26 40.63
CA LEU G 371 2.45 15.09 41.30
C LEU G 371 2.81 15.17 42.78
N VAL G 372 1.80 15.14 43.64
CA VAL G 372 2.02 15.34 45.07
C VAL G 372 1.51 14.15 45.90
N PRO G 373 2.41 13.23 46.30
CA PRO G 373 2.02 12.11 47.18
C PRO G 373 1.54 12.56 48.55
N PHE G 374 0.48 11.93 49.07
CA PHE G 374 0.13 12.05 50.50
C PHE G 374 0.76 10.87 51.23
N ARG G 375 0.94 11.01 52.54
CA ARG G 375 1.59 9.97 53.35
C ARG G 375 0.78 8.68 53.36
N ASN G 376 -0.53 8.78 53.21
CA ASN G 376 -1.38 7.59 53.19
C ASN G 376 -1.48 6.89 51.82
N GLY G 377 -0.77 7.40 50.82
CA GLY G 377 -0.81 6.80 49.49
C GLY G 377 -1.71 7.56 48.53
N ASP G 378 -2.52 8.47 49.05
CA ASP G 378 -3.29 9.38 48.20
C ASP G 378 -2.33 10.29 47.42
N TYR G 379 -2.87 11.02 46.44
CA TYR G 379 -2.07 11.95 45.66
C TYR G 379 -2.93 13.00 44.96
N ILE G 380 -2.29 14.14 44.65
CA ILE G 380 -2.92 15.23 43.92
C ILE G 380 -2.17 15.45 42.60
N THR G 381 -2.88 15.56 41.47
CA THR G 381 -2.31 16.04 40.21
C THR G 381 -3.24 17.13 39.68
N PRO G 382 -2.82 17.94 38.69
CA PRO G 382 -3.74 18.96 38.19
C PRO G 382 -5.00 18.43 37.49
N THR G 383 -5.00 17.18 37.05
CA THR G 383 -6.14 16.66 36.29
C THR G 383 -6.99 15.69 37.13
N TYR G 384 -6.39 14.60 37.62
CA TYR G 384 -7.07 13.65 38.50
C TYR G 384 -6.35 13.47 39.84
N SER G 385 -7.12 13.26 40.91
CA SER G 385 -6.54 13.03 42.24
C SER G 385 -7.19 11.84 42.95
N MET G 386 -6.40 11.11 43.72
CA MET G 386 -6.94 10.04 44.54
C MET G 386 -7.04 10.54 45.98
N ILE G 387 -8.24 10.52 46.53
CA ILE G 387 -8.54 11.02 47.86
C ILE G 387 -9.40 9.98 48.61
N GLY G 388 -8.88 9.47 49.71
CA GLY G 388 -9.49 8.35 50.41
C GLY G 388 -9.56 7.07 49.59
N GLY G 389 -8.59 6.90 48.68
CA GLY G 389 -8.50 5.72 47.85
C GLY G 389 -9.41 5.77 46.64
N ASN G 390 -10.15 6.86 46.51
CA ASN G 390 -11.08 7.02 45.39
C ASN G 390 -10.67 8.17 44.48
N MET G 391 -11.09 8.09 43.23
CA MET G 391 -10.67 9.03 42.21
C MET G 391 -11.63 10.22 42.08
N TYR G 392 -11.06 11.40 41.87
CA TYR G 392 -11.82 12.62 41.65
C TYR G 392 -11.22 13.43 40.51
N ASN G 393 -12.07 14.13 39.80
CA ASN G 393 -11.62 15.18 38.88
C ASN G 393 -11.11 16.37 39.70
N GLN G 394 -9.82 16.67 39.55
CA GLN G 394 -9.19 17.69 40.38
C GLN G 394 -9.73 19.09 40.12
N GLN G 395 -10.12 19.34 38.87
CA GLN G 395 -10.58 20.66 38.49
C GLN G 395 -12.04 20.88 38.86
N THR G 396 -12.85 19.82 38.83
CA THR G 396 -14.28 19.96 39.06
C THR G 396 -14.75 19.40 40.40
N GLY G 397 -13.96 18.52 41.00
CA GLY G 397 -14.34 17.93 42.26
C GLY G 397 -15.26 16.74 42.11
N GLU G 398 -15.56 16.39 40.86
CA GLU G 398 -16.46 15.29 40.61
C GLU G 398 -15.77 13.95 40.72
N PRO G 399 -16.41 13.01 41.44
CA PRO G 399 -15.84 11.67 41.59
C PRO G 399 -15.74 10.98 40.24
N ILE G 400 -14.70 10.16 40.08
CA ILE G 400 -14.53 9.37 38.89
C ILE G 400 -14.72 7.91 39.27
N ALA G 401 -15.69 7.26 38.65
CA ALA G 401 -16.11 5.92 39.04
C ALA G 401 -15.00 4.89 38.81
N THR G 402 -14.38 4.98 37.64
CA THR G 402 -13.45 3.95 37.20
C THR G 402 -12.00 4.45 37.03
N GLU G 403 -11.10 3.81 37.74
CA GLU G 403 -9.69 4.05 37.58
C GLU G 403 -9.24 3.61 36.17
N THR G 404 -8.51 4.49 35.49
CA THR G 404 -7.87 4.15 34.21
C THR G 404 -6.46 3.61 34.39
N LYS G 405 -5.87 3.12 33.30
CA LYS G 405 -4.47 2.68 33.34
C LYS G 405 -3.58 3.83 33.83
N GLU G 406 -3.85 5.04 33.37
CA GLU G 406 -2.99 6.17 33.71
C GLU G 406 -3.05 6.53 35.20
N MET G 407 -4.24 6.45 35.79
CA MET G 407 -4.42 6.72 37.21
C MET G 407 -3.75 5.64 38.04
N LYS G 408 -3.91 4.40 37.62
CA LYS G 408 -3.35 3.28 38.34
C LYS G 408 -1.82 3.34 38.33
N GLU G 409 -1.25 3.70 37.18
CA GLU G 409 0.19 3.86 37.04
C GLU G 409 0.71 4.90 38.02
N THR G 410 0.00 6.01 38.11
CA THR G 410 0.34 7.06 39.04
C THR G 410 0.28 6.60 40.50
N LYS G 411 -0.80 5.87 40.84
CA LYS G 411 -0.99 5.33 42.17
C LYS G 411 0.18 4.47 42.61
N GLU G 412 0.67 3.63 41.70
CA GLU G 412 1.78 2.73 42.03
C GLU G 412 3.12 3.46 42.09
N LYS G 413 3.28 4.52 41.31
CA LYS G 413 4.50 5.34 41.40
C LYS G 413 4.60 6.04 42.76
N VAL G 414 3.47 6.60 43.20
CA VAL G 414 3.39 7.25 44.50
C VAL G 414 3.72 6.25 45.62
N ALA G 415 3.14 5.06 45.54
CA ALA G 415 3.39 4.00 46.52
C ALA G 415 4.86 3.58 46.52
N LYS G 416 5.46 3.55 45.33
CA LYS G 416 6.85 3.18 45.16
C LYS G 416 7.75 4.20 45.84
N GLU G 417 7.49 5.46 45.56
CA GLU G 417 8.26 6.56 46.16
C GLU G 417 8.21 6.48 47.69
N LEU G 418 7.02 6.28 48.25
CA LEU G 418 6.84 6.19 49.70
C LEU G 418 7.55 4.96 50.27
N GLU G 419 7.51 3.84 49.55
CA GLU G 419 8.17 2.60 49.99
C GLU G 419 9.70 2.75 49.99
N LEU G 420 10.25 3.43 48.98
CA LEU G 420 11.68 3.66 48.88
C LEU G 420 12.20 4.64 49.92
N SER G 421 11.42 5.66 50.23
CA SER G 421 11.75 6.58 51.33
C SER G 421 11.78 5.83 52.67
N ASP G 422 10.79 4.98 52.91
CA ASP G 422 10.71 4.19 54.13
C ASP G 422 11.91 3.25 54.26
N SER G 423 12.41 2.78 53.12
CA SER G 423 13.58 1.89 53.12
C SER G 423 14.81 2.59 53.66
N VAL G 424 14.95 3.87 53.34
CA VAL G 424 16.07 4.68 53.81
C VAL G 424 16.01 4.81 55.34
N LEU G 425 14.84 5.16 55.88
CA LEU G 425 14.69 5.30 57.32
C LEU G 425 14.78 3.97 58.07
N GLN G 426 14.06 2.97 57.59
CA GLN G 426 14.01 1.70 58.30
C GLN G 426 15.28 0.90 58.12
N GLY G 427 15.98 1.08 57.01
CA GLY G 427 17.25 0.39 56.82
C GLY G 427 18.46 1.21 57.22
N ASP G 428 18.25 2.48 57.57
CA ASP G 428 19.35 3.42 57.84
C ASP G 428 20.39 3.36 56.73
N LEU G 429 19.93 3.60 55.51
CA LEU G 429 20.73 3.30 54.34
C LEU G 429 21.85 4.31 54.08
N LEU G 430 21.77 5.49 54.70
CA LEU G 430 22.79 6.51 54.44
C LEU G 430 24.10 6.22 55.17
N ARG G 431 24.09 5.24 56.08
CA ARG G 431 25.33 4.62 56.57
C ARG G 431 26.20 4.13 55.41
N PHE G 432 25.55 3.67 54.36
CA PHE G 432 26.22 2.94 53.29
C PHE G 432 26.52 3.79 52.06
N TYR G 433 26.10 5.05 52.08
CA TYR G 433 26.31 5.92 50.92
C TYR G 433 26.39 7.38 51.25
N ALA G 434 27.36 8.06 50.64
CA ALA G 434 27.37 9.52 50.57
C ALA G 434 27.98 9.92 49.22
N PRO G 435 27.59 11.07 48.68
CA PRO G 435 28.21 11.55 47.44
C PRO G 435 29.72 11.75 47.57
N ASP G 436 30.44 11.66 46.46
CA ASP G 436 31.89 11.83 46.46
C ASP G 436 32.25 13.23 46.95
N GLY G 437 33.15 13.31 47.92
CA GLY G 437 33.57 14.59 48.44
C GLY G 437 32.73 15.12 49.59
N PHE G 438 31.61 14.45 49.87
CA PHE G 438 30.78 14.81 51.03
C PHE G 438 31.42 14.26 52.30
N LYS G 439 31.70 15.16 53.23
CA LYS G 439 32.29 14.79 54.51
C LYS G 439 31.17 14.60 55.55
N LYS G 440 31.15 13.46 56.22
CA LYS G 440 30.00 13.10 57.02
C LYS G 440 29.99 13.74 58.41
N VAL G 441 28.78 13.95 58.92
CA VAL G 441 28.58 14.53 60.24
C VAL G 441 29.00 13.57 61.35
N ASP G 442 29.77 14.09 62.30
CA ASP G 442 30.09 13.40 63.55
C ASP G 442 29.23 13.98 64.67
N PRO G 443 28.14 13.28 65.03
CA PRO G 443 27.13 13.76 65.99
C PRO G 443 27.66 13.95 67.42
N SER G 444 28.80 13.36 67.75
CA SER G 444 29.37 13.51 69.10
C SER G 444 29.94 14.91 69.32
N LYS G 445 30.11 15.68 68.25
CA LYS G 445 30.75 16.98 68.39
C LYS G 445 29.74 18.13 68.60
N TYR G 446 28.51 17.81 68.97
CA TYR G 446 27.48 18.86 69.14
C TYR G 446 26.91 18.85 70.57
N ASN G 447 26.74 20.04 71.14
CA ASN G 447 26.11 20.19 72.46
C ASN G 447 25.29 21.48 72.51
N TYR G 448 24.00 21.34 72.81
CA TYR G 448 23.05 22.45 72.74
C TYR G 448 22.75 23.01 74.11
N ASN G 449 23.34 22.40 75.13
CA ASN G 449 23.20 22.88 76.50
C ASN G 449 23.89 24.22 76.74
N LYS G 450 23.36 24.95 77.71
CA LYS G 450 23.83 26.27 78.11
C LYS G 450 23.56 27.31 77.03
N SER H 33 32.99 42.48 -8.26
CA SER H 33 33.98 43.40 -7.69
C SER H 33 33.52 44.02 -6.37
N SER H 34 34.23 45.08 -5.95
CA SER H 34 33.74 45.95 -4.89
C SER H 34 32.82 46.98 -5.54
N ASP H 35 32.70 46.87 -6.86
CA ASP H 35 31.76 47.65 -7.66
C ASP H 35 30.38 47.03 -7.60
N VAL H 36 30.35 45.71 -7.65
CA VAL H 36 29.11 44.96 -7.50
C VAL H 36 28.54 45.26 -6.12
N THR H 37 29.43 45.36 -5.13
CA THR H 37 29.04 45.61 -3.76
C THR H 37 28.34 46.97 -3.65
N GLU H 38 28.92 47.97 -4.29
CA GLU H 38 28.37 49.32 -4.28
C GLU H 38 27.00 49.38 -4.93
N VAL H 39 26.87 48.71 -6.08
CA VAL H 39 25.61 48.69 -6.80
C VAL H 39 24.53 47.96 -6.01
N LEU H 40 24.85 46.79 -5.48
CA LEU H 40 23.88 45.99 -4.72
C LEU H 40 23.44 46.70 -3.43
N ASN H 41 24.37 47.40 -2.76
CA ASN H 41 24.01 48.22 -1.61
C ASN H 41 23.03 49.33 -1.98
N TYR H 42 23.25 49.94 -3.14
CA TYR H 42 22.37 50.97 -3.65
C TYR H 42 20.98 50.42 -3.92
N THR H 43 20.91 49.37 -4.75
CA THR H 43 19.64 48.84 -5.20
C THR H 43 18.80 48.27 -4.04
N LYS H 44 19.46 47.61 -3.09
CA LYS H 44 18.78 47.08 -1.90
C LYS H 44 18.20 48.17 -0.97
N SER H 45 18.92 49.28 -0.84
CA SER H 45 18.43 50.41 -0.06
C SER H 45 17.27 51.10 -0.78
N LYS H 46 17.27 51.02 -2.12
CA LYS H 46 16.24 51.63 -2.93
C LYS H 46 14.98 50.75 -3.03
N TYR H 47 15.18 49.44 -2.90
CA TYR H 47 14.11 48.43 -3.04
C TYR H 47 12.79 48.80 -2.35
N ALA H 48 11.69 48.64 -3.08
CA ALA H 48 10.36 48.88 -2.53
C ALA H 48 9.66 47.55 -2.30
N ALA H 49 9.17 47.35 -1.08
CA ALA H 49 8.49 46.12 -0.73
C ALA H 49 7.17 46.01 -1.48
N PRO H 50 6.73 44.78 -1.74
CA PRO H 50 5.47 44.55 -2.48
C PRO H 50 4.26 45.11 -1.75
N ASN H 51 3.24 45.48 -2.52
CA ASN H 51 1.94 45.82 -1.99
C ASN H 51 1.10 44.53 -1.82
N PRO H 52 0.71 44.23 -0.57
CA PRO H 52 -0.06 43.00 -0.30
C PRO H 52 -1.36 42.87 -1.12
N GLU H 53 -1.93 43.99 -1.51
CA GLU H 53 -3.13 43.96 -2.32
C GLU H 53 -2.85 43.47 -3.75
N TYR H 54 -1.59 43.55 -4.20
CA TYR H 54 -1.26 43.21 -5.58
C TYR H 54 -0.22 42.12 -5.75
N PHE H 55 0.53 41.82 -4.69
CA PHE H 55 1.60 40.84 -4.79
C PHE H 55 1.09 39.44 -5.13
N GLY H 56 1.64 38.85 -6.19
CA GLY H 56 1.32 37.49 -6.56
C GLY H 56 -0.07 37.31 -7.15
N LYS H 57 -0.75 38.41 -7.46
CA LYS H 57 -2.12 38.36 -7.96
C LYS H 57 -2.23 37.82 -9.39
N ALA H 58 -1.09 37.69 -10.08
CA ALA H 58 -1.05 37.13 -11.42
C ALA H 58 -0.07 35.97 -11.47
N LYS H 59 0.12 35.32 -10.33
CA LYS H 59 1.03 34.18 -10.21
C LYS H 59 0.63 33.11 -11.20
N GLY H 60 1.61 32.63 -11.96
CA GLY H 60 1.36 31.57 -12.91
C GLY H 60 0.83 32.02 -14.26
N LYS H 61 0.45 33.28 -14.36
CA LYS H 61 -0.17 33.79 -15.58
C LYS H 61 0.88 33.96 -16.67
N ASN H 62 0.45 33.88 -17.93
CA ASN H 62 1.28 34.27 -19.07
C ASN H 62 1.54 35.78 -19.04
N VAL H 63 2.59 36.20 -19.75
CA VAL H 63 2.85 37.61 -19.92
C VAL H 63 2.91 37.94 -21.40
N ILE H 64 2.12 38.93 -21.83
CA ILE H 64 2.16 39.41 -23.21
C ILE H 64 2.41 40.92 -23.29
N TYR H 65 3.63 41.29 -23.68
CA TYR H 65 3.97 42.69 -23.90
C TYR H 65 3.54 43.10 -25.30
N ILE H 66 2.72 44.15 -25.38
CA ILE H 66 2.36 44.75 -26.67
C ILE H 66 3.10 46.07 -26.74
N HIS H 67 4.13 46.09 -27.58
CA HIS H 67 5.05 47.20 -27.73
C HIS H 67 4.45 48.21 -28.74
N LEU H 68 3.98 49.35 -28.25
CA LEU H 68 3.39 50.38 -29.09
C LEU H 68 4.50 51.30 -29.59
N GLU H 69 4.93 51.10 -30.82
CA GLU H 69 6.05 51.84 -31.38
C GLU H 69 5.81 53.35 -31.45
N SER H 70 6.74 54.11 -30.86
CA SER H 70 6.72 55.58 -30.93
C SER H 70 5.38 56.20 -30.54
N PHE H 71 4.71 55.55 -29.59
CA PHE H 71 3.36 55.92 -29.16
C PHE H 71 3.47 56.74 -27.88
N GLN H 72 3.07 58.00 -27.95
CA GLN H 72 3.11 58.90 -26.80
C GLN H 72 1.79 58.92 -26.06
N GLN H 73 1.84 59.21 -24.76
CA GLN H 73 0.65 59.17 -23.93
C GLN H 73 -0.41 60.18 -24.36
N PHE H 74 -0.01 61.27 -25.01
CA PHE H 74 -0.97 62.32 -25.39
C PHE H 74 -1.99 61.84 -26.42
N LEU H 75 -1.70 60.72 -27.09
CA LEU H 75 -2.64 60.08 -28.02
C LEU H 75 -3.87 59.48 -27.34
N VAL H 76 -3.70 59.05 -26.10
CA VAL H 76 -4.78 58.39 -25.37
C VAL H 76 -5.94 59.36 -25.13
N ASN H 77 -7.12 59.00 -25.63
CA ASN H 77 -8.34 59.80 -25.60
C ASN H 77 -8.26 61.08 -26.44
N TYR H 78 -7.22 61.19 -27.27
CA TYR H 78 -7.07 62.35 -28.15
C TYR H 78 -8.08 62.28 -29.29
N LYS H 79 -8.72 63.42 -29.57
CA LYS H 79 -9.71 63.51 -30.63
C LYS H 79 -9.24 64.45 -31.73
N LEU H 80 -9.26 63.93 -32.94
CA LEU H 80 -8.93 64.71 -34.11
C LEU H 80 -10.23 64.92 -34.87
N ASN H 81 -10.71 66.16 -34.91
CA ASN H 81 -12.01 66.54 -35.47
C ASN H 81 -13.16 65.79 -34.81
N GLY H 82 -13.15 65.73 -33.48
CA GLY H 82 -14.25 65.10 -32.74
C GLY H 82 -14.15 63.58 -32.70
N GLU H 83 -13.14 63.05 -33.38
CA GLU H 83 -13.03 61.62 -33.61
C GLU H 83 -11.83 61.05 -32.86
N GLU H 84 -12.08 60.03 -32.05
CA GLU H 84 -11.02 59.35 -31.32
C GLU H 84 -10.00 58.74 -32.28
N VAL H 85 -8.73 59.10 -32.09
CA VAL H 85 -7.65 58.62 -32.96
C VAL H 85 -7.34 57.14 -32.72
N THR H 86 -7.32 56.74 -31.45
CA THR H 86 -6.99 55.38 -31.11
C THR H 86 -8.08 54.78 -30.22
N PRO H 87 -9.28 54.53 -30.80
CA PRO H 87 -10.44 54.12 -30.00
C PRO H 87 -10.26 52.80 -29.23
N PHE H 88 -9.57 51.81 -29.78
CA PHE H 88 -9.45 50.58 -28.99
C PHE H 88 -8.53 50.71 -27.78
N ILE H 89 -7.36 51.31 -27.99
CA ILE H 89 -6.40 51.50 -26.90
C ILE H 89 -7.02 52.35 -25.78
N ASN H 90 -7.85 53.34 -26.15
CA ASN H 90 -8.61 54.13 -25.18
C ASN H 90 -9.53 53.26 -24.32
N SER H 91 -10.18 52.27 -24.94
CA SER H 91 -11.07 51.36 -24.23
C SER H 91 -10.27 50.46 -23.29
N PHE H 92 -9.10 50.04 -23.76
CA PHE H 92 -8.17 49.25 -22.96
C PHE H 92 -7.67 50.07 -21.76
N PHE H 93 -7.41 51.35 -22.01
CA PHE H 93 -7.01 52.29 -20.96
C PHE H 93 -7.97 52.34 -19.77
N LYS H 94 -9.27 52.39 -20.08
CA LYS H 94 -10.29 52.59 -19.05
C LYS H 94 -10.95 51.29 -18.59
N ASP H 95 -10.55 50.16 -19.17
CA ASP H 95 -11.12 48.86 -18.79
C ASP H 95 -10.98 48.60 -17.29
N GLN H 96 -11.94 47.89 -16.71
CA GLN H 96 -12.01 47.69 -15.26
C GLN H 96 -10.84 46.91 -14.72
N ASN H 97 -10.24 46.05 -15.54
CA ASN H 97 -9.13 45.23 -15.07
C ASN H 97 -7.77 45.81 -15.48
N THR H 98 -7.76 47.07 -15.89
CA THR H 98 -6.53 47.71 -16.37
C THR H 98 -5.96 48.72 -15.37
N LEU H 99 -4.70 48.54 -15.02
CA LEU H 99 -3.94 49.53 -14.27
C LEU H 99 -3.32 50.50 -15.28
N SER H 100 -3.79 51.75 -15.30
CA SER H 100 -3.41 52.67 -16.38
C SER H 100 -2.65 53.88 -15.84
N PHE H 101 -1.45 54.08 -16.37
CA PHE H 101 -0.54 55.09 -15.85
C PHE H 101 -0.54 56.32 -16.73
N THR H 102 -0.78 57.48 -16.13
CA THR H 102 -0.87 58.74 -16.87
C THR H 102 0.40 59.60 -16.72
N ASN H 103 1.29 59.21 -15.81
CA ASN H 103 2.53 59.94 -15.60
C ASN H 103 3.74 59.00 -15.71
N PHE H 104 3.73 58.20 -16.76
CA PHE H 104 4.78 57.20 -17.00
C PHE H 104 5.69 57.67 -18.14
N PHE H 105 6.99 57.71 -17.90
CA PHE H 105 7.94 58.30 -18.84
C PHE H 105 8.91 57.28 -19.45
N HIS H 106 9.25 57.45 -20.72
CA HIS H 106 10.33 56.67 -21.30
C HIS H 106 11.67 57.27 -20.86
N GLN H 107 12.70 56.44 -20.76
CA GLN H 107 13.98 56.90 -20.24
C GLN H 107 15.07 56.48 -21.20
N THR H 108 14.73 56.48 -22.48
CA THR H 108 15.66 56.06 -23.50
C THR H 108 16.61 57.18 -23.94
N GLY H 109 17.70 56.80 -24.58
CA GLY H 109 18.65 57.74 -25.15
C GLY H 109 18.87 57.44 -26.63
N GLN H 110 20.13 57.35 -27.04
CA GLN H 110 20.46 57.16 -28.45
C GLN H 110 20.16 55.75 -28.96
N GLY H 111 19.95 54.79 -28.06
CA GLY H 111 19.60 53.44 -28.48
C GLY H 111 18.13 53.34 -28.83
N LYS H 112 17.37 54.38 -28.51
CA LYS H 112 15.95 54.46 -28.86
C LYS H 112 15.16 53.20 -28.49
N TPO H 113 14.78 52.41 -29.49
CA TPO H 113 13.95 51.22 -29.26
CB TPO H 113 13.50 50.63 -30.60
CG2 TPO H 113 12.61 49.41 -30.35
OG1 TPO H 113 12.71 51.61 -31.27
P TPO H 113 13.40 52.07 -32.65
O1P TPO H 113 13.18 51.06 -33.72
O2P TPO H 113 12.71 53.46 -33.08
O3P TPO H 113 14.98 52.29 -32.44
C TPO H 113 14.67 50.16 -28.42
O TPO H 113 14.07 49.59 -27.51
N ALA H 114 15.95 49.95 -28.73
CA ALA H 114 16.80 49.02 -27.99
C ALA H 114 17.03 49.44 -26.54
N ASP H 115 17.04 50.75 -26.28
CA ASP H 115 17.17 51.25 -24.91
C ASP H 115 15.94 50.89 -24.05
N SER H 116 14.75 51.00 -24.64
CA SER H 116 13.53 50.59 -23.95
C SER H 116 13.55 49.10 -23.62
N GLU H 117 14.14 48.30 -24.52
CA GLU H 117 14.24 46.87 -24.28
C GLU H 117 15.21 46.57 -23.14
N MET H 118 16.35 47.27 -23.13
CA MET H 118 17.30 47.14 -22.01
C MET H 118 16.60 47.47 -20.69
N LEU H 119 15.82 48.53 -20.70
CA LEU H 119 15.08 48.96 -19.51
C LEU H 119 14.05 47.91 -19.08
N LEU H 120 13.25 47.42 -20.04
CA LEU H 120 12.19 46.46 -19.73
C LEU H 120 12.67 45.09 -19.31
N GLU H 121 13.71 44.59 -19.97
CA GLU H 121 14.17 43.23 -19.73
C GLU H 121 15.12 43.11 -18.54
N ASN H 122 15.81 44.20 -18.18
CA ASN H 122 16.87 44.12 -17.18
C ASN H 122 16.78 45.11 -16.02
N SER H 123 15.93 46.12 -16.17
CA SER H 123 15.85 47.25 -15.24
C SER H 123 17.22 47.92 -15.15
N LEU H 124 17.89 48.02 -16.30
CA LEU H 124 19.13 48.76 -16.46
C LEU H 124 18.92 49.82 -17.54
N TYR H 125 19.54 50.98 -17.39
CA TYR H 125 19.44 52.01 -18.43
C TYR H 125 20.29 51.62 -19.64
N GLY H 126 20.00 52.21 -20.79
CA GLY H 126 20.90 52.15 -21.92
C GLY H 126 22.18 52.94 -21.60
N LEU H 127 23.08 53.08 -22.56
CA LEU H 127 24.34 53.81 -22.31
C LEU H 127 24.15 55.33 -22.46
N PRO H 128 25.03 56.12 -21.83
CA PRO H 128 24.75 57.55 -21.98
C PRO H 128 24.91 58.03 -23.45
N GLN H 129 25.76 57.38 -24.23
CA GLN H 129 26.05 57.69 -25.62
C GLN H 129 26.07 56.36 -26.41
N GLY H 130 25.71 56.36 -27.69
CA GLY H 130 25.60 55.11 -28.44
C GLY H 130 24.56 54.08 -28.02
N SER H 131 24.63 52.86 -28.55
CA SER H 131 23.58 51.86 -28.26
C SER H 131 24.14 50.68 -27.47
N ALA H 132 23.60 50.45 -26.27
CA ALA H 132 24.06 49.33 -25.43
C ALA H 132 23.86 47.99 -26.13
N PHE H 133 22.76 47.85 -26.87
CA PHE H 133 22.51 46.63 -27.65
C PHE H 133 23.64 46.36 -28.64
N THR H 134 24.17 47.42 -29.24
CA THR H 134 25.23 47.30 -30.23
C THR H 134 26.59 46.88 -29.64
N THR H 135 26.92 47.44 -28.47
CA THR H 135 28.27 47.29 -27.91
C THR H 135 28.33 46.36 -26.70
N LYS H 136 27.19 46.05 -26.10
CA LYS H 136 27.15 45.18 -24.92
C LYS H 136 26.37 43.86 -25.15
N GLY H 137 26.40 43.37 -26.40
CA GLY H 137 25.71 42.14 -26.79
C GLY H 137 26.30 40.85 -26.23
N GLN H 138 27.51 40.94 -25.69
CA GLN H 138 28.18 39.78 -25.11
C GLN H 138 28.33 39.93 -23.61
N ASN H 139 27.63 40.92 -23.04
CA ASN H 139 27.56 41.04 -21.59
C ASN H 139 26.75 39.91 -20.98
N THR H 140 27.01 39.64 -19.72
CA THR H 140 26.17 38.73 -18.93
C THR H 140 24.96 39.50 -18.40
N TYR H 141 23.78 38.90 -18.57
CA TYR H 141 22.55 39.48 -18.08
C TYR H 141 21.78 38.48 -17.24
N GLU H 142 20.94 39.00 -16.37
CA GLU H 142 20.04 38.18 -15.60
C GLU H 142 18.65 38.76 -15.82
N SER H 143 18.17 38.61 -17.06
CA SER H 143 16.98 39.31 -17.54
C SER H 143 15.67 38.58 -17.22
N ALA H 144 14.57 39.24 -17.57
CA ALA H 144 13.23 38.71 -17.34
C ALA H 144 13.02 37.27 -17.85
N SER H 145 13.50 36.97 -19.06
N SER H 145 13.52 36.97 -19.05
CA SER H 145 13.39 35.64 -19.64
CA SER H 145 13.35 35.63 -19.63
C SER H 145 14.10 34.61 -18.78
C SER H 145 14.14 34.59 -18.84
N ALA H 146 15.25 35.01 -18.24
CA ALA H 146 16.06 34.14 -17.39
C ALA H 146 15.43 33.91 -16.02
N ILE H 147 14.92 34.99 -15.42
CA ILE H 147 14.27 34.93 -14.11
C ILE H 147 13.01 34.07 -14.12
N LEU H 148 12.16 34.29 -15.13
CA LEU H 148 10.91 33.52 -15.26
C LEU H 148 11.19 32.13 -15.76
N GLY H 149 12.25 32.00 -16.55
CA GLY H 149 12.86 30.73 -16.93
C GLY H 149 13.17 29.86 -15.71
N GLN H 150 13.58 30.49 -14.61
CA GLN H 150 13.88 29.80 -13.35
C GLN H 150 12.64 29.09 -12.83
N GLN H 151 11.47 29.54 -13.29
CA GLN H 151 10.19 28.97 -12.90
C GLN H 151 9.45 28.20 -14.02
N GLY H 152 10.17 27.88 -15.09
CA GLY H 152 9.59 27.08 -16.15
C GLY H 152 8.85 27.84 -17.23
N TYR H 153 9.05 29.15 -17.30
CA TYR H 153 8.46 29.97 -18.39
C TYR H 153 9.23 29.84 -19.69
N THR H 154 8.46 29.68 -20.77
CA THR H 154 8.99 29.74 -22.12
C THR H 154 8.97 31.21 -22.55
N SER H 155 9.97 31.64 -23.29
CA SER H 155 10.04 33.04 -23.66
C SER H 155 10.20 33.25 -25.16
N ALA H 156 9.63 34.33 -25.69
CA ALA H 156 9.73 34.60 -27.11
C ALA H 156 9.50 36.07 -27.45
N VAL H 157 10.26 36.56 -28.43
CA VAL H 157 10.01 37.87 -29.02
C VAL H 157 9.45 37.67 -30.44
N PHE H 158 8.46 38.48 -30.78
CA PHE H 158 7.88 38.51 -32.12
C PHE H 158 8.18 39.88 -32.75
N HIS H 159 8.71 39.88 -33.97
CA HIS H 159 9.04 41.14 -34.63
C HIS H 159 9.08 40.98 -36.15
N GLY H 160 8.43 41.90 -36.86
CA GLY H 160 8.31 41.81 -38.32
C GLY H 160 9.49 42.34 -39.11
N ASN H 161 10.69 42.24 -38.54
CA ASN H 161 11.93 42.61 -39.24
C ASN H 161 13.04 41.59 -38.92
N TYR H 162 14.16 41.64 -39.63
CA TYR H 162 15.20 40.60 -39.53
C TYR H 162 16.03 40.75 -38.26
N LYS H 163 16.48 39.62 -37.72
CA LYS H 163 17.07 39.58 -36.39
C LYS H 163 18.41 40.31 -36.28
N SER H 164 19.01 40.65 -37.42
CA SER H 164 20.29 41.35 -37.41
C SER H 164 20.19 42.79 -36.88
N PHE H 165 19.00 43.37 -36.99
CA PHE H 165 18.80 44.77 -36.63
C PHE H 165 18.90 44.97 -35.13
N TRP H 166 19.55 46.07 -34.74
CA TRP H 166 19.86 46.36 -33.34
C TRP H 166 20.58 45.23 -32.62
N ASN H 167 21.24 44.35 -33.36
CA ASN H 167 22.03 43.27 -32.78
C ASN H 167 21.14 42.37 -31.88
N ARG H 168 19.84 42.28 -32.18
CA ARG H 168 18.94 41.49 -31.33
C ARG H 168 19.29 40.01 -31.29
N ASP H 169 19.69 39.48 -32.44
CA ASP H 169 20.07 38.07 -32.60
C ASP H 169 21.10 37.65 -31.55
N GLU H 170 22.09 38.51 -31.32
CA GLU H 170 23.16 38.20 -30.38
C GLU H 170 22.75 38.37 -28.91
N ILE H 171 22.25 39.55 -28.55
CA ILE H 171 22.01 39.88 -27.15
C ILE H 171 20.79 39.14 -26.55
N TYR H 172 19.83 38.76 -27.39
CA TYR H 172 18.68 37.96 -26.94
C TYR H 172 19.10 36.61 -26.33
N LYS H 173 20.22 36.06 -26.82
CA LYS H 173 20.77 34.80 -26.30
C LYS H 173 21.38 34.97 -24.91
N GLN H 174 21.94 36.15 -24.65
CA GLN H 174 22.45 36.51 -23.32
C GLN H 174 21.29 36.75 -22.34
N PHE H 175 20.17 37.28 -22.85
CA PHE H 175 18.96 37.46 -22.06
C PHE H 175 18.33 36.11 -21.75
N GLY H 176 18.48 35.16 -22.68
CA GLY H 176 17.88 33.84 -22.54
C GLY H 176 16.48 33.73 -23.13
N TYR H 177 16.24 34.43 -24.22
CA TYR H 177 14.98 34.27 -24.94
C TYR H 177 14.97 32.95 -25.69
N ASP H 178 14.01 32.07 -25.38
CA ASP H 178 13.94 30.76 -26.02
C ASP H 178 13.72 30.85 -27.50
N ASN H 179 12.89 31.82 -27.91
CA ASN H 179 12.53 31.95 -29.32
C ASN H 179 12.60 33.40 -29.79
N PHE H 180 12.99 33.59 -31.05
CA PHE H 180 12.89 34.89 -31.70
C PHE H 180 12.23 34.67 -33.06
N PHE H 181 10.93 34.96 -33.12
CA PHE H 181 10.20 34.88 -34.37
C PHE H 181 10.42 36.18 -35.14
N ASP H 182 11.52 36.26 -35.89
CA ASP H 182 11.80 37.46 -36.65
C ASP H 182 11.16 37.36 -38.05
N ALA H 183 11.58 38.25 -38.96
CA ALA H 183 10.96 38.37 -40.28
C ALA H 183 10.96 37.09 -41.10
N SER H 184 11.93 36.20 -40.85
CA SER H 184 12.02 34.94 -41.59
C SER H 184 10.83 34.00 -41.34
N TYR H 185 10.11 34.26 -40.25
CA TYR H 185 8.96 33.42 -39.90
C TYR H 185 7.68 34.01 -40.49
N TYR H 186 7.82 35.08 -41.27
CA TYR H 186 6.66 35.79 -41.79
C TYR H 186 6.68 35.83 -43.32
N ASP H 187 5.52 36.13 -43.89
CA ASP H 187 5.37 36.25 -45.33
C ASP H 187 5.71 37.68 -45.76
N MET H 188 6.94 37.89 -46.22
CA MET H 188 7.41 39.24 -46.51
C MET H 188 7.15 39.68 -47.96
N ASN H 189 5.92 39.53 -48.44
CA ASN H 189 5.58 39.95 -49.81
C ASN H 189 5.54 41.49 -49.93
N GLU H 190 5.50 42.00 -51.17
CA GLU H 190 5.71 43.43 -51.39
C GLU H 190 4.49 44.30 -51.04
N ALA H 191 3.32 43.68 -50.94
CA ALA H 191 2.12 44.41 -50.55
C ALA H 191 2.00 44.63 -49.05
N ASP H 192 2.61 43.73 -48.27
CA ASP H 192 2.44 43.72 -46.80
C ASP H 192 3.65 44.32 -46.06
N VAL H 193 4.63 44.81 -46.83
CA VAL H 193 5.90 45.25 -46.28
C VAL H 193 6.13 46.75 -46.50
N SER H 194 6.56 47.44 -45.45
CA SER H 194 6.95 48.85 -45.50
C SER H 194 8.48 48.99 -45.50
N ASN H 195 9.02 50.16 -45.19
CA ASN H 195 10.48 50.31 -45.26
C ASN H 195 11.14 49.98 -43.94
N TYR H 196 10.33 49.63 -42.95
CA TYR H 196 10.86 49.03 -41.73
C TYR H 196 10.54 47.55 -41.57
N GLY H 197 9.75 47.00 -42.49
CA GLY H 197 9.42 45.59 -42.43
C GLY H 197 7.93 45.33 -42.55
N LEU H 198 7.50 44.22 -41.96
CA LEU H 198 6.12 43.77 -42.05
C LEU H 198 5.17 44.72 -41.35
N LYS H 199 4.05 45.04 -42.00
CA LYS H 199 3.05 45.95 -41.42
C LYS H 199 2.35 45.29 -40.24
N ASP H 200 1.82 46.10 -39.33
CA ASP H 200 1.33 45.57 -38.06
C ASP H 200 0.16 44.58 -38.22
N LYS H 201 -0.71 44.83 -39.19
CA LYS H 201 -1.89 43.98 -39.37
C LYS H 201 -1.54 42.57 -39.89
N PRO H 202 -0.74 42.47 -40.98
CA PRO H 202 -0.32 41.11 -41.30
C PRO H 202 0.60 40.49 -40.24
N PHE H 203 1.38 41.31 -39.54
CA PHE H 203 2.25 40.84 -38.46
C PHE H 203 1.49 40.11 -37.34
N PHE H 204 0.47 40.76 -36.79
CA PHE H 204 -0.30 40.19 -35.68
C PHE H 204 -1.12 38.97 -36.10
N LYS H 205 -1.60 38.94 -37.34
CA LYS H 205 -2.40 37.82 -37.81
C LYS H 205 -1.55 36.57 -38.04
N GLU H 206 -0.31 36.76 -38.50
CA GLU H 206 0.61 35.64 -38.74
C GLU H 206 1.32 35.18 -37.47
N SER H 207 1.23 35.98 -36.43
CA SER H 207 1.82 35.62 -35.15
C SER H 207 0.95 34.61 -34.41
N GLU H 208 -0.30 34.47 -34.85
CA GLU H 208 -1.28 33.66 -34.14
C GLU H 208 -0.89 32.19 -34.16
N GLU H 209 -0.46 31.71 -35.32
CA GLU H 209 0.02 30.34 -35.47
C GLU H 209 1.13 30.00 -34.46
N TYR H 210 2.06 30.92 -34.30
CA TYR H 210 3.21 30.72 -33.43
C TYR H 210 2.87 30.83 -31.95
N LEU H 211 2.03 31.81 -31.62
CA LEU H 211 1.66 32.04 -30.24
C LEU H 211 0.80 30.89 -29.72
N SER H 212 -0.04 30.35 -30.59
CA SER H 212 -0.95 29.29 -30.20
C SER H 212 -0.22 27.97 -29.93
N SER H 213 1.00 27.87 -30.47
CA SER H 213 1.82 26.68 -30.28
C SER H 213 3.04 26.91 -29.35
N LEU H 214 3.06 28.05 -28.65
CA LEU H 214 4.12 28.32 -27.68
C LEU H 214 3.75 27.71 -26.33
N GLN H 215 4.68 26.97 -25.74
CA GLN H 215 4.40 26.29 -24.48
C GLN H 215 4.09 27.28 -23.35
N GLN H 216 2.99 27.02 -22.62
CA GLN H 216 2.57 27.83 -21.47
C GLN H 216 3.02 27.23 -20.14
N PRO H 217 3.30 28.08 -19.15
CA PRO H 217 3.21 29.55 -19.18
C PRO H 217 4.31 30.19 -20.02
N PHE H 218 4.01 31.28 -20.72
CA PHE H 218 5.05 31.94 -21.48
C PHE H 218 5.24 33.42 -21.15
N TYR H 219 6.41 33.93 -21.55
CA TYR H 219 6.76 35.33 -21.41
C TYR H 219 7.09 35.86 -22.79
N THR H 220 6.22 36.71 -23.35
CA THR H 220 6.37 37.12 -24.76
C THR H 220 6.38 38.63 -24.97
N LYS H 221 6.99 39.06 -26.07
CA LYS H 221 6.94 40.47 -26.40
C LYS H 221 6.65 40.66 -27.89
N PHE H 222 5.64 41.48 -28.20
CA PHE H 222 5.28 41.77 -29.59
C PHE H 222 5.68 43.19 -29.97
N ILE H 223 6.75 43.28 -30.75
CA ILE H 223 7.29 44.57 -31.15
C ILE H 223 6.75 45.00 -32.51
N THR H 224 5.80 45.94 -32.49
CA THR H 224 5.22 46.48 -33.71
C THR H 224 6.20 47.42 -34.39
N LEU H 225 5.92 47.85 -35.62
CA LEU H 225 6.88 48.68 -36.35
C LEU H 225 6.29 49.69 -37.35
N THR H 226 5.00 49.62 -37.64
CA THR H 226 4.40 50.51 -38.64
C THR H 226 4.46 51.98 -38.20
N ASN H 227 4.36 52.23 -36.91
CA ASN H 227 4.38 53.59 -36.36
C ASN H 227 5.81 54.10 -36.14
N HIS H 228 6.60 54.11 -37.21
CA HIS H 228 7.93 54.72 -37.22
C HIS H 228 7.94 56.05 -37.97
N PHE H 229 8.74 57.00 -37.50
CA PHE H 229 9.04 58.22 -38.23
C PHE H 229 9.59 57.87 -39.62
N PRO H 230 9.17 58.62 -40.67
CA PRO H 230 8.27 59.78 -40.68
C PRO H 230 6.77 59.44 -40.86
N TYR H 231 6.36 58.25 -40.43
CA TYR H 231 4.95 57.83 -40.40
C TYR H 231 4.24 57.82 -41.76
N PRO H 232 4.79 57.09 -42.74
CA PRO H 232 4.10 56.94 -44.03
C PRO H 232 2.99 55.91 -43.97
N ILE H 233 1.92 56.14 -44.73
CA ILE H 233 0.84 55.16 -44.84
C ILE H 233 0.15 55.30 -46.21
N ASP H 234 -0.16 54.18 -46.85
CA ASP H 234 -0.92 54.21 -48.10
C ASP H 234 -2.37 54.64 -47.83
N GLU H 235 -2.92 55.38 -48.78
CA GLU H 235 -4.28 55.91 -48.68
C GLU H 235 -5.34 54.85 -48.37
N LYS H 236 -5.17 53.65 -48.91
CA LYS H 236 -6.16 52.58 -48.76
C LYS H 236 -6.04 51.85 -47.42
N ASP H 237 -4.92 52.01 -46.74
CA ASP H 237 -4.76 51.43 -45.41
C ASP H 237 -5.22 52.39 -44.32
N ALA H 238 -5.41 53.66 -44.68
CA ALA H 238 -5.73 54.70 -43.69
C ALA H 238 -7.24 54.87 -43.50
N SER H 239 -7.70 54.73 -42.25
CA SER H 239 -9.12 54.91 -41.96
C SER H 239 -9.43 56.28 -41.37
N ILE H 240 -8.40 57.07 -41.13
CA ILE H 240 -8.57 58.43 -40.63
C ILE H 240 -7.74 59.41 -41.48
N ALA H 241 -8.23 60.64 -41.60
CA ALA H 241 -7.53 61.66 -42.39
C ALA H 241 -6.38 62.23 -41.57
N PRO H 242 -5.36 62.78 -42.26
CA PRO H 242 -4.25 63.39 -41.52
C PRO H 242 -4.67 64.63 -40.74
N ALA H 243 -3.89 64.99 -39.74
CA ALA H 243 -4.08 66.27 -39.07
C ALA H 243 -3.76 67.39 -40.07
N THR H 244 -4.01 68.62 -39.68
CA THR H 244 -3.86 69.69 -40.65
C THR H 244 -2.90 70.75 -40.14
N THR H 245 -1.80 70.35 -39.52
CA THR H 245 -0.85 71.32 -38.96
C THR H 245 0.06 71.92 -40.01
N GLY H 246 0.20 71.25 -41.15
CA GLY H 246 1.10 71.66 -42.20
C GLY H 246 2.51 71.10 -42.05
N ASP H 247 2.71 70.39 -40.93
CA ASP H 247 3.94 69.68 -40.64
C ASP H 247 3.66 68.20 -40.96
N SER H 248 4.27 67.71 -42.05
CA SER H 248 3.91 66.41 -42.65
C SER H 248 4.01 65.20 -41.72
N SER H 249 5.14 65.07 -41.02
CA SER H 249 5.38 63.92 -40.16
C SER H 249 4.45 63.95 -38.94
N VAL H 250 4.10 65.15 -38.50
CA VAL H 250 3.14 65.29 -37.41
C VAL H 250 1.74 64.89 -37.84
N ASP H 251 1.35 65.28 -39.05
CA ASP H 251 0.00 65.07 -39.56
C ASP H 251 -0.31 63.61 -39.86
N THR H 252 0.66 62.84 -40.35
CA THR H 252 0.40 61.45 -40.68
C THR H 252 0.69 60.49 -39.51
N TYR H 253 1.34 60.99 -38.47
CA TYR H 253 1.57 60.25 -37.23
C TYR H 253 0.26 59.69 -36.67
N PHE H 254 -0.79 60.51 -36.77
CA PHE H 254 -2.12 60.19 -36.28
C PHE H 254 -2.73 59.05 -37.08
N GLN H 255 -2.34 58.93 -38.34
CA GLN H 255 -2.85 57.89 -39.22
C GLN H 255 -2.22 56.54 -38.97
N THR H 256 -0.91 56.53 -38.75
CA THR H 256 -0.21 55.28 -38.44
C THR H 256 -0.54 54.81 -37.01
N ALA H 257 -0.85 55.77 -36.14
CA ALA H 257 -1.30 55.49 -34.77
C ALA H 257 -2.67 54.81 -34.79
N ARG H 258 -3.55 55.29 -35.66
CA ARG H 258 -4.88 54.68 -35.85
C ARG H 258 -4.72 53.26 -36.38
N TYR H 259 -3.81 53.09 -37.35
CA TYR H 259 -3.53 51.79 -37.94
C TYR H 259 -2.99 50.83 -36.88
N LEU H 260 -2.07 51.30 -36.04
CA LEU H 260 -1.55 50.49 -34.95
C LEU H 260 -2.68 50.11 -34.01
N ASP H 261 -3.52 51.07 -33.65
CA ASP H 261 -4.69 50.81 -32.82
C ASP H 261 -5.59 49.70 -33.37
N GLU H 262 -5.89 49.77 -34.68
CA GLU H 262 -6.75 48.77 -35.31
C GLU H 262 -6.10 47.39 -35.32
N SER H 263 -4.79 47.35 -35.58
CA SER H 263 -4.09 46.08 -35.59
C SER H 263 -4.09 45.46 -34.19
N VAL H 264 -3.92 46.30 -33.17
CA VAL H 264 -3.88 45.83 -31.78
C VAL H 264 -5.27 45.33 -31.36
N LYS H 265 -6.31 46.01 -31.82
CA LYS H 265 -7.66 45.59 -31.54
C LYS H 265 -7.91 44.19 -32.09
N SER H 266 -7.45 43.95 -33.31
N SER H 266 -7.44 43.93 -33.31
CA SER H 266 -7.58 42.64 -33.95
CA SER H 266 -7.59 42.62 -33.93
C SER H 266 -6.80 41.56 -33.20
C SER H 266 -6.79 41.54 -33.21
N PHE H 267 -5.62 41.91 -32.70
CA PHE H 267 -4.78 40.98 -31.93
C PHE H 267 -5.45 40.57 -30.61
N VAL H 268 -6.02 41.53 -29.89
CA VAL H 268 -6.68 41.23 -28.62
C VAL H 268 -7.96 40.39 -28.84
N ASP H 269 -8.65 40.62 -29.96
CA ASP H 269 -9.76 39.73 -30.38
C ASP H 269 -9.32 38.26 -30.43
N TYR H 270 -8.16 38.02 -31.03
CA TYR H 270 -7.53 36.69 -31.08
C TYR H 270 -7.25 36.18 -29.68
N LEU H 271 -6.68 37.04 -28.83
CA LEU H 271 -6.34 36.70 -27.44
C LEU H 271 -7.59 36.28 -26.64
N LYS H 272 -8.70 37.00 -26.86
CA LYS H 272 -9.97 36.66 -26.22
C LYS H 272 -10.58 35.36 -26.73
N LYS H 273 -10.50 35.15 -28.05
CA LYS H 273 -11.06 33.93 -28.66
C LYS H 273 -10.22 32.69 -28.33
N SER H 274 -8.92 32.86 -28.13
CA SER H 274 -8.03 31.76 -27.76
C SER H 274 -8.02 31.52 -26.25
N GLY H 275 -8.65 32.41 -25.49
CA GLY H 275 -8.66 32.28 -24.05
C GLY H 275 -7.42 32.84 -23.37
N LEU H 276 -6.48 33.36 -24.17
CA LEU H 276 -5.25 33.93 -23.62
C LEU H 276 -5.51 35.22 -22.85
N TYR H 277 -6.61 35.91 -23.20
CA TYR H 277 -7.02 37.14 -22.52
C TYR H 277 -7.26 36.93 -21.02
N ASP H 278 -7.70 35.74 -20.67
CA ASP H 278 -8.11 35.42 -19.29
C ASP H 278 -7.00 34.81 -18.46
N ASN H 279 -5.93 34.37 -19.11
CA ASN H 279 -4.82 33.77 -18.36
C ASN H 279 -3.48 34.45 -18.60
N SER H 280 -3.51 35.68 -19.08
CA SER H 280 -2.28 36.40 -19.35
C SER H 280 -2.32 37.80 -18.78
N VAL H 281 -1.17 38.26 -18.30
CA VAL H 281 -1.00 39.67 -18.04
C VAL H 281 -0.65 40.35 -19.38
N ILE H 282 -1.55 41.23 -19.84
CA ILE H 282 -1.33 41.95 -21.08
C ILE H 282 -0.90 43.38 -20.78
N ILE H 283 0.26 43.77 -21.28
CA ILE H 283 0.85 45.07 -20.96
C ILE H 283 1.15 45.89 -22.22
N MET H 284 0.41 46.99 -22.42
CA MET H 284 0.67 47.93 -23.52
C MET H 284 1.55 49.08 -23.06
N TYR H 285 2.61 49.36 -23.83
CA TYR H 285 3.52 50.45 -23.49
C TYR H 285 4.08 51.09 -24.74
N GLY H 286 4.47 52.36 -24.63
CA GLY H 286 5.21 53.05 -25.68
C GLY H 286 6.69 53.04 -25.35
N ASP H 287 7.54 53.04 -26.36
CA ASP H 287 8.98 52.91 -26.10
C ASP H 287 9.71 54.25 -26.05
N HIS H 288 9.27 55.20 -26.89
CA HIS H 288 9.82 56.55 -26.88
C HIS H 288 8.91 57.50 -27.66
N TYR H 289 9.29 58.77 -27.72
CA TYR H 289 8.46 59.79 -28.37
C TYR H 289 8.29 59.51 -29.85
N GLY H 290 7.17 59.96 -30.39
CA GLY H 290 6.93 59.89 -31.82
C GLY H 290 7.31 61.18 -32.51
N ILE H 291 7.05 62.30 -31.83
CA ILE H 291 7.35 63.64 -32.34
C ILE H 291 8.50 64.29 -31.54
N SER H 292 9.56 64.70 -32.23
CA SER H 292 10.72 65.32 -31.59
C SER H 292 10.41 66.73 -31.08
N ASP H 293 11.45 67.41 -30.59
CA ASP H 293 11.33 68.79 -30.13
C ASP H 293 11.49 69.77 -31.30
N ASN H 294 11.46 69.25 -32.53
CA ASN H 294 11.66 70.09 -33.69
C ASN H 294 10.38 70.33 -34.47
N HIS H 295 9.24 70.29 -33.77
CA HIS H 295 7.96 70.53 -34.41
C HIS H 295 7.08 71.39 -33.52
N GLU H 296 7.65 72.46 -33.00
CA GLU H 296 7.01 73.28 -31.98
C GLU H 296 5.70 73.90 -32.44
N GLU H 297 5.66 74.42 -33.66
CA GLU H 297 4.42 75.03 -34.14
C GLU H 297 3.26 74.05 -34.25
N ALA H 298 3.55 72.87 -34.82
CA ALA H 298 2.52 71.86 -35.01
C ALA H 298 2.05 71.30 -33.66
N MET H 299 3.01 71.03 -32.78
CA MET H 299 2.68 70.46 -31.48
C MET H 299 2.01 71.52 -30.61
N THR H 300 2.28 72.78 -30.89
CA THR H 300 1.51 73.87 -30.28
C THR H 300 0.03 73.76 -30.69
N LYS H 301 -0.19 73.50 -31.98
CA LYS H 301 -1.56 73.33 -32.46
C LYS H 301 -2.20 72.06 -31.93
N ILE H 302 -1.45 70.95 -31.98
CA ILE H 302 -1.98 69.65 -31.58
C ILE H 302 -2.43 69.60 -30.10
N LEU H 303 -1.65 70.20 -29.19
CA LEU H 303 -1.93 70.08 -27.75
C LEU H 303 -2.67 71.29 -27.18
N GLY H 304 -2.82 72.34 -27.98
CA GLY H 304 -3.61 73.48 -27.58
C GLY H 304 -2.93 74.42 -26.61
N LYS H 305 -1.60 74.38 -26.57
CA LYS H 305 -0.85 75.27 -25.70
C LYS H 305 0.58 75.41 -26.26
N ASP H 306 1.25 76.49 -25.87
CA ASP H 306 2.60 76.79 -26.35
C ASP H 306 3.57 75.64 -26.04
N TYR H 307 4.10 75.03 -27.10
CA TYR H 307 5.00 73.88 -26.94
C TYR H 307 6.39 74.36 -26.61
N ASN H 308 6.59 74.75 -25.35
CA ASN H 308 7.91 75.22 -24.89
C ASN H 308 8.77 74.07 -24.36
N THR H 309 9.93 74.41 -23.82
CA THR H 309 10.88 73.43 -23.32
C THR H 309 10.26 72.57 -22.22
N PHE H 310 9.45 73.19 -21.38
CA PHE H 310 8.76 72.48 -20.30
C PHE H 310 7.75 71.46 -20.84
N GLU H 311 6.94 71.86 -21.82
CA GLU H 311 5.90 70.99 -22.37
C GLU H 311 6.49 69.79 -23.11
N ASN H 312 7.62 70.00 -23.76
CA ASN H 312 8.29 68.91 -24.49
C ASN H 312 8.72 67.78 -23.54
N ALA H 313 9.19 68.16 -22.35
CA ALA H 313 9.49 67.19 -21.30
C ALA H 313 8.23 66.44 -20.89
N GLN H 314 7.12 67.16 -20.77
CA GLN H 314 5.86 66.58 -20.34
C GLN H 314 5.33 65.62 -21.40
N ALA H 315 5.72 65.87 -22.64
CA ALA H 315 5.32 65.06 -23.79
C ALA H 315 6.10 63.74 -23.87
N GLN H 316 7.07 63.55 -22.96
CA GLN H 316 7.87 62.33 -22.92
C GLN H 316 7.12 61.23 -22.18
N ARG H 317 5.89 61.51 -21.74
CA ARG H 317 5.02 60.46 -21.23
C ARG H 317 4.66 59.44 -22.31
N VAL H 318 4.78 58.16 -21.96
CA VAL H 318 4.34 57.08 -22.83
C VAL H 318 3.33 56.22 -22.08
N PRO H 319 2.50 55.45 -22.81
CA PRO H 319 1.49 54.66 -22.10
C PRO H 319 2.06 53.51 -21.28
N LEU H 320 1.37 53.16 -20.21
CA LEU H 320 1.55 51.87 -19.56
C LEU H 320 0.19 51.38 -19.12
N MET H 321 -0.27 50.30 -19.74
CA MET H 321 -1.58 49.77 -19.43
C MET H 321 -1.47 48.28 -19.14
N ILE H 322 -1.71 47.93 -17.88
CA ILE H 322 -1.54 46.57 -17.41
C ILE H 322 -2.89 45.91 -17.10
N HIS H 323 -3.30 44.96 -17.95
CA HIS H 323 -4.54 44.21 -17.75
C HIS H 323 -4.26 42.97 -16.90
N VAL H 324 -4.81 42.93 -15.71
CA VAL H 324 -4.62 41.78 -14.84
C VAL H 324 -5.98 41.15 -14.60
N PRO H 325 -6.18 39.92 -15.08
CA PRO H 325 -7.47 39.21 -14.91
C PRO H 325 -7.91 39.11 -13.45
N GLY H 326 -9.15 39.51 -13.17
CA GLY H 326 -9.73 39.31 -11.84
C GLY H 326 -9.29 40.33 -10.80
N VAL H 327 -8.53 41.32 -11.23
CA VAL H 327 -8.00 42.32 -10.32
C VAL H 327 -8.58 43.70 -10.66
N GLN H 328 -8.93 44.49 -9.64
CA GLN H 328 -9.47 45.83 -9.88
C GLN H 328 -8.40 46.80 -10.38
N GLY H 329 -8.64 47.37 -11.55
CA GLY H 329 -7.70 48.30 -12.14
C GLY H 329 -8.03 49.70 -11.68
N GLY H 330 -7.63 50.68 -12.47
CA GLY H 330 -7.84 52.06 -12.10
C GLY H 330 -6.70 52.93 -12.56
N VAL H 331 -6.94 54.23 -12.64
CA VAL H 331 -5.90 55.18 -13.02
C VAL H 331 -4.80 55.27 -11.96
N GLN H 332 -3.57 55.12 -12.42
CA GLN H 332 -2.40 55.22 -11.56
C GLN H 332 -1.67 56.52 -11.87
N GLU H 333 -1.67 57.45 -10.91
CA GLU H 333 -1.09 58.79 -11.14
C GLU H 333 0.34 58.94 -10.61
N GLN H 334 0.82 57.95 -9.87
CA GLN H 334 2.17 57.98 -9.32
C GLN H 334 3.19 58.05 -10.45
N TYR H 335 4.18 58.92 -10.33
CA TYR H 335 5.19 59.11 -11.35
C TYR H 335 6.16 57.92 -11.40
N GLY H 336 6.49 57.47 -12.60
CA GLY H 336 7.47 56.39 -12.79
C GLY H 336 8.01 56.33 -14.20
N GLY H 337 8.95 55.42 -14.45
CA GLY H 337 9.56 55.28 -15.76
C GLY H 337 9.72 53.83 -16.20
N GLN H 338 10.20 53.61 -17.42
CA GLN H 338 10.36 52.26 -17.95
C GLN H 338 11.26 51.37 -17.07
N VAL H 339 12.20 51.98 -16.36
CA VAL H 339 13.12 51.25 -15.48
C VAL H 339 12.35 50.54 -14.33
N ASP H 340 11.14 51.03 -14.04
CA ASP H 340 10.32 50.50 -12.95
C ASP H 340 9.43 49.31 -13.39
N LEU H 341 9.40 49.02 -14.68
CA LEU H 341 8.44 48.05 -15.21
C LEU H 341 8.70 46.61 -14.78
N LEU H 342 9.94 46.15 -14.89
CA LEU H 342 10.27 44.77 -14.50
C LEU H 342 10.03 44.48 -13.01
N PRO H 343 10.49 45.37 -12.10
CA PRO H 343 10.14 45.11 -10.70
C PRO H 343 8.64 45.04 -10.47
N THR H 344 7.90 45.87 -11.21
CA THR H 344 6.45 45.86 -11.16
C THR H 344 5.85 44.52 -11.65
N LEU H 345 6.35 44.03 -12.78
CA LEU H 345 5.84 42.78 -13.34
C LEU H 345 6.09 41.61 -12.42
N LEU H 346 7.31 41.52 -11.90
CA LEU H 346 7.71 40.39 -11.07
C LEU H 346 6.87 40.27 -9.79
N HIS H 347 6.59 41.39 -9.14
CA HIS H 347 5.76 41.39 -7.94
C HIS H 347 4.32 40.94 -8.24
N LEU H 348 3.77 41.33 -9.37
CA LEU H 348 2.45 40.87 -9.78
C LEU H 348 2.42 39.36 -9.93
N LEU H 349 3.51 38.82 -10.46
CA LEU H 349 3.67 37.39 -10.70
C LEU H 349 4.09 36.62 -9.44
N GLY H 350 4.34 37.34 -8.36
CA GLY H 350 4.75 36.74 -7.12
C GLY H 350 6.24 36.44 -7.00
N VAL H 351 7.06 37.13 -7.79
CA VAL H 351 8.50 36.90 -7.74
C VAL H 351 9.23 38.01 -6.97
N ASP H 352 9.98 37.63 -5.95
CA ASP H 352 10.78 38.59 -5.17
C ASP H 352 12.09 38.91 -5.92
N ASN H 353 12.38 40.20 -6.12
CA ASN H 353 13.56 40.58 -6.91
C ASN H 353 14.61 41.33 -6.12
N LYS H 354 14.57 41.18 -4.80
CA LYS H 354 15.39 41.98 -3.88
C LYS H 354 16.89 41.80 -4.07
N GLU H 355 17.32 40.62 -4.53
CA GLU H 355 18.75 40.34 -4.69
C GLU H 355 19.28 40.61 -6.09
N TYR H 356 18.38 41.01 -6.98
CA TYR H 356 18.74 41.29 -8.36
C TYR H 356 19.29 42.70 -8.50
N LEU H 357 20.24 42.89 -9.40
CA LEU H 357 20.78 44.22 -9.65
C LEU H 357 19.82 44.97 -10.56
N GLN H 358 18.80 45.56 -9.95
CA GLN H 358 17.77 46.25 -10.71
C GLN H 358 17.53 47.62 -10.10
N PHE H 359 17.47 48.63 -10.96
CA PHE H 359 17.43 50.01 -10.47
C PHE H 359 16.03 50.56 -10.29
N GLY H 360 15.03 49.88 -10.85
CA GLY H 360 13.66 50.33 -10.74
C GLY H 360 12.99 49.83 -9.47
N THR H 361 11.82 50.37 -9.17
CA THR H 361 11.04 49.92 -8.02
C THR H 361 9.58 49.71 -8.39
N ASP H 362 8.93 48.77 -7.69
CA ASP H 362 7.54 48.40 -7.90
C ASP H 362 6.61 49.61 -7.92
N LEU H 363 5.94 49.82 -9.06
CA LEU H 363 5.05 50.97 -9.25
C LEU H 363 3.79 50.91 -8.38
N LEU H 364 3.48 49.72 -7.91
CA LEU H 364 2.28 49.54 -7.12
C LEU H 364 2.61 49.56 -5.64
N SER H 365 3.89 49.66 -5.32
CA SER H 365 4.30 49.69 -3.91
C SER H 365 4.18 51.09 -3.35
N LYS H 366 3.77 51.18 -2.09
CA LYS H 366 3.66 52.46 -1.39
C LYS H 366 5.03 53.11 -1.18
N ASP H 367 6.11 52.32 -1.29
CA ASP H 367 7.45 52.85 -1.11
C ASP H 367 8.13 53.28 -2.42
N HIS H 368 7.40 53.21 -3.52
CA HIS H 368 7.92 53.74 -4.77
C HIS H 368 8.09 55.26 -4.65
N LYS H 369 9.30 55.75 -4.91
CA LYS H 369 9.54 57.18 -4.92
C LYS H 369 9.16 57.74 -6.27
N GLN H 370 8.46 58.87 -6.26
CA GLN H 370 8.01 59.50 -7.48
C GLN H 370 9.11 60.39 -8.06
N LEU H 371 10.15 59.74 -8.57
CA LEU H 371 11.29 60.41 -9.18
C LEU H 371 11.69 59.66 -10.47
N VAL H 372 11.70 60.38 -11.59
CA VAL H 372 11.94 59.78 -12.90
C VAL H 372 13.17 60.38 -13.58
N PRO H 373 14.32 59.69 -13.48
CA PRO H 373 15.53 60.13 -14.19
C PRO H 373 15.37 60.13 -15.71
N PHE H 374 15.88 61.15 -16.37
CA PHE H 374 16.05 61.09 -17.83
C PHE H 374 17.49 60.70 -18.10
N ARG H 375 17.75 60.15 -19.29
CA ARG H 375 19.09 59.63 -19.59
C ARG H 375 20.16 60.73 -19.60
N ASN H 376 19.77 61.96 -19.92
CA ASN H 376 20.73 63.08 -19.97
C ASN H 376 21.00 63.73 -18.62
N GLY H 377 20.43 63.16 -17.56
CA GLY H 377 20.63 63.66 -16.22
C GLY H 377 19.46 64.47 -15.70
N ASP H 378 18.55 64.84 -16.60
CA ASP H 378 17.31 65.49 -16.21
C ASP H 378 16.46 64.55 -15.37
N TYR H 379 15.41 65.09 -14.77
CA TYR H 379 14.50 64.28 -13.97
C TYR H 379 13.15 64.95 -13.75
N ILE H 380 12.14 64.14 -13.47
CA ILE H 380 10.79 64.62 -13.18
C ILE H 380 10.38 64.20 -11.77
N THR H 381 9.85 65.13 -10.95
CA THR H 381 9.17 64.77 -9.69
C THR H 381 7.81 65.50 -9.71
N PRO H 382 6.88 65.13 -8.82
CA PRO H 382 5.59 65.85 -8.81
C PRO H 382 5.70 67.34 -8.40
N THR H 383 6.80 67.76 -7.78
CA THR H 383 6.90 69.16 -7.33
C THR H 383 7.81 70.00 -8.22
N TYR H 384 9.09 69.62 -8.28
CA TYR H 384 10.08 70.30 -9.11
C TYR H 384 10.74 69.34 -10.11
N SER H 385 11.09 69.86 -11.29
CA SER H 385 11.74 69.03 -12.31
C SER H 385 12.96 69.74 -12.88
N MET H 386 13.98 68.98 -13.24
CA MET H 386 15.10 69.58 -13.95
C MET H 386 14.98 69.20 -15.42
N ILE H 387 14.93 70.20 -16.28
CA ILE H 387 14.72 70.03 -17.72
C ILE H 387 15.72 70.88 -18.46
N GLY H 388 16.58 70.25 -19.26
CA GLY H 388 17.67 70.94 -19.91
C GLY H 388 18.65 71.56 -18.93
N GLY H 389 18.74 70.95 -17.75
CA GLY H 389 19.65 71.41 -16.70
C GLY H 389 19.11 72.53 -15.84
N ASN H 390 17.90 73.00 -16.15
CA ASN H 390 17.30 74.10 -15.40
C ASN H 390 16.07 73.67 -14.59
N MET H 391 15.77 74.41 -13.52
CA MET H 391 14.71 74.00 -12.63
C MET H 391 13.36 74.60 -13.02
N TYR H 392 12.31 73.79 -12.90
CA TYR H 392 10.93 74.18 -13.19
C TYR H 392 9.98 73.67 -12.11
N ASN H 393 8.95 74.45 -11.83
CA ASN H 393 7.81 74.00 -11.04
C ASN H 393 7.04 73.02 -11.89
N GLN H 394 6.95 71.77 -11.45
CA GLN H 394 6.32 70.72 -12.25
C GLN H 394 4.81 70.96 -12.43
N GLN H 395 4.17 71.56 -11.43
CA GLN H 395 2.72 71.77 -11.46
C GLN H 395 2.29 72.98 -12.28
N THR H 396 3.14 74.00 -12.32
CA THR H 396 2.81 75.26 -12.99
C THR H 396 3.60 75.49 -14.28
N GLY H 397 4.77 74.85 -14.40
CA GLY H 397 5.59 75.01 -15.58
C GLY H 397 6.51 76.20 -15.52
N GLU H 398 6.47 76.89 -14.39
CA GLU H 398 7.24 78.11 -14.17
C GLU H 398 8.71 77.82 -13.88
N PRO H 399 9.61 78.59 -14.52
CA PRO H 399 11.04 78.41 -14.24
C PRO H 399 11.40 78.74 -12.79
N ILE H 400 12.37 78.02 -12.26
CA ILE H 400 12.92 78.30 -10.94
C ILE H 400 14.39 78.70 -11.10
N ALA H 401 14.72 79.89 -10.61
CA ALA H 401 16.04 80.50 -10.84
C ALA H 401 17.20 79.76 -10.17
N THR H 402 17.03 79.42 -8.90
CA THR H 402 18.13 78.81 -8.15
C THR H 402 17.77 77.44 -7.57
N GLU H 403 18.65 76.46 -7.76
CA GLU H 403 18.52 75.15 -7.11
C GLU H 403 18.54 75.31 -5.58
N THR H 404 17.58 74.68 -4.89
CA THR H 404 17.60 74.61 -3.43
C THR H 404 18.42 73.38 -3.03
N LYS H 405 18.69 73.19 -1.75
CA LYS H 405 19.39 71.98 -1.30
C LYS H 405 18.67 70.73 -1.77
N GLU H 406 17.33 70.74 -1.71
CA GLU H 406 16.53 69.57 -2.04
C GLU H 406 16.65 69.22 -3.50
N MET H 407 16.72 70.23 -4.36
CA MET H 407 16.87 70.05 -5.80
C MET H 407 18.26 69.52 -6.17
N LYS H 408 19.28 70.07 -5.54
CA LYS H 408 20.65 69.64 -5.78
C LYS H 408 20.86 68.19 -5.30
N GLU H 409 20.29 67.87 -4.16
CA GLU H 409 20.35 66.53 -3.62
C GLU H 409 19.74 65.52 -4.60
N THR H 410 18.55 65.85 -5.10
CA THR H 410 17.87 65.01 -6.08
C THR H 410 18.70 64.88 -7.36
N LYS H 411 19.28 65.99 -7.82
CA LYS H 411 20.15 65.95 -9.01
C LYS H 411 21.32 65.00 -8.86
N GLU H 412 21.97 65.02 -7.70
CA GLU H 412 23.13 64.18 -7.47
C GLU H 412 22.77 62.71 -7.28
N LYS H 413 21.58 62.44 -6.75
CA LYS H 413 21.08 61.07 -6.64
C LYS H 413 20.82 60.45 -8.01
N VAL H 414 20.21 61.23 -8.90
CA VAL H 414 19.97 60.82 -10.28
C VAL H 414 21.26 60.51 -11.03
N ALA H 415 22.25 61.38 -10.91
CA ALA H 415 23.53 61.13 -11.56
C ALA H 415 24.16 59.87 -10.99
N LYS H 416 23.97 59.66 -9.70
CA LYS H 416 24.51 58.49 -9.03
C LYS H 416 23.87 57.22 -9.55
N GLU H 417 22.54 57.23 -9.67
CA GLU H 417 21.82 56.07 -10.21
C GLU H 417 22.26 55.71 -11.62
N LEU H 418 22.35 56.71 -12.49
CA LEU H 418 22.74 56.48 -13.87
C LEU H 418 24.18 55.97 -13.94
N GLU H 419 25.05 56.49 -13.08
CA GLU H 419 26.43 56.07 -13.07
C GLU H 419 26.61 54.60 -12.65
N LEU H 420 25.84 54.17 -11.65
CA LEU H 420 25.94 52.80 -11.16
C LEU H 420 25.39 51.84 -12.20
N SER H 421 24.31 52.23 -12.87
CA SER H 421 23.78 51.46 -13.99
C SER H 421 24.83 51.35 -15.09
N ASP H 422 25.49 52.47 -15.41
CA ASP H 422 26.53 52.44 -16.42
C ASP H 422 27.68 51.54 -16.01
N SER H 423 28.01 51.50 -14.72
CA SER H 423 29.11 50.67 -14.24
C SER H 423 28.80 49.18 -14.41
N VAL H 424 27.53 48.79 -14.29
CA VAL H 424 27.14 47.40 -14.54
C VAL H 424 27.39 47.03 -16.01
N LEU H 425 26.97 47.90 -16.94
CA LEU H 425 27.17 47.66 -18.37
C LEU H 425 28.64 47.76 -18.77
N GLN H 426 29.32 48.79 -18.31
CA GLN H 426 30.69 49.03 -18.72
C GLN H 426 31.63 48.05 -18.04
N GLY H 427 31.29 47.61 -16.84
CA GLY H 427 32.12 46.63 -16.16
C GLY H 427 31.69 45.18 -16.39
N ASP H 428 30.54 44.99 -17.05
CA ASP H 428 29.96 43.65 -17.22
C ASP H 428 29.95 42.95 -15.88
N LEU H 429 29.31 43.60 -14.91
CA LEU H 429 29.45 43.20 -13.52
C LEU H 429 28.64 41.96 -13.16
N LEU H 430 27.67 41.58 -14.01
CA LEU H 430 26.83 40.43 -13.69
C LEU H 430 27.58 39.12 -13.94
N ARG H 431 28.75 39.19 -14.57
CA ARG H 431 29.70 38.08 -14.55
C ARG H 431 30.03 37.61 -13.13
N PHE H 432 30.09 38.57 -12.22
CA PHE H 432 30.63 38.33 -10.89
C PHE H 432 29.54 38.17 -9.84
N TYR H 433 28.28 38.27 -10.24
CA TYR H 433 27.19 38.20 -9.27
C TYR H 433 25.92 37.66 -9.86
N ALA H 434 25.29 36.74 -9.13
CA ALA H 434 23.91 36.37 -9.36
C ALA H 434 23.32 36.09 -7.99
N PRO H 435 22.01 36.32 -7.81
CA PRO H 435 21.40 35.96 -6.52
C PRO H 435 21.61 34.48 -6.19
N ASP H 436 21.57 34.14 -4.90
CA ASP H 436 21.74 32.76 -4.47
C ASP H 436 20.62 31.89 -5.06
N GLY H 437 21.02 30.80 -5.71
CA GLY H 437 20.06 29.90 -6.33
C GLY H 437 19.71 30.20 -7.79
N PHE H 438 20.16 31.33 -8.31
CA PHE H 438 19.91 31.68 -9.71
C PHE H 438 20.81 30.88 -10.65
N LYS H 439 20.20 30.18 -11.61
CA LYS H 439 20.95 29.44 -12.60
C LYS H 439 21.13 30.29 -13.85
N LYS H 440 22.37 30.45 -14.28
CA LYS H 440 22.73 31.39 -15.33
C LYS H 440 22.48 30.88 -16.76
N VAL H 441 22.19 31.81 -17.66
CA VAL H 441 21.93 31.52 -19.07
C VAL H 441 23.20 31.02 -19.81
N ASP H 442 23.07 29.96 -20.60
CA ASP H 442 24.14 29.60 -21.52
C ASP H 442 23.74 29.98 -22.95
N PRO H 443 24.24 31.13 -23.45
CA PRO H 443 23.86 31.70 -24.75
C PRO H 443 24.23 30.82 -25.95
N SER H 444 25.13 29.85 -25.72
CA SER H 444 25.50 28.94 -26.80
C SER H 444 24.37 27.93 -27.08
N LYS H 445 23.41 27.85 -26.16
CA LYS H 445 22.31 26.88 -26.30
C LYS H 445 21.06 27.47 -26.99
N TYR H 446 21.23 28.59 -27.71
CA TYR H 446 20.10 29.21 -28.39
C TYR H 446 20.35 29.33 -29.89
N ASN H 447 19.32 29.05 -30.68
CA ASN H 447 19.39 29.23 -32.12
C ASN H 447 18.02 29.68 -32.63
N TYR H 448 17.98 30.82 -33.32
CA TYR H 448 16.72 31.40 -33.77
C TYR H 448 16.51 31.17 -35.26
N ASN H 449 17.54 30.66 -35.93
CA ASN H 449 17.47 30.33 -37.35
C ASN H 449 16.49 29.18 -37.60
N LYS H 450 15.94 29.14 -38.81
CA LYS H 450 15.01 28.08 -39.18
C LYS H 450 15.46 27.36 -40.45
N SER I 33 26.17 92.26 7.51
CA SER I 33 26.97 91.73 6.42
C SER I 33 28.47 91.77 6.74
N SER I 34 28.94 92.86 7.37
CA SER I 34 30.30 92.86 7.93
C SER I 34 30.24 92.27 9.35
N ASP I 35 29.09 91.65 9.65
CA ASP I 35 28.91 90.86 10.85
C ASP I 35 29.50 89.50 10.51
N VAL I 36 29.09 89.01 9.34
CA VAL I 36 29.60 87.78 8.74
C VAL I 36 31.11 87.89 8.44
N THR I 37 31.56 89.06 7.98
CA THR I 37 32.96 89.30 7.62
C THR I 37 33.89 89.08 8.80
N GLU I 38 33.50 89.59 9.97
CA GLU I 38 34.30 89.39 11.16
C GLU I 38 34.37 87.90 11.56
N VAL I 39 33.23 87.20 11.47
CA VAL I 39 33.18 85.78 11.80
C VAL I 39 34.04 84.97 10.83
N LEU I 40 33.89 85.21 9.52
CA LEU I 40 34.68 84.50 8.51
C LEU I 40 36.16 84.80 8.63
N ASN I 41 36.48 86.05 8.98
CA ASN I 41 37.87 86.42 9.23
C ASN I 41 38.44 85.62 10.41
N TYR I 42 37.64 85.43 11.45
CA TYR I 42 38.06 84.63 12.60
C TYR I 42 38.26 83.16 12.25
N THR I 43 37.23 82.55 11.66
CA THR I 43 37.25 81.11 11.40
C THR I 43 38.33 80.69 10.39
N LYS I 44 38.53 81.50 9.35
CA LYS I 44 39.55 81.21 8.34
C LYS I 44 40.98 81.31 8.90
N SER I 45 41.20 82.22 9.85
CA SER I 45 42.51 82.32 10.53
C SER I 45 42.75 81.16 11.49
N LYS I 46 41.65 80.60 11.99
CA LYS I 46 41.71 79.47 12.90
C LYS I 46 41.80 78.14 12.14
N TYR I 47 41.22 78.13 10.93
CA TYR I 47 41.07 76.94 10.09
C TYR I 47 42.32 76.05 10.03
N ALA I 48 42.12 74.76 10.25
CA ALA I 48 43.21 73.80 10.17
C ALA I 48 43.08 72.94 8.91
N ALA I 49 44.15 72.91 8.11
CA ALA I 49 44.17 72.16 6.85
C ALA I 49 44.17 70.64 7.08
N PRO I 50 43.63 69.87 6.13
CA PRO I 50 43.56 68.40 6.30
C PRO I 50 44.91 67.67 6.46
N ASN I 51 44.88 66.58 7.21
CA ASN I 51 46.00 65.65 7.31
C ASN I 51 45.88 64.70 6.13
N PRO I 52 46.92 64.67 5.27
CA PRO I 52 46.96 63.83 4.07
C PRO I 52 46.81 62.35 4.40
N GLU I 53 47.16 62.00 5.64
CA GLU I 53 47.05 60.62 6.07
C GLU I 53 45.58 60.20 6.21
N TYR I 54 44.72 61.19 6.37
CA TYR I 54 43.32 60.93 6.66
C TYR I 54 42.30 61.58 5.71
N PHE I 55 42.72 62.60 4.97
CA PHE I 55 41.78 63.33 4.11
C PHE I 55 41.19 62.43 3.02
N GLY I 56 39.85 62.41 2.94
CA GLY I 56 39.15 61.68 1.90
C GLY I 56 39.17 60.17 2.07
N LYS I 57 39.68 59.72 3.21
CA LYS I 57 39.80 58.29 3.47
C LYS I 57 38.46 57.60 3.66
N ALA I 58 37.39 58.37 3.81
CA ALA I 58 36.06 57.80 3.93
C ALA I 58 35.10 58.41 2.94
N LYS I 59 35.63 58.92 1.82
CA LYS I 59 34.80 59.53 0.79
C LYS I 59 33.77 58.55 0.23
N GLY I 60 32.53 59.00 0.16
CA GLY I 60 31.45 58.19 -0.39
C GLY I 60 30.77 57.27 0.61
N LYS I 61 31.36 57.15 1.80
CA LYS I 61 30.84 56.25 2.83
C LYS I 61 29.58 56.79 3.51
N ASN I 62 28.74 55.89 4.01
CA ASN I 62 27.64 56.30 4.88
C ASN I 62 28.17 56.87 6.17
N VAL I 63 27.33 57.64 6.86
CA VAL I 63 27.67 58.11 8.20
C VAL I 63 26.57 57.69 9.19
N ILE I 64 26.98 57.00 10.25
CA ILE I 64 26.04 56.60 11.31
C ILE I 64 26.54 57.13 12.66
N TYR I 65 25.86 58.14 13.19
CA TYR I 65 26.15 58.67 14.53
C TYR I 65 25.43 57.84 15.57
N ILE I 66 26.17 57.35 16.56
CA ILE I 66 25.56 56.68 17.69
C ILE I 66 25.66 57.56 18.93
N HIS I 67 24.53 58.15 19.33
CA HIS I 67 24.45 59.13 20.42
C HIS I 67 24.32 58.43 21.78
N LEU I 68 25.40 58.43 22.56
CA LEU I 68 25.39 57.78 23.88
C LEU I 68 24.92 58.76 24.95
N GLU I 69 23.64 58.67 25.30
CA GLU I 69 23.01 59.63 26.19
C GLU I 69 23.67 59.68 27.57
N SER I 70 24.05 60.89 27.99
CA SER I 70 24.61 61.17 29.32
C SER I 70 25.80 60.27 29.67
N PHE I 71 26.58 59.92 28.64
CA PHE I 71 27.66 58.95 28.80
C PHE I 71 28.99 59.68 28.98
N GLN I 72 29.61 59.52 30.14
CA GLN I 72 30.90 60.18 30.41
C GLN I 72 32.08 59.25 30.10
N GLN I 73 33.23 59.83 29.76
CA GLN I 73 34.42 59.07 29.38
C GLN I 73 34.96 58.20 30.50
N PHE I 74 34.70 58.58 31.76
CA PHE I 74 35.26 57.79 32.85
C PHE I 74 34.67 56.37 32.88
N LEU I 75 33.52 56.17 32.24
CA LEU I 75 32.91 54.83 32.15
C LEU I 75 33.74 53.87 31.33
N VAL I 76 34.48 54.42 30.36
CA VAL I 76 35.28 53.59 29.47
C VAL I 76 36.36 52.84 30.23
N ASN I 77 36.31 51.51 30.12
CA ASN I 77 37.21 50.61 30.85
C ASN I 77 36.98 50.67 32.37
N TYR I 78 35.87 51.27 32.79
CA TYR I 78 35.55 51.31 34.21
C TYR I 78 35.09 49.92 34.67
N LYS I 79 35.60 49.48 35.80
CA LYS I 79 35.18 48.21 36.37
C LYS I 79 34.45 48.44 37.68
N LEU I 80 33.26 47.88 37.78
CA LEU I 80 32.47 47.95 39.00
C LEU I 80 32.53 46.61 39.70
N ASN I 81 33.23 46.60 40.83
CA ASN I 81 33.46 45.39 41.59
C ASN I 81 34.10 44.28 40.72
N GLY I 82 35.16 44.66 40.01
CA GLY I 82 35.90 43.73 39.17
C GLY I 82 35.32 43.50 37.78
N GLU I 83 34.14 44.07 37.52
CA GLU I 83 33.40 43.77 36.30
C GLU I 83 33.26 44.99 35.40
N GLU I 84 33.61 44.83 34.12
CA GLU I 84 33.48 45.92 33.17
C GLU I 84 32.04 46.36 33.02
N VAL I 85 31.81 47.65 33.25
CA VAL I 85 30.46 48.19 33.18
C VAL I 85 29.95 48.25 31.74
N THR I 86 30.82 48.66 30.83
CA THR I 86 30.44 48.81 29.43
C THR I 86 31.40 48.03 28.52
N PRO I 87 31.34 46.68 28.59
CA PRO I 87 32.33 45.82 27.94
C PRO I 87 32.37 45.96 26.42
N PHE I 88 31.24 46.11 25.74
CA PHE I 88 31.30 46.21 24.28
C PHE I 88 31.93 47.52 23.82
N ILE I 89 31.47 48.62 24.40
CA ILE I 89 31.99 49.94 24.07
C ILE I 89 33.49 50.01 24.36
N ASN I 90 33.93 49.32 25.41
CA ASN I 90 35.35 49.17 25.71
C ASN I 90 36.13 48.53 24.55
N SER I 91 35.53 47.52 23.91
CA SER I 91 36.15 46.83 22.79
C SER I 91 36.20 47.70 21.55
N PHE I 92 35.12 48.45 21.33
CA PHE I 92 35.04 49.37 20.21
C PHE I 92 36.11 50.45 20.36
N PHE I 93 36.29 50.92 21.60
CA PHE I 93 37.32 51.90 21.96
C PHE I 93 38.69 51.43 21.50
N LYS I 94 39.02 50.15 21.74
CA LYS I 94 40.36 49.66 21.45
C LYS I 94 40.47 48.95 20.09
N ASP I 95 39.35 48.86 19.36
CA ASP I 95 39.35 48.25 18.02
C ASP I 95 40.37 48.93 17.09
N GLN I 96 40.94 48.13 16.19
CA GLN I 96 42.02 48.58 15.31
C GLN I 96 41.65 49.70 14.32
N ASN I 97 40.40 49.75 13.90
CA ASN I 97 39.99 50.75 12.93
C ASN I 97 39.29 51.93 13.59
N THR I 98 39.40 52.02 14.91
CA THR I 98 38.73 53.08 15.66
C THR I 98 39.71 54.12 16.18
N LEU I 99 39.45 55.37 15.83
CA LEU I 99 40.16 56.51 16.41
C LEU I 99 39.45 56.94 17.69
N SER I 100 40.12 56.76 18.82
CA SER I 100 39.47 56.90 20.14
C SER I 100 40.10 58.02 20.97
N PHE I 101 39.27 58.96 21.41
CA PHE I 101 39.73 60.19 22.07
C PHE I 101 39.56 60.15 23.59
N THR I 102 40.65 60.39 24.31
CA THR I 102 40.63 60.31 25.76
C THR I 102 40.54 61.70 26.39
N ASN I 103 40.69 62.73 25.57
CA ASN I 103 40.64 64.11 26.04
C ASN I 103 39.66 64.96 25.22
N PHE I 104 38.46 64.41 25.01
CA PHE I 104 37.41 65.05 24.23
C PHE I 104 36.30 65.54 25.17
N PHE I 105 35.95 66.83 25.11
CA PHE I 105 35.03 67.44 26.09
C PHE I 105 33.71 67.87 25.47
N HIS I 106 32.62 67.73 26.22
CA HIS I 106 31.35 68.33 25.82
C HIS I 106 31.37 69.83 26.09
N GLN I 107 30.62 70.60 25.31
CA GLN I 107 30.64 72.06 25.46
C GLN I 107 29.22 72.60 25.50
N THR I 108 28.33 71.81 26.10
CA THR I 108 26.92 72.16 26.15
C THR I 108 26.58 73.08 27.31
N GLY I 109 25.44 73.74 27.21
CA GLY I 109 24.95 74.58 28.27
C GLY I 109 23.55 74.15 28.71
N GLN I 110 22.64 75.10 28.83
CA GLN I 110 21.31 74.81 29.35
C GLN I 110 20.46 74.03 28.35
N GLY I 111 20.88 74.00 27.10
CA GLY I 111 20.17 73.26 26.09
C GLY I 111 20.50 71.79 26.17
N LYS I 112 21.51 71.45 26.97
CA LYS I 112 21.89 70.05 27.21
C LYS I 112 22.03 69.24 25.91
N TPO I 113 21.13 68.27 25.73
CA TPO I 113 21.11 67.38 24.57
CB TPO I 113 19.92 66.40 24.65
CG2 TPO I 113 19.88 65.52 23.41
OG1 TPO I 113 20.07 65.56 25.82
P TPO I 113 18.92 65.82 26.92
O1P TPO I 113 17.73 65.01 26.61
O2P TPO I 113 19.50 65.42 28.37
O3P TPO I 113 18.52 67.38 26.95
C TPO I 113 21.06 68.17 23.26
O TPO I 113 21.83 67.89 22.34
N ALA I 114 20.19 69.18 23.23
CA ALA I 114 19.98 70.02 22.05
C ALA I 114 21.22 70.86 21.70
N ASP I 115 22.01 71.23 22.70
CA ASP I 115 23.26 71.96 22.48
C ASP I 115 24.27 71.09 21.76
N SER I 116 24.34 69.81 22.17
CA SER I 116 25.24 68.84 21.57
C SER I 116 24.90 68.63 20.10
N GLU I 117 23.61 68.70 19.78
CA GLU I 117 23.17 68.60 18.39
C GLU I 117 23.52 69.84 17.58
N MET I 118 23.31 71.03 18.17
CA MET I 118 23.71 72.29 17.54
C MET I 118 25.19 72.28 17.18
N LEU I 119 26.01 71.82 18.13
CA LEU I 119 27.45 71.70 17.94
C LEU I 119 27.81 70.66 16.85
N LEU I 120 27.21 69.47 16.91
CA LEU I 120 27.53 68.42 15.92
C LEU I 120 27.07 68.74 14.51
N GLU I 121 25.89 69.32 14.39
CA GLU I 121 25.30 69.56 13.08
C GLU I 121 25.80 70.86 12.43
N ASN I 122 26.27 71.82 13.25
CA ASN I 122 26.60 73.16 12.72
C ASN I 122 27.98 73.71 13.08
N SER I 123 28.65 73.08 14.04
CA SER I 123 29.88 73.63 14.63
C SER I 123 29.60 75.03 15.18
N LEU I 124 28.42 75.18 15.77
CA LEU I 124 28.04 76.38 16.48
C LEU I 124 27.72 76.00 17.91
N TYR I 125 28.06 76.87 18.87
CA TYR I 125 27.69 76.61 20.26
C TYR I 125 26.21 76.92 20.45
N GLY I 126 25.63 76.35 21.50
CA GLY I 126 24.33 76.80 21.95
C GLY I 126 24.45 78.19 22.51
N LEU I 127 23.36 78.70 23.05
CA LEU I 127 23.34 80.05 23.59
C LEU I 127 23.89 80.06 25.03
N PRO I 128 24.36 81.24 25.50
CA PRO I 128 24.91 81.33 26.86
C PRO I 128 23.86 81.11 27.93
N GLN I 129 22.60 81.39 27.62
CA GLN I 129 21.51 81.01 28.51
C GLN I 129 20.39 80.46 27.66
N GLY I 130 19.54 79.64 28.28
CA GLY I 130 18.46 78.99 27.56
C GLY I 130 18.87 77.97 26.51
N SER I 131 17.91 77.64 25.65
CA SER I 131 18.07 76.63 24.62
C SER I 131 17.94 77.21 23.22
N ALA I 132 19.00 77.09 22.42
CA ALA I 132 19.01 77.57 21.03
C ALA I 132 17.95 76.88 20.17
N PHE I 133 17.73 75.59 20.41
CA PHE I 133 16.72 74.82 19.68
C PHE I 133 15.33 75.39 19.90
N THR I 134 15.09 75.87 21.12
CA THR I 134 13.80 76.45 21.49
C THR I 134 13.58 77.84 20.86
N THR I 135 14.63 78.66 20.84
CA THR I 135 14.47 80.05 20.47
C THR I 135 15.02 80.41 19.07
N LYS I 136 15.85 79.53 18.49
CA LYS I 136 16.41 79.81 17.17
C LYS I 136 15.98 78.77 16.12
N GLY I 137 14.77 78.25 16.28
CA GLY I 137 14.22 77.24 15.39
C GLY I 137 13.86 77.67 13.98
N GLN I 138 13.84 78.98 13.73
CA GLN I 138 13.50 79.49 12.40
C GLN I 138 14.70 80.22 11.78
N ASN I 139 15.85 80.07 12.43
CA ASN I 139 17.11 80.55 11.87
C ASN I 139 17.47 79.82 10.59
N THR I 140 18.28 80.46 9.77
CA THR I 140 18.89 79.82 8.62
C THR I 140 20.13 79.05 9.05
N TYR I 141 20.23 77.79 8.61
CA TYR I 141 21.40 76.96 8.90
C TYR I 141 22.01 76.39 7.63
N GLU I 142 23.30 76.07 7.71
CA GLU I 142 24.01 75.36 6.67
C GLU I 142 24.69 74.16 7.29
N SER I 143 23.87 73.21 7.73
CA SER I 143 24.27 72.08 8.58
C SER I 143 24.81 70.88 7.81
N ALA I 144 25.28 69.87 8.55
CA ALA I 144 25.84 68.66 7.95
C ALA I 144 24.91 67.99 6.93
N SER I 145 23.63 67.88 7.28
N SER I 145 23.63 67.89 7.27
CA SER I 145 22.65 67.28 6.41
CA SER I 145 22.65 67.25 6.39
C SER I 145 22.55 68.01 5.08
C SER I 145 22.46 68.02 5.08
N ALA I 146 22.67 69.34 5.14
CA ALA I 146 22.61 70.18 3.95
C ALA I 146 23.92 70.07 3.16
N ILE I 147 25.05 70.06 3.87
CA ILE I 147 26.36 69.98 3.25
C ILE I 147 26.54 68.66 2.50
N LEU I 148 26.17 67.56 3.13
CA LEU I 148 26.25 66.25 2.50
C LEU I 148 25.10 66.05 1.49
N GLY I 149 23.97 66.69 1.75
CA GLY I 149 22.90 66.80 0.78
C GLY I 149 23.37 67.29 -0.59
N GLN I 150 24.36 68.18 -0.60
CA GLN I 150 24.93 68.71 -1.84
C GLN I 150 25.53 67.61 -2.71
N GLN I 151 25.92 66.49 -2.10
CA GLN I 151 26.59 65.43 -2.88
C GLN I 151 25.65 64.24 -3.05
N GLY I 152 24.38 64.45 -2.72
CA GLY I 152 23.40 63.40 -2.89
C GLY I 152 23.16 62.48 -1.70
N TYR I 153 23.57 62.88 -0.50
CA TYR I 153 23.28 62.10 0.72
C TYR I 153 21.83 62.23 1.20
N THR I 154 21.25 61.10 1.60
CA THR I 154 19.97 61.07 2.31
C THR I 154 20.25 61.20 3.82
N SER I 155 19.40 61.91 4.54
CA SER I 155 19.66 62.17 5.96
C SER I 155 18.48 61.77 6.84
N ALA I 156 18.77 61.30 8.05
CA ALA I 156 17.71 60.89 8.98
C ALA I 156 18.16 60.91 10.44
N VAL I 157 17.24 61.31 11.31
CA VAL I 157 17.39 61.14 12.75
C VAL I 157 16.42 60.07 13.26
N PHE I 158 16.92 59.23 14.18
CA PHE I 158 16.10 58.21 14.83
C PHE I 158 16.02 58.50 16.33
N HIS I 159 14.82 58.51 16.88
CA HIS I 159 14.67 58.83 18.29
C HIS I 159 13.37 58.25 18.84
N GLY I 160 13.48 57.57 19.98
CA GLY I 160 12.35 56.89 20.60
C GLY I 160 11.48 57.77 21.49
N ASN I 161 11.37 59.04 21.13
CA ASN I 161 10.50 60.01 21.82
C ASN I 161 9.88 60.90 20.75
N TYR I 162 8.87 61.69 21.09
CA TYR I 162 8.08 62.44 20.10
C TYR I 162 8.78 63.69 19.57
N LYS I 163 8.56 64.00 18.30
CA LYS I 163 9.35 65.03 17.60
C LYS I 163 9.14 66.45 18.14
N SER I 164 8.14 66.62 18.99
CA SER I 164 7.88 67.91 19.59
C SER I 164 8.94 68.34 20.65
N PHE I 165 9.59 67.37 21.27
CA PHE I 165 10.51 67.65 22.39
C PHE I 165 11.76 68.36 21.88
N TRP I 166 12.22 69.36 22.63
CA TRP I 166 13.33 70.26 22.26
C TRP I 166 13.15 70.95 20.89
N ASN I 167 11.90 71.11 20.44
CA ASN I 167 11.58 71.80 19.19
C ASN I 167 12.23 71.18 17.95
N ARG I 168 12.55 69.89 18.01
CA ARG I 168 13.26 69.21 16.93
C ARG I 168 12.47 69.21 15.60
N ASP I 169 11.16 69.00 15.68
CA ASP I 169 10.31 68.98 14.49
C ASP I 169 10.52 70.23 13.62
N GLU I 170 10.62 71.38 14.28
CA GLU I 170 10.78 72.64 13.58
C GLU I 170 12.21 72.89 13.08
N ILE I 171 13.19 72.79 13.97
CA ILE I 171 14.55 73.19 13.60
C ILE I 171 15.25 72.19 12.66
N TYR I 172 14.85 70.91 12.71
CA TYR I 172 15.40 69.89 11.81
C TYR I 172 15.11 70.22 10.33
N LYS I 173 14.00 70.90 10.04
CA LYS I 173 13.67 71.27 8.68
C LYS I 173 14.61 72.36 8.19
N GLN I 174 15.04 73.22 9.10
CA GLN I 174 16.04 74.24 8.79
C GLN I 174 17.41 73.58 8.61
N PHE I 175 17.70 72.54 9.39
CA PHE I 175 18.94 71.78 9.19
C PHE I 175 18.87 71.05 7.83
N GLY I 176 17.66 70.66 7.43
CA GLY I 176 17.46 69.93 6.20
C GLY I 176 17.55 68.43 6.34
N TYR I 177 17.14 67.92 7.50
CA TYR I 177 17.05 66.48 7.72
C TYR I 177 15.89 65.95 6.88
N ASP I 178 16.20 65.04 5.95
CA ASP I 178 15.17 64.48 5.07
C ASP I 178 14.13 63.67 5.85
N ASN I 179 14.58 62.98 6.89
CA ASN I 179 13.69 62.10 7.68
C ASN I 179 13.87 62.31 9.17
N PHE I 180 12.78 62.19 9.92
CA PHE I 180 12.82 62.14 11.37
C PHE I 180 11.94 60.99 11.84
N PHE I 181 12.55 59.83 12.11
CA PHE I 181 11.82 58.69 12.61
C PHE I 181 11.67 58.82 14.13
N ASP I 182 10.63 59.53 14.57
CA ASP I 182 10.40 59.70 16.00
C ASP I 182 9.48 58.60 16.56
N ALA I 183 9.00 58.81 17.78
CA ALA I 183 8.27 57.78 18.53
C ALA I 183 7.04 57.26 17.80
N SER I 184 6.46 58.09 16.95
CA SER I 184 5.27 57.71 16.19
C SER I 184 5.58 56.59 15.20
N TYR I 185 6.87 56.38 14.91
CA TYR I 185 7.29 55.30 14.01
C TYR I 185 7.64 54.04 14.77
N TYR I 186 7.45 54.06 16.08
CA TYR I 186 7.84 52.94 16.91
C TYR I 186 6.65 52.35 17.66
N ASP I 187 6.82 51.13 18.15
CA ASP I 187 5.78 50.47 18.93
C ASP I 187 5.92 50.91 20.37
N MET I 188 5.13 51.91 20.74
CA MET I 188 5.23 52.56 22.05
C MET I 188 4.34 51.88 23.09
N ASN I 189 4.45 50.55 23.20
CA ASN I 189 3.67 49.82 24.19
C ASN I 189 4.23 50.08 25.59
N GLU I 190 3.47 49.75 26.63
CA GLU I 190 3.82 50.21 27.97
C GLU I 190 4.94 49.39 28.59
N ALA I 191 5.19 48.20 28.03
CA ALA I 191 6.25 47.33 28.50
C ALA I 191 7.64 47.76 28.02
N ASP I 192 7.66 48.49 26.90
CA ASP I 192 8.90 48.90 26.24
C ASP I 192 9.24 50.38 26.46
N VAL I 193 8.46 51.08 27.28
CA VAL I 193 8.60 52.51 27.44
C VAL I 193 9.00 52.94 28.86
N SER I 194 9.97 53.85 28.97
CA SER I 194 10.36 54.44 30.25
C SER I 194 9.74 55.83 30.32
N ASN I 195 10.23 56.69 31.21
CA ASN I 195 9.56 57.99 31.34
C ASN I 195 10.09 59.05 30.41
N TYR I 196 11.11 58.70 29.63
CA TYR I 196 11.55 59.54 28.52
C TYR I 196 11.19 58.97 27.16
N GLY I 197 10.59 57.79 27.13
CA GLY I 197 10.15 57.22 25.87
C GLY I 197 10.61 55.78 25.70
N LEU I 198 10.80 55.39 24.45
CA LEU I 198 11.14 54.02 24.11
C LEU I 198 12.52 53.61 24.64
N LYS I 199 12.60 52.40 25.19
CA LYS I 199 13.88 51.89 25.70
C LYS I 199 14.81 51.57 24.54
N ASP I 200 16.11 51.61 24.80
CA ASP I 200 17.11 51.54 23.73
C ASP I 200 17.12 50.24 22.94
N LYS I 201 16.84 49.12 23.61
CA LYS I 201 16.90 47.83 22.93
C LYS I 201 15.74 47.70 21.92
N PRO I 202 14.49 47.94 22.34
CA PRO I 202 13.46 47.93 21.28
C PRO I 202 13.66 49.06 20.27
N PHE I 203 14.22 50.19 20.71
CA PHE I 203 14.51 51.30 19.81
C PHE I 203 15.42 50.85 18.66
N PHE I 204 16.56 50.24 19.02
CA PHE I 204 17.52 49.82 18.02
C PHE I 204 17.04 48.66 17.14
N LYS I 205 16.21 47.78 17.69
CA LYS I 205 15.72 46.65 16.90
C LYS I 205 14.62 47.07 15.92
N GLU I 206 13.76 47.99 16.34
CA GLU I 206 12.70 48.47 15.45
C GLU I 206 13.21 49.51 14.44
N SER I 207 14.44 50.00 14.64
CA SER I 207 15.07 50.94 13.72
C SER I 207 15.62 50.25 12.46
N GLU I 208 15.79 48.92 12.53
CA GLU I 208 16.48 48.19 11.46
C GLU I 208 15.73 48.26 10.14
N GLU I 209 14.42 48.07 10.20
CA GLU I 209 13.55 48.17 9.04
C GLU I 209 13.70 49.49 8.29
N TYR I 210 13.76 50.58 9.03
CA TYR I 210 13.82 51.90 8.43
C TYR I 210 15.20 52.19 7.87
N LEU I 211 16.25 51.81 8.60
CA LEU I 211 17.62 52.05 8.17
C LEU I 211 17.96 51.22 6.95
N SER I 212 17.41 50.01 6.88
CA SER I 212 17.70 49.13 5.76
C SER I 212 17.03 49.59 4.48
N SER I 213 15.98 50.40 4.60
CA SER I 213 15.30 50.91 3.42
C SER I 213 15.58 52.41 3.19
N LEU I 214 16.60 52.93 3.87
CA LEU I 214 17.06 54.32 3.67
C LEU I 214 18.06 54.40 2.52
N GLN I 215 17.82 55.32 1.59
CA GLN I 215 18.65 55.46 0.40
C GLN I 215 20.11 55.78 0.71
N GLN I 216 21.02 55.00 0.13
CA GLN I 216 22.45 55.21 0.33
C GLN I 216 23.05 55.99 -0.84
N PRO I 217 24.10 56.79 -0.56
CA PRO I 217 24.73 57.00 0.74
C PRO I 217 23.87 57.83 1.71
N PHE I 218 23.93 57.52 3.00
CA PHE I 218 23.17 58.30 3.97
C PHE I 218 24.04 58.87 5.11
N TYR I 219 23.47 59.86 5.79
CA TYR I 219 24.04 60.54 6.96
C TYR I 219 23.00 60.42 8.09
N THR I 220 23.30 59.63 9.13
CA THR I 220 22.25 59.30 10.11
C THR I 220 22.68 59.55 11.56
N LYS I 221 21.70 59.80 12.43
CA LYS I 221 21.99 59.94 13.85
C LYS I 221 20.97 59.17 14.68
N PHE I 222 21.47 58.33 15.59
CA PHE I 222 20.61 57.56 16.48
C PHE I 222 20.72 58.08 17.93
N ILE I 223 19.69 58.78 18.38
CA ILE I 223 19.68 59.40 19.71
C ILE I 223 19.03 58.48 20.73
N THR I 224 19.86 57.84 21.55
CA THR I 224 19.36 56.93 22.58
C THR I 224 18.75 57.75 23.71
N LEU I 225 18.05 57.10 24.64
CA LEU I 225 17.39 57.84 25.70
C LEU I 225 17.26 57.13 27.06
N THR I 226 17.60 55.84 27.14
CA THR I 226 17.43 55.11 28.40
C THR I 226 18.34 55.65 29.50
N ASN I 227 19.55 56.08 29.13
CA ASN I 227 20.55 56.59 30.08
C ASN I 227 20.32 58.07 30.41
N HIS I 228 19.11 58.40 30.87
CA HIS I 228 18.77 59.71 31.40
C HIS I 228 18.69 59.72 32.90
N PHE I 229 19.14 60.81 33.50
CA PHE I 229 18.93 61.06 34.92
C PHE I 229 17.43 60.93 35.22
N PRO I 230 17.07 60.32 36.36
CA PRO I 230 17.92 59.75 37.40
C PRO I 230 18.31 58.28 37.20
N TYR I 231 18.31 57.83 35.95
CA TYR I 231 18.79 56.48 35.56
C TYR I 231 18.02 55.31 36.18
N PRO I 232 16.69 55.26 35.96
CA PRO I 232 15.90 54.11 36.42
C PRO I 232 15.99 52.90 35.49
N ILE I 233 15.93 51.71 36.09
CA ILE I 233 15.91 50.45 35.33
C ILE I 233 15.19 49.37 36.14
N ASP I 234 14.36 48.56 35.47
CA ASP I 234 13.73 47.41 36.13
C ASP I 234 14.75 46.36 36.51
N GLU I 235 14.48 45.64 37.60
CA GLU I 235 15.37 44.58 38.06
C GLU I 235 15.69 43.57 36.96
N LYS I 236 14.68 43.31 36.13
CA LYS I 236 14.75 42.30 35.10
C LYS I 236 15.44 42.75 33.81
N ASP I 237 15.58 44.06 33.62
CA ASP I 237 16.31 44.63 32.48
C ASP I 237 17.77 44.83 32.83
N ALA I 238 18.07 44.80 34.13
CA ALA I 238 19.40 45.10 34.59
C ALA I 238 20.25 43.84 34.67
N SER I 239 21.39 43.85 34.00
CA SER I 239 22.30 42.72 34.02
C SER I 239 23.50 42.96 34.94
N ILE I 240 23.58 44.14 35.53
CA ILE I 240 24.64 44.40 36.50
C ILE I 240 24.03 44.99 37.75
N ALA I 241 24.69 44.77 38.88
CA ALA I 241 24.24 45.30 40.16
C ALA I 241 24.62 46.78 40.30
N PRO I 242 23.84 47.52 41.10
CA PRO I 242 24.19 48.94 41.29
C PRO I 242 25.51 49.11 42.04
N ALA I 243 26.11 50.29 41.90
CA ALA I 243 27.25 50.66 42.72
C ALA I 243 26.79 50.81 44.17
N THR I 244 27.73 51.01 45.09
CA THR I 244 27.41 51.04 46.51
C THR I 244 27.82 52.34 47.24
N THR I 245 27.60 53.48 46.58
CA THR I 245 27.94 54.77 47.19
C THR I 245 26.87 55.29 48.18
N GLY I 246 25.63 54.79 48.06
CA GLY I 246 24.52 55.26 48.88
C GLY I 246 23.77 56.41 48.27
N ASP I 247 24.27 56.85 47.10
CA ASP I 247 23.67 57.88 46.26
C ASP I 247 22.95 57.18 45.13
N SER I 248 21.61 57.20 45.19
CA SER I 248 20.76 56.37 44.33
C SER I 248 20.98 56.59 42.84
N SER I 249 21.00 57.84 42.41
CA SER I 249 21.17 58.19 40.99
C SER I 249 22.58 57.88 40.48
N VAL I 250 23.59 57.99 41.34
CA VAL I 250 24.95 57.56 40.96
C VAL I 250 25.05 56.04 40.87
N ASP I 251 24.42 55.33 41.79
CA ASP I 251 24.56 53.89 41.88
C ASP I 251 23.90 53.15 40.70
N THR I 252 22.77 53.66 40.21
CA THR I 252 22.06 52.99 39.13
C THR I 252 22.50 53.49 37.76
N TYR I 253 23.29 54.56 37.75
CA TYR I 253 23.88 55.10 36.53
C TYR I 253 24.64 54.03 35.76
N PHE I 254 25.32 53.16 36.51
CA PHE I 254 26.10 52.07 35.94
C PHE I 254 25.24 50.99 35.31
N GLN I 255 24.01 50.86 35.81
CA GLN I 255 23.08 49.86 35.30
C GLN I 255 22.46 50.29 33.99
N THR I 256 22.09 51.55 33.87
CA THR I 256 21.55 52.06 32.61
C THR I 256 22.67 52.18 31.57
N ALA I 257 23.90 52.41 32.03
CA ALA I 257 25.06 52.46 31.12
C ALA I 257 25.31 51.09 30.51
N ARG I 258 25.21 50.04 31.34
CA ARG I 258 25.34 48.66 30.89
C ARG I 258 24.23 48.29 29.91
N TYR I 259 23.00 48.67 30.22
CA TYR I 259 21.86 48.40 29.35
C TYR I 259 22.06 49.05 27.99
N LEU I 260 22.49 50.30 28.02
CA LEU I 260 22.85 51.03 26.80
C LEU I 260 23.94 50.29 26.03
N ASP I 261 24.97 49.84 26.75
CA ASP I 261 26.07 49.08 26.16
C ASP I 261 25.58 47.87 25.37
N GLU I 262 24.70 47.10 25.98
CA GLU I 262 24.17 45.88 25.36
C GLU I 262 23.31 46.17 24.12
N SER I 263 22.48 47.21 24.20
CA SER I 263 21.66 47.61 23.06
C SER I 263 22.52 48.05 21.87
N VAL I 264 23.62 48.75 22.15
CA VAL I 264 24.50 49.21 21.09
C VAL I 264 25.24 48.03 20.46
N LYS I 265 25.64 47.08 21.30
CA LYS I 265 26.28 45.86 20.82
C LYS I 265 25.36 45.09 19.86
N SER I 266 24.08 45.01 20.19
N SER I 266 24.07 45.06 20.17
CA SER I 266 23.10 44.39 19.32
CA SER I 266 23.09 44.40 19.31
C SER I 266 22.96 45.18 18.01
C SER I 266 22.87 45.18 18.03
N PHE I 267 23.04 46.50 18.10
CA PHE I 267 22.92 47.37 16.93
C PHE I 267 24.08 47.16 15.95
N VAL I 268 25.30 47.13 16.47
CA VAL I 268 26.50 46.92 15.66
C VAL I 268 26.53 45.51 15.07
N ASP I 269 26.01 44.53 15.81
CA ASP I 269 25.81 43.18 15.26
C ASP I 269 24.98 43.26 13.97
N TYR I 270 23.90 44.01 14.02
CA TYR I 270 23.05 44.25 12.86
C TYR I 270 23.84 44.93 11.75
N LEU I 271 24.61 45.96 12.10
CA LEU I 271 25.39 46.70 11.13
C LEU I 271 26.39 45.79 10.41
N LYS I 272 27.02 44.90 11.16
CA LYS I 272 27.97 43.95 10.56
C LYS I 272 27.25 42.96 9.66
N LYS I 273 26.08 42.51 10.08
CA LYS I 273 25.34 41.50 9.34
C LYS I 273 24.74 42.04 8.05
N SER I 274 24.37 43.31 8.04
CA SER I 274 23.83 43.94 6.83
C SER I 274 24.93 44.48 5.92
N GLY I 275 26.18 44.45 6.38
CA GLY I 275 27.28 44.99 5.60
C GLY I 275 27.48 46.49 5.76
N LEU I 276 26.63 47.15 6.54
CA LEU I 276 26.76 48.59 6.78
C LEU I 276 28.02 48.93 7.59
N TYR I 277 28.51 47.97 8.37
CA TYR I 277 29.71 48.15 9.16
C TYR I 277 30.90 48.47 8.26
N ASP I 278 30.87 47.91 7.05
CA ASP I 278 32.00 47.96 6.13
C ASP I 278 31.97 49.13 5.17
N ASN I 279 30.81 49.77 5.03
CA ASN I 279 30.69 50.93 4.14
C ASN I 279 30.24 52.21 4.85
N SER I 280 30.42 52.26 6.16
CA SER I 280 29.97 53.40 6.95
C SER I 280 31.05 53.89 7.90
N VAL I 281 31.05 55.20 8.13
CA VAL I 281 31.77 55.76 9.26
C VAL I 281 30.85 55.66 10.48
N ILE I 282 31.27 54.91 11.49
CA ILE I 282 30.47 54.76 12.70
C ILE I 282 31.09 55.58 13.82
N ILE I 283 30.31 56.51 14.37
CA ILE I 283 30.86 57.42 15.37
C ILE I 283 30.04 57.36 16.64
N MET I 284 30.66 56.90 17.71
CA MET I 284 30.06 56.93 19.03
C MET I 284 30.56 58.14 19.80
N TYR I 285 29.64 58.88 20.43
CA TYR I 285 30.01 60.05 21.22
C TYR I 285 29.05 60.25 22.40
N GLY I 286 29.54 60.91 23.44
CA GLY I 286 28.67 61.32 24.55
C GLY I 286 28.21 62.76 24.35
N ASP I 287 27.04 63.11 24.87
CA ASP I 287 26.49 64.46 24.63
C ASP I 287 26.75 65.44 25.77
N HIS I 288 26.71 64.96 27.01
CA HIS I 288 27.02 65.78 28.19
C HIS I 288 27.21 64.89 29.41
N TYR I 289 27.48 65.51 30.57
CA TYR I 289 27.73 64.74 31.80
C TYR I 289 26.49 63.96 32.22
N GLY I 290 26.74 62.82 32.89
CA GLY I 290 25.66 62.06 33.49
C GLY I 290 25.46 62.40 34.95
N ILE I 291 26.56 62.62 35.67
CA ILE I 291 26.52 62.99 37.08
C ILE I 291 26.93 64.45 37.22
N SER I 292 26.07 65.26 37.83
CA SER I 292 26.37 66.68 38.02
C SER I 292 27.42 66.88 39.10
N ASP I 293 27.68 68.14 39.45
CA ASP I 293 28.64 68.47 40.50
C ASP I 293 28.02 68.45 41.91
N ASN I 294 26.83 67.89 42.05
CA ASN I 294 26.18 67.83 43.37
C ASN I 294 26.19 66.42 44.00
N HIS I 295 27.19 65.63 43.66
CA HIS I 295 27.32 64.26 44.17
C HIS I 295 28.76 63.96 44.54
N GLU I 296 29.39 64.90 45.25
CA GLU I 296 30.83 64.86 45.51
C GLU I 296 31.27 63.67 46.36
N GLU I 297 30.50 63.33 47.38
CA GLU I 297 30.86 62.20 48.26
C GLU I 297 30.85 60.90 47.46
N ALA I 298 29.85 60.73 46.62
CA ALA I 298 29.72 59.52 45.81
C ALA I 298 30.82 59.44 44.73
N MET I 299 31.07 60.56 44.05
CA MET I 299 32.03 60.61 42.94
C MET I 299 33.47 60.53 43.44
N THR I 300 33.69 60.96 44.67
CA THR I 300 34.96 60.77 45.38
C THR I 300 35.31 59.28 45.51
N LYS I 301 34.30 58.48 45.84
CA LYS I 301 34.42 57.03 45.92
C LYS I 301 34.58 56.42 44.52
N ILE I 302 33.74 56.86 43.58
CA ILE I 302 33.73 56.31 42.22
C ILE I 302 35.08 56.46 41.50
N LEU I 303 35.70 57.62 41.63
CA LEU I 303 36.92 57.92 40.87
C LEU I 303 38.17 57.71 41.72
N GLY I 304 37.99 57.47 43.01
CA GLY I 304 39.09 57.13 43.89
C GLY I 304 39.94 58.34 44.29
N LYS I 305 39.34 59.53 44.22
CA LYS I 305 40.03 60.77 44.56
C LYS I 305 39.00 61.84 44.92
N ASP I 306 39.41 62.87 45.69
CA ASP I 306 38.48 63.91 46.13
C ASP I 306 37.89 64.61 44.94
N TYR I 307 36.56 64.53 44.82
CA TYR I 307 35.88 65.12 43.68
C TYR I 307 35.72 66.62 43.91
N ASN I 308 36.80 67.35 43.70
CA ASN I 308 36.79 68.80 43.86
C ASN I 308 36.40 69.49 42.57
N THR I 309 36.48 70.82 42.58
CA THR I 309 36.12 71.61 41.42
C THR I 309 36.95 71.23 40.21
N PHE I 310 38.25 71.02 40.44
CA PHE I 310 39.15 70.63 39.38
C PHE I 310 38.78 69.26 38.81
N GLU I 311 38.46 68.30 39.69
CA GLU I 311 38.11 66.95 39.24
C GLU I 311 36.80 66.93 38.47
N ASN I 312 35.86 67.78 38.86
CA ASN I 312 34.59 67.88 38.17
C ASN I 312 34.73 68.38 36.72
N ALA I 313 35.62 69.35 36.52
CA ALA I 313 35.95 69.81 35.16
C ALA I 313 36.54 68.66 34.34
N GLN I 314 37.39 67.85 34.97
CA GLN I 314 38.02 66.74 34.25
C GLN I 314 36.98 65.67 33.89
N ALA I 315 35.90 65.58 34.67
CA ALA I 315 34.86 64.59 34.40
C ALA I 315 33.93 64.99 33.25
N GLN I 316 34.14 66.17 32.69
CA GLN I 316 33.31 66.63 31.58
C GLN I 316 33.75 66.03 30.23
N ARG I 317 34.78 65.19 30.26
CA ARG I 317 35.16 64.39 29.10
C ARG I 317 34.02 63.45 28.73
N VAL I 318 33.68 63.39 27.43
CA VAL I 318 32.74 62.42 26.91
C VAL I 318 33.48 61.63 25.83
N PRO I 319 33.00 60.43 25.50
CA PRO I 319 33.73 59.65 24.49
C PRO I 319 33.64 60.21 23.07
N LEU I 320 34.68 59.95 22.28
CA LEU I 320 34.59 60.10 20.83
C LEU I 320 35.36 58.96 20.20
N MET I 321 34.65 58.10 19.47
CA MET I 321 35.22 56.92 18.84
C MET I 321 34.76 56.82 17.39
N ILE I 322 35.68 57.04 16.46
CA ILE I 322 35.35 57.07 15.04
C ILE I 322 35.88 55.84 14.31
N HIS I 323 34.99 54.96 13.88
CA HIS I 323 35.39 53.77 13.16
C HIS I 323 35.39 54.04 11.65
N VAL I 324 36.57 54.00 11.04
CA VAL I 324 36.72 54.20 9.61
C VAL I 324 37.26 52.91 9.00
N PRO I 325 36.45 52.27 8.14
CA PRO I 325 36.83 51.01 7.48
C PRO I 325 38.17 51.10 6.72
N GLY I 326 39.10 50.20 7.00
CA GLY I 326 40.32 50.14 6.23
C GLY I 326 41.38 51.16 6.61
N VAL I 327 41.12 51.92 7.68
CA VAL I 327 42.04 52.95 8.13
C VAL I 327 42.60 52.61 9.51
N GLN I 328 43.90 52.77 9.69
CA GLN I 328 44.49 52.43 10.98
C GLN I 328 44.13 53.46 12.04
N GLY I 329 43.49 52.98 13.10
CA GLY I 329 43.05 53.81 14.20
C GLY I 329 44.09 53.92 15.31
N GLY I 330 43.63 54.18 16.54
CA GLY I 330 44.52 54.37 17.66
C GLY I 330 44.01 55.42 18.63
N VAL I 331 44.54 55.40 19.84
CA VAL I 331 44.17 56.39 20.86
C VAL I 331 44.62 57.78 20.42
N GLN I 332 43.69 58.74 20.46
CA GLN I 332 43.98 60.13 20.15
C GLN I 332 43.93 60.96 21.43
N GLU I 333 45.08 61.48 21.88
CA GLU I 333 45.16 62.18 23.15
C GLU I 333 45.08 63.69 23.05
N GLN I 334 45.05 64.20 21.82
CA GLN I 334 44.96 65.63 21.61
C GLN I 334 43.64 66.15 22.18
N TYR I 335 43.71 67.28 22.89
CA TYR I 335 42.52 67.87 23.51
C TYR I 335 41.59 68.45 22.46
N GLY I 336 40.29 68.23 22.64
CA GLY I 336 39.29 68.79 21.74
C GLY I 336 37.89 68.81 22.34
N GLY I 337 36.94 69.39 21.59
CA GLY I 337 35.57 69.49 22.02
C GLY I 337 34.57 69.15 20.92
N GLN I 338 33.27 69.14 21.27
CA GLN I 338 32.21 68.82 20.33
C GLN I 338 32.14 69.77 19.12
N VAL I 339 32.59 71.00 19.31
CA VAL I 339 32.60 71.99 18.21
C VAL I 339 33.53 71.53 17.07
N ASP I 340 34.50 70.70 17.40
CA ASP I 340 35.51 70.24 16.44
C ASP I 340 35.08 69.00 15.63
N LEU I 341 33.96 68.40 15.97
CA LEU I 341 33.56 67.12 15.38
C LEU I 341 33.17 67.23 13.90
N LEU I 342 32.33 68.20 13.54
CA LEU I 342 31.90 68.35 12.15
C LEU I 342 33.08 68.60 11.16
N PRO I 343 34.02 69.52 11.49
CA PRO I 343 35.20 69.65 10.60
C PRO I 343 36.01 68.36 10.48
N THR I 344 36.07 67.58 11.56
CA THR I 344 36.77 66.31 11.53
C THR I 344 36.08 65.34 10.56
N LEU I 345 34.75 65.25 10.66
CA LEU I 345 33.97 64.36 9.80
C LEU I 345 34.03 64.79 8.33
N LEU I 346 33.90 66.09 8.07
CA LEU I 346 33.90 66.56 6.69
C LEU I 346 35.20 66.25 5.96
N HIS I 347 36.33 66.45 6.63
CA HIS I 347 37.62 66.12 6.02
C HIS I 347 37.78 64.62 5.74
N LEU I 348 37.30 63.77 6.64
CA LEU I 348 37.32 62.31 6.42
C LEU I 348 36.52 61.94 5.16
N LEU I 349 35.41 62.64 4.93
CA LEU I 349 34.55 62.39 3.76
C LEU I 349 35.09 63.07 2.48
N GLY I 350 36.21 63.76 2.59
CA GLY I 350 36.85 64.40 1.45
C GLY I 350 36.25 65.75 1.08
N VAL I 351 35.55 66.36 2.03
CA VAL I 351 34.88 67.64 1.84
C VAL I 351 35.67 68.80 2.45
N ASP I 352 35.97 69.80 1.65
CA ASP I 352 36.64 70.99 2.13
C ASP I 352 35.60 71.95 2.75
N ASN I 353 35.86 72.41 3.97
CA ASN I 353 34.90 73.25 4.70
C ASN I 353 35.42 74.67 5.01
N LYS I 354 36.43 75.09 4.28
CA LYS I 354 37.15 76.34 4.56
C LYS I 354 36.27 77.58 4.46
N GLU I 355 35.25 77.54 3.61
CA GLU I 355 34.39 78.70 3.36
C GLU I 355 33.13 78.74 4.24
N TYR I 356 32.95 77.73 5.09
CA TYR I 356 31.80 77.61 5.99
C TYR I 356 31.98 78.37 7.31
N LEU I 357 30.88 78.86 7.87
CA LEU I 357 30.94 79.49 9.19
C LEU I 357 30.95 78.42 10.27
N GLN I 358 32.14 77.88 10.53
CA GLN I 358 32.28 76.81 11.50
C GLN I 358 33.45 77.12 12.44
N PHE I 359 33.22 76.96 13.74
CA PHE I 359 34.19 77.41 14.73
C PHE I 359 35.18 76.34 15.18
N GLY I 360 34.89 75.08 14.84
CA GLY I 360 35.77 73.99 15.21
C GLY I 360 36.87 73.76 14.20
N THR I 361 37.84 72.92 14.55
CA THR I 361 38.91 72.56 13.63
C THR I 361 39.11 71.04 13.63
N ASP I 362 39.55 70.50 12.48
CA ASP I 362 39.82 69.06 12.31
C ASP I 362 40.73 68.48 13.39
N LEU I 363 40.21 67.52 14.14
CA LEU I 363 40.92 66.93 15.27
C LEU I 363 42.13 66.09 14.84
N LEU I 364 42.14 65.69 13.57
CA LEU I 364 43.22 64.86 13.04
C LEU I 364 44.30 65.68 12.33
N SER I 365 44.09 66.99 12.25
CA SER I 365 45.05 67.91 11.64
C SER I 365 46.15 68.33 12.60
N LYS I 366 47.38 68.46 12.08
CA LYS I 366 48.50 68.88 12.91
C LYS I 366 48.33 70.32 13.39
N ASP I 367 47.48 71.07 12.69
CA ASP I 367 47.26 72.48 13.01
C ASP I 367 46.08 72.71 13.97
N HIS I 368 45.49 71.63 14.45
CA HIS I 368 44.47 71.74 15.50
C HIS I 368 45.09 72.25 16.81
N LYS I 369 44.51 73.32 17.37
CA LYS I 369 44.95 73.83 18.67
C LYS I 369 44.28 73.10 19.83
N GLN I 370 45.07 72.73 20.83
CA GLN I 370 44.57 72.01 21.99
C GLN I 370 44.02 73.01 23.00
N LEU I 371 42.88 73.61 22.63
CA LEU I 371 42.19 74.58 23.47
C LEU I 371 40.70 74.26 23.45
N VAL I 372 40.11 74.04 24.62
CA VAL I 372 38.74 73.60 24.68
C VAL I 372 37.90 74.58 25.51
N PRO I 373 37.18 75.49 24.83
CA PRO I 373 36.23 76.42 25.49
C PRO I 373 35.06 75.71 26.17
N PHE I 374 34.68 76.17 27.36
CA PHE I 374 33.40 75.79 27.94
C PHE I 374 32.40 76.88 27.65
N ARG I 375 31.11 76.54 27.72
CA ARG I 375 30.07 77.51 27.41
C ARG I 375 30.07 78.71 28.38
N ASN I 376 30.51 78.49 29.62
CA ASN I 376 30.53 79.57 30.61
C ASN I 376 31.78 80.46 30.53
N GLY I 377 32.63 80.22 29.54
CA GLY I 377 33.82 81.03 29.39
C GLY I 377 35.06 80.35 29.94
N ASP I 378 34.86 79.28 30.72
CA ASP I 378 35.98 78.45 31.16
C ASP I 378 36.65 77.76 29.97
N TYR I 379 37.83 77.21 30.19
CA TYR I 379 38.54 76.52 29.10
C TYR I 379 39.57 75.50 29.59
N ILE I 380 39.88 74.52 28.76
CA ILE I 380 40.89 73.50 29.06
C ILE I 380 42.05 73.50 28.03
N THR I 381 43.28 73.52 28.51
CA THR I 381 44.44 73.27 27.66
C THR I 381 45.30 72.25 28.39
N PRO I 382 46.28 71.64 27.69
CA PRO I 382 47.11 70.65 28.40
C PRO I 382 47.99 71.24 29.51
N THR I 383 48.21 72.56 29.54
CA THR I 383 49.09 73.12 30.57
C THR I 383 48.32 73.85 31.69
N TYR I 384 47.57 74.88 31.34
CA TYR I 384 46.77 75.60 32.33
C TYR I 384 45.29 75.57 31.92
N SER I 385 44.41 75.52 32.91
CA SER I 385 42.97 75.51 32.61
C SER I 385 42.28 76.51 33.52
N MET I 386 41.26 77.18 33.00
CA MET I 386 40.43 78.05 33.82
C MET I 386 39.13 77.34 34.13
N ILE I 387 38.83 77.19 35.42
CA ILE I 387 37.65 76.46 35.87
C ILE I 387 36.93 77.24 36.97
N GLY I 388 35.66 77.57 36.72
CA GLY I 388 34.90 78.44 37.59
C GLY I 388 35.52 79.83 37.68
N GLY I 389 36.18 80.27 36.61
CA GLY I 389 36.83 81.57 36.59
C GLY I 389 38.21 81.64 37.26
N ASN I 390 38.68 80.50 37.77
CA ASN I 390 39.99 80.43 38.44
C ASN I 390 40.97 79.55 37.69
N MET I 391 42.26 79.79 37.89
CA MET I 391 43.31 79.09 37.15
C MET I 391 43.82 77.83 37.85
N TYR I 392 44.04 76.77 37.09
CA TYR I 392 44.59 75.53 37.64
C TYR I 392 45.68 74.97 36.74
N ASN I 393 46.67 74.31 37.34
CA ASN I 393 47.61 73.52 36.59
C ASN I 393 46.87 72.27 36.13
N GLN I 394 46.78 72.06 34.82
CA GLN I 394 45.99 70.95 34.23
C GLN I 394 46.60 69.58 34.56
N GLN I 395 47.92 69.55 34.71
CA GLN I 395 48.63 68.29 34.97
C GLN I 395 48.63 67.90 36.43
N THR I 396 48.59 68.89 37.33
CA THR I 396 48.70 68.59 38.75
C THR I 396 47.39 68.85 39.51
N GLY I 397 46.54 69.70 38.98
CA GLY I 397 45.30 70.06 39.65
C GLY I 397 45.50 71.16 40.68
N GLU I 398 46.74 71.63 40.79
CA GLU I 398 47.10 72.66 41.77
C GLU I 398 46.61 74.03 41.28
N PRO I 399 46.00 74.79 42.18
CA PRO I 399 45.51 76.14 41.85
C PRO I 399 46.64 77.10 41.50
N ILE I 400 46.36 78.01 40.58
CA ILE I 400 47.28 79.09 40.23
C ILE I 400 46.62 80.40 40.65
N ALA I 401 47.28 81.16 41.53
CA ALA I 401 46.63 82.32 42.16
C ALA I 401 46.29 83.46 41.18
N THR I 402 47.25 83.85 40.33
CA THR I 402 47.07 85.00 39.44
C THR I 402 47.28 84.63 37.96
N GLU I 403 46.36 85.04 37.10
CA GLU I 403 46.51 84.87 35.66
C GLU I 403 47.76 85.56 35.13
N THR I 404 48.51 84.86 34.29
CA THR I 404 49.63 85.46 33.58
C THR I 404 49.09 86.09 32.29
N LYS I 405 49.94 86.84 31.59
CA LYS I 405 49.57 87.42 30.30
C LYS I 405 49.06 86.36 29.34
N GLU I 406 49.74 85.22 29.36
CA GLU I 406 49.44 84.13 28.44
C GLU I 406 48.07 83.51 28.75
N MET I 407 47.75 83.39 30.04
CA MET I 407 46.49 82.84 30.48
C MET I 407 45.34 83.78 30.15
N LYS I 408 45.59 85.07 30.34
CA LYS I 408 44.60 86.11 30.06
C LYS I 408 44.27 86.21 28.58
N GLU I 409 45.30 86.08 27.74
CA GLU I 409 45.14 86.06 26.28
C GLU I 409 44.27 84.90 25.81
N THR I 410 44.54 83.70 26.35
CA THR I 410 43.73 82.52 26.05
C THR I 410 42.28 82.70 26.49
N LYS I 411 42.09 83.24 27.69
CA LYS I 411 40.78 83.53 28.22
C LYS I 411 39.97 84.42 27.27
N GLU I 412 40.63 85.44 26.74
CA GLU I 412 40.00 86.38 25.83
C GLU I 412 39.77 85.80 24.45
N LYS I 413 40.61 84.88 24.02
CA LYS I 413 40.39 84.18 22.75
C LYS I 413 39.13 83.32 22.83
N VAL I 414 38.99 82.61 23.94
CA VAL I 414 37.79 81.80 24.22
C VAL I 414 36.52 82.66 24.27
N ALA I 415 36.59 83.79 24.96
CA ALA I 415 35.45 84.72 25.04
C ALA I 415 35.07 85.27 23.68
N LYS I 416 36.08 85.53 22.85
CA LYS I 416 35.87 86.03 21.50
C LYS I 416 35.17 85.00 20.60
N GLU I 417 35.64 83.75 20.63
CA GLU I 417 35.01 82.67 19.85
C GLU I 417 33.54 82.48 20.25
N LEU I 418 33.26 82.43 21.55
CA LEU I 418 31.89 82.24 22.02
C LEU I 418 30.97 83.40 21.61
N GLU I 419 31.49 84.62 21.63
CA GLU I 419 30.73 85.81 21.22
C GLU I 419 30.35 85.78 19.73
N LEU I 420 31.28 85.36 18.89
CA LEU I 420 31.06 85.31 17.45
C LEU I 420 30.07 84.20 17.08
N SER I 421 30.14 83.07 17.78
CA SER I 421 29.14 82.03 17.60
C SER I 421 27.77 82.56 17.96
N ASP I 422 27.69 83.26 19.09
CA ASP I 422 26.43 83.84 19.55
C ASP I 422 25.88 84.88 18.58
N SER I 423 26.78 85.61 17.93
CA SER I 423 26.37 86.64 16.98
C SER I 423 25.72 85.99 15.77
N VAL I 424 26.19 84.80 15.38
CA VAL I 424 25.58 84.03 14.30
C VAL I 424 24.13 83.62 14.63
N LEU I 425 23.92 83.07 15.83
CA LEU I 425 22.59 82.66 16.26
C LEU I 425 21.66 83.85 16.49
N GLN I 426 22.16 84.87 17.20
CA GLN I 426 21.34 86.02 17.56
C GLN I 426 21.10 86.97 16.39
N GLY I 427 22.06 87.03 15.46
CA GLY I 427 21.92 87.87 14.29
C GLY I 427 21.35 87.15 13.07
N ASP I 428 21.19 85.83 13.19
CA ASP I 428 20.72 84.96 12.11
C ASP I 428 21.49 85.26 10.83
N LEU I 429 22.82 85.19 10.93
CA LEU I 429 23.70 85.73 9.89
C LEU I 429 23.79 84.89 8.63
N LEU I 430 23.38 83.62 8.69
CA LEU I 430 23.47 82.76 7.53
C LEU I 430 22.39 83.07 6.49
N ARG I 431 21.41 83.90 6.86
CA ARG I 431 20.53 84.55 5.89
C ARG I 431 21.35 85.29 4.84
N PHE I 432 22.47 85.84 5.28
CA PHE I 432 23.26 86.78 4.50
C PHE I 432 24.51 86.19 3.85
N TYR I 433 24.78 84.90 4.10
CA TYR I 433 25.99 84.29 3.53
C TYR I 433 25.88 82.80 3.32
N ALA I 434 26.33 82.36 2.15
CA ALA I 434 26.61 80.95 1.90
C ALA I 434 27.83 80.86 0.96
N PRO I 435 28.63 79.79 1.10
CA PRO I 435 29.76 79.60 0.17
C PRO I 435 29.27 79.51 -1.26
N ASP I 436 30.12 79.88 -2.22
CA ASP I 436 29.75 79.86 -3.62
C ASP I 436 29.38 78.44 -4.08
N GLY I 437 28.23 78.33 -4.74
CA GLY I 437 27.75 77.06 -5.27
C GLY I 437 26.88 76.24 -4.34
N PHE I 438 26.80 76.68 -3.08
CA PHE I 438 25.97 76.04 -2.07
C PHE I 438 24.51 76.39 -2.29
N LYS I 439 23.68 75.36 -2.43
CA LYS I 439 22.24 75.52 -2.59
C LYS I 439 21.55 75.39 -1.23
N LYS I 440 20.72 76.37 -0.88
CA LYS I 440 20.15 76.49 0.46
C LYS I 440 18.88 75.66 0.70
N VAL I 441 18.71 75.28 1.97
CA VAL I 441 17.55 74.52 2.41
C VAL I 441 16.27 75.32 2.36
N ASP I 442 15.25 74.70 1.77
CA ASP I 442 13.88 75.19 1.82
C ASP I 442 13.11 74.35 2.84
N PRO I 443 12.95 74.88 4.05
CA PRO I 443 12.35 74.12 5.16
C PRO I 443 10.90 73.74 4.91
N SER I 444 10.25 74.41 3.97
CA SER I 444 8.85 74.10 3.66
C SER I 444 8.73 72.78 2.92
N LYS I 445 9.83 72.27 2.39
CA LYS I 445 9.79 71.05 1.60
C LYS I 445 9.98 69.81 2.46
N TYR I 446 9.80 69.94 3.77
CA TYR I 446 9.99 68.81 4.67
C TYR I 446 8.73 68.51 5.48
N ASN I 447 8.44 67.21 5.60
CA ASN I 447 7.32 66.69 6.39
C ASN I 447 7.68 65.39 7.08
N TYR I 448 7.57 65.38 8.40
CA TYR I 448 7.99 64.23 9.20
C TYR I 448 6.80 63.41 9.68
N ASN I 449 5.60 63.91 9.43
CA ASN I 449 4.37 63.21 9.80
C ASN I 449 4.12 61.92 9.03
N LYS I 450 3.35 61.03 9.66
CA LYS I 450 2.95 59.72 9.12
C LYS I 450 4.14 58.76 9.12
N SER J 33 80.70 17.76 0.36
CA SER J 33 81.49 16.71 1.00
C SER J 33 80.92 16.34 2.37
N SER J 34 79.61 16.12 2.41
CA SER J 34 78.96 15.48 3.55
C SER J 34 79.01 13.96 3.37
N ASP J 35 79.26 13.18 4.42
CA ASP J 35 79.14 11.72 4.27
C ASP J 35 77.70 11.27 4.49
N VAL J 36 77.45 9.97 4.31
CA VAL J 36 76.13 9.38 4.52
C VAL J 36 75.58 9.54 5.95
N THR J 37 76.45 9.50 6.96
CA THR J 37 76.02 9.62 8.34
C THR J 37 75.34 10.95 8.60
N GLU J 38 75.95 12.02 8.10
CA GLU J 38 75.40 13.37 8.24
C GLU J 38 74.07 13.55 7.52
N VAL J 39 74.01 13.01 6.31
CA VAL J 39 72.81 13.07 5.50
C VAL J 39 71.68 12.31 6.18
N LEU J 40 71.99 11.11 6.66
CA LEU J 40 71.00 10.27 7.29
C LEU J 40 70.48 10.91 8.58
N ASN J 41 71.37 11.55 9.34
CA ASN J 41 70.95 12.28 10.54
C ASN J 41 70.01 13.42 10.20
N TYR J 42 70.27 14.11 9.09
CA TYR J 42 69.37 15.16 8.62
C TYR J 42 68.00 14.57 8.31
N THR J 43 67.95 13.58 7.43
CA THR J 43 66.68 13.05 6.95
C THR J 43 65.89 12.39 8.09
N LYS J 44 66.58 11.70 8.99
CA LYS J 44 65.89 11.06 10.10
C LYS J 44 65.25 12.10 11.04
N SER J 45 65.92 13.22 11.24
CA SER J 45 65.40 14.32 12.07
C SER J 45 64.23 15.03 11.40
N LYS J 46 64.19 14.97 10.07
CA LYS J 46 63.11 15.62 9.33
C LYS J 46 61.87 14.73 9.23
N TYR J 47 62.06 13.42 9.31
CA TYR J 47 60.99 12.42 9.12
C TYR J 47 59.68 12.74 9.83
N ALA J 48 58.58 12.64 9.08
CA ALA J 48 57.23 12.80 9.63
C ALA J 48 56.52 11.45 9.65
N ALA J 49 56.01 11.06 10.82
CA ALA J 49 55.32 9.77 10.99
C ALA J 49 53.98 9.75 10.26
N PRO J 50 53.53 8.57 9.81
CA PRO J 50 52.29 8.47 9.05
C PRO J 50 51.05 8.94 9.82
N ASN J 51 50.06 9.42 9.09
CA ASN J 51 48.77 9.73 9.67
C ASN J 51 47.97 8.40 9.72
N PRO J 52 47.60 7.97 10.94
CA PRO J 52 46.89 6.69 11.12
C PRO J 52 45.59 6.60 10.32
N GLU J 53 44.99 7.74 10.01
CA GLU J 53 43.76 7.80 9.24
C GLU J 53 43.98 7.41 7.77
N TYR J 54 45.23 7.49 7.31
CA TYR J 54 45.56 7.24 5.92
C TYR J 54 46.61 6.15 5.71
N PHE J 55 47.33 5.80 6.76
CA PHE J 55 48.38 4.80 6.64
C PHE J 55 47.81 3.41 6.25
N GLY J 56 48.32 2.86 5.16
CA GLY J 56 47.94 1.53 4.69
C GLY J 56 46.55 1.44 4.06
N LYS J 57 45.91 2.59 3.85
CA LYS J 57 44.55 2.63 3.31
C LYS J 57 44.51 2.18 1.86
N ALA J 58 45.69 2.07 1.25
CA ALA J 58 45.83 1.57 -0.10
C ALA J 58 46.80 0.39 -0.17
N LYS J 59 46.94 -0.33 0.94
CA LYS J 59 47.84 -1.49 0.99
C LYS J 59 47.44 -2.57 -0.02
N GLY J 60 48.40 -3.02 -0.82
CA GLY J 60 48.15 -4.05 -1.81
C GLY J 60 47.65 -3.56 -3.16
N LYS J 61 47.29 -2.28 -3.26
CA LYS J 61 46.73 -1.72 -4.49
C LYS J 61 47.81 -1.51 -5.56
N ASN J 62 47.40 -1.54 -6.83
CA ASN J 62 48.29 -1.11 -7.91
C ASN J 62 48.59 0.37 -7.79
N VAL J 63 49.66 0.81 -8.44
CA VAL J 63 49.96 2.24 -8.53
C VAL J 63 50.06 2.63 -10.00
N ILE J 64 49.28 3.63 -10.40
CA ILE J 64 49.36 4.13 -11.77
C ILE J 64 49.66 5.63 -11.78
N TYR J 65 50.89 5.99 -12.12
CA TYR J 65 51.26 7.39 -12.28
C TYR J 65 50.88 7.91 -13.66
N ILE J 66 50.12 9.00 -13.70
CA ILE J 66 49.82 9.67 -14.95
C ILE J 66 50.57 11.00 -15.03
N HIS J 67 51.62 11.01 -15.83
CA HIS J 67 52.54 12.13 -15.97
C HIS J 67 51.99 13.17 -16.95
N LEU J 68 51.51 14.28 -16.40
CA LEU J 68 50.97 15.34 -17.23
C LEU J 68 52.11 16.29 -17.65
N GLU J 69 52.57 16.10 -18.88
CA GLU J 69 53.71 16.83 -19.39
C GLU J 69 53.48 18.34 -19.39
N SER J 70 54.41 19.07 -18.77
CA SER J 70 54.42 20.53 -18.80
C SER J 70 53.07 21.16 -18.38
N PHE J 71 52.39 20.51 -17.44
CA PHE J 71 51.03 20.88 -17.04
C PHE J 71 51.04 21.72 -15.77
N GLN J 72 50.60 22.98 -15.86
CA GLN J 72 50.60 23.86 -14.68
C GLN J 72 49.23 23.85 -13.98
N GLN J 73 49.23 24.11 -12.68
CA GLN J 73 48.02 24.03 -11.84
C GLN J 73 46.98 25.08 -12.21
N PHE J 74 47.41 26.19 -12.81
CA PHE J 74 46.44 27.24 -13.16
C PHE J 74 45.47 26.75 -14.26
N LEU J 75 45.85 25.69 -14.98
CA LEU J 75 44.97 25.08 -15.99
C LEU J 75 43.74 24.41 -15.36
N VAL J 76 43.86 23.95 -14.11
CA VAL J 76 42.73 23.29 -13.45
C VAL J 76 41.56 24.27 -13.27
N ASN J 77 40.40 23.92 -13.83
CA ASN J 77 39.18 24.75 -13.83
C ASN J 77 39.27 26.06 -14.62
N TYR J 78 40.30 26.18 -15.44
CA TYR J 78 40.49 27.36 -16.28
C TYR J 78 39.48 27.33 -17.43
N LYS J 79 38.88 28.48 -17.71
CA LYS J 79 37.96 28.58 -18.83
C LYS J 79 38.54 29.53 -19.87
N LEU J 80 38.65 29.02 -21.09
CA LEU J 80 39.12 29.81 -22.22
C LEU J 80 37.94 30.14 -23.12
N ASN J 81 37.58 31.42 -23.17
CA ASN J 81 36.40 31.87 -23.90
C ASN J 81 35.14 31.14 -23.42
N GLY J 82 34.97 31.08 -22.10
CA GLY J 82 33.80 30.46 -21.49
C GLY J 82 33.85 28.92 -21.39
N GLU J 83 34.88 28.31 -21.96
CA GLU J 83 34.95 26.86 -22.10
C GLU J 83 36.08 26.25 -21.28
N GLU J 84 35.75 25.23 -20.49
CA GLU J 84 36.76 24.50 -19.73
C GLU J 84 37.80 23.89 -20.69
N VAL J 85 39.06 24.20 -20.45
CA VAL J 85 40.14 23.71 -21.30
C VAL J 85 40.37 22.23 -21.04
N THR J 86 40.34 21.82 -19.78
CA THR J 86 40.62 20.43 -19.43
C THR J 86 39.51 19.83 -18.58
N PRO J 87 38.32 19.64 -19.18
CA PRO J 87 37.12 19.29 -18.42
C PRO J 87 37.25 17.95 -17.69
N PHE J 88 37.91 16.97 -18.30
CA PHE J 88 37.98 15.67 -17.64
C PHE J 88 38.82 15.73 -16.40
N ILE J 89 40.00 16.33 -16.51
CA ILE J 89 40.91 16.45 -15.39
C ILE J 89 40.27 17.31 -14.27
N ASN J 90 39.46 18.31 -14.65
CA ASN J 90 38.66 19.10 -13.69
C ASN J 90 37.72 18.26 -12.85
N SER J 91 37.12 17.25 -13.49
CA SER J 91 36.23 16.31 -12.81
C SER J 91 37.01 15.38 -11.87
N PHE J 92 38.20 14.96 -12.28
CA PHE J 92 39.09 14.12 -11.47
C PHE J 92 39.54 14.87 -10.20
N PHE J 93 39.84 16.15 -10.37
CA PHE J 93 40.24 17.04 -9.28
C PHE J 93 39.22 17.03 -8.14
N LYS J 94 37.94 17.09 -8.48
CA LYS J 94 36.87 17.23 -7.49
C LYS J 94 36.21 15.90 -7.09
N ASP J 95 36.66 14.79 -7.66
CA ASP J 95 36.08 13.48 -7.34
C ASP J 95 36.14 13.21 -5.84
N GLN J 96 35.13 12.51 -5.32
CA GLN J 96 34.99 12.29 -3.89
C GLN J 96 36.17 11.47 -3.32
N ASN J 97 36.75 10.61 -4.15
CA ASN J 97 37.85 9.79 -3.68
C ASN J 97 39.21 10.35 -4.07
N THR J 98 39.24 11.61 -4.47
CA THR J 98 40.50 12.19 -4.87
C THR J 98 41.03 13.21 -3.86
N LEU J 99 42.27 13.02 -3.42
CA LEU J 99 42.98 14.01 -2.63
C LEU J 99 43.70 14.98 -3.58
N SER J 100 43.28 16.24 -3.61
CA SER J 100 43.74 17.17 -4.63
C SER J 100 44.48 18.37 -4.04
N PHE J 101 45.70 18.60 -4.52
CA PHE J 101 46.58 19.62 -3.94
C PHE J 101 46.62 20.90 -4.76
N THR J 102 46.36 22.02 -4.09
CA THR J 102 46.30 23.31 -4.75
C THR J 102 47.55 24.17 -4.54
N ASN J 103 48.43 23.72 -3.63
CA ASN J 103 49.68 24.43 -3.34
C ASN J 103 50.88 23.48 -3.42
N PHE J 104 50.92 22.70 -4.50
CA PHE J 104 51.96 21.70 -4.73
C PHE J 104 52.90 22.19 -5.84
N PHE J 105 54.20 22.20 -5.58
CA PHE J 105 55.15 22.83 -6.49
C PHE J 105 56.10 21.81 -7.12
N HIS J 106 56.45 22.03 -8.38
CA HIS J 106 57.53 21.27 -8.99
C HIS J 106 58.84 21.84 -8.45
N GLN J 107 59.87 20.99 -8.38
CA GLN J 107 61.14 21.41 -7.82
C GLN J 107 62.28 21.02 -8.75
N THR J 108 62.02 21.10 -10.06
CA THR J 108 62.97 20.69 -11.10
C THR J 108 63.99 21.77 -11.48
N GLY J 109 65.06 21.35 -12.15
CA GLY J 109 66.06 22.27 -12.64
C GLY J 109 66.29 22.09 -14.13
N GLN J 110 67.56 22.01 -14.52
CA GLN J 110 67.91 21.91 -15.94
C GLN J 110 67.63 20.53 -16.51
N GLY J 111 67.41 19.56 -15.62
CA GLY J 111 67.09 18.20 -16.02
C GLY J 111 65.65 18.08 -16.44
N LYS J 112 64.87 19.13 -16.18
CA LYS J 112 63.47 19.24 -16.60
C LYS J 112 62.64 18.03 -16.19
N TPO J 113 62.20 17.27 -17.20
CA TPO J 113 61.43 16.03 -17.02
CB TPO J 113 61.00 15.46 -18.38
CG2 TPO J 113 60.08 14.26 -18.19
OG1 TPO J 113 60.27 16.47 -19.10
P TPO J 113 61.07 16.94 -20.43
O1P TPO J 113 60.84 15.91 -21.49
O2P TPO J 113 60.51 18.37 -20.90
O3P TPO J 113 62.64 17.09 -20.13
C TPO J 113 62.19 14.98 -16.22
O TPO J 113 61.62 14.33 -15.34
N ALA J 114 63.47 14.82 -16.51
CA ALA J 114 64.30 13.85 -15.81
C ALA J 114 64.44 14.20 -14.32
N ASP J 115 64.47 15.51 -14.01
CA ASP J 115 64.54 15.93 -12.62
C ASP J 115 63.28 15.54 -11.83
N SER J 116 62.11 15.64 -12.45
CA SER J 116 60.85 15.24 -11.80
C SER J 116 60.81 13.75 -11.47
N GLU J 117 61.42 12.94 -12.33
CA GLU J 117 61.54 11.48 -12.15
C GLU J 117 62.47 11.14 -11.00
N MET J 118 63.59 11.86 -10.93
CA MET J 118 64.55 11.72 -9.83
C MET J 118 63.85 11.97 -8.51
N LEU J 119 63.05 13.04 -8.46
CA LEU J 119 62.30 13.42 -7.28
C LEU J 119 61.24 12.38 -6.91
N LEU J 120 60.46 11.96 -7.89
CA LEU J 120 59.38 11.02 -7.65
C LEU J 120 59.85 9.63 -7.25
N GLU J 121 60.92 9.16 -7.88
CA GLU J 121 61.38 7.81 -7.67
C GLU J 121 62.34 7.67 -6.47
N ASN J 122 63.02 8.75 -6.09
CA ASN J 122 64.07 8.65 -5.08
C ASN J 122 63.92 9.63 -3.92
N SER J 123 63.04 10.62 -4.08
CA SER J 123 62.91 11.72 -3.13
C SER J 123 64.27 12.39 -2.96
N LEU J 124 64.96 12.53 -4.09
CA LEU J 124 66.22 13.27 -4.19
C LEU J 124 66.04 14.36 -5.24
N TYR J 125 66.64 15.52 -5.05
CA TYR J 125 66.58 16.57 -6.06
C TYR J 125 67.51 16.25 -7.24
N GLY J 126 67.27 16.85 -8.41
CA GLY J 126 68.25 16.86 -9.50
C GLY J 126 69.47 17.70 -9.15
N LEU J 127 70.39 17.89 -10.10
CA LEU J 127 71.61 18.65 -9.82
C LEU J 127 71.36 20.16 -10.00
N PRO J 128 72.18 21.02 -9.36
CA PRO J 128 71.95 22.46 -9.51
C PRO J 128 72.22 22.94 -10.93
N GLN J 129 73.07 22.20 -11.65
CA GLN J 129 73.23 22.40 -13.08
C GLN J 129 73.30 21.06 -13.80
N GLY J 130 72.95 21.06 -15.08
CA GLY J 130 72.91 19.86 -15.88
C GLY J 130 71.89 18.83 -15.44
N SER J 131 72.02 17.63 -15.99
CA SER J 131 71.02 16.59 -15.73
C SER J 131 71.63 15.42 -14.97
N ALA J 132 71.07 15.12 -13.81
CA ALA J 132 71.51 13.99 -12.99
C ALA J 132 71.34 12.64 -13.70
N PHE J 133 70.27 12.49 -14.47
CA PHE J 133 70.02 11.27 -15.26
C PHE J 133 71.17 11.00 -16.22
N THR J 134 71.71 12.08 -16.77
CA THR J 134 72.80 12.01 -17.73
C THR J 134 74.15 11.66 -17.11
N THR J 135 74.42 12.23 -15.94
CA THR J 135 75.75 12.14 -15.34
C THR J 135 75.79 11.19 -14.15
N LYS J 136 74.63 10.82 -13.63
CA LYS J 136 74.60 9.93 -12.47
C LYS J 136 73.89 8.62 -12.81
N GLY J 137 74.00 8.19 -14.06
CA GLY J 137 73.35 6.97 -14.53
C GLY J 137 73.91 5.68 -13.95
N GLN J 138 75.07 5.74 -13.29
CA GLN J 138 75.62 4.55 -12.68
C GLN J 138 75.73 4.61 -11.16
N ASN J 139 75.10 5.62 -10.56
CA ASN J 139 75.00 5.66 -9.10
C ASN J 139 74.13 4.54 -8.55
N THR J 140 74.34 4.21 -7.28
CA THR J 140 73.47 3.28 -6.55
C THR J 140 72.22 3.99 -6.05
N TYR J 141 71.06 3.40 -6.34
CA TYR J 141 69.80 3.98 -5.89
C TYR J 141 69.00 2.97 -5.11
N GLU J 142 68.09 3.45 -4.28
CA GLU J 142 67.16 2.61 -3.55
C GLU J 142 65.76 3.14 -3.81
N SER J 143 65.31 2.96 -5.05
CA SER J 143 64.12 3.63 -5.57
C SER J 143 62.79 2.95 -5.24
N ALA J 144 61.69 3.65 -5.57
CA ALA J 144 60.33 3.14 -5.36
C ALA J 144 60.08 1.78 -5.99
N SER J 145 60.56 1.61 -7.22
CA SER J 145 60.40 0.34 -7.95
C SER J 145 61.10 -0.82 -7.22
N ALA J 146 62.28 -0.55 -6.65
CA ALA J 146 63.02 -1.58 -5.90
C ALA J 146 62.37 -1.83 -4.55
N ILE J 147 61.96 -0.75 -3.88
CA ILE J 147 61.34 -0.86 -2.58
C ILE J 147 60.03 -1.62 -2.67
N LEU J 148 59.20 -1.23 -3.64
CA LEU J 148 57.93 -1.89 -3.84
C LEU J 148 58.11 -3.22 -4.56
N GLY J 149 59.12 -3.31 -5.42
CA GLY J 149 59.49 -4.58 -6.02
C GLY J 149 59.72 -5.70 -5.01
N GLN J 150 60.42 -5.37 -3.92
CA GLN J 150 60.64 -6.31 -2.80
C GLN J 150 59.35 -6.68 -2.08
N GLN J 151 58.28 -5.95 -2.36
CA GLN J 151 56.98 -6.22 -1.77
C GLN J 151 56.09 -6.96 -2.76
N GLY J 152 56.70 -7.47 -3.84
CA GLY J 152 56.01 -8.28 -4.82
C GLY J 152 55.32 -7.46 -5.91
N TYR J 153 55.68 -6.19 -6.00
CA TYR J 153 55.19 -5.32 -7.07
C TYR J 153 55.97 -5.57 -8.35
N THR J 154 55.27 -5.61 -9.49
CA THR J 154 55.95 -5.55 -10.77
C THR J 154 56.01 -4.08 -11.22
N SER J 155 57.10 -3.65 -11.84
CA SER J 155 57.22 -2.24 -12.17
C SER J 155 57.44 -2.01 -13.67
N ALA J 156 56.92 -0.90 -14.17
CA ALA J 156 57.06 -0.57 -15.59
C ALA J 156 56.91 0.93 -15.88
N VAL J 157 57.71 1.41 -16.84
CA VAL J 157 57.55 2.75 -17.43
C VAL J 157 57.04 2.65 -18.87
N PHE J 158 56.10 3.51 -19.22
CA PHE J 158 55.55 3.62 -20.57
C PHE J 158 55.90 4.98 -21.12
N HIS J 159 56.45 5.02 -22.33
CA HIS J 159 56.84 6.29 -22.93
C HIS J 159 56.93 6.18 -24.45
N GLY J 160 56.29 7.12 -25.16
CA GLY J 160 56.23 7.06 -26.61
C GLY J 160 57.45 7.62 -27.29
N ASN J 161 58.60 7.48 -26.64
CA ASN J 161 59.87 7.90 -27.23
C ASN J 161 60.97 6.88 -26.89
N TYR J 162 62.13 6.98 -27.55
CA TYR J 162 63.15 5.93 -27.45
C TYR J 162 63.92 6.02 -26.14
N LYS J 163 64.31 4.84 -25.62
CA LYS J 163 64.86 4.71 -24.27
C LYS J 163 66.23 5.35 -24.05
N SER J 164 66.91 5.70 -25.14
CA SER J 164 68.23 6.32 -25.02
C SER J 164 68.12 7.74 -24.48
N PHE J 165 66.97 8.34 -24.71
CA PHE J 165 66.78 9.74 -24.42
C PHE J 165 66.70 9.98 -22.91
N TRP J 166 67.33 11.07 -22.46
CA TRP J 166 67.56 11.37 -21.05
C TRP J 166 68.29 10.23 -20.35
N ASN J 167 68.99 9.38 -21.11
CA ASN J 167 69.74 8.27 -20.52
C ASN J 167 68.87 7.31 -19.70
N ARG J 168 67.58 7.25 -20.03
CA ARG J 168 66.64 6.44 -19.25
C ARG J 168 66.98 4.96 -19.24
N ASP J 169 67.42 4.45 -20.38
CA ASP J 169 67.79 3.04 -20.53
C ASP J 169 68.73 2.56 -19.43
N GLU J 170 69.74 3.37 -19.14
CA GLU J 170 70.75 3.03 -18.16
C GLU J 170 70.28 3.19 -16.71
N ILE J 171 69.75 4.37 -16.38
CA ILE J 171 69.46 4.67 -14.99
C ILE J 171 68.22 3.92 -14.46
N TYR J 172 67.30 3.55 -15.35
CA TYR J 172 66.14 2.77 -14.94
C TYR J 172 66.55 1.43 -14.32
N LYS J 173 67.67 0.88 -14.78
CA LYS J 173 68.19 -0.37 -14.25
C LYS J 173 68.74 -0.23 -12.84
N GLN J 174 69.29 0.94 -12.53
CA GLN J 174 69.76 1.23 -11.17
C GLN J 174 68.56 1.41 -10.24
N PHE J 175 67.49 1.98 -10.80
CA PHE J 175 66.24 2.14 -10.08
C PHE J 175 65.59 0.77 -9.84
N GLY J 176 65.80 -0.16 -10.77
CA GLY J 176 65.20 -1.47 -10.65
C GLY J 176 63.82 -1.55 -11.26
N TYR J 177 63.61 -0.81 -12.33
CA TYR J 177 62.37 -0.92 -13.08
C TYR J 177 62.35 -2.24 -13.84
N ASP J 178 61.33 -3.06 -13.62
CA ASP J 178 61.20 -4.35 -14.30
C ASP J 178 61.04 -4.21 -15.81
N ASN J 179 60.27 -3.21 -16.23
CA ASN J 179 59.96 -3.01 -17.65
C ASN J 179 60.05 -1.56 -18.11
N PHE J 180 60.51 -1.35 -19.34
CA PHE J 180 60.47 -0.04 -19.97
C PHE J 180 59.89 -0.18 -21.38
N PHE J 181 58.60 0.12 -21.51
CA PHE J 181 57.94 0.12 -22.81
C PHE J 181 58.16 1.44 -23.55
N ASP J 182 59.30 1.55 -24.23
CA ASP J 182 59.65 2.77 -24.97
C ASP J 182 59.09 2.71 -26.40
N ALA J 183 59.54 3.61 -27.27
CA ALA J 183 58.94 3.77 -28.62
C ALA J 183 58.99 2.49 -29.46
N SER J 184 59.92 1.61 -29.12
CA SER J 184 60.10 0.35 -29.84
C SER J 184 58.89 -0.57 -29.70
N TYR J 185 58.10 -0.35 -28.66
CA TYR J 185 56.91 -1.16 -28.41
C TYR J 185 55.65 -0.55 -29.00
N TYR J 186 55.81 0.54 -29.76
CA TYR J 186 54.66 1.25 -30.31
C TYR J 186 54.72 1.35 -31.83
N ASP J 187 53.59 1.66 -32.46
CA ASP J 187 53.54 1.83 -33.91
C ASP J 187 53.90 3.26 -34.24
N MET J 188 55.16 3.48 -34.58
CA MET J 188 55.68 4.83 -34.78
C MET J 188 55.56 5.32 -36.22
N ASN J 189 54.36 5.22 -36.78
CA ASN J 189 54.08 5.72 -38.13
C ASN J 189 53.99 7.25 -38.16
N GLU J 190 54.01 7.88 -39.35
CA GLU J 190 54.11 9.34 -39.42
C GLU J 190 52.81 10.06 -39.13
N ALA J 191 51.69 9.36 -39.15
CA ALA J 191 50.41 9.98 -38.83
C ALA J 191 50.19 10.13 -37.33
N ASP J 192 50.84 9.27 -36.55
CA ASP J 192 50.62 9.22 -35.10
C ASP J 192 51.78 9.81 -34.29
N VAL J 193 52.79 10.28 -35.00
CA VAL J 193 54.02 10.69 -34.35
C VAL J 193 54.29 12.18 -34.51
N SER J 194 54.66 12.82 -33.40
CA SER J 194 55.05 14.21 -33.42
C SER J 194 56.58 14.27 -33.43
N ASN J 195 57.16 15.43 -33.16
CA ASN J 195 58.61 15.50 -33.23
C ASN J 195 59.26 15.28 -31.87
N TYR J 196 58.42 15.03 -30.87
CA TYR J 196 58.91 14.58 -29.57
C TYR J 196 58.60 13.10 -29.41
N GLY J 197 57.88 12.56 -30.38
CA GLY J 197 57.56 11.14 -30.39
C GLY J 197 56.10 10.84 -30.66
N LEU J 198 55.63 9.72 -30.12
CA LEU J 198 54.27 9.27 -30.36
C LEU J 198 53.24 10.19 -29.70
N LYS J 199 52.15 10.50 -30.41
CA LYS J 199 51.11 11.34 -29.80
C LYS J 199 50.39 10.61 -28.67
N ASP J 200 49.81 11.36 -27.74
CA ASP J 200 49.27 10.79 -26.51
C ASP J 200 48.10 9.84 -26.74
N LYS J 201 47.24 10.13 -27.71
CA LYS J 201 46.05 9.30 -27.92
C LYS J 201 46.39 7.91 -28.46
N PRO J 202 47.23 7.83 -29.51
CA PRO J 202 47.65 6.47 -29.88
C PRO J 202 48.53 5.79 -28.82
N PHE J 203 49.33 6.57 -28.09
CA PHE J 203 50.18 6.06 -27.01
C PHE J 203 49.41 5.29 -25.93
N PHE J 204 48.35 5.93 -25.43
CA PHE J 204 47.53 5.34 -24.37
C PHE J 204 46.76 4.11 -24.83
N LYS J 205 46.33 4.11 -26.09
CA LYS J 205 45.54 3.01 -26.61
C LYS J 205 46.39 1.78 -26.86
N GLU J 206 47.62 2.00 -27.31
CA GLU J 206 48.56 0.91 -27.53
C GLU J 206 49.24 0.45 -26.26
N SER J 207 49.12 1.24 -25.21
CA SER J 207 49.70 0.87 -23.92
C SER J 207 48.85 -0.17 -23.22
N GLU J 208 47.60 -0.28 -23.66
CA GLU J 208 46.60 -1.09 -22.97
C GLU J 208 46.92 -2.58 -22.99
N GLU J 209 47.34 -3.07 -24.15
CA GLU J 209 47.78 -4.46 -24.31
C GLU J 209 48.87 -4.80 -23.30
N TYR J 210 49.83 -3.90 -23.12
CA TYR J 210 50.95 -4.16 -22.23
C TYR J 210 50.52 -4.09 -20.76
N LEU J 211 49.66 -3.13 -20.42
CA LEU J 211 49.23 -2.97 -19.03
C LEU J 211 48.33 -4.11 -18.49
N SER J 212 47.43 -4.62 -19.33
CA SER J 212 46.51 -5.66 -18.90
C SER J 212 47.16 -7.01 -18.68
N SER J 213 48.35 -7.18 -19.24
CA SER J 213 49.08 -8.43 -19.07
C SER J 213 50.24 -8.25 -18.08
N LEU J 214 50.23 -7.13 -17.38
CA LEU J 214 51.25 -6.89 -16.37
C LEU J 214 50.80 -7.49 -15.05
N GLN J 215 51.67 -8.27 -14.40
CA GLN J 215 51.34 -8.95 -13.14
C GLN J 215 51.02 -7.99 -12.01
N GLN J 216 49.92 -8.24 -11.31
CA GLN J 216 49.53 -7.39 -10.20
C GLN J 216 50.02 -7.95 -8.87
N PRO J 217 50.33 -7.06 -7.89
CA PRO J 217 50.24 -5.61 -7.97
C PRO J 217 51.35 -5.01 -8.82
N PHE J 218 51.07 -3.94 -9.55
CA PHE J 218 52.14 -3.32 -10.32
C PHE J 218 52.31 -1.85 -9.94
N TYR J 219 53.48 -1.33 -10.30
CA TYR J 219 53.83 0.07 -10.06
C TYR J 219 54.23 0.69 -11.39
N THR J 220 53.39 1.58 -11.91
CA THR J 220 53.56 2.08 -13.28
C THR J 220 53.53 3.60 -13.40
N LYS J 221 54.20 4.11 -14.42
CA LYS J 221 54.17 5.53 -14.75
C LYS J 221 53.99 5.71 -16.23
N PHE J 222 53.03 6.54 -16.61
CA PHE J 222 52.79 6.83 -18.01
C PHE J 222 53.24 8.24 -18.34
N ILE J 223 54.37 8.35 -19.02
CA ILE J 223 54.97 9.65 -19.35
C ILE J 223 54.51 10.13 -20.72
N THR J 224 53.59 11.09 -20.71
CA THR J 224 53.07 11.68 -21.94
C THR J 224 54.07 12.65 -22.59
N LEU J 225 53.80 13.08 -23.83
CA LEU J 225 54.76 13.93 -24.53
C LEU J 225 54.15 14.94 -25.53
N THR J 226 52.85 14.86 -25.78
CA THR J 226 52.25 15.79 -26.75
C THR J 226 52.33 17.24 -26.23
N ASN J 227 52.21 17.40 -24.92
CA ASN J 227 52.24 18.73 -24.30
C ASN J 227 53.68 19.19 -24.04
N HIS J 228 54.51 19.21 -25.09
CA HIS J 228 55.85 19.79 -25.05
C HIS J 228 55.90 21.12 -25.75
N PHE J 229 56.68 22.05 -25.20
CA PHE J 229 56.97 23.32 -25.86
C PHE J 229 57.53 23.01 -27.25
N PRO J 230 57.18 23.80 -28.28
CA PRO J 230 56.32 24.99 -28.31
C PRO J 230 54.85 24.70 -28.56
N TYR J 231 54.41 23.49 -28.21
CA TYR J 231 53.00 23.10 -28.24
C TYR J 231 52.30 23.16 -29.62
N PRO J 232 52.85 22.46 -30.63
CA PRO J 232 52.19 22.36 -31.94
C PRO J 232 51.08 21.30 -31.99
N ILE J 233 50.03 21.56 -32.76
CA ILE J 233 48.98 20.58 -32.93
C ILE J 233 48.33 20.78 -34.29
N ASP J 234 48.05 19.66 -34.97
CA ASP J 234 47.36 19.72 -36.25
C ASP J 234 45.95 20.24 -36.02
N GLU J 235 45.47 21.03 -36.97
CA GLU J 235 44.13 21.60 -36.91
C GLU J 235 43.02 20.57 -36.71
N LYS J 236 43.22 19.37 -37.26
CA LYS J 236 42.21 18.32 -37.17
C LYS J 236 42.25 17.52 -35.86
N ASP J 237 43.35 17.63 -35.11
CA ASP J 237 43.43 16.97 -33.81
C ASP J 237 42.89 17.86 -32.67
N ALA J 238 42.74 19.15 -32.95
CA ALA J 238 42.35 20.14 -31.94
C ALA J 238 40.86 20.37 -31.82
N SER J 239 40.31 20.20 -30.63
CA SER J 239 38.89 20.43 -30.38
C SER J 239 38.63 21.79 -29.74
N ILE J 240 39.68 22.54 -29.44
CA ILE J 240 39.52 23.91 -28.93
C ILE J 240 40.40 24.88 -29.71
N ALA J 241 39.93 26.12 -29.82
CA ALA J 241 40.68 27.14 -30.53
C ALA J 241 41.80 27.67 -29.65
N PRO J 242 42.87 28.18 -30.26
CA PRO J 242 43.96 28.74 -29.45
C PRO J 242 43.50 30.01 -28.72
N ALA J 243 44.24 30.38 -27.69
CA ALA J 243 44.04 31.66 -27.04
C ALA J 243 44.41 32.80 -28.01
N THR J 244 44.16 34.03 -27.59
CA THR J 244 44.35 35.17 -28.48
C THR J 244 45.30 36.23 -27.91
N THR J 245 46.38 35.81 -27.26
CA THR J 245 47.32 36.73 -26.64
C THR J 245 48.28 37.34 -27.65
N GLY J 246 48.44 36.67 -28.80
CA GLY J 246 49.40 37.07 -29.80
C GLY J 246 50.75 36.43 -29.59
N ASP J 247 50.88 35.68 -28.51
CA ASP J 247 52.09 34.92 -28.22
C ASP J 247 51.84 33.46 -28.58
N SER J 248 52.44 33.01 -29.68
CA SER J 248 52.07 31.73 -30.29
C SER J 248 52.20 30.52 -29.37
N SER J 249 53.32 30.40 -28.67
CA SER J 249 53.52 29.22 -27.81
C SER J 249 52.58 29.24 -26.62
N VAL J 250 52.24 30.43 -26.15
CA VAL J 250 51.23 30.57 -25.10
C VAL J 250 49.83 30.26 -25.67
N ASP J 251 49.55 30.72 -26.88
CA ASP J 251 48.20 30.56 -27.42
C ASP J 251 47.84 29.11 -27.77
N THR J 252 48.82 28.33 -28.24
CA THR J 252 48.54 26.95 -28.63
C THR J 252 48.73 25.95 -27.47
N TYR J 253 49.32 26.43 -26.38
CA TYR J 253 49.46 25.65 -25.16
C TYR J 253 48.13 25.06 -24.67
N PHE J 254 47.06 25.84 -24.80
CA PHE J 254 45.72 25.46 -24.38
C PHE J 254 45.15 24.36 -25.25
N GLN J 255 45.60 24.28 -26.50
CA GLN J 255 45.11 23.26 -27.42
C GLN J 255 45.72 21.90 -27.17
N THR J 256 47.01 21.85 -26.88
CA THR J 256 47.65 20.57 -26.61
C THR J 256 47.26 20.04 -25.22
N ALA J 257 46.98 20.96 -24.30
CA ALA J 257 46.51 20.60 -22.95
C ALA J 257 45.11 19.96 -23.05
N ARG J 258 44.26 20.51 -23.91
CA ARG J 258 42.95 19.92 -24.15
C ARG J 258 43.12 18.51 -24.72
N TYR J 259 44.03 18.36 -25.67
CA TYR J 259 44.29 17.07 -26.30
C TYR J 259 44.78 16.05 -25.28
N LEU J 260 45.72 16.45 -24.44
CA LEU J 260 46.21 15.60 -23.36
C LEU J 260 45.06 15.21 -22.43
N ASP J 261 44.22 16.18 -22.08
CA ASP J 261 43.01 15.93 -21.31
C ASP J 261 42.13 14.85 -21.93
N GLU J 262 41.89 14.96 -23.24
CA GLU J 262 41.04 13.99 -23.93
C GLU J 262 41.64 12.59 -23.92
N SER J 263 42.96 12.50 -24.14
CA SER J 263 43.67 11.22 -24.13
C SER J 263 43.63 10.54 -22.76
N VAL J 264 43.71 11.35 -21.70
CA VAL J 264 43.68 10.84 -20.33
C VAL J 264 42.28 10.30 -19.99
N LYS J 265 41.24 10.97 -20.48
CA LYS J 265 39.87 10.47 -20.28
C LYS J 265 39.66 9.12 -20.91
N SER J 266 40.16 8.94 -22.13
CA SER J 266 40.07 7.67 -22.82
C SER J 266 40.82 6.63 -22.01
N PHE J 267 41.95 7.02 -21.46
CA PHE J 267 42.79 6.11 -20.66
C PHE J 267 42.06 5.67 -19.40
N VAL J 268 41.45 6.61 -18.69
CA VAL J 268 40.76 6.30 -17.46
C VAL J 268 39.52 5.46 -17.77
N ASP J 269 38.87 5.75 -18.90
CA ASP J 269 37.79 4.93 -19.43
C ASP J 269 38.22 3.47 -19.56
N TYR J 270 39.41 3.25 -20.10
CA TYR J 270 39.98 1.91 -20.23
C TYR J 270 40.20 1.27 -18.87
N LEU J 271 40.77 2.05 -17.94
CA LEU J 271 41.07 1.57 -16.59
C LEU J 271 39.82 1.11 -15.84
N LYS J 272 38.72 1.86 -16.01
CA LYS J 272 37.47 1.49 -15.38
C LYS J 272 36.85 0.21 -15.96
N LYS J 273 36.89 0.07 -17.28
CA LYS J 273 36.31 -1.08 -17.96
C LYS J 273 37.18 -2.32 -17.73
N SER J 274 38.48 -2.11 -17.48
CA SER J 274 39.39 -3.21 -17.20
C SER J 274 39.28 -3.63 -15.74
N GLY J 275 38.51 -2.87 -14.97
CA GLY J 275 38.33 -3.13 -13.55
C GLY J 275 39.48 -2.56 -12.71
N LEU J 276 40.46 -1.99 -13.40
CA LEU J 276 41.65 -1.44 -12.75
C LEU J 276 41.42 -0.17 -11.93
N TYR J 277 40.37 0.58 -12.27
CA TYR J 277 40.08 1.84 -11.57
C TYR J 277 39.84 1.71 -10.06
N ASP J 278 39.22 0.62 -9.64
CA ASP J 278 38.83 0.46 -8.24
C ASP J 278 39.88 -0.27 -7.39
N ASN J 279 40.87 -0.88 -8.03
CA ASN J 279 41.90 -1.59 -7.27
C ASN J 279 43.29 -0.96 -7.48
N SER J 280 43.31 0.29 -7.91
CA SER J 280 44.56 1.01 -8.15
C SER J 280 44.53 2.43 -7.59
N VAL J 281 45.67 2.87 -7.06
CA VAL J 281 45.91 4.28 -6.81
C VAL J 281 46.39 4.95 -8.09
N ILE J 282 45.58 5.90 -8.56
CA ILE J 282 45.90 6.65 -9.77
C ILE J 282 46.33 8.06 -9.38
N ILE J 283 47.50 8.47 -9.85
CA ILE J 283 48.05 9.77 -9.48
C ILE J 283 48.33 10.63 -10.69
N MET J 284 47.59 11.72 -10.82
CA MET J 284 47.87 12.69 -11.88
C MET J 284 48.76 13.80 -11.34
N TYR J 285 49.84 14.10 -12.05
CA TYR J 285 50.74 15.15 -11.61
C TYR J 285 51.38 15.86 -12.81
N GLY J 286 51.76 17.13 -12.62
CA GLY J 286 52.55 17.86 -13.60
C GLY J 286 54.00 17.83 -13.20
N ASP J 287 54.92 17.88 -14.17
CA ASP J 287 56.35 17.74 -13.87
C ASP J 287 57.11 19.08 -13.77
N HIS J 288 56.75 20.06 -14.58
CA HIS J 288 57.36 21.39 -14.51
C HIS J 288 56.53 22.39 -15.30
N TYR J 289 56.97 23.64 -15.36
CA TYR J 289 56.19 24.67 -16.02
C TYR J 289 56.05 24.41 -17.54
N GLY J 290 54.94 24.88 -18.10
CA GLY J 290 54.73 24.88 -19.54
C GLY J 290 55.12 26.21 -20.17
N ILE J 291 54.85 27.30 -19.46
CA ILE J 291 55.19 28.65 -19.92
C ILE J 291 56.32 29.23 -19.05
N SER J 292 57.42 29.65 -19.68
CA SER J 292 58.54 30.22 -18.95
C SER J 292 58.23 31.64 -18.48
N ASP J 293 59.23 32.29 -17.90
CA ASP J 293 59.09 33.66 -17.42
C ASP J 293 59.31 34.67 -18.54
N ASN J 294 59.27 34.21 -19.79
CA ASN J 294 59.53 35.12 -20.89
C ASN J 294 58.31 35.47 -21.74
N HIS J 295 57.12 35.39 -21.14
CA HIS J 295 55.88 35.68 -21.87
C HIS J 295 54.95 36.49 -21.01
N GLU J 296 55.51 37.53 -20.40
CA GLU J 296 54.82 38.33 -19.37
C GLU J 296 53.55 39.01 -19.87
N GLU J 297 53.60 39.56 -21.08
CA GLU J 297 52.43 40.20 -21.67
C GLU J 297 51.32 39.20 -21.91
N ALA J 298 51.67 38.03 -22.42
CA ALA J 298 50.67 37.00 -22.70
C ALA J 298 50.09 36.46 -21.39
N MET J 299 50.96 36.20 -20.42
CA MET J 299 50.55 35.63 -19.14
C MET J 299 49.81 36.61 -18.24
N THR J 300 50.04 37.92 -18.44
CA THR J 300 49.24 38.95 -17.79
C THR J 300 47.79 38.82 -18.22
N LYS J 301 47.59 38.62 -19.52
CA LYS J 301 46.24 38.47 -20.07
C LYS J 301 45.59 37.18 -19.61
N ILE J 302 46.37 36.10 -19.61
CA ILE J 302 45.85 34.79 -19.25
C ILE J 302 45.35 34.74 -17.80
N LEU J 303 46.11 35.33 -16.89
CA LEU J 303 45.80 35.19 -15.48
C LEU J 303 45.00 36.38 -14.93
N GLY J 304 44.88 37.42 -15.75
CA GLY J 304 44.07 38.57 -15.41
C GLY J 304 44.69 39.52 -14.43
N LYS J 305 46.02 39.47 -14.31
CA LYS J 305 46.77 40.38 -13.43
C LYS J 305 48.22 40.45 -13.92
N ASP J 306 48.92 41.53 -13.56
CA ASP J 306 50.29 41.75 -14.01
C ASP J 306 51.19 40.58 -13.61
N TYR J 307 51.76 39.94 -14.61
CA TYR J 307 52.62 38.78 -14.40
C TYR J 307 54.03 39.16 -13.96
N ASN J 308 54.18 39.48 -12.68
CA ASN J 308 55.49 39.86 -12.14
C ASN J 308 56.28 38.65 -11.65
N THR J 309 57.47 38.87 -11.07
CA THR J 309 58.31 37.75 -10.62
C THR J 309 57.60 36.94 -9.52
N PHE J 310 56.83 37.63 -8.67
CA PHE J 310 56.04 36.97 -7.63
C PHE J 310 54.97 36.06 -8.25
N GLU J 311 54.25 36.54 -9.25
CA GLU J 311 53.21 35.75 -9.86
C GLU J 311 53.84 34.55 -10.58
N ASN J 312 55.03 34.77 -11.15
CA ASN J 312 55.75 33.70 -11.85
C ASN J 312 56.15 32.56 -10.92
N ALA J 313 56.59 32.90 -9.72
CA ALA J 313 56.87 31.89 -8.71
C ALA J 313 55.60 31.10 -8.34
N GLN J 314 54.49 31.82 -8.22
CA GLN J 314 53.22 31.19 -7.85
C GLN J 314 52.71 30.27 -8.94
N ALA J 315 53.11 30.54 -10.18
CA ALA J 315 52.72 29.74 -11.34
C ALA J 315 53.52 28.45 -11.42
N GLN J 316 54.47 28.25 -10.52
CA GLN J 316 55.26 27.03 -10.52
C GLN J 316 54.48 25.89 -9.85
N ARG J 317 53.24 26.19 -9.42
CA ARG J 317 52.33 25.14 -8.97
C ARG J 317 52.03 24.17 -10.13
N VAL J 318 52.12 22.87 -9.85
CA VAL J 318 51.72 21.81 -10.79
C VAL J 318 50.65 20.95 -10.07
N PRO J 319 49.84 20.18 -10.84
CA PRO J 319 48.80 19.40 -10.16
C PRO J 319 49.35 18.25 -9.32
N LEU J 320 48.61 17.92 -8.27
CA LEU J 320 48.80 16.64 -7.62
C LEU J 320 47.43 16.14 -7.21
N MET J 321 47.00 15.07 -7.89
CA MET J 321 45.66 14.53 -7.66
C MET J 321 45.78 13.03 -7.45
N ILE J 322 45.54 12.60 -6.21
CA ILE J 322 45.72 11.20 -5.82
C ILE J 322 44.37 10.55 -5.59
N HIS J 323 43.99 9.65 -6.48
CA HIS J 323 42.72 8.92 -6.34
C HIS J 323 42.91 7.60 -5.58
N VAL J 324 42.29 7.53 -4.40
CA VAL J 324 42.38 6.34 -3.57
C VAL J 324 41.02 5.71 -3.39
N PRO J 325 40.83 4.50 -3.93
CA PRO J 325 39.57 3.77 -3.81
C PRO J 325 39.15 3.54 -2.35
N GLY J 326 37.93 3.96 -2.01
CA GLY J 326 37.36 3.75 -0.69
C GLY J 326 37.77 4.75 0.37
N VAL J 327 38.54 5.75 -0.04
CA VAL J 327 39.01 6.79 0.89
C VAL J 327 38.46 8.15 0.51
N GLN J 328 37.96 8.91 1.49
CA GLN J 328 37.38 10.22 1.21
C GLN J 328 38.46 11.25 0.91
N GLY J 329 38.36 11.88 -0.25
CA GLY J 329 39.33 12.86 -0.68
C GLY J 329 38.98 14.26 -0.23
N GLY J 330 39.43 15.24 -1.00
CA GLY J 330 39.22 16.63 -0.67
C GLY J 330 40.41 17.49 -1.06
N VAL J 331 40.15 18.79 -1.17
CA VAL J 331 41.21 19.75 -1.49
C VAL J 331 42.22 19.79 -0.35
N GLN J 332 43.49 19.60 -0.69
CA GLN J 332 44.60 19.64 0.26
C GLN J 332 45.40 20.93 0.08
N GLU J 333 45.35 21.81 1.06
CA GLU J 333 45.97 23.14 0.92
C GLU J 333 47.37 23.26 1.52
N GLN J 334 47.82 22.19 2.18
CA GLN J 334 49.14 22.20 2.78
C GLN J 334 50.20 22.35 1.68
N TYR J 335 51.17 23.22 1.91
CA TYR J 335 52.23 23.45 0.93
C TYR J 335 53.18 22.26 0.87
N GLY J 336 53.55 21.85 -0.34
CA GLY J 336 54.50 20.77 -0.52
C GLY J 336 55.11 20.76 -1.91
N GLY J 337 56.05 19.85 -2.14
CA GLY J 337 56.74 19.76 -3.42
C GLY J 337 56.87 18.33 -3.92
N GLN J 338 57.40 18.17 -5.12
CA GLN J 338 57.59 16.84 -5.71
C GLN J 338 58.46 15.92 -4.83
N VAL J 339 59.38 16.52 -4.07
CA VAL J 339 60.25 15.75 -3.19
C VAL J 339 59.44 15.02 -2.11
N ASP J 340 58.22 15.49 -1.82
CA ASP J 340 57.36 14.92 -0.78
C ASP J 340 56.48 13.76 -1.27
N LEU J 341 56.49 13.51 -2.57
CA LEU J 341 55.56 12.55 -3.17
C LEU J 341 55.86 11.09 -2.81
N LEU J 342 57.12 10.66 -2.89
CA LEU J 342 57.46 9.27 -2.57
C LEU J 342 57.10 8.86 -1.13
N PRO J 343 57.46 9.67 -0.12
CA PRO J 343 56.99 9.31 1.23
C PRO J 343 55.47 9.25 1.38
N THR J 344 54.74 10.14 0.70
CA THR J 344 53.28 10.12 0.75
C THR J 344 52.69 8.84 0.16
N LEU J 345 53.18 8.42 -1.01
CA LEU J 345 52.65 7.22 -1.67
C LEU J 345 52.92 5.94 -0.84
N LEU J 346 54.14 5.81 -0.33
CA LEU J 346 54.54 4.61 0.43
C LEU J 346 53.70 4.38 1.69
N HIS J 347 53.41 5.44 2.43
CA HIS J 347 52.60 5.35 3.63
C HIS J 347 51.17 4.95 3.30
N LEU J 348 50.64 5.48 2.20
CA LEU J 348 49.31 5.08 1.73
C LEU J 348 49.28 3.58 1.42
N LEU J 349 50.38 3.08 0.87
CA LEU J 349 50.51 1.68 0.55
C LEU J 349 50.86 0.82 1.76
N GLY J 350 51.05 1.46 2.90
CA GLY J 350 51.37 0.77 4.14
C GLY J 350 52.84 0.40 4.29
N VAL J 351 53.71 1.10 3.57
CA VAL J 351 55.15 0.83 3.64
C VAL J 351 55.84 1.89 4.49
N ASP J 352 56.57 1.43 5.51
CA ASP J 352 57.34 2.33 6.35
C ASP J 352 58.64 2.74 5.67
N ASN J 353 58.90 4.04 5.63
CA ASN J 353 60.09 4.54 4.94
C ASN J 353 61.04 5.23 5.89
N LYS J 354 60.89 4.98 7.19
CA LYS J 354 61.63 5.73 8.19
C LYS J 354 63.13 5.52 8.08
N GLU J 355 63.52 4.34 7.60
CA GLU J 355 64.95 4.03 7.56
C GLU J 355 65.58 4.37 6.23
N TYR J 356 64.78 4.85 5.28
CA TYR J 356 65.30 5.20 3.97
C TYR J 356 65.88 6.61 3.94
N LEU J 357 66.91 6.81 3.12
CA LEU J 357 67.50 8.13 2.91
C LEU J 357 66.67 8.94 1.91
N GLN J 358 65.64 9.63 2.40
CA GLN J 358 64.73 10.40 1.56
C GLN J 358 64.47 11.80 2.15
N PHE J 359 64.48 12.83 1.30
CA PHE J 359 64.42 14.20 1.79
C PHE J 359 63.00 14.80 1.94
N GLY J 360 61.99 14.12 1.38
CA GLY J 360 60.61 14.59 1.50
C GLY J 360 59.88 14.07 2.73
N THR J 361 58.69 14.61 3.00
CA THR J 361 57.87 14.14 4.10
C THR J 361 56.43 13.91 3.67
N ASP J 362 55.77 12.96 4.32
CA ASP J 362 54.40 12.59 4.06
C ASP J 362 53.48 13.82 4.05
N LEU J 363 52.88 14.10 2.91
CA LEU J 363 52.02 15.26 2.74
C LEU J 363 50.74 15.14 3.56
N LEU J 364 50.40 13.93 3.98
CA LEU J 364 49.17 13.70 4.76
C LEU J 364 49.46 13.69 6.27
N SER J 365 50.73 13.80 6.62
CA SER J 365 51.14 13.81 8.02
C SER J 365 51.01 15.18 8.64
N LYS J 366 50.59 15.20 9.91
CA LYS J 366 50.49 16.42 10.69
C LYS J 366 51.86 17.07 10.93
N ASP J 367 52.92 16.28 10.84
CA ASP J 367 54.28 16.77 11.04
C ASP J 367 54.95 17.20 9.74
N HIS J 368 54.22 17.12 8.63
CA HIS J 368 54.74 17.67 7.38
C HIS J 368 54.87 19.17 7.51
N LYS J 369 56.09 19.69 7.35
CA LYS J 369 56.28 21.14 7.41
C LYS J 369 56.04 21.78 6.05
N GLN J 370 55.31 22.90 6.06
CA GLN J 370 54.92 23.59 4.84
C GLN J 370 56.05 24.51 4.34
N LEU J 371 57.09 23.88 3.80
CA LEU J 371 58.25 24.57 3.26
C LEU J 371 58.67 23.91 1.96
N VAL J 372 58.70 24.68 0.86
CA VAL J 372 58.96 24.13 -0.47
C VAL J 372 60.20 24.76 -1.11
N PRO J 373 61.35 24.07 -1.02
CA PRO J 373 62.58 24.55 -1.68
C PRO J 373 62.45 24.59 -3.20
N PHE J 374 63.00 25.61 -3.84
CA PHE J 374 63.23 25.58 -5.29
C PHE J 374 64.69 25.17 -5.53
N ARG J 375 65.01 24.68 -6.72
CA ARG J 375 66.36 24.19 -6.99
C ARG J 375 67.43 25.31 -6.91
N ASN J 376 67.05 26.54 -7.23
CA ASN J 376 68.01 27.66 -7.19
C ASN J 376 68.19 28.29 -5.81
N GLY J 377 67.56 27.69 -4.79
CA GLY J 377 67.67 28.18 -3.42
C GLY J 377 66.51 29.01 -2.90
N ASP J 378 65.63 29.44 -3.81
CA ASP J 378 64.39 30.10 -3.41
C ASP J 378 63.49 29.12 -2.65
N TYR J 379 62.44 29.62 -2.01
CA TYR J 379 61.51 28.75 -1.29
C TYR J 379 60.15 29.41 -1.07
N ILE J 380 59.13 28.57 -0.89
CA ILE J 380 57.76 28.98 -0.62
C ILE J 380 57.31 28.48 0.74
N THR J 381 56.73 29.38 1.53
CA THR J 381 56.03 29.03 2.76
C THR J 381 54.69 29.75 2.76
N PRO J 382 53.75 29.36 3.64
CA PRO J 382 52.45 30.06 3.66
C PRO J 382 52.51 31.54 4.09
N THR J 383 53.58 31.96 4.77
CA THR J 383 53.67 33.34 5.27
C THR J 383 54.66 34.21 4.46
N TYR J 384 55.93 33.82 4.40
CA TYR J 384 56.94 34.53 3.58
C TYR J 384 57.61 33.61 2.55
N SER J 385 57.98 34.17 1.41
CA SER J 385 58.67 33.40 0.38
C SER J 385 59.89 34.16 -0.14
N MET J 386 60.95 33.43 -0.47
CA MET J 386 62.09 34.07 -1.12
C MET J 386 62.01 33.77 -2.61
N ILE J 387 61.98 34.82 -3.41
CA ILE J 387 61.83 34.67 -4.85
C ILE J 387 62.84 35.58 -5.56
N GLY J 388 63.71 34.98 -6.36
CA GLY J 388 64.81 35.69 -6.99
C GLY J 388 65.78 36.25 -5.96
N GLY J 389 65.88 35.58 -4.81
CA GLY J 389 66.76 35.98 -3.73
C GLY J 389 66.18 37.07 -2.83
N ASN J 390 64.96 37.51 -3.13
CA ASN J 390 64.32 38.58 -2.37
C ASN J 390 63.09 38.08 -1.63
N MET J 391 62.71 38.77 -0.55
CA MET J 391 61.62 38.32 0.30
C MET J 391 60.27 38.91 -0.11
N TYR J 392 59.23 38.09 -0.04
CA TYR J 392 57.88 38.52 -0.34
C TYR J 392 56.88 38.01 0.69
N ASN J 393 55.84 38.79 0.92
CA ASN J 393 54.70 38.28 1.65
C ASN J 393 53.94 37.29 0.75
N GLN J 394 53.84 36.04 1.18
CA GLN J 394 53.24 35.00 0.33
C GLN J 394 51.74 35.24 0.09
N GLN J 395 51.06 35.86 1.06
CA GLN J 395 49.62 36.08 0.99
C GLN J 395 49.24 37.31 0.17
N THR J 396 50.08 38.34 0.21
CA THR J 396 49.73 39.62 -0.43
C THR J 396 50.57 39.89 -1.68
N GLY J 397 51.72 39.25 -1.76
CA GLY J 397 52.63 39.47 -2.87
C GLY J 397 53.51 40.67 -2.62
N GLU J 398 53.36 41.29 -1.45
CA GLU J 398 54.11 42.49 -1.15
C GLU J 398 55.54 42.17 -0.80
N PRO J 399 56.51 42.91 -1.36
CA PRO J 399 57.92 42.71 -1.02
C PRO J 399 58.19 43.03 0.43
N ILE J 400 59.14 42.30 1.00
CA ILE J 400 59.57 42.54 2.37
C ILE J 400 60.99 43.06 2.28
N ALA J 401 61.19 44.26 2.82
CA ALA J 401 62.46 44.98 2.65
C ALA J 401 63.59 44.27 3.36
N THR J 402 63.35 43.89 4.61
CA THR J 402 64.41 43.34 5.43
C THR J 402 64.09 41.93 5.89
N GLU J 403 65.03 41.04 5.57
CA GLU J 403 65.05 39.67 6.05
C GLU J 403 65.19 39.61 7.58
N THR J 404 64.32 38.83 8.24
CA THR J 404 64.42 38.57 9.69
C THR J 404 65.26 37.32 10.00
N LYS J 405 65.53 37.10 11.29
CA LYS J 405 66.21 35.88 11.72
C LYS J 405 65.48 34.64 11.24
N GLU J 406 64.15 34.67 11.31
CA GLU J 406 63.35 33.51 10.93
C GLU J 406 63.45 33.22 9.43
N MET J 407 63.47 34.28 8.62
CA MET J 407 63.59 34.15 7.16
C MET J 407 64.98 33.65 6.73
N LYS J 408 66.02 34.14 7.42
CA LYS J 408 67.40 33.73 7.19
C LYS J 408 67.64 32.26 7.59
N GLU J 409 67.05 31.87 8.72
CA GLU J 409 67.12 30.48 9.19
C GLU J 409 66.51 29.53 8.17
N THR J 410 65.34 29.89 7.65
CA THR J 410 64.66 29.10 6.62
C THR J 410 65.51 29.02 5.36
N LYS J 411 66.10 30.15 4.98
CA LYS J 411 66.97 30.22 3.83
C LYS J 411 68.14 29.25 3.92
N GLU J 412 68.76 29.21 5.09
CA GLU J 412 69.92 28.35 5.28
C GLU J 412 69.56 26.88 5.40
N LYS J 413 68.39 26.60 5.96
CA LYS J 413 67.88 25.24 6.03
C LYS J 413 67.62 24.70 4.63
N VAL J 414 66.97 25.51 3.81
CA VAL J 414 66.71 25.17 2.42
C VAL J 414 68.03 24.94 1.71
N ALA J 415 68.99 25.83 1.95
CA ALA J 415 70.32 25.70 1.36
C ALA J 415 71.00 24.42 1.84
N LYS J 416 70.82 24.10 3.12
CA LYS J 416 71.38 22.87 3.69
C LYS J 416 70.81 21.59 3.06
N GLU J 417 69.48 21.54 2.95
CA GLU J 417 68.81 20.40 2.36
C GLU J 417 69.27 20.10 0.93
N LEU J 418 69.36 21.15 0.11
CA LEU J 418 69.78 20.99 -1.28
C LEU J 418 71.24 20.54 -1.36
N GLU J 419 72.08 21.09 -0.48
CA GLU J 419 73.50 20.75 -0.45
C GLU J 419 73.67 19.28 -0.06
N LEU J 420 72.88 18.82 0.90
CA LEU J 420 72.97 17.43 1.36
C LEU J 420 72.47 16.47 0.28
N SER J 421 71.42 16.84 -0.42
CA SER J 421 70.95 16.05 -1.55
C SER J 421 72.04 15.96 -2.62
N ASP J 422 72.69 17.08 -2.91
CA ASP J 422 73.75 17.07 -3.91
C ASP J 422 74.90 16.15 -3.49
N SER J 423 75.11 16.04 -2.17
CA SER J 423 76.15 15.18 -1.63
C SER J 423 75.87 13.71 -1.91
N VAL J 424 74.60 13.31 -1.85
CA VAL J 424 74.25 11.93 -2.18
C VAL J 424 74.58 11.62 -3.65
N LEU J 425 74.19 12.51 -4.56
CA LEU J 425 74.43 12.29 -5.97
C LEU J 425 75.90 12.37 -6.34
N GLN J 426 76.58 13.42 -5.90
CA GLN J 426 77.96 13.66 -6.29
C GLN J 426 78.90 12.71 -5.54
N GLY J 427 78.49 12.31 -4.34
CA GLY J 427 79.27 11.38 -3.54
C GLY J 427 78.86 9.92 -3.72
N ASP J 428 77.77 9.70 -4.47
CA ASP J 428 77.20 8.35 -4.65
C ASP J 428 77.03 7.65 -3.30
N LEU J 429 76.31 8.28 -2.37
CA LEU J 429 76.34 7.87 -0.96
C LEU J 429 75.53 6.65 -0.58
N LEU J 430 74.62 6.21 -1.42
CA LEU J 430 73.79 5.06 -1.05
C LEU J 430 74.57 3.72 -1.15
N ARG J 431 75.77 3.77 -1.72
CA ARG J 431 76.78 2.69 -1.61
C ARG J 431 77.10 2.29 -0.17
N PHE J 432 77.09 3.26 0.74
CA PHE J 432 77.58 3.01 2.08
C PHE J 432 76.41 2.77 3.04
N TYR J 433 75.19 2.83 2.50
CA TYR J 433 74.02 2.64 3.34
C TYR J 433 72.83 2.09 2.59
N ALA J 434 72.20 1.07 3.16
CA ALA J 434 70.85 0.65 2.80
C ALA J 434 70.16 0.17 4.06
N PRO J 435 68.84 0.38 4.17
CA PRO J 435 68.10 -0.12 5.33
C PRO J 435 68.18 -1.64 5.47
N ASP J 436 68.06 -2.17 6.68
CA ASP J 436 68.04 -3.61 6.87
C ASP J 436 66.85 -4.23 6.16
N GLY J 437 67.13 -5.28 5.40
CA GLY J 437 66.09 -5.96 4.66
C GLY J 437 65.92 -5.41 3.27
N PHE J 438 66.57 -4.27 2.98
CA PHE J 438 66.57 -3.81 1.61
C PHE J 438 67.62 -4.60 0.86
N LYS J 439 67.18 -5.24 -0.21
CA LYS J 439 68.05 -6.04 -1.07
C LYS J 439 68.56 -5.16 -2.20
N LYS J 440 69.87 -5.16 -2.42
CA LYS J 440 70.47 -4.19 -3.31
C LYS J 440 70.21 -4.55 -4.75
N VAL J 441 69.97 -3.53 -5.58
CA VAL J 441 69.66 -3.75 -6.98
C VAL J 441 70.89 -4.19 -7.76
N ASP J 442 70.73 -5.25 -8.55
CA ASP J 442 71.74 -5.64 -9.52
C ASP J 442 71.23 -5.24 -10.91
N PRO J 443 71.78 -4.13 -11.46
CA PRO J 443 71.32 -3.55 -12.73
C PRO J 443 71.52 -4.48 -13.93
N SER J 444 72.37 -5.48 -13.77
CA SER J 444 72.65 -6.44 -14.85
C SER J 444 71.47 -7.40 -15.07
N LYS J 445 70.49 -7.46 -14.16
CA LYS J 445 69.35 -8.38 -14.28
C LYS J 445 68.19 -7.71 -15.09
N TYR J 446 68.44 -6.57 -15.68
CA TYR J 446 67.34 -5.90 -16.37
C TYR J 446 67.66 -5.75 -17.84
N ASN J 447 66.67 -6.00 -18.68
CA ASN J 447 66.83 -5.83 -20.11
C ASN J 447 65.50 -5.36 -20.68
N TYR J 448 65.52 -4.23 -21.40
CA TYR J 448 64.30 -3.62 -21.90
C TYR J 448 64.14 -3.90 -23.39
N ASN J 449 65.19 -4.44 -24.00
CA ASN J 449 65.12 -4.90 -25.39
C ASN J 449 64.32 -6.20 -25.50
N ASP K 35 -66.37 18.11 9.25
CA ASP K 35 -65.38 18.97 8.59
C ASP K 35 -64.11 19.19 9.42
N VAL K 36 -64.15 20.17 10.33
CA VAL K 36 -63.07 20.46 11.27
C VAL K 36 -62.79 19.21 12.08
N THR K 37 -63.87 18.49 12.38
CA THR K 37 -63.78 17.26 13.14
C THR K 37 -62.93 16.23 12.38
N GLU K 38 -63.17 16.07 11.08
CA GLU K 38 -62.39 15.11 10.29
C GLU K 38 -60.93 15.53 10.18
N VAL K 39 -60.69 16.83 9.97
CA VAL K 39 -59.32 17.36 9.85
C VAL K 39 -58.53 17.14 11.13
N LEU K 40 -59.15 17.47 12.26
CA LEU K 40 -58.53 17.31 13.56
C LEU K 40 -58.33 15.82 13.89
N ASN K 41 -59.27 14.97 13.46
CA ASN K 41 -59.12 13.52 13.64
C ASN K 41 -57.88 12.99 12.95
N TYR K 42 -57.63 13.49 11.74
CA TYR K 42 -56.45 13.11 10.95
C TYR K 42 -55.13 13.59 11.58
N THR K 43 -55.05 14.89 11.90
CA THR K 43 -53.81 15.47 12.41
C THR K 43 -53.41 14.87 13.77
N LYS K 44 -54.38 14.63 14.65
CA LYS K 44 -54.10 14.00 15.95
C LYS K 44 -53.63 12.55 15.84
N SER K 45 -54.14 11.83 14.83
CA SER K 45 -53.70 10.47 14.54
C SER K 45 -52.28 10.46 13.96
N LYS K 46 -51.87 11.59 13.37
CA LYS K 46 -50.54 11.73 12.81
C LYS K 46 -49.50 12.15 13.87
N TYR K 47 -49.96 12.86 14.89
CA TYR K 47 -49.09 13.50 15.90
C TYR K 47 -47.92 12.62 16.38
N ALA K 48 -46.72 13.21 16.36
CA ALA K 48 -45.51 12.55 16.85
C ALA K 48 -45.04 13.17 18.16
N ALA K 49 -44.89 12.34 19.20
CA ALA K 49 -44.50 12.83 20.51
C ALA K 49 -43.06 13.36 20.44
N PRO K 50 -42.75 14.37 21.26
CA PRO K 50 -41.43 15.01 21.26
C PRO K 50 -40.28 14.07 21.64
N ASN K 51 -39.10 14.36 21.08
CA ASN K 51 -37.87 13.70 21.49
C ASN K 51 -37.22 14.46 22.67
N PRO K 52 -37.05 13.78 23.81
CA PRO K 52 -36.46 14.38 25.02
C PRO K 52 -35.07 14.96 24.74
N GLU K 53 -34.44 14.46 23.70
CA GLU K 53 -33.15 14.96 23.26
C GLU K 53 -33.20 16.40 22.78
N TYR K 54 -34.33 16.81 22.24
CA TYR K 54 -34.40 18.13 21.60
C TYR K 54 -35.54 18.99 22.15
N PHE K 55 -36.49 18.36 22.84
CA PHE K 55 -37.65 19.10 23.30
C PHE K 55 -37.27 20.19 24.29
N GLY K 56 -37.63 21.43 23.95
CA GLY K 56 -37.42 22.57 24.80
C GLY K 56 -35.97 23.02 24.95
N LYS K 57 -35.07 22.42 24.18
CA LYS K 57 -33.63 22.73 24.28
C LYS K 57 -33.30 24.13 23.76
N ALA K 58 -34.29 24.75 23.11
CA ALA K 58 -34.15 26.10 22.62
C ALA K 58 -35.28 26.97 23.18
N LYS K 59 -35.82 26.55 24.32
CA LYS K 59 -36.88 27.29 24.99
C LYS K 59 -36.43 28.71 25.34
N GLY K 60 -37.24 29.68 24.94
CA GLY K 60 -36.97 31.08 25.22
C GLY K 60 -36.07 31.79 24.22
N LYS K 61 -35.46 31.00 23.33
CA LYS K 61 -34.51 31.54 22.35
C LYS K 61 -35.22 32.29 21.22
N ASN K 62 -34.52 33.23 20.59
CA ASN K 62 -35.00 33.84 19.36
C ASN K 62 -35.07 32.83 18.21
N VAL K 63 -35.86 33.17 17.20
CA VAL K 63 -35.92 32.40 15.97
C VAL K 63 -35.60 33.30 14.79
N ILE K 64 -34.60 32.92 14.01
CA ILE K 64 -34.24 33.67 12.82
C ILE K 64 -34.23 32.75 11.62
N TYR K 65 -35.24 32.89 10.78
CA TYR K 65 -35.31 32.16 9.53
C TYR K 65 -34.50 32.87 8.44
N ILE K 66 -33.59 32.14 7.79
CA ILE K 66 -32.88 32.67 6.63
C ILE K 66 -33.37 31.96 5.34
N HIS K 67 -34.15 32.68 4.54
CA HIS K 67 -34.82 32.16 3.34
C HIS K 67 -33.88 32.19 2.13
N LEU K 68 -33.41 31.00 1.72
CA LEU K 68 -32.50 30.86 0.59
C LEU K 68 -33.28 30.72 -0.71
N GLU K 69 -33.39 31.82 -1.45
CA GLU K 69 -34.22 31.88 -2.65
C GLU K 69 -33.80 30.90 -3.74
N SER K 70 -34.75 30.08 -4.21
CA SER K 70 -34.56 29.14 -5.32
C SER K 70 -33.33 28.26 -5.14
N PHE K 71 -33.02 27.93 -3.89
CA PHE K 71 -31.79 27.23 -3.53
C PHE K 71 -32.04 25.74 -3.37
N GLN K 72 -31.43 24.94 -4.26
CA GLN K 72 -31.62 23.49 -4.21
C GLN K 72 -30.52 22.84 -3.42
N GLN K 73 -30.84 21.70 -2.82
CA GLN K 73 -29.91 21.00 -1.96
C GLN K 73 -28.63 20.52 -2.66
N PHE K 74 -28.71 20.30 -3.98
CA PHE K 74 -27.55 19.76 -4.71
C PHE K 74 -26.36 20.74 -4.78
N LEU K 75 -26.62 22.03 -4.59
CA LEU K 75 -25.58 23.08 -4.57
C LEU K 75 -24.65 22.95 -3.37
N VAL K 76 -25.16 22.38 -2.29
CA VAL K 76 -24.44 22.17 -1.05
C VAL K 76 -23.31 21.22 -1.35
N ASN K 77 -22.10 21.65 -1.02
CA ASN K 77 -20.89 20.83 -1.23
C ASN K 77 -20.55 20.51 -2.69
N TYR K 78 -21.26 21.21 -3.56
CA TYR K 78 -21.05 21.14 -4.99
C TYR K 78 -19.88 21.98 -5.41
N LYS K 79 -19.03 21.44 -6.28
CA LYS K 79 -17.89 22.17 -6.84
C LYS K 79 -18.05 22.34 -8.37
N LEU K 80 -17.95 23.59 -8.84
CA LEU K 80 -18.03 23.87 -10.28
C LEU K 80 -16.63 24.17 -10.76
N ASN K 81 -16.05 23.23 -11.52
CA ASN K 81 -14.63 23.31 -11.90
C ASN K 81 -13.69 23.37 -10.70
N GLY K 82 -13.88 22.47 -9.74
CA GLY K 82 -12.98 22.42 -8.59
C GLY K 82 -13.32 23.47 -7.55
N GLU K 83 -14.35 24.24 -7.85
CA GLU K 83 -14.67 25.48 -7.14
C GLU K 83 -15.97 25.35 -6.32
N GLU K 84 -15.88 25.45 -4.99
CA GLU K 84 -17.08 25.43 -4.16
C GLU K 84 -17.95 26.65 -4.40
N VAL K 85 -19.18 26.42 -4.85
CA VAL K 85 -20.09 27.53 -5.15
C VAL K 85 -20.58 28.19 -3.87
N THR K 86 -20.90 27.38 -2.87
CA THR K 86 -21.42 27.95 -1.63
C THR K 86 -20.60 27.46 -0.45
N PRO K 87 -19.32 27.88 -0.39
CA PRO K 87 -18.34 27.32 0.54
C PRO K 87 -18.77 27.54 1.98
N PHE K 88 -19.40 28.70 2.21
CA PHE K 88 -19.87 29.09 3.53
C PHE K 88 -21.06 28.32 4.09
N ILE K 89 -22.13 28.25 3.30
CA ILE K 89 -23.31 27.49 3.68
C ILE K 89 -22.90 26.04 3.84
N ASN K 90 -21.94 25.63 3.00
CA ASN K 90 -21.31 24.31 3.12
C ASN K 90 -20.68 24.15 4.50
N SER K 91 -20.06 25.21 5.02
CA SER K 91 -19.49 25.20 6.37
C SER K 91 -20.56 25.19 7.48
N PHE K 92 -21.65 25.93 7.27
CA PHE K 92 -22.80 25.96 8.20
C PHE K 92 -23.41 24.56 8.31
N PHE K 93 -23.49 23.88 7.17
CA PHE K 93 -23.94 22.50 7.04
C PHE K 93 -23.15 21.55 7.96
N LYS K 94 -21.84 21.77 8.06
CA LYS K 94 -20.95 20.84 8.75
C LYS K 94 -20.71 21.18 10.22
N ASP K 95 -21.23 22.33 10.66
CA ASP K 95 -21.02 22.77 12.04
C ASP K 95 -21.56 21.73 13.04
N GLN K 96 -20.86 21.58 14.16
CA GLN K 96 -21.16 20.60 15.21
C GLN K 96 -22.52 20.85 15.85
N ASN K 97 -22.89 22.11 15.88
CA ASN K 97 -24.14 22.58 16.48
C ASN K 97 -25.33 22.79 15.54
N THR K 98 -25.18 22.25 14.34
CA THR K 98 -26.18 22.36 13.29
C THR K 98 -26.85 21.02 12.99
N LEU K 99 -28.18 21.00 13.03
CA LEU K 99 -28.97 19.84 12.58
C LEU K 99 -29.25 20.01 11.07
N SER K 100 -28.69 19.12 10.25
CA SER K 100 -28.74 19.30 8.80
C SER K 100 -29.44 18.18 8.04
N PHE K 101 -30.43 18.53 7.25
CA PHE K 101 -31.25 17.53 6.58
C PHE K 101 -30.88 17.36 5.11
N THR K 102 -30.64 16.12 4.72
CA THR K 102 -30.25 15.80 3.35
C THR K 102 -31.41 15.27 2.50
N ASN K 103 -32.51 14.93 3.16
CA ASN K 103 -33.69 14.41 2.47
C ASN K 103 -34.92 15.21 2.83
N PHE K 104 -34.76 16.52 2.74
CA PHE K 104 -35.80 17.48 3.06
C PHE K 104 -36.26 18.06 1.73
N PHE K 105 -37.58 17.97 1.48
CA PHE K 105 -38.15 18.31 0.17
C PHE K 105 -39.07 19.54 0.26
N HIS K 106 -39.08 20.37 -0.78
CA HIS K 106 -40.07 21.44 -0.88
C HIS K 106 -41.39 20.83 -1.35
N GLN K 107 -42.52 21.46 -0.98
CA GLN K 107 -43.83 20.92 -1.31
C GLN K 107 -44.74 22.00 -1.91
N THR K 108 -44.13 22.92 -2.65
CA THR K 108 -44.85 24.07 -3.21
C THR K 108 -45.56 23.77 -4.54
N GLY K 109 -46.48 24.65 -4.92
CA GLY K 109 -47.19 24.53 -6.18
C GLY K 109 -47.04 25.78 -7.05
N GLN K 110 -48.16 26.28 -7.58
CA GLN K 110 -48.11 27.42 -8.48
C GLN K 110 -47.83 28.71 -7.73
N GLY K 111 -47.99 28.68 -6.42
CA GLY K 111 -47.70 29.82 -5.58
C GLY K 111 -46.22 29.98 -5.23
N LYS K 112 -45.41 28.94 -5.50
CA LYS K 112 -43.96 28.99 -5.28
C LYS K 112 -43.54 29.50 -3.91
N TPO K 113 -43.01 30.73 -3.89
CA TPO K 113 -42.49 31.35 -2.68
CB TPO K 113 -41.78 32.67 -3.02
CG2 TPO K 113 -41.06 33.22 -1.78
OG1 TPO K 113 -40.81 32.43 -4.06
P TPO K 113 -41.17 33.31 -5.37
O1P TPO K 113 -40.71 34.70 -5.20
O2P TPO K 113 -40.42 32.69 -6.64
O3P TPO K 113 -42.77 33.28 -5.60
C TPO K 113 -43.58 31.55 -1.62
O TPO K 113 -43.37 31.26 -0.44
N ALA K 114 -44.75 32.04 -2.06
CA ALA K 114 -45.90 32.21 -1.18
C ALA K 114 -46.38 30.88 -0.59
N ASP K 115 -46.27 29.81 -1.37
CA ASP K 115 -46.61 28.46 -0.91
C ASP K 115 -45.69 27.97 0.19
N SER K 116 -44.40 28.24 0.04
CA SER K 116 -43.38 27.88 1.03
C SER K 116 -43.61 28.59 2.37
N GLU K 117 -44.09 29.83 2.29
CA GLU K 117 -44.42 30.61 3.48
C GLU K 117 -45.67 30.03 4.17
N MET K 118 -46.68 29.65 3.37
CA MET K 118 -47.88 29.01 3.91
C MET K 118 -47.51 27.77 4.71
N LEU K 119 -46.62 26.95 4.16
CA LEU K 119 -46.14 25.73 4.80
C LEU K 119 -45.40 26.01 6.11
N LEU K 120 -44.46 26.94 6.08
CA LEU K 120 -43.66 27.23 7.26
C LEU K 120 -44.48 27.88 8.37
N GLU K 121 -45.37 28.79 7.99
CA GLU K 121 -46.08 29.59 8.98
C GLU K 121 -47.29 28.87 9.58
N ASN K 122 -47.87 27.92 8.84
CA ASN K 122 -49.12 27.30 9.26
C ASN K 122 -49.13 25.76 9.24
N SER K 123 -48.11 25.16 8.62
CA SER K 123 -48.09 23.72 8.35
C SER K 123 -49.32 23.35 7.52
N LEU K 124 -49.64 24.21 6.56
CA LEU K 124 -50.69 23.99 5.57
C LEU K 124 -50.06 24.04 4.18
N TYR K 125 -50.56 23.20 3.27
CA TYR K 125 -50.09 23.26 1.91
C TYR K 125 -50.71 24.47 1.23
N GLY K 126 -50.08 24.93 0.15
CA GLY K 126 -50.71 25.87 -0.76
C GLY K 126 -51.86 25.17 -1.47
N LEU K 127 -52.49 25.85 -2.43
CA LEU K 127 -53.61 25.25 -3.15
C LEU K 127 -53.11 24.41 -4.32
N PRO K 128 -53.92 23.44 -4.78
CA PRO K 128 -53.50 22.58 -5.89
C PRO K 128 -53.38 23.38 -7.20
N GLN K 129 -54.12 24.49 -7.28
CA GLN K 129 -53.89 25.48 -8.32
C GLN K 129 -54.02 26.89 -7.76
N GLY K 130 -53.36 27.82 -8.45
CA GLY K 130 -53.27 29.20 -8.02
C GLY K 130 -52.49 29.38 -6.74
N SER K 131 -52.57 30.58 -6.18
CA SER K 131 -51.78 30.95 -5.00
C SER K 131 -52.67 31.30 -3.80
N ALA K 132 -52.49 30.57 -2.70
CA ALA K 132 -53.26 30.82 -1.47
C ALA K 132 -53.05 32.25 -0.94
N PHE K 133 -51.84 32.78 -1.08
CA PHE K 133 -51.56 34.14 -0.65
C PHE K 133 -52.44 35.17 -1.38
N THR K 134 -52.69 34.93 -2.67
CA THR K 134 -53.49 35.84 -3.49
C THR K 134 -54.99 35.78 -3.18
N THR K 135 -55.53 34.58 -2.95
CA THR K 135 -56.98 34.42 -2.82
C THR K 135 -57.44 34.14 -1.39
N LYS K 136 -56.49 33.80 -0.51
CA LYS K 136 -56.85 33.49 0.88
C LYS K 136 -56.21 34.48 1.85
N GLY K 137 -56.01 35.71 1.40
CA GLY K 137 -55.40 36.75 2.20
C GLY K 137 -56.26 37.21 3.37
N GLN K 138 -57.54 36.82 3.36
CA GLN K 138 -58.46 37.21 4.43
C GLN K 138 -58.97 36.03 5.26
N ASN K 139 -58.39 34.85 5.05
CA ASN K 139 -58.72 33.71 5.88
C ASN K 139 -58.23 33.93 7.31
N THR K 140 -58.84 33.22 8.26
CA THR K 140 -58.33 33.17 9.63
C THR K 140 -57.21 32.14 9.74
N TYR K 141 -56.10 32.57 10.34
CA TYR K 141 -54.96 31.68 10.54
C TYR K 141 -54.54 31.64 11.99
N GLU K 142 -53.86 30.55 12.37
CA GLU K 142 -53.26 30.41 13.68
C GLU K 142 -51.79 30.07 13.50
N SER K 143 -51.08 31.05 12.95
CA SER K 143 -49.73 30.84 12.44
C SER K 143 -48.68 30.92 13.54
N ALA K 144 -47.42 30.66 13.15
CA ALA K 144 -46.27 30.69 14.06
C ALA K 144 -46.14 32.02 14.84
N SER K 145 -46.36 33.13 14.15
N SER K 145 -46.35 33.13 14.15
CA SER K 145 -46.29 34.45 14.76
CA SER K 145 -46.27 34.43 14.78
C SER K 145 -47.33 34.60 15.87
C SER K 145 -47.32 34.57 15.89
N ALA K 146 -48.52 34.07 15.62
CA ALA K 146 -49.60 34.14 16.59
C ALA K 146 -49.34 33.18 17.73
N ILE K 147 -48.86 31.98 17.39
CA ILE K 147 -48.58 30.94 18.40
C ILE K 147 -47.51 31.38 19.39
N LEU K 148 -46.40 31.90 18.88
CA LEU K 148 -45.31 32.34 19.75
C LEU K 148 -45.64 33.68 20.39
N GLY K 149 -46.45 34.48 19.71
CA GLY K 149 -47.04 35.69 20.27
C GLY K 149 -47.72 35.45 21.62
N GLN K 150 -48.33 34.26 21.76
CA GLN K 150 -49.00 33.87 22.99
C GLN K 150 -48.00 33.86 24.16
N GLN K 151 -46.72 33.75 23.83
CA GLN K 151 -45.66 33.68 24.82
C GLN K 151 -44.79 34.94 24.88
N GLY K 152 -45.25 36.03 24.25
CA GLY K 152 -44.56 37.30 24.35
C GLY K 152 -43.46 37.55 23.32
N TYR K 153 -43.47 36.74 22.26
CA TYR K 153 -42.53 36.91 21.15
C TYR K 153 -42.94 38.09 20.27
N THR K 154 -41.96 38.91 19.89
CA THR K 154 -42.14 39.93 18.86
C THR K 154 -41.83 39.34 17.49
N SER K 155 -42.59 39.72 16.46
CA SER K 155 -42.37 39.10 15.16
C SER K 155 -42.13 40.13 14.08
N ALA K 156 -41.35 39.73 13.08
CA ALA K 156 -41.04 40.63 11.96
C ALA K 156 -40.64 39.85 10.72
N VAL K 157 -41.08 40.34 9.56
CA VAL K 157 -40.58 39.86 8.28
C VAL K 157 -39.71 40.94 7.65
N PHE K 158 -38.59 40.49 7.08
CA PHE K 158 -37.68 41.36 6.35
C PHE K 158 -37.67 40.91 4.89
N HIS K 159 -37.83 41.87 3.98
CA HIS K 159 -37.85 41.57 2.55
C HIS K 159 -37.49 42.84 1.78
N GLY K 160 -36.59 42.71 0.80
CA GLY K 160 -36.13 43.87 0.06
C GLY K 160 -36.98 44.29 -1.13
N ASN K 161 -38.26 43.99 -1.07
CA ASN K 161 -39.19 44.44 -2.10
C ASN K 161 -40.51 44.83 -1.40
N TYR K 162 -41.41 45.47 -2.13
CA TYR K 162 -42.61 46.10 -1.55
C TYR K 162 -43.70 45.13 -1.11
N LYS K 163 -44.40 45.51 -0.04
CA LYS K 163 -45.33 44.62 0.67
C LYS K 163 -46.56 44.23 -0.16
N SER K 164 -46.79 44.90 -1.27
CA SER K 164 -47.93 44.58 -2.15
C SER K 164 -47.71 43.23 -2.86
N PHE K 165 -46.45 42.85 -3.03
CA PHE K 165 -46.12 41.60 -3.73
C PHE K 165 -46.50 40.35 -2.95
N TRP K 166 -47.07 39.39 -3.68
CA TRP K 166 -47.64 38.17 -3.13
C TRP K 166 -48.68 38.43 -2.03
N ASN K 167 -49.27 39.62 -2.04
CA ASN K 167 -50.32 39.99 -1.10
C ASN K 167 -49.88 39.84 0.36
N ARG K 168 -48.56 39.96 0.58
CA ARG K 168 -48.00 39.77 1.91
C ARG K 168 -48.55 40.78 2.90
N ASP K 169 -48.73 42.01 2.44
CA ASP K 169 -49.29 43.08 3.25
C ASP K 169 -50.62 42.71 3.93
N GLU K 170 -51.52 42.06 3.18
CA GLU K 170 -52.82 41.69 3.72
C GLU K 170 -52.73 40.45 4.59
N ILE K 171 -52.13 39.39 4.05
CA ILE K 171 -52.16 38.09 4.71
C ILE K 171 -51.26 38.03 5.95
N TYR K 172 -50.18 38.81 5.97
CA TYR K 172 -49.32 38.86 7.16
C TYR K 172 -50.05 39.33 8.41
N LYS K 173 -51.07 40.16 8.21
CA LYS K 173 -51.87 40.67 9.33
C LYS K 173 -52.77 39.56 9.91
N GLN K 174 -53.23 38.64 9.07
CA GLN K 174 -53.98 37.48 9.53
C GLN K 174 -53.03 36.52 10.25
N PHE K 175 -51.79 36.46 9.79
CA PHE K 175 -50.76 35.66 10.43
C PHE K 175 -50.43 36.21 11.82
N GLY K 176 -50.51 37.53 11.98
CA GLY K 176 -50.16 38.18 13.23
C GLY K 176 -48.70 38.57 13.32
N TYR K 177 -48.11 38.91 12.17
CA TYR K 177 -46.76 39.47 12.14
C TYR K 177 -46.77 40.90 12.65
N ASP K 178 -46.03 41.16 13.73
CA ASP K 178 -46.01 42.50 14.33
C ASP K 178 -45.39 43.48 13.34
N ASN K 179 -44.35 43.04 12.64
CA ASN K 179 -43.64 43.94 11.74
C ASN K 179 -43.39 43.36 10.36
N PHE K 180 -43.44 44.23 9.35
CA PHE K 180 -43.02 43.89 8.01
C PHE K 180 -42.09 44.98 7.50
N PHE K 181 -40.78 44.71 7.58
CA PHE K 181 -39.80 45.64 7.07
C PHE K 181 -39.66 45.41 5.57
N ASP K 182 -40.54 46.03 4.79
CA ASP K 182 -40.52 45.87 3.34
C ASP K 182 -39.60 46.89 2.72
N ALA K 183 -39.65 47.03 1.39
CA ALA K 183 -38.71 47.87 0.66
C ALA K 183 -38.71 49.34 1.10
N SER K 184 -39.82 49.79 1.69
CA SER K 184 -39.94 51.18 2.17
C SER K 184 -38.97 51.47 3.31
N TYR K 185 -38.49 50.43 3.97
CA TYR K 185 -37.54 50.57 5.06
C TYR K 185 -36.08 50.50 4.56
N TYR K 186 -35.91 50.43 3.24
CA TYR K 186 -34.59 50.27 2.62
C TYR K 186 -34.25 51.36 1.60
N ASP K 187 -32.97 51.49 1.27
CA ASP K 187 -32.53 52.47 0.28
C ASP K 187 -32.57 51.88 -1.14
N MET K 188 -33.63 52.21 -1.87
CA MET K 188 -33.88 51.63 -3.19
C MET K 188 -33.30 52.43 -4.37
N ASN K 189 -32.02 52.79 -4.28
CA ASN K 189 -31.34 53.49 -5.36
C ASN K 189 -31.06 52.53 -6.51
N GLU K 190 -30.71 53.09 -7.67
CA GLU K 190 -30.65 52.32 -8.91
C GLU K 190 -29.40 51.44 -9.04
N ALA K 191 -28.39 51.72 -8.23
CA ALA K 191 -27.19 50.90 -8.20
C ALA K 191 -27.36 49.64 -7.33
N ASP K 192 -28.23 49.72 -6.33
CA ASP K 192 -28.39 48.65 -5.35
C ASP K 192 -29.63 47.80 -5.59
N VAL K 193 -30.36 48.11 -6.65
CA VAL K 193 -31.64 47.46 -6.91
C VAL K 193 -31.57 46.65 -8.20
N SER K 194 -32.09 45.43 -8.13
CA SER K 194 -32.17 44.58 -9.30
C SER K 194 -33.58 44.66 -9.89
N ASN K 195 -33.95 43.70 -10.72
CA ASN K 195 -35.23 43.79 -11.36
C ASN K 195 -36.28 43.09 -10.49
N TYR K 196 -35.83 42.47 -9.41
CA TYR K 196 -36.73 41.92 -8.42
C TYR K 196 -36.72 42.72 -7.11
N GLY K 197 -35.86 43.72 -7.05
CA GLY K 197 -35.79 44.57 -5.87
C GLY K 197 -34.38 44.72 -5.32
N LEU K 198 -34.26 45.02 -4.03
CA LEU K 198 -32.95 45.25 -3.41
C LEU K 198 -32.12 43.96 -3.36
N LYS K 199 -30.86 44.04 -3.75
CA LYS K 199 -29.99 42.86 -3.73
C LYS K 199 -29.62 42.43 -2.31
N ASP K 200 -29.22 41.17 -2.19
CA ASP K 200 -29.06 40.49 -0.91
C ASP K 200 -28.02 41.14 0.02
N LYS K 201 -26.90 41.62 -0.53
CA LYS K 201 -25.86 42.22 0.30
C LYS K 201 -26.22 43.59 0.90
N PRO K 202 -26.75 44.54 0.08
CA PRO K 202 -27.21 45.76 0.76
C PRO K 202 -28.41 45.47 1.67
N PHE K 203 -29.25 44.51 1.26
CA PHE K 203 -30.42 44.16 2.05
C PHE K 203 -30.10 43.70 3.49
N PHE K 204 -29.23 42.70 3.63
CA PHE K 204 -28.92 42.15 4.94
C PHE K 204 -28.22 43.09 5.94
N LYS K 205 -27.35 43.99 5.45
CA LYS K 205 -26.68 44.91 6.33
C LYS K 205 -27.55 46.09 6.74
N GLU K 206 -28.39 46.61 5.83
CA GLU K 206 -29.28 47.72 6.12
C GLU K 206 -30.49 47.22 6.94
N SER K 207 -30.66 45.91 7.02
CA SER K 207 -31.79 45.31 7.76
C SER K 207 -31.56 45.30 9.26
N GLU K 208 -30.28 45.44 9.60
CA GLU K 208 -29.83 45.20 10.97
C GLU K 208 -30.23 46.22 12.03
N GLU K 209 -30.22 47.51 11.71
CA GLU K 209 -30.70 48.56 12.58
C GLU K 209 -31.97 48.07 13.28
N TYR K 210 -32.81 47.43 12.49
CA TYR K 210 -34.12 46.94 12.90
C TYR K 210 -34.05 45.72 13.84
N LEU K 211 -33.19 44.77 13.53
CA LEU K 211 -33.10 43.54 14.33
C LEU K 211 -32.52 43.78 15.72
N SER K 212 -31.52 44.66 15.81
CA SER K 212 -30.87 44.94 17.09
C SER K 212 -31.75 45.79 18.00
N SER K 213 -32.72 46.47 17.41
CA SER K 213 -33.67 47.28 18.17
C SER K 213 -35.03 46.58 18.22
N LEU K 214 -35.03 45.30 17.85
CA LEU K 214 -36.23 44.48 17.92
C LEU K 214 -36.33 43.87 19.31
N GLN K 215 -37.50 44.00 19.95
CA GLN K 215 -37.70 43.47 21.28
C GLN K 215 -37.56 41.95 21.29
N GLN K 216 -36.76 41.44 22.22
CA GLN K 216 -36.55 40.00 22.38
C GLN K 216 -37.41 39.41 23.52
N PRO K 217 -37.80 38.13 23.39
CA PRO K 217 -37.50 37.21 22.28
C PRO K 217 -38.28 37.56 21.01
N PHE K 218 -37.64 37.36 19.87
CA PHE K 218 -38.31 37.62 18.61
C PHE K 218 -38.33 36.38 17.70
N TYR K 219 -39.23 36.45 16.73
CA TYR K 219 -39.43 35.43 15.70
C TYR K 219 -39.32 36.15 14.37
N THR K 220 -38.25 35.88 13.63
CA THR K 220 -37.97 36.63 12.42
C THR K 220 -37.73 35.73 11.21
N LYS K 221 -38.03 36.28 10.03
CA LYS K 221 -37.76 35.62 8.76
C LYS K 221 -37.17 36.63 7.78
N PHE K 222 -36.03 36.26 7.19
CA PHE K 222 -35.35 37.10 6.20
C PHE K 222 -35.47 36.49 4.80
N ILE K 223 -36.32 37.09 3.96
CA ILE K 223 -36.58 36.59 2.61
C ILE K 223 -35.71 37.25 1.53
N THR K 224 -34.72 36.50 1.05
CA THR K 224 -33.79 36.98 0.02
C THR K 224 -34.49 37.04 -1.35
N LEU K 225 -33.87 37.66 -2.36
CA LEU K 225 -34.55 37.82 -3.65
C LEU K 225 -33.66 37.83 -4.90
N THR K 226 -32.35 37.95 -4.74
CA THR K 226 -31.46 38.05 -5.91
C THR K 226 -31.43 36.74 -6.71
N ASN K 227 -31.52 35.60 -6.02
CA ASN K 227 -31.44 34.30 -6.65
C ASN K 227 -32.77 33.89 -7.27
N HIS K 228 -33.27 34.76 -8.17
CA HIS K 228 -34.46 34.50 -8.99
C HIS K 228 -34.12 34.18 -10.45
N PHE K 229 -34.91 33.30 -11.06
CA PHE K 229 -34.88 33.10 -12.51
C PHE K 229 -35.07 34.42 -13.26
N PRO K 230 -34.31 34.62 -14.36
CA PRO K 230 -33.29 33.73 -14.93
C PRO K 230 -31.88 33.97 -14.37
N TYR K 231 -31.80 34.53 -13.16
CA TYR K 231 -30.54 34.75 -12.45
C TYR K 231 -29.61 35.72 -13.16
N PRO K 232 -30.07 36.95 -13.41
CA PRO K 232 -29.10 37.88 -13.98
C PRO K 232 -28.17 38.38 -12.89
N ILE K 233 -26.89 38.60 -13.22
CA ILE K 233 -25.94 39.13 -12.24
C ILE K 233 -24.80 39.92 -12.93
N ASP K 234 -24.44 41.06 -12.36
CA ASP K 234 -23.33 41.92 -12.81
C ASP K 234 -21.86 41.52 -12.56
N GLU K 235 -21.00 41.84 -13.55
CA GLU K 235 -19.60 42.28 -13.39
C GLU K 235 -18.62 41.49 -12.43
N LYS K 236 -18.83 41.64 -11.11
CA LYS K 236 -17.86 41.66 -10.01
C LYS K 236 -18.76 42.10 -8.83
N ASP K 237 -20.08 41.91 -9.08
CA ASP K 237 -21.02 41.55 -8.00
C ASP K 237 -20.80 40.05 -7.99
N ALA K 238 -20.13 39.62 -9.05
CA ALA K 238 -19.84 38.22 -9.36
C ALA K 238 -18.51 37.80 -8.74
N SER K 239 -18.54 36.72 -7.98
CA SER K 239 -17.32 36.20 -7.40
C SER K 239 -16.72 35.01 -8.16
N ILE K 240 -17.48 34.35 -9.06
CA ILE K 240 -16.91 33.40 -10.06
C ILE K 240 -17.49 33.49 -11.47
N ALA K 241 -16.99 32.59 -12.31
CA ALA K 241 -17.41 32.35 -13.70
C ALA K 241 -18.62 31.41 -13.72
N PRO K 242 -19.46 31.54 -14.75
CA PRO K 242 -20.63 30.67 -14.97
C PRO K 242 -20.22 29.23 -15.30
N ALA K 243 -21.18 28.29 -15.17
CA ALA K 243 -20.99 26.90 -15.59
C ALA K 243 -20.79 26.78 -17.10
N THR K 244 -20.54 25.55 -17.57
CA THR K 244 -20.18 25.35 -18.97
C THR K 244 -21.17 24.44 -19.69
N THR K 245 -22.46 24.58 -19.36
CA THR K 245 -23.48 23.76 -20.02
C THR K 245 -23.93 24.39 -21.34
N GLY K 246 -23.72 25.70 -21.48
CA GLY K 246 -24.18 26.42 -22.65
C GLY K 246 -25.61 26.87 -22.49
N ASP K 247 -26.23 26.52 -21.36
CA ASP K 247 -27.61 26.93 -21.07
C ASP K 247 -27.59 28.09 -20.08
N SER K 248 -27.93 29.28 -20.57
CA SER K 248 -27.75 30.53 -19.81
C SER K 248 -28.49 30.54 -18.47
N SER K 249 -29.74 30.08 -18.46
CA SER K 249 -30.55 30.10 -17.25
C SER K 249 -30.01 29.12 -16.20
N VAL K 250 -29.44 28.00 -16.64
CA VAL K 250 -28.75 27.08 -15.72
C VAL K 250 -27.39 27.63 -15.25
N ASP K 251 -26.66 28.24 -16.19
CA ASP K 251 -25.27 28.66 -15.95
C ASP K 251 -25.02 29.84 -15.00
N THR K 252 -25.92 30.83 -14.97
CA THR K 252 -25.75 31.99 -14.09
C THR K 252 -26.40 31.76 -12.72
N TYR K 253 -27.18 30.69 -12.62
CA TYR K 253 -27.74 30.21 -11.36
C TYR K 253 -26.68 29.98 -10.27
N PHE K 254 -25.52 29.45 -10.66
CA PHE K 254 -24.45 29.11 -9.73
C PHE K 254 -23.74 30.33 -9.09
N GLN K 255 -23.64 31.45 -9.81
CA GLN K 255 -23.04 32.66 -9.22
C GLN K 255 -24.00 33.49 -8.40
N THR K 256 -25.28 33.53 -8.78
CA THR K 256 -26.28 34.23 -8.00
C THR K 256 -26.42 33.42 -6.73
N ALA K 257 -26.16 32.12 -6.84
CA ALA K 257 -26.07 31.25 -5.67
C ALA K 257 -24.86 31.65 -4.83
N ARG K 258 -23.76 31.95 -5.49
CA ARG K 258 -22.58 32.50 -4.79
C ARG K 258 -22.81 33.86 -4.17
N TYR K 259 -23.45 34.74 -4.92
CA TYR K 259 -23.73 36.08 -4.44
C TYR K 259 -24.55 36.05 -3.16
N LEU K 260 -25.61 35.24 -3.18
CA LEU K 260 -26.45 35.00 -2.00
C LEU K 260 -25.63 34.40 -0.86
N ASP K 261 -24.80 33.42 -1.19
CA ASP K 261 -23.90 32.77 -0.25
C ASP K 261 -23.01 33.76 0.51
N GLU K 262 -22.36 34.68 -0.20
CA GLU K 262 -21.53 35.70 0.45
C GLU K 262 -22.35 36.67 1.32
N SER K 263 -23.54 37.06 0.86
CA SER K 263 -24.40 37.98 1.61
C SER K 263 -24.79 37.40 2.96
N VAL K 264 -25.03 36.08 3.00
CA VAL K 264 -25.44 35.38 4.22
C VAL K 264 -24.34 35.26 5.30
N LYS K 265 -23.09 35.03 4.92
CA LYS K 265 -22.02 35.01 5.92
C LYS K 265 -21.84 36.35 6.57
N SER K 266 -21.93 37.42 5.78
CA SER K 266 -21.85 38.77 6.31
C SER K 266 -23.00 38.96 7.31
N PHE K 267 -24.16 38.38 7.01
CA PHE K 267 -25.29 38.40 7.95
C PHE K 267 -25.00 37.57 9.22
N VAL K 268 -24.51 36.34 9.01
CA VAL K 268 -24.18 35.45 10.12
C VAL K 268 -22.96 36.01 10.87
N ASP K 269 -22.12 36.78 10.18
CA ASP K 269 -20.99 37.52 10.78
C ASP K 269 -21.39 38.35 11.99
N TYR K 270 -22.38 39.19 11.75
CA TYR K 270 -22.91 40.08 12.77
C TYR K 270 -23.67 39.45 13.92
N LEU K 271 -24.55 38.51 13.60
CA LEU K 271 -25.36 37.80 14.60
C LEU K 271 -24.44 37.23 15.70
N LYS K 272 -23.24 36.80 15.30
CA LYS K 272 -22.18 36.40 16.27
C LYS K 272 -21.65 37.64 17.01
N LYS K 273 -21.55 38.74 16.26
CA LYS K 273 -21.01 40.02 16.74
C LYS K 273 -21.92 40.72 17.76
N SER K 274 -23.23 40.53 17.62
CA SER K 274 -24.20 41.06 18.59
C SER K 274 -24.49 40.07 19.72
N GLY K 275 -23.93 38.87 19.63
CA GLY K 275 -24.19 37.84 20.63
C GLY K 275 -25.47 37.10 20.27
N LEU K 276 -26.08 37.49 19.15
CA LEU K 276 -27.35 36.89 18.73
C LEU K 276 -27.18 35.41 18.32
N TYR K 277 -25.97 35.05 17.92
CA TYR K 277 -25.65 33.68 17.53
C TYR K 277 -25.88 32.70 18.65
N ASP K 278 -25.68 33.17 19.87
CA ASP K 278 -25.68 32.28 21.00
C ASP K 278 -27.03 32.18 21.71
N ASN K 279 -27.93 33.13 21.41
CA ASN K 279 -29.24 33.11 22.04
C ASN K 279 -30.36 32.99 21.01
N SER K 280 -30.04 32.54 19.80
CA SER K 280 -31.06 32.41 18.76
C SER K 280 -30.99 31.08 18.04
N VAL K 281 -32.15 30.56 17.68
CA VAL K 281 -32.25 29.46 16.72
C VAL K 281 -32.21 30.00 15.30
N ILE K 282 -31.18 29.62 14.55
CA ILE K 282 -31.02 30.06 13.18
C ILE K 282 -31.38 28.89 12.25
N ILE K 283 -32.32 29.11 11.34
CA ILE K 283 -32.76 28.03 10.47
C ILE K 283 -32.61 28.45 9.02
N MET K 284 -31.70 27.79 8.31
CA MET K 284 -31.51 28.01 6.87
C MET K 284 -32.31 26.98 6.07
N TYR K 285 -33.06 27.43 5.07
CA TYR K 285 -33.86 26.54 4.26
C TYR K 285 -34.01 27.05 2.82
N GLY K 286 -34.26 26.13 1.89
CA GLY K 286 -34.61 26.51 0.52
C GLY K 286 -36.12 26.49 0.36
N ASP K 287 -36.66 27.31 -0.55
CA ASP K 287 -38.12 27.39 -0.68
C ASP K 287 -38.70 26.53 -1.81
N HIS K 288 -37.99 26.45 -2.94
CA HIS K 288 -38.39 25.61 -4.09
C HIS K 288 -37.24 25.48 -5.09
N TYR K 289 -37.44 24.73 -6.17
CA TYR K 289 -36.36 24.42 -7.14
C TYR K 289 -35.81 25.66 -7.84
N GLY K 290 -34.53 25.61 -8.21
CA GLY K 290 -33.96 26.69 -8.98
C GLY K 290 -34.02 26.40 -10.47
N ILE K 291 -33.78 25.15 -10.83
CA ILE K 291 -33.82 24.73 -12.23
C ILE K 291 -35.03 23.83 -12.48
N SER K 292 -35.88 24.20 -13.45
CA SER K 292 -37.08 23.43 -13.76
C SER K 292 -36.76 22.13 -14.48
N ASP K 293 -37.81 21.41 -14.88
CA ASP K 293 -37.68 20.12 -15.56
C ASP K 293 -37.49 20.27 -17.09
N ASN K 294 -37.23 21.49 -17.54
CA ASN K 294 -37.01 21.76 -18.98
C ASN K 294 -35.56 22.05 -19.32
N HIS K 295 -34.64 21.50 -18.54
CA HIS K 295 -33.22 21.73 -18.77
C HIS K 295 -32.47 20.42 -18.61
N GLU K 296 -33.03 19.37 -19.20
CA GLU K 296 -32.57 17.99 -19.04
C GLU K 296 -31.14 17.76 -19.53
N GLU K 297 -30.82 18.33 -20.69
CA GLU K 297 -29.49 18.19 -21.26
C GLU K 297 -28.41 18.87 -20.41
N ALA K 298 -28.71 20.08 -19.94
CA ALA K 298 -27.77 20.83 -19.10
C ALA K 298 -27.62 20.19 -17.71
N MET K 299 -28.73 19.73 -17.12
CA MET K 299 -28.71 19.13 -15.78
C MET K 299 -28.07 17.74 -15.79
N THR K 300 -28.15 17.04 -16.92
CA THR K 300 -27.43 15.79 -17.11
C THR K 300 -25.95 16.03 -16.91
N LYS K 301 -25.46 17.14 -17.47
CA LYS K 301 -24.06 17.55 -17.33
C LYS K 301 -23.71 17.98 -15.90
N ILE K 302 -24.62 18.73 -15.26
CA ILE K 302 -24.41 19.25 -13.90
C ILE K 302 -24.25 18.15 -12.85
N LEU K 303 -25.11 17.15 -12.91
CA LEU K 303 -25.12 16.11 -11.88
C LEU K 303 -24.39 14.84 -12.35
N GLY K 304 -24.02 14.80 -13.63
CA GLY K 304 -23.19 13.72 -14.17
C GLY K 304 -23.90 12.40 -14.44
N LYS K 305 -25.22 12.47 -14.65
CA LYS K 305 -26.04 11.28 -14.89
C LYS K 305 -27.27 11.71 -15.66
N ASP K 306 -27.95 10.75 -16.29
CA ASP K 306 -29.15 11.08 -17.06
C ASP K 306 -30.18 11.76 -16.18
N TYR K 307 -30.47 13.00 -16.50
CA TYR K 307 -31.44 13.74 -15.73
C TYR K 307 -32.84 13.39 -16.24
N ASN K 308 -33.32 12.21 -15.83
CA ASN K 308 -34.66 11.78 -16.23
C ASN K 308 -35.71 12.21 -15.20
N THR K 309 -36.94 11.74 -15.38
CA THR K 309 -38.06 12.10 -14.51
C THR K 309 -37.82 11.68 -13.05
N PHE K 310 -37.19 10.52 -12.85
CA PHE K 310 -36.86 10.08 -11.50
C PHE K 310 -35.89 11.05 -10.84
N GLU K 311 -34.86 11.43 -11.58
CA GLU K 311 -33.84 12.32 -11.06
C GLU K 311 -34.39 13.71 -10.77
N ASN K 312 -35.33 14.16 -11.60
CA ASN K 312 -35.94 15.47 -11.40
C ASN K 312 -36.68 15.51 -10.07
N ALA K 313 -37.35 14.42 -9.73
CA ALA K 313 -37.98 14.28 -8.42
C ALA K 313 -36.95 14.35 -7.27
N GLN K 314 -35.80 13.73 -7.46
CA GLN K 314 -34.75 13.73 -6.44
C GLN K 314 -34.12 15.12 -6.25
N ALA K 315 -34.18 15.94 -7.30
CA ALA K 315 -33.61 17.28 -7.29
C ALA K 315 -34.48 18.31 -6.57
N GLN K 316 -35.67 17.88 -6.13
CA GLN K 316 -36.58 18.77 -5.39
C GLN K 316 -36.22 18.85 -3.89
N ARG K 317 -35.12 18.20 -3.51
CA ARG K 317 -34.54 18.40 -2.19
C ARG K 317 -34.08 19.85 -2.03
N VAL K 318 -34.44 20.48 -0.92
CA VAL K 318 -33.96 21.81 -0.60
C VAL K 318 -33.24 21.74 0.74
N PRO K 319 -32.37 22.72 1.03
CA PRO K 319 -31.65 22.61 2.31
C PRO K 319 -32.56 22.83 3.52
N LEU K 320 -32.23 22.17 4.63
CA LEU K 320 -32.78 22.55 5.93
C LEU K 320 -31.67 22.43 6.99
N MET K 321 -31.26 23.56 7.55
CA MET K 321 -30.16 23.60 8.53
C MET K 321 -30.52 24.38 9.80
N ILE K 322 -30.64 23.65 10.90
CA ILE K 322 -31.06 24.25 12.18
C ILE K 322 -29.93 24.36 13.20
N HIS K 323 -29.49 25.58 13.48
CA HIS K 323 -28.48 25.81 14.51
C HIS K 323 -29.12 26.07 15.86
N VAL K 324 -28.86 25.15 16.79
CA VAL K 324 -29.38 25.26 18.14
C VAL K 324 -28.19 25.41 19.09
N PRO K 325 -28.08 26.59 19.72
CA PRO K 325 -26.96 26.85 20.64
C PRO K 325 -26.86 25.78 21.73
N GLY K 326 -25.69 25.18 21.85
CA GLY K 326 -25.43 24.23 22.91
C GLY K 326 -25.95 22.84 22.66
N VAL K 327 -26.52 22.61 21.48
CA VAL K 327 -27.03 21.29 21.16
C VAL K 327 -26.21 20.74 20.01
N GLN K 328 -25.76 19.49 20.15
CA GLN K 328 -24.95 18.87 19.11
C GLN K 328 -25.81 18.47 17.92
N GLY K 329 -25.42 19.00 16.76
CA GLY K 329 -26.13 18.74 15.52
C GLY K 329 -25.59 17.51 14.81
N GLY K 330 -25.75 17.48 13.49
CA GLY K 330 -25.38 16.31 12.72
C GLY K 330 -26.33 16.14 11.54
N VAL K 331 -25.92 15.35 10.57
CA VAL K 331 -26.74 15.06 9.40
C VAL K 331 -28.00 14.29 9.77
N GLN K 332 -29.16 14.81 9.34
CA GLN K 332 -30.44 14.14 9.57
C GLN K 332 -30.96 13.56 8.25
N GLU K 333 -31.02 12.24 8.16
CA GLU K 333 -31.39 11.58 6.91
C GLU K 333 -32.85 11.15 6.82
N GLN K 334 -33.61 11.35 7.90
CA GLN K 334 -35.02 11.03 7.87
C GLN K 334 -35.73 11.89 6.81
N TYR K 335 -36.57 11.26 6.00
CA TYR K 335 -37.29 11.97 4.96
C TYR K 335 -38.35 12.89 5.57
N GLY K 336 -38.45 14.10 5.04
CA GLY K 336 -39.46 15.05 5.49
C GLY K 336 -39.67 16.17 4.49
N GLY K 337 -40.61 17.05 4.78
CA GLY K 337 -40.93 18.16 3.89
C GLY K 337 -41.13 19.45 4.67
N GLN K 338 -41.32 20.55 3.95
CA GLN K 338 -41.53 21.87 4.56
C GLN K 338 -42.74 21.89 5.51
N VAL K 339 -43.75 21.07 5.23
CA VAL K 339 -44.94 20.99 6.08
C VAL K 339 -44.56 20.54 7.50
N ASP K 340 -43.41 19.87 7.62
CA ASP K 340 -42.92 19.34 8.90
C ASP K 340 -42.10 20.36 9.72
N LEU K 341 -41.81 21.52 9.13
CA LEU K 341 -40.88 22.48 9.73
C LEU K 341 -41.40 23.17 11.00
N LEU K 342 -42.62 23.69 10.95
CA LEU K 342 -43.21 24.35 12.13
C LEU K 342 -43.37 23.42 13.35
N PRO K 343 -43.93 22.20 13.18
CA PRO K 343 -43.94 21.29 14.33
C PRO K 343 -42.55 20.97 14.87
N THR K 344 -41.55 20.90 13.98
CA THR K 344 -40.17 20.69 14.40
C THR K 344 -39.72 21.89 15.24
N LEU K 345 -40.01 23.09 14.76
CA LEU K 345 -39.62 24.32 15.45
C LEU K 345 -40.33 24.48 16.81
N LEU K 346 -41.63 24.17 16.86
CA LEU K 346 -42.41 24.32 18.09
C LEU K 346 -41.90 23.41 19.21
N HIS K 347 -41.60 22.16 18.88
CA HIS K 347 -41.06 21.21 19.86
C HIS K 347 -39.68 21.64 20.38
N LEU K 348 -38.85 22.21 19.52
CA LEU K 348 -37.56 22.75 19.96
C LEU K 348 -37.73 23.88 20.97
N LEU K 349 -38.73 24.73 20.76
CA LEU K 349 -39.00 25.84 21.67
C LEU K 349 -39.76 25.37 22.90
N GLY K 350 -40.09 24.08 22.93
CA GLY K 350 -40.81 23.50 24.05
C GLY K 350 -42.30 23.72 23.95
N VAL K 351 -42.80 23.96 22.74
CA VAL K 351 -44.21 24.22 22.52
C VAL K 351 -44.97 23.01 21.97
N ASP K 352 -46.01 22.62 22.69
CA ASP K 352 -46.90 21.55 22.26
C ASP K 352 -47.92 22.07 21.25
N ASN K 353 -48.00 21.40 20.11
CA ASN K 353 -48.87 21.82 19.02
C ASN K 353 -49.94 20.78 18.70
N LYS K 354 -50.24 19.92 19.67
CA LYS K 354 -51.08 18.74 19.50
C LYS K 354 -52.52 19.04 19.05
N GLU K 355 -53.07 20.17 19.49
CA GLU K 355 -54.46 20.52 19.18
C GLU K 355 -54.61 21.46 17.98
N TYR K 356 -53.49 21.83 17.36
CA TYR K 356 -53.48 22.72 16.21
C TYR K 356 -53.80 22.00 14.91
N LEU K 357 -54.46 22.71 13.99
CA LEU K 357 -54.75 22.12 12.69
C LEU K 357 -53.47 22.24 11.87
N GLN K 358 -52.56 21.31 12.11
CA GLN K 358 -51.25 21.28 11.47
C GLN K 358 -50.96 19.89 10.92
N PHE K 359 -50.54 19.84 9.66
CA PHE K 359 -50.43 18.57 8.94
C PHE K 359 -49.02 17.95 9.00
N GLY K 360 -48.04 18.69 9.46
CA GLY K 360 -46.69 18.17 9.59
C GLY K 360 -46.43 17.47 10.90
N THR K 361 -45.29 16.78 10.99
CA THR K 361 -44.84 16.15 12.23
C THR K 361 -43.38 16.49 12.51
N ASP K 362 -43.04 16.54 13.79
CA ASP K 362 -41.69 16.83 14.27
C ASP K 362 -40.65 15.96 13.56
N LEU K 363 -39.71 16.62 12.86
CA LEU K 363 -38.68 15.90 12.10
C LEU K 363 -37.69 15.19 13.00
N LEU K 364 -37.62 15.62 14.25
CA LEU K 364 -36.71 15.04 15.23
C LEU K 364 -37.39 14.00 16.12
N SER K 365 -38.68 13.76 15.91
CA SER K 365 -39.40 12.74 16.68
C SER K 365 -39.17 11.36 16.07
N LYS K 366 -39.07 10.33 16.91
CA LYS K 366 -38.90 8.97 16.41
C LYS K 366 -40.16 8.44 15.70
N ASP K 367 -41.30 9.05 15.98
CA ASP K 367 -42.56 8.62 15.38
C ASP K 367 -42.82 9.35 14.07
N HIS K 368 -41.87 10.18 13.63
CA HIS K 368 -41.96 10.82 12.33
C HIS K 368 -41.89 9.75 11.25
N LYS K 369 -42.94 9.69 10.43
CA LYS K 369 -42.94 8.76 9.32
C LYS K 369 -42.29 9.38 8.12
N GLN K 370 -41.48 8.57 7.44
CA GLN K 370 -40.72 9.07 6.31
C GLN K 370 -41.56 9.01 5.01
N LEU K 371 -42.54 9.91 4.92
CA LEU K 371 -43.43 10.01 3.75
C LEU K 371 -43.58 11.49 3.40
N VAL K 372 -43.23 11.85 2.17
CA VAL K 372 -43.20 13.25 1.78
C VAL K 372 -44.12 13.51 0.58
N PRO K 373 -45.34 14.00 0.85
CA PRO K 373 -46.26 14.36 -0.23
C PRO K 373 -45.77 15.53 -1.10
N PHE K 374 -45.99 15.43 -2.42
CA PHE K 374 -45.84 16.59 -3.30
C PHE K 374 -47.23 17.20 -3.53
N ARG K 375 -47.27 18.46 -3.95
CA ARG K 375 -48.54 19.16 -4.16
C ARG K 375 -49.41 18.49 -5.23
N ASN K 376 -48.76 17.81 -6.18
CA ASN K 376 -49.48 17.13 -7.26
C ASN K 376 -50.02 15.72 -6.94
N GLY K 377 -49.83 15.25 -5.70
CA GLY K 377 -50.32 13.95 -5.31
C GLY K 377 -49.25 12.88 -5.34
N ASP K 378 -48.10 13.19 -5.96
CA ASP K 378 -46.93 12.33 -5.87
C ASP K 378 -46.41 12.27 -4.43
N TYR K 379 -45.48 11.37 -4.16
CA TYR K 379 -44.89 11.27 -2.83
C TYR K 379 -43.55 10.53 -2.87
N ILE K 380 -42.73 10.81 -1.87
CA ILE K 380 -41.43 10.17 -1.71
C ILE K 380 -41.41 9.40 -0.40
N THR K 381 -40.97 8.13 -0.44
CA THR K 381 -40.67 7.37 0.78
C THR K 381 -39.28 6.75 0.60
N PRO K 382 -38.66 6.26 1.70
CA PRO K 382 -37.34 5.64 1.55
C PRO K 382 -37.29 4.36 0.70
N THR K 383 -38.43 3.71 0.49
CA THR K 383 -38.45 2.46 -0.27
C THR K 383 -39.07 2.64 -1.65
N TYR K 384 -40.34 3.05 -1.70
CA TYR K 384 -41.01 3.30 -2.97
C TYR K 384 -41.51 4.74 -3.06
N SER K 385 -41.46 5.28 -4.28
CA SER K 385 -41.92 6.63 -4.54
C SER K 385 -42.78 6.69 -5.79
N MET K 386 -43.78 7.57 -5.79
CA MET K 386 -44.58 7.82 -6.97
C MET K 386 -44.15 9.11 -7.66
N ILE K 387 -43.75 9.01 -8.92
CA ILE K 387 -43.24 10.16 -9.68
C ILE K 387 -43.87 10.16 -11.08
N GLY K 388 -44.55 11.25 -11.41
CA GLY K 388 -45.33 11.34 -12.62
C GLY K 388 -46.44 10.31 -12.64
N GLY K 389 -46.90 9.94 -11.45
CA GLY K 389 -47.97 8.97 -11.28
C GLY K 389 -47.53 7.51 -11.37
N ASN K 390 -46.24 7.29 -11.57
CA ASN K 390 -45.69 5.93 -11.69
C ASN K 390 -44.79 5.59 -10.51
N MET K 391 -44.65 4.30 -10.23
CA MET K 391 -43.89 3.84 -9.06
C MET K 391 -42.42 3.63 -9.44
N TYR K 392 -41.52 4.01 -8.54
CA TYR K 392 -40.08 3.83 -8.71
C TYR K 392 -39.46 3.28 -7.45
N ASN K 393 -38.41 2.47 -7.62
CA ASN K 393 -37.56 2.09 -6.49
C ASN K 393 -36.76 3.32 -6.09
N GLN K 394 -36.95 3.79 -4.86
CA GLN K 394 -36.33 5.04 -4.43
C GLN K 394 -34.80 4.93 -4.39
N GLN K 395 -34.30 3.75 -4.06
CA GLN K 395 -32.87 3.56 -3.92
C GLN K 395 -32.14 3.36 -5.26
N THR K 396 -32.80 2.74 -6.24
CA THR K 396 -32.14 2.39 -7.50
C THR K 396 -32.60 3.23 -8.71
N GLY K 397 -33.78 3.82 -8.60
CA GLY K 397 -34.34 4.60 -9.69
C GLY K 397 -35.07 3.74 -10.70
N GLU K 398 -35.12 2.44 -10.42
CA GLU K 398 -35.77 1.49 -11.32
C GLU K 398 -37.29 1.55 -11.15
N PRO K 399 -38.02 1.55 -12.27
CA PRO K 399 -39.47 1.50 -12.23
C PRO K 399 -39.95 0.21 -11.56
N ILE K 400 -41.11 0.28 -10.92
CA ILE K 400 -41.72 -0.89 -10.28
C ILE K 400 -42.96 -1.32 -11.06
N ALA K 401 -42.97 -2.59 -11.48
CA ALA K 401 -44.00 -3.11 -12.38
C ALA K 401 -45.39 -3.15 -11.74
N THR K 402 -45.47 -3.68 -10.52
CA THR K 402 -46.77 -3.84 -9.89
C THR K 402 -46.88 -3.01 -8.60
N GLU K 403 -47.87 -2.12 -8.57
CA GLU K 403 -48.21 -1.39 -7.34
C GLU K 403 -48.78 -2.40 -6.35
N THR K 404 -48.24 -2.40 -5.14
CA THR K 404 -48.76 -3.31 -4.13
C THR K 404 -49.90 -2.65 -3.41
N LYS K 405 -50.61 -3.45 -2.60
CA LYS K 405 -51.71 -2.96 -1.76
C LYS K 405 -51.20 -1.83 -0.84
N GLU K 406 -49.99 -1.98 -0.30
CA GLU K 406 -49.43 -0.97 0.59
C GLU K 406 -49.18 0.33 -0.16
N MET K 407 -48.75 0.25 -1.42
CA MET K 407 -48.52 1.45 -2.21
C MET K 407 -49.82 2.19 -2.55
N LYS K 408 -50.87 1.44 -2.85
CA LYS K 408 -52.17 2.03 -3.18
C LYS K 408 -52.72 2.77 -1.95
N GLU K 409 -52.57 2.15 -0.79
CA GLU K 409 -52.97 2.75 0.48
C GLU K 409 -52.17 4.03 0.78
N THR K 410 -50.86 4.00 0.55
CA THR K 410 -50.00 5.19 0.75
C THR K 410 -50.46 6.34 -0.14
N LYS K 411 -50.78 6.01 -1.39
CA LYS K 411 -51.31 6.96 -2.35
C LYS K 411 -52.60 7.60 -1.84
N GLU K 412 -53.47 6.81 -1.19
CA GLU K 412 -54.74 7.36 -0.69
C GLU K 412 -54.51 8.29 0.49
N LYS K 413 -53.52 7.93 1.31
CA LYS K 413 -53.15 8.70 2.48
C LYS K 413 -52.62 10.07 2.05
N VAL K 414 -51.75 10.06 1.04
CA VAL K 414 -51.22 11.29 0.49
C VAL K 414 -52.34 12.15 -0.06
N ALA K 415 -53.25 11.53 -0.82
CA ALA K 415 -54.39 12.26 -1.39
C ALA K 415 -55.27 12.82 -0.27
N LYS K 416 -55.44 12.03 0.79
CA LYS K 416 -56.25 12.47 1.93
C LYS K 416 -55.66 13.68 2.65
N GLU K 417 -54.35 13.64 2.93
CA GLU K 417 -53.68 14.76 3.61
C GLU K 417 -53.83 16.07 2.84
N LEU K 418 -53.57 16.01 1.54
CA LEU K 418 -53.67 17.18 0.68
C LEU K 418 -55.10 17.73 0.56
N GLU K 419 -56.07 16.82 0.53
CA GLU K 419 -57.48 17.19 0.44
C GLU K 419 -57.94 17.93 1.69
N LEU K 420 -57.49 17.47 2.86
CA LEU K 420 -57.87 18.07 4.13
C LEU K 420 -57.26 19.46 4.34
N SER K 421 -56.00 19.62 3.93
CA SER K 421 -55.34 20.93 3.94
C SER K 421 -56.10 21.94 3.08
N ASP K 422 -56.54 21.51 1.91
CA ASP K 422 -57.31 22.36 1.00
C ASP K 422 -58.64 22.75 1.64
N SER K 423 -59.22 21.83 2.40
CA SER K 423 -60.50 22.06 3.07
C SER K 423 -60.37 23.14 4.17
N VAL K 424 -59.22 23.20 4.83
CA VAL K 424 -58.95 24.27 5.79
C VAL K 424 -58.95 25.63 5.07
N LEU K 425 -58.23 25.73 3.95
CA LEU K 425 -58.17 26.97 3.17
C LEU K 425 -59.48 27.37 2.46
N GLN K 426 -60.11 26.42 1.79
CA GLN K 426 -61.31 26.69 1.01
C GLN K 426 -62.56 26.88 1.88
N GLY K 427 -62.60 26.21 3.04
CA GLY K 427 -63.70 26.36 3.96
C GLY K 427 -63.46 27.41 5.04
N ASP K 428 -62.24 27.92 5.08
CA ASP K 428 -61.76 28.86 6.11
C ASP K 428 -62.14 28.37 7.50
N LEU K 429 -61.69 27.16 7.81
CA LEU K 429 -62.18 26.38 8.93
C LEU K 429 -61.68 26.89 10.30
N LEU K 430 -60.64 27.71 10.28
CA LEU K 430 -60.05 28.22 11.52
C LEU K 430 -60.86 29.35 12.14
N ARG K 431 -61.80 29.90 11.37
CA ARG K 431 -62.84 30.75 11.93
C ARG K 431 -63.61 30.04 13.04
N PHE K 432 -63.82 28.75 12.84
CA PHE K 432 -64.73 27.97 13.66
C PHE K 432 -64.01 27.13 14.71
N TYR K 433 -62.69 27.20 14.74
CA TYR K 433 -61.93 26.37 15.67
C TYR K 433 -60.63 27.06 16.11
N ALA K 434 -60.39 27.00 17.42
CA ALA K 434 -59.09 27.32 17.98
C ALA K 434 -58.86 26.45 19.20
N PRO K 435 -57.59 26.12 19.48
CA PRO K 435 -57.31 25.38 20.72
C PRO K 435 -57.77 26.17 21.94
N ASP K 436 -58.10 25.50 23.03
CA ASP K 436 -58.49 26.18 24.26
C ASP K 436 -57.35 27.03 24.79
N GLY K 437 -57.65 28.31 25.06
CA GLY K 437 -56.66 29.23 25.56
C GLY K 437 -55.88 30.01 24.51
N PHE K 438 -56.07 29.67 23.23
CA PHE K 438 -55.46 30.41 22.15
C PHE K 438 -56.24 31.70 21.90
N LYS K 439 -55.56 32.84 21.97
CA LYS K 439 -56.19 34.14 21.71
C LYS K 439 -56.01 34.51 20.24
N LYS K 440 -57.10 34.85 19.57
CA LYS K 440 -57.09 35.00 18.11
C LYS K 440 -56.52 36.35 17.66
N VAL K 441 -55.86 36.37 16.50
CA VAL K 441 -55.27 37.58 15.92
C VAL K 441 -56.35 38.56 15.48
N ASP K 442 -56.17 39.84 15.84
CA ASP K 442 -57.00 40.90 15.29
C ASP K 442 -56.17 41.61 14.22
N PRO K 443 -56.44 41.26 12.94
CA PRO K 443 -55.64 41.77 11.82
C PRO K 443 -55.75 43.28 11.65
N SER K 444 -56.81 43.87 12.20
CA SER K 444 -57.02 45.31 12.08
C SER K 444 -56.03 46.07 12.95
N LYS K 445 -55.36 45.36 13.84
CA LYS K 445 -54.41 45.98 14.76
C LYS K 445 -52.97 45.98 14.26
N TYR K 446 -52.79 45.80 12.95
CA TYR K 446 -51.45 45.79 12.37
C TYR K 446 -51.28 46.84 11.26
N ASN K 447 -50.15 47.54 11.29
CA ASN K 447 -49.80 48.52 10.26
C ASN K 447 -48.29 48.50 10.01
N TYR K 448 -47.93 48.34 8.75
CA TYR K 448 -46.52 48.17 8.40
C TYR K 448 -45.89 49.44 7.81
N ASN K 449 -46.72 50.45 7.55
CA ASN K 449 -46.21 51.75 7.10
C ASN K 449 -45.47 52.47 8.23
MG MG L . -45.40 -5.71 -48.71
C2 GP9 M . -48.35 3.74 -49.33
C3 GP9 M . -48.69 3.76 -47.84
C4 GP9 M . -49.54 4.99 -47.53
O2 GP9 M . -48.49 2.40 -49.80
O3 GP9 M . -47.47 3.80 -47.09
O4 GP9 M . -49.28 5.48 -46.22
P1 GP9 M . -50.01 6.81 -45.66
O8 GP9 M . -51.31 6.28 -45.12
O9 GP9 M . -49.05 7.41 -44.65
O10 GP9 M . -50.16 7.68 -46.87
MG MG N . -47.74 -56.64 -17.64
C2 GP9 O . -54.09 -57.25 -24.32
C3 GP9 O . -54.91 -55.96 -24.34
C4 GP9 O . -54.84 -55.28 -25.70
O2 GP9 O . -54.88 -58.38 -24.73
O3 GP9 O . -54.39 -55.07 -23.35
O4 GP9 O . -55.08 -56.28 -26.70
P1 GP9 O . -55.80 -55.94 -28.10
O8 GP9 O . -54.80 -55.11 -28.86
O9 GP9 O . -56.09 -57.31 -28.70
O10 GP9 O . -57.03 -55.18 -27.67
MG MG P . 11.87 -4.79 10.09
C2 GP9 Q . 11.35 -8.51 1.34
C3 GP9 Q . 11.60 -7.38 0.35
C4 GP9 Q . 12.79 -7.69 -0.58
O2 GP9 Q . 10.35 -9.46 0.87
O3 GP9 Q . 11.82 -6.14 1.04
O4 GP9 Q . 12.51 -8.94 -1.20
P1 GP9 Q . 13.13 -9.41 -2.62
O8 GP9 Q . 12.61 -8.40 -3.61
O9 GP9 Q . 12.51 -10.79 -2.76
O10 GP9 Q . 14.63 -9.40 -2.45
MG MG R . 30.14 -55.29 -5.01
C2 GP9 S . 26.87 -64.24 -2.61
C3 GP9 S . 27.91 -64.94 -1.73
C4 GP9 S . 27.33 -65.34 -0.37
O2 GP9 S . 26.31 -65.10 -3.62
O3 GP9 S . 29.00 -64.05 -1.48
O4 GP9 S . 26.09 -66.01 -0.63
P1 GP9 S . 25.42 -67.01 0.42
O8 GP9 S . 25.04 -66.15 1.61
O9 GP9 S . 24.24 -67.56 -0.35
O10 GP9 S . 26.49 -68.03 0.69
MG MG T . -16.95 -52.14 34.13
C2 GP9 U . -17.41 -61.15 38.28
C3 GP9 U . -18.78 -60.68 38.73
C4 GP9 U . -19.41 -61.69 39.68
O2 GP9 U . -16.53 -60.02 38.19
O3 GP9 U . -19.62 -60.46 37.58
O4 GP9 U . -20.61 -62.32 39.18
P1 GP9 U . -21.43 -63.32 40.16
O8 GP9 U . -22.05 -62.41 41.20
O9 GP9 U . -22.47 -64.01 39.30
O10 GP9 U . -20.36 -64.25 40.66
MG MG V . 4.42 -5.01 -14.86
C2 GP9 W . 10.47 -4.66 -8.13
C3 GP9 W . 10.25 -5.55 -6.92
C4 GP9 W . 11.52 -6.31 -6.62
O2 GP9 W . 10.96 -3.36 -7.73
O3 GP9 W . 9.18 -6.46 -7.18
O4 GP9 W . 12.56 -5.34 -6.56
P1 GP9 W . 13.93 -5.69 -5.81
O8 GP9 W . 13.43 -6.16 -4.47
O9 GP9 W . 14.53 -6.76 -6.69
O10 GP9 W . 14.70 -4.40 -5.74
MG MG X . 2.47 21.60 63.66
C2 GP9 Y . -4.65 17.26 67.43
C3 GP9 Y . -5.71 17.81 66.49
C4 GP9 Y . -7.07 17.24 66.89
O2 GP9 Y . -3.46 18.05 67.30
O3 GP9 Y . -5.39 17.45 65.14
O4 GP9 Y . -7.97 17.25 65.78
P1 GP9 Y . -9.56 17.09 65.95
O8 GP9 Y . -9.72 16.24 67.19
O9 GP9 Y . -10.05 18.52 66.06
O10 GP9 Y . -10.00 16.36 64.70
MG MG Z . 10.94 52.90 -31.48
C2 GP9 AA . 13.67 61.21 -34.32
C3 GP9 AA . 14.17 61.51 -35.74
C4 GP9 AA . 13.31 62.59 -36.40
O2 GP9 AA . 14.47 61.93 -33.36
O3 GP9 AA . 14.14 60.30 -36.51
O4 GP9 AA . 13.50 63.80 -35.66
P1 GP9 AA . 13.31 65.28 -36.31
O8 GP9 AA . 13.63 66.23 -35.18
O9 GP9 AA . 14.30 65.30 -37.44
O10 GP9 AA . 11.87 65.35 -36.76
MG MG BA . 21.30 64.58 26.90
C2 GP9 CA . 21.64 67.35 35.58
C3 GP9 CA . 20.28 67.31 36.26
C4 GP9 CA . 20.35 66.57 37.61
O2 GP9 CA . 22.25 68.65 35.72
O3 GP9 CA . 19.30 66.71 35.39
O4 GP9 CA . 21.35 67.22 38.39
P1 GP9 CA . 21.46 67.17 40.00
O8 GP9 CA . 22.59 68.14 40.29
O9 GP9 CA . 20.12 67.65 40.52
O10 GP9 CA . 21.77 65.72 40.32
MG MG DA . 58.57 17.73 -19.12
C2 GP9 EA . 61.55 26.35 -21.28
C3 GP9 EA . 62.02 26.42 -22.74
C4 GP9 EA . 61.21 27.45 -23.53
O2 GP9 EA . 62.23 27.30 -20.44
O3 GP9 EA . 61.85 25.13 -23.34
O4 GP9 EA . 61.15 28.67 -22.80
P1 GP9 EA . 61.27 30.09 -23.50
O8 GP9 EA . 61.71 31.03 -22.39
O9 GP9 EA . 62.35 29.84 -24.53
O10 GP9 EA . 59.89 30.39 -24.05
MG MG FA . -38.94 31.95 -4.67
C2 GP9 GA . -40.02 28.83 -13.26
C3 GP9 GA . -40.24 29.55 -14.60
C4 GP9 GA . -39.03 29.33 -15.51
O2 GP9 GA . -40.53 27.48 -13.35
O3 GP9 GA . -40.43 30.95 -14.35
O4 GP9 GA . -39.17 28.12 -16.25
P1 GP9 GA . -37.99 27.51 -17.17
O8 GP9 GA . -38.66 26.37 -17.91
O9 GP9 GA . -37.57 28.65 -18.07
O10 GP9 GA . -36.92 27.09 -16.19
#